data_2LCA
#
_entry.id   2LCA
#
_entity_poly.entity_id   1
_entity_poly.type   'polypeptide(L)'
_entity_poly.pdbx_seq_one_letter_code
;GQAPPGPPASGPCADLQSAINAVTGGPIAFGNDGASLIPADYEILNRVADKLKACPDARVTINGYTDNTGSEGINIPLSA
QRAKIVADYLVARGVAGDHIATVGLGSVNPIASNATPEGRAKNRRVEIVVNHHHHHH
;
_entity_poly.pdbx_strand_id   A
#
# COMPACT_ATOMS: atom_id res chain seq x y z
N GLY A 1 10.24 -16.58 17.14
CA GLY A 1 10.86 -15.34 17.66
C GLY A 1 10.88 -14.25 16.62
N GLN A 2 11.24 -13.06 17.03
CA GLN A 2 11.31 -11.92 16.15
C GLN A 2 12.60 -11.16 16.37
N ALA A 3 13.43 -11.12 15.34
CA ALA A 3 14.70 -10.40 15.38
C ALA A 3 14.47 -8.97 15.83
N PRO A 4 15.28 -8.48 16.80
CA PRO A 4 15.14 -7.13 17.34
C PRO A 4 15.19 -6.06 16.25
N PRO A 5 14.21 -5.14 16.21
CA PRO A 5 14.16 -4.05 15.23
C PRO A 5 15.21 -2.98 15.49
N GLY A 6 16.45 -3.39 15.60
CA GLY A 6 17.54 -2.45 15.81
C GLY A 6 18.53 -2.49 14.66
N PRO A 7 18.22 -1.80 13.55
CA PRO A 7 19.07 -1.77 12.38
C PRO A 7 20.07 -0.61 12.43
N PRO A 8 21.36 -0.93 12.62
CA PRO A 8 22.43 0.08 12.72
C PRO A 8 22.49 1.01 11.51
N ALA A 9 22.71 0.43 10.34
CA ALA A 9 22.80 1.21 9.12
C ALA A 9 21.71 0.81 8.15
N SER A 10 20.71 0.12 8.64
CA SER A 10 19.62 -0.34 7.83
C SER A 10 18.37 0.47 8.10
N GLY A 11 17.57 0.66 7.07
CA GLY A 11 16.38 1.46 7.22
C GLY A 11 16.41 2.68 6.32
N PRO A 12 17.17 3.73 6.70
CA PRO A 12 17.31 4.94 5.88
C PRO A 12 17.91 4.61 4.53
N CYS A 13 17.15 4.82 3.49
CA CYS A 13 17.58 4.47 2.16
C CYS A 13 17.00 5.46 1.16
N ALA A 14 17.26 5.22 -0.13
CA ALA A 14 16.73 6.04 -1.22
C ALA A 14 15.24 6.28 -1.03
N ASP A 15 14.74 7.37 -1.57
CA ASP A 15 13.35 7.74 -1.38
C ASP A 15 12.46 6.89 -2.25
N LEU A 16 12.18 5.70 -1.78
CA LEU A 16 11.33 4.80 -2.49
C LEU A 16 9.90 5.28 -2.39
N GLN A 17 9.60 6.01 -1.32
CA GLN A 17 8.26 6.55 -1.11
C GLN A 17 7.87 7.46 -2.26
N SER A 18 8.69 8.48 -2.51
CA SER A 18 8.42 9.39 -3.58
C SER A 18 8.53 8.68 -4.93
N ALA A 19 9.40 7.68 -4.97
CA ALA A 19 9.58 6.88 -6.18
C ALA A 19 8.32 6.13 -6.54
N ILE A 20 7.79 5.37 -5.60
CA ILE A 20 6.59 4.59 -5.83
C ILE A 20 5.38 5.50 -5.98
N ASN A 21 5.35 6.58 -5.19
CA ASN A 21 4.28 7.57 -5.27
C ASN A 21 4.20 8.16 -6.67
N ALA A 22 5.35 8.30 -7.31
CA ALA A 22 5.43 8.83 -8.66
C ALA A 22 4.77 7.89 -9.68
N VAL A 23 4.78 6.60 -9.39
CA VAL A 23 4.20 5.62 -10.28
C VAL A 23 2.73 5.41 -9.97
N THR A 24 2.43 5.27 -8.68
CA THR A 24 1.07 5.03 -8.26
C THR A 24 0.21 6.25 -8.51
N GLY A 25 0.82 7.42 -8.34
CA GLY A 25 0.12 8.66 -8.53
C GLY A 25 -0.70 8.97 -7.31
N GLY A 26 -0.28 8.42 -6.20
CA GLY A 26 -0.98 8.59 -4.96
C GLY A 26 -1.29 7.25 -4.34
N PRO A 27 -2.53 7.05 -3.86
CA PRO A 27 -2.94 5.80 -3.24
C PRO A 27 -3.36 4.75 -4.27
N ILE A 28 -3.44 3.52 -3.83
CA ILE A 28 -3.87 2.41 -4.67
C ILE A 28 -5.39 2.36 -4.72
N ALA A 29 -5.94 2.70 -5.86
CA ALA A 29 -7.38 2.67 -6.04
C ALA A 29 -7.85 1.31 -6.51
N PHE A 30 -8.79 0.74 -5.79
CA PHE A 30 -9.34 -0.55 -6.13
C PHE A 30 -10.66 -0.39 -6.86
N GLY A 31 -11.10 -1.45 -7.48
CA GLY A 31 -12.35 -1.44 -8.20
C GLY A 31 -12.93 -2.82 -8.25
N ASN A 32 -12.68 -3.57 -7.19
CA ASN A 32 -13.13 -4.95 -7.08
C ASN A 32 -13.22 -5.36 -5.62
N ASP A 33 -14.36 -5.89 -5.24
CA ASP A 33 -14.59 -6.35 -3.88
C ASP A 33 -15.36 -7.64 -3.90
N GLY A 34 -14.83 -8.65 -3.24
CA GLY A 34 -15.48 -9.94 -3.21
C GLY A 34 -14.67 -10.97 -3.94
N ALA A 35 -13.84 -10.52 -4.87
CA ALA A 35 -12.97 -11.39 -5.62
C ALA A 35 -11.56 -10.86 -5.60
N SER A 36 -10.66 -11.53 -6.30
CA SER A 36 -9.29 -11.13 -6.37
C SER A 36 -9.02 -10.40 -7.69
N LEU A 37 -7.89 -9.69 -7.77
CA LEU A 37 -7.55 -8.94 -8.97
C LEU A 37 -7.24 -9.88 -10.12
N ILE A 38 -8.02 -9.77 -11.17
CA ILE A 38 -7.85 -10.60 -12.35
C ILE A 38 -6.69 -10.07 -13.19
N PRO A 39 -6.13 -10.92 -14.11
CA PRO A 39 -5.01 -10.53 -14.99
C PRO A 39 -5.24 -9.18 -15.68
N ALA A 40 -4.14 -8.54 -16.10
CA ALA A 40 -4.18 -7.19 -16.68
C ALA A 40 -4.56 -6.19 -15.60
N ASP A 41 -4.07 -6.49 -14.40
CA ASP A 41 -4.34 -5.70 -13.21
C ASP A 41 -3.69 -4.31 -13.24
N TYR A 42 -2.56 -4.16 -12.57
CA TYR A 42 -1.87 -2.88 -12.49
C TYR A 42 -0.39 -3.05 -12.70
N GLU A 43 0.11 -2.51 -13.80
CA GLU A 43 1.54 -2.56 -14.10
C GLU A 43 2.31 -1.72 -13.08
N ILE A 44 1.60 -0.82 -12.42
CA ILE A 44 2.19 0.05 -11.43
C ILE A 44 2.76 -0.77 -10.27
N LEU A 45 2.04 -1.81 -9.86
CA LEU A 45 2.50 -2.67 -8.78
C LEU A 45 3.78 -3.40 -9.18
N ASN A 46 3.89 -3.70 -10.46
CA ASN A 46 5.07 -4.35 -11.00
C ASN A 46 6.23 -3.37 -11.01
N ARG A 47 5.90 -2.12 -11.31
CA ARG A 47 6.86 -1.04 -11.35
C ARG A 47 7.35 -0.71 -9.93
N VAL A 48 6.41 -0.63 -9.00
CA VAL A 48 6.70 -0.34 -7.60
C VAL A 48 7.68 -1.37 -7.03
N ALA A 49 7.42 -2.63 -7.34
CA ALA A 49 8.24 -3.72 -6.84
C ALA A 49 9.69 -3.57 -7.25
N ASP A 50 9.91 -3.03 -8.44
CA ASP A 50 11.25 -2.84 -8.99
C ASP A 50 12.16 -2.04 -8.06
N LYS A 51 11.66 -0.93 -7.51
CA LYS A 51 12.48 -0.11 -6.63
C LYS A 51 12.50 -0.64 -5.21
N LEU A 52 11.59 -1.54 -4.90
CA LEU A 52 11.56 -2.11 -3.58
C LEU A 52 12.62 -3.19 -3.50
N LYS A 53 12.94 -3.77 -4.66
CA LYS A 53 13.98 -4.77 -4.77
C LYS A 53 15.35 -4.09 -4.89
N ALA A 54 15.34 -2.84 -5.31
CA ALA A 54 16.55 -2.05 -5.45
C ALA A 54 17.16 -1.79 -4.08
N CYS A 55 16.31 -1.56 -3.11
CA CYS A 55 16.73 -1.38 -1.75
C CYS A 55 15.92 -2.28 -0.84
N PRO A 56 16.20 -3.59 -0.86
CA PRO A 56 15.49 -4.58 -0.03
C PRO A 56 15.89 -4.50 1.44
N ASP A 57 16.79 -3.56 1.74
CA ASP A 57 17.22 -3.30 3.12
C ASP A 57 16.12 -2.57 3.85
N ALA A 58 15.36 -1.82 3.08
CA ALA A 58 14.28 -1.02 3.59
C ALA A 58 13.07 -1.88 3.99
N ARG A 59 12.18 -1.26 4.74
CA ARG A 59 10.94 -1.87 5.16
C ARG A 59 9.81 -1.05 4.65
N VAL A 60 8.81 -1.68 4.16
CA VAL A 60 7.65 -0.98 3.67
C VAL A 60 6.40 -1.39 4.40
N THR A 61 5.61 -0.42 4.77
CA THR A 61 4.38 -0.65 5.46
C THR A 61 3.23 -0.29 4.55
N ILE A 62 2.47 -1.27 4.16
CA ILE A 62 1.35 -1.06 3.31
C ILE A 62 0.12 -0.86 4.18
N ASN A 63 -0.37 0.35 4.15
CA ASN A 63 -1.49 0.73 4.99
C ASN A 63 -2.78 0.69 4.21
N GLY A 64 -3.74 -0.04 4.72
CA GLY A 64 -5.01 -0.12 4.06
C GLY A 64 -6.06 0.67 4.80
N TYR A 65 -6.97 1.27 4.07
CA TYR A 65 -8.03 2.04 4.67
C TYR A 65 -9.39 1.54 4.21
N THR A 66 -10.42 1.95 4.91
CA THR A 66 -11.79 1.61 4.58
C THR A 66 -12.70 2.78 4.88
N ASP A 67 -13.96 2.66 4.50
CA ASP A 67 -14.95 3.66 4.81
C ASP A 67 -15.43 3.46 6.24
N ASN A 68 -15.91 4.51 6.85
CA ASN A 68 -16.35 4.49 8.22
C ASN A 68 -17.82 4.12 8.35
N THR A 69 -18.50 3.87 7.24
CA THR A 69 -19.92 3.52 7.29
C THR A 69 -20.11 2.05 7.68
N GLY A 70 -19.05 1.27 7.59
CA GLY A 70 -19.12 -0.13 7.95
C GLY A 70 -19.01 -0.35 9.44
N SER A 71 -19.09 -1.60 9.85
CA SER A 71 -18.98 -1.95 11.26
C SER A 71 -17.53 -1.89 11.69
N GLU A 72 -17.24 -1.03 12.67
CA GLU A 72 -15.88 -0.87 13.13
C GLU A 72 -15.35 -2.16 13.72
N GLY A 73 -14.11 -2.45 13.41
CA GLY A 73 -13.49 -3.66 13.86
C GLY A 73 -13.22 -4.56 12.71
N ILE A 74 -14.16 -4.61 11.80
CA ILE A 74 -14.09 -5.44 10.62
C ILE A 74 -13.24 -4.74 9.58
N ASN A 75 -13.24 -3.44 9.67
CA ASN A 75 -12.46 -2.60 8.79
C ASN A 75 -10.99 -2.92 8.90
N ILE A 76 -10.56 -3.30 10.10
CA ILE A 76 -9.16 -3.66 10.35
C ILE A 76 -8.74 -4.86 9.48
N PRO A 77 -9.33 -6.08 9.69
CA PRO A 77 -9.02 -7.25 8.88
C PRO A 77 -9.27 -7.00 7.40
N LEU A 78 -10.28 -6.18 7.08
CA LEU A 78 -10.60 -5.87 5.70
C LEU A 78 -9.47 -5.11 5.02
N SER A 79 -9.07 -3.99 5.60
CA SER A 79 -8.01 -3.18 5.05
C SER A 79 -6.68 -3.94 5.04
N ALA A 80 -6.54 -4.86 6.00
CA ALA A 80 -5.34 -5.68 6.07
C ALA A 80 -5.32 -6.66 4.91
N GLN A 81 -6.50 -7.01 4.42
CA GLN A 81 -6.62 -7.90 3.28
C GLN A 81 -6.23 -7.15 2.02
N ARG A 82 -6.72 -5.92 1.91
CA ARG A 82 -6.43 -5.06 0.78
C ARG A 82 -4.91 -4.84 0.64
N ALA A 83 -4.26 -4.55 1.76
CA ALA A 83 -2.83 -4.33 1.79
C ALA A 83 -2.07 -5.60 1.41
N LYS A 84 -2.56 -6.74 1.89
CA LYS A 84 -1.94 -8.03 1.63
C LYS A 84 -1.90 -8.29 0.12
N ILE A 85 -2.95 -7.86 -0.58
CA ILE A 85 -3.03 -8.03 -2.02
C ILE A 85 -1.81 -7.43 -2.71
N VAL A 86 -1.42 -6.23 -2.29
CA VAL A 86 -0.28 -5.56 -2.88
C VAL A 86 0.99 -6.31 -2.53
N ALA A 87 1.13 -6.69 -1.27
CA ALA A 87 2.31 -7.42 -0.80
C ALA A 87 2.51 -8.69 -1.61
N ASP A 88 1.42 -9.41 -1.84
CA ASP A 88 1.48 -10.66 -2.61
C ASP A 88 2.04 -10.40 -4.00
N TYR A 89 1.65 -9.28 -4.58
CA TYR A 89 2.11 -8.88 -5.89
C TYR A 89 3.56 -8.50 -5.86
N LEU A 90 3.95 -7.79 -4.83
CA LEU A 90 5.32 -7.35 -4.67
C LEU A 90 6.22 -8.56 -4.51
N VAL A 91 5.84 -9.46 -3.59
CA VAL A 91 6.59 -10.69 -3.36
C VAL A 91 6.63 -11.54 -4.63
N ALA A 92 5.53 -11.57 -5.36
CA ALA A 92 5.45 -12.29 -6.61
C ALA A 92 6.39 -11.70 -7.65
N ARG A 93 6.68 -10.42 -7.50
CA ARG A 93 7.58 -9.72 -8.40
C ARG A 93 9.03 -9.82 -7.94
N GLY A 94 9.26 -10.55 -6.86
CA GLY A 94 10.62 -10.74 -6.38
C GLY A 94 10.97 -9.87 -5.20
N VAL A 95 10.00 -9.23 -4.58
CA VAL A 95 10.28 -8.42 -3.40
C VAL A 95 10.26 -9.30 -2.15
N ALA A 96 11.16 -9.03 -1.22
CA ALA A 96 11.25 -9.80 0.01
C ALA A 96 10.04 -9.58 0.90
N GLY A 97 9.19 -10.60 0.98
CA GLY A 97 7.98 -10.53 1.78
C GLY A 97 8.24 -10.24 3.23
N ASP A 98 9.37 -10.72 3.75
CA ASP A 98 9.74 -10.50 5.15
C ASP A 98 10.05 -9.01 5.42
N HIS A 99 10.25 -8.25 4.36
CA HIS A 99 10.54 -6.84 4.50
C HIS A 99 9.33 -5.98 4.15
N ILE A 100 8.23 -6.65 3.83
CA ILE A 100 7.00 -5.97 3.54
C ILE A 100 6.02 -6.17 4.69
N ALA A 101 5.44 -5.09 5.17
CA ALA A 101 4.50 -5.17 6.27
C ALA A 101 3.13 -4.69 5.81
N THR A 102 2.13 -5.52 5.98
CA THR A 102 0.78 -5.18 5.58
C THR A 102 -0.11 -4.99 6.79
N VAL A 103 -0.70 -3.82 6.90
CA VAL A 103 -1.54 -3.52 8.00
C VAL A 103 -2.90 -3.05 7.53
N GLY A 104 -3.85 -3.12 8.43
CA GLY A 104 -5.17 -2.66 8.14
C GLY A 104 -5.60 -1.68 9.20
N LEU A 105 -5.75 -0.42 8.80
CA LEU A 105 -6.08 0.63 9.73
C LEU A 105 -7.56 0.94 9.73
N GLY A 106 -8.30 0.36 8.81
CA GLY A 106 -9.70 0.69 8.70
C GLY A 106 -9.91 2.15 8.34
N SER A 107 -10.76 2.80 9.07
CA SER A 107 -11.02 4.19 8.86
C SER A 107 -10.09 5.03 9.75
N VAL A 108 -9.20 5.77 9.12
CA VAL A 108 -8.25 6.61 9.83
C VAL A 108 -8.17 7.97 9.19
N ASN A 109 -7.64 8.02 7.98
CA ASN A 109 -7.53 9.26 7.24
C ASN A 109 -8.52 9.27 6.09
N PRO A 110 -9.73 9.79 6.34
CA PRO A 110 -10.76 9.87 5.32
C PRO A 110 -10.43 10.92 4.25
N ILE A 111 -10.47 10.49 3.01
CA ILE A 111 -10.18 11.34 1.89
C ILE A 111 -11.44 12.11 1.47
N ALA A 112 -12.56 11.43 1.43
CA ALA A 112 -13.80 12.07 1.03
C ALA A 112 -14.92 11.78 2.01
N SER A 113 -16.03 12.48 1.84
CA SER A 113 -17.17 12.34 2.72
C SER A 113 -17.83 10.97 2.53
N ASN A 114 -18.17 10.34 3.64
CA ASN A 114 -18.81 9.02 3.61
C ASN A 114 -20.28 9.12 3.23
N ALA A 115 -20.78 10.35 3.15
CA ALA A 115 -22.15 10.59 2.75
C ALA A 115 -22.43 10.01 1.37
N THR A 116 -21.40 9.98 0.54
CA THR A 116 -21.52 9.45 -0.80
C THR A 116 -20.68 8.18 -0.96
N PRO A 117 -21.22 7.18 -1.69
CA PRO A 117 -20.50 5.93 -1.95
C PRO A 117 -19.17 6.17 -2.66
N GLU A 118 -19.14 7.21 -3.49
CA GLU A 118 -17.94 7.61 -4.20
C GLU A 118 -16.80 7.85 -3.24
N GLY A 119 -17.07 8.65 -2.23
CA GLY A 119 -16.06 8.95 -1.23
C GLY A 119 -15.61 7.71 -0.49
N ARG A 120 -16.56 6.82 -0.23
CA ARG A 120 -16.28 5.56 0.43
C ARG A 120 -15.34 4.71 -0.43
N ALA A 121 -15.50 4.80 -1.75
CA ALA A 121 -14.67 4.06 -2.69
C ALA A 121 -13.24 4.56 -2.64
N LYS A 122 -13.09 5.84 -2.36
CA LYS A 122 -11.77 6.44 -2.23
C LYS A 122 -11.16 6.07 -0.89
N ASN A 123 -11.98 6.11 0.14
CA ASN A 123 -11.54 5.80 1.51
C ASN A 123 -11.07 4.37 1.69
N ARG A 124 -11.51 3.46 0.85
CA ARG A 124 -11.11 2.06 0.96
C ARG A 124 -9.77 1.78 0.26
N ARG A 125 -9.13 2.85 -0.19
CA ARG A 125 -7.81 2.78 -0.82
C ARG A 125 -6.73 2.16 0.09
N VAL A 126 -5.58 1.91 -0.52
CA VAL A 126 -4.41 1.38 0.16
C VAL A 126 -3.19 2.21 -0.21
N GLU A 127 -2.28 2.41 0.72
CA GLU A 127 -1.09 3.20 0.46
C GLU A 127 0.15 2.49 0.90
N ILE A 128 1.17 2.57 0.09
CA ILE A 128 2.43 1.95 0.40
C ILE A 128 3.36 2.96 1.03
N VAL A 129 3.73 2.73 2.27
CA VAL A 129 4.61 3.64 2.98
C VAL A 129 5.96 3.00 3.19
N VAL A 130 6.99 3.77 3.00
CA VAL A 130 8.34 3.30 3.19
C VAL A 130 8.83 3.72 4.57
N ASN A 131 9.41 2.78 5.28
CA ASN A 131 9.92 3.04 6.63
C ASN A 131 11.13 3.99 6.58
N GLY A 1 1.55 17.91 7.38
CA GLY A 1 2.80 17.46 6.75
C GLY A 1 3.33 16.19 7.36
N GLN A 2 4.02 15.39 6.57
CA GLN A 2 4.57 14.14 7.05
C GLN A 2 6.06 14.27 7.30
N ALA A 3 6.61 15.44 6.95
CA ALA A 3 8.04 15.73 7.13
C ALA A 3 8.91 14.79 6.30
N PRO A 4 9.20 15.16 5.04
CA PRO A 4 10.03 14.36 4.14
C PRO A 4 11.50 14.42 4.52
N PRO A 5 12.22 13.30 4.40
CA PRO A 5 13.64 13.23 4.74
C PRO A 5 14.48 14.12 3.84
N GLY A 6 15.29 14.97 4.44
CA GLY A 6 16.17 15.83 3.68
C GLY A 6 17.53 16.04 4.34
N PRO A 7 18.32 14.96 4.53
CA PRO A 7 19.63 15.03 5.12
C PRO A 7 20.71 15.35 4.09
N PRO A 8 21.73 16.14 4.45
CA PRO A 8 22.82 16.51 3.54
C PRO A 8 23.59 15.30 3.01
N ALA A 9 23.63 14.24 3.80
CA ALA A 9 24.32 13.02 3.40
C ALA A 9 23.31 11.95 2.97
N SER A 10 22.11 12.40 2.61
CA SER A 10 21.01 11.51 2.24
C SER A 10 20.59 10.62 3.42
N GLY A 11 19.62 9.77 3.20
CA GLY A 11 19.16 8.90 4.25
C GLY A 11 19.89 7.57 4.23
N PRO A 12 19.34 6.52 4.87
CA PRO A 12 19.95 5.20 4.88
C PRO A 12 19.98 4.59 3.48
N CYS A 13 18.97 4.92 2.68
CA CYS A 13 18.88 4.42 1.33
C CYS A 13 18.06 5.41 0.48
N ALA A 14 17.85 5.06 -0.80
CA ALA A 14 17.09 5.89 -1.73
C ALA A 14 15.68 6.18 -1.21
N ASP A 15 15.11 7.31 -1.64
CA ASP A 15 13.78 7.73 -1.21
C ASP A 15 12.72 6.97 -1.97
N LEU A 16 12.65 5.66 -1.73
CA LEU A 16 11.69 4.80 -2.38
C LEU A 16 10.25 5.31 -2.22
N GLN A 17 9.99 6.04 -1.15
CA GLN A 17 8.66 6.61 -0.91
C GLN A 17 8.26 7.54 -2.05
N SER A 18 9.15 8.48 -2.36
CA SER A 18 8.90 9.44 -3.42
C SER A 18 9.03 8.73 -4.78
N ALA A 19 9.85 7.70 -4.80
CA ALA A 19 10.08 6.93 -6.01
C ALA A 19 8.83 6.17 -6.43
N ILE A 20 8.24 5.43 -5.50
CA ILE A 20 7.03 4.67 -5.78
C ILE A 20 5.83 5.58 -5.97
N ASN A 21 5.75 6.65 -5.16
CA ASN A 21 4.66 7.62 -5.25
C ASN A 21 4.63 8.26 -6.64
N ALA A 22 5.79 8.37 -7.26
CA ALA A 22 5.90 8.93 -8.60
C ALA A 22 5.25 8.02 -9.63
N VAL A 23 5.19 6.73 -9.32
CA VAL A 23 4.61 5.76 -10.24
C VAL A 23 3.13 5.57 -9.95
N THR A 24 2.80 5.43 -8.68
CA THR A 24 1.41 5.20 -8.29
C THR A 24 0.57 6.42 -8.56
N GLY A 25 1.18 7.58 -8.37
CA GLY A 25 0.46 8.82 -8.56
C GLY A 25 -0.37 9.14 -7.35
N GLY A 26 -0.01 8.51 -6.25
CA GLY A 26 -0.72 8.70 -5.02
C GLY A 26 -1.10 7.38 -4.40
N PRO A 27 -2.33 7.27 -3.87
CA PRO A 27 -2.82 6.06 -3.24
C PRO A 27 -3.35 5.04 -4.25
N ILE A 28 -3.45 3.79 -3.83
CA ILE A 28 -3.90 2.70 -4.69
C ILE A 28 -5.41 2.65 -4.78
N ALA A 29 -5.94 2.88 -5.97
CA ALA A 29 -7.36 2.74 -6.19
C ALA A 29 -7.69 1.31 -6.58
N PHE A 30 -8.92 0.91 -6.34
CA PHE A 30 -9.34 -0.44 -6.67
C PHE A 30 -10.39 -0.43 -7.78
N GLY A 31 -10.27 -1.39 -8.68
CA GLY A 31 -11.22 -1.50 -9.77
C GLY A 31 -12.26 -2.56 -9.50
N ASN A 32 -12.48 -2.82 -8.22
CA ASN A 32 -13.43 -3.82 -7.78
C ASN A 32 -13.81 -3.53 -6.32
N ASP A 33 -14.96 -4.05 -5.90
CA ASP A 33 -15.44 -3.81 -4.52
C ASP A 33 -14.58 -4.52 -3.51
N GLY A 34 -13.87 -5.53 -3.97
CA GLY A 34 -13.01 -6.28 -3.10
C GLY A 34 -13.40 -7.72 -3.02
N ALA A 35 -13.67 -8.30 -4.17
CA ALA A 35 -14.06 -9.70 -4.24
C ALA A 35 -13.07 -10.46 -5.07
N SER A 36 -13.13 -10.29 -6.37
CA SER A 36 -12.21 -10.93 -7.28
C SER A 36 -11.04 -10.02 -7.59
N LEU A 37 -11.31 -8.91 -8.28
CA LEU A 37 -10.30 -7.93 -8.68
C LEU A 37 -9.34 -8.52 -9.70
N ILE A 38 -9.59 -8.23 -10.96
CA ILE A 38 -8.76 -8.72 -12.04
C ILE A 38 -7.60 -7.77 -12.32
N PRO A 39 -6.47 -8.29 -12.78
CA PRO A 39 -5.31 -7.47 -13.12
C PRO A 39 -5.61 -6.54 -14.28
N ALA A 40 -5.32 -5.26 -14.10
CA ALA A 40 -5.58 -4.28 -15.14
C ALA A 40 -4.47 -3.22 -15.17
N ASP A 41 -4.61 -2.21 -14.33
CA ASP A 41 -3.62 -1.13 -14.28
C ASP A 41 -2.69 -1.32 -13.11
N TYR A 42 -2.65 -2.54 -12.60
CA TYR A 42 -1.85 -2.85 -11.44
C TYR A 42 -0.40 -3.15 -11.80
N GLU A 43 -0.02 -2.79 -13.03
CA GLU A 43 1.35 -2.93 -13.47
C GLU A 43 2.23 -1.95 -12.71
N ILE A 44 1.60 -0.94 -12.13
CA ILE A 44 2.27 0.03 -11.30
C ILE A 44 2.93 -0.69 -10.14
N LEU A 45 2.26 -1.72 -9.64
CA LEU A 45 2.77 -2.50 -8.53
C LEU A 45 4.00 -3.28 -8.96
N ASN A 46 4.05 -3.65 -10.23
CA ASN A 46 5.20 -4.33 -10.80
C ASN A 46 6.34 -3.33 -10.89
N ARG A 47 6.00 -2.13 -11.29
CA ARG A 47 6.95 -1.05 -11.41
C ARG A 47 7.50 -0.69 -10.03
N VAL A 48 6.60 -0.56 -9.08
CA VAL A 48 6.93 -0.26 -7.69
C VAL A 48 7.86 -1.31 -7.10
N ALA A 49 7.56 -2.57 -7.38
CA ALA A 49 8.33 -3.67 -6.87
C ALA A 49 9.78 -3.61 -7.33
N ASP A 50 9.97 -3.12 -8.55
CA ASP A 50 11.31 -2.99 -9.14
C ASP A 50 12.25 -2.16 -8.26
N LYS A 51 11.76 -1.03 -7.74
CA LYS A 51 12.59 -0.19 -6.91
C LYS A 51 12.64 -0.67 -5.49
N LEU A 52 11.73 -1.56 -5.13
CA LEU A 52 11.73 -2.11 -3.79
C LEU A 52 12.77 -3.20 -3.71
N LYS A 53 13.03 -3.84 -4.85
CA LYS A 53 14.06 -4.85 -4.95
C LYS A 53 15.42 -4.19 -5.12
N ALA A 54 15.41 -2.93 -5.52
CA ALA A 54 16.63 -2.15 -5.65
C ALA A 54 17.23 -1.90 -4.28
N CYS A 55 16.36 -1.66 -3.32
CA CYS A 55 16.76 -1.47 -1.95
C CYS A 55 15.84 -2.26 -1.03
N PRO A 56 15.98 -3.61 -1.02
CA PRO A 56 15.12 -4.49 -0.22
C PRO A 56 15.42 -4.43 1.27
N ASP A 57 16.35 -3.58 1.65
CA ASP A 57 16.72 -3.42 3.04
C ASP A 57 15.68 -2.60 3.76
N ALA A 58 15.06 -1.73 2.99
CA ALA A 58 14.02 -0.85 3.50
C ALA A 58 12.71 -1.61 3.65
N ARG A 59 12.03 -1.40 4.75
CA ARG A 59 10.76 -2.03 4.99
C ARG A 59 9.65 -1.16 4.48
N VAL A 60 8.65 -1.76 3.92
CA VAL A 60 7.53 -1.02 3.44
C VAL A 60 6.28 -1.35 4.21
N THR A 61 5.59 -0.32 4.62
CA THR A 61 4.40 -0.47 5.38
C THR A 61 3.21 -0.10 4.53
N ILE A 62 2.43 -1.09 4.18
CA ILE A 62 1.28 -0.88 3.36
C ILE A 62 0.08 -0.67 4.26
N ASN A 63 -0.39 0.55 4.28
CA ASN A 63 -1.49 0.91 5.14
C ASN A 63 -2.80 0.89 4.40
N GLY A 64 -3.77 0.20 4.93
CA GLY A 64 -5.05 0.12 4.31
C GLY A 64 -6.10 0.88 5.09
N TYR A 65 -7.04 1.46 4.39
CA TYR A 65 -8.11 2.21 5.02
C TYR A 65 -9.46 1.73 4.54
N THR A 66 -10.48 2.06 5.28
CA THR A 66 -11.85 1.73 4.93
C THR A 66 -12.75 2.90 5.22
N ASP A 67 -14.00 2.77 4.83
CA ASP A 67 -14.99 3.79 5.13
C ASP A 67 -15.45 3.63 6.58
N ASN A 68 -15.77 4.74 7.21
CA ASN A 68 -16.16 4.72 8.63
C ASN A 68 -17.60 4.27 8.83
N THR A 69 -18.24 3.90 7.74
CA THR A 69 -19.60 3.43 7.81
C THR A 69 -19.66 1.93 8.11
N GLY A 70 -18.54 1.24 7.89
CA GLY A 70 -18.47 -0.19 8.18
C GLY A 70 -18.40 -0.48 9.66
N SER A 71 -18.59 -1.74 10.03
CA SER A 71 -18.58 -2.15 11.42
C SER A 71 -17.19 -2.03 12.03
N GLU A 72 -17.12 -1.34 13.16
CA GLU A 72 -15.87 -1.16 13.87
C GLU A 72 -15.32 -2.52 14.27
N GLY A 73 -14.19 -2.87 13.73
CA GLY A 73 -13.61 -4.15 14.03
C GLY A 73 -13.43 -4.98 12.79
N ILE A 74 -14.36 -4.86 11.87
CA ILE A 74 -14.31 -5.61 10.64
C ILE A 74 -13.42 -4.89 9.66
N ASN A 75 -13.37 -3.58 9.83
CA ASN A 75 -12.58 -2.71 8.98
C ASN A 75 -11.10 -3.03 9.09
N ILE A 76 -10.67 -3.40 10.30
CA ILE A 76 -9.27 -3.73 10.55
C ILE A 76 -8.75 -4.85 9.61
N PRO A 77 -9.29 -6.09 9.72
CA PRO A 77 -8.86 -7.19 8.85
C PRO A 77 -9.15 -6.92 7.39
N LEU A 78 -10.17 -6.11 7.12
CA LEU A 78 -10.52 -5.76 5.76
C LEU A 78 -9.43 -4.93 5.11
N SER A 79 -9.07 -3.83 5.74
CA SER A 79 -8.03 -2.97 5.22
C SER A 79 -6.70 -3.70 5.17
N ALA A 80 -6.51 -4.63 6.10
CA ALA A 80 -5.31 -5.44 6.14
C ALA A 80 -5.27 -6.40 4.97
N GLN A 81 -6.45 -6.78 4.49
CA GLN A 81 -6.55 -7.68 3.36
C GLN A 81 -6.25 -6.93 2.08
N ARG A 82 -6.77 -5.71 1.99
CA ARG A 82 -6.51 -4.86 0.85
C ARG A 82 -5.01 -4.56 0.73
N ALA A 83 -4.37 -4.29 1.86
CA ALA A 83 -2.93 -4.07 1.88
C ALA A 83 -2.19 -5.35 1.49
N LYS A 84 -2.77 -6.49 1.86
CA LYS A 84 -2.21 -7.79 1.53
C LYS A 84 -2.19 -8.00 0.02
N ILE A 85 -3.21 -7.51 -0.65
CA ILE A 85 -3.31 -7.63 -2.10
C ILE A 85 -2.08 -7.01 -2.76
N VAL A 86 -1.67 -5.86 -2.27
CA VAL A 86 -0.50 -5.18 -2.78
C VAL A 86 0.75 -5.97 -2.45
N ALA A 87 0.87 -6.39 -1.19
CA ALA A 87 2.02 -7.17 -0.74
C ALA A 87 2.18 -8.43 -1.58
N ASP A 88 1.06 -9.10 -1.84
CA ASP A 88 1.04 -10.33 -2.63
C ASP A 88 1.66 -10.08 -4.00
N TYR A 89 1.30 -8.95 -4.58
CA TYR A 89 1.81 -8.55 -5.89
C TYR A 89 3.30 -8.29 -5.82
N LEU A 90 3.68 -7.47 -4.86
CA LEU A 90 5.08 -7.11 -4.65
C LEU A 90 5.93 -8.36 -4.45
N VAL A 91 5.49 -9.24 -3.55
CA VAL A 91 6.19 -10.48 -3.30
C VAL A 91 6.26 -11.34 -4.57
N ALA A 92 5.16 -11.36 -5.31
CA ALA A 92 5.10 -12.11 -6.57
C ALA A 92 6.09 -11.54 -7.58
N ARG A 93 6.45 -10.28 -7.39
CA ARG A 93 7.40 -9.60 -8.25
C ARG A 93 8.84 -9.77 -7.78
N GLY A 94 9.03 -10.58 -6.76
CA GLY A 94 10.37 -10.82 -6.28
C GLY A 94 10.75 -9.98 -5.07
N VAL A 95 9.79 -9.32 -4.45
CA VAL A 95 10.09 -8.53 -3.27
C VAL A 95 9.98 -9.41 -2.01
N ALA A 96 10.82 -9.14 -1.03
CA ALA A 96 10.85 -9.92 0.19
C ALA A 96 9.61 -9.67 1.06
N GLY A 97 8.78 -10.70 1.17
CA GLY A 97 7.55 -10.62 1.95
C GLY A 97 7.80 -10.28 3.41
N ASP A 98 8.90 -10.77 3.95
CA ASP A 98 9.26 -10.52 5.36
C ASP A 98 9.60 -9.05 5.59
N HIS A 99 9.90 -8.34 4.51
CA HIS A 99 10.28 -6.94 4.61
C HIS A 99 9.11 -6.05 4.24
N ILE A 100 7.99 -6.67 3.91
CA ILE A 100 6.77 -5.95 3.60
C ILE A 100 5.80 -6.10 4.76
N ALA A 101 5.22 -5.00 5.19
CA ALA A 101 4.27 -5.04 6.29
C ALA A 101 2.91 -4.55 5.83
N THR A 102 1.89 -5.35 6.07
CA THR A 102 0.53 -4.97 5.72
C THR A 102 -0.23 -4.59 6.97
N VAL A 103 -0.73 -3.36 7.02
CA VAL A 103 -1.40 -2.87 8.21
C VAL A 103 -2.81 -2.38 7.90
N GLY A 104 -3.78 -3.09 8.44
CA GLY A 104 -5.15 -2.68 8.31
C GLY A 104 -5.56 -1.78 9.45
N LEU A 105 -5.64 -0.50 9.17
CA LEU A 105 -5.97 0.48 10.18
C LEU A 105 -7.47 0.67 10.32
N GLY A 106 -8.22 -0.06 9.53
CA GLY A 106 -9.65 0.11 9.52
C GLY A 106 -10.05 1.46 9.01
N SER A 107 -11.01 2.03 9.64
CA SER A 107 -11.50 3.33 9.26
C SER A 107 -10.63 4.43 9.89
N VAL A 108 -9.94 5.16 9.04
CA VAL A 108 -9.08 6.22 9.46
C VAL A 108 -8.56 6.91 8.23
N ASN A 109 -8.32 8.20 8.34
CA ASN A 109 -7.74 8.98 7.27
C ASN A 109 -8.68 9.03 6.07
N PRO A 110 -9.76 9.82 6.16
CA PRO A 110 -10.75 9.91 5.13
C PRO A 110 -10.33 10.83 3.99
N ILE A 111 -10.50 10.36 2.77
CA ILE A 111 -10.19 11.16 1.61
C ILE A 111 -11.41 11.90 1.10
N ALA A 112 -12.52 11.18 0.94
CA ALA A 112 -13.75 11.77 0.44
C ALA A 112 -14.89 11.57 1.41
N SER A 113 -16.05 12.13 1.07
CA SER A 113 -17.23 12.01 1.90
C SER A 113 -17.74 10.57 1.96
N ASN A 114 -17.94 10.08 3.16
CA ASN A 114 -18.43 8.71 3.36
C ASN A 114 -19.93 8.65 3.17
N ALA A 115 -20.57 9.81 3.12
CA ALA A 115 -22.01 9.90 2.92
C ALA A 115 -22.39 9.48 1.50
N THR A 116 -21.42 9.48 0.62
CA THR A 116 -21.64 9.11 -0.76
C THR A 116 -20.83 7.85 -1.10
N PRO A 117 -21.37 6.97 -1.94
CA PRO A 117 -20.72 5.70 -2.29
C PRO A 117 -19.38 5.94 -2.99
N GLU A 118 -19.33 6.97 -3.82
CA GLU A 118 -18.13 7.34 -4.54
C GLU A 118 -17.00 7.63 -3.57
N GLY A 119 -17.34 8.32 -2.49
CA GLY A 119 -16.37 8.66 -1.48
C GLY A 119 -15.92 7.44 -0.71
N ARG A 120 -16.86 6.56 -0.39
CA ARG A 120 -16.54 5.33 0.31
C ARG A 120 -15.57 4.50 -0.50
N ALA A 121 -15.74 4.52 -1.82
CA ALA A 121 -14.87 3.80 -2.73
C ALA A 121 -13.45 4.32 -2.65
N LYS A 122 -13.31 5.60 -2.35
CA LYS A 122 -12.00 6.21 -2.22
C LYS A 122 -11.40 5.91 -0.87
N ASN A 123 -12.20 6.03 0.19
CA ASN A 123 -11.70 5.82 1.55
C ASN A 123 -11.17 4.41 1.80
N ARG A 124 -11.69 3.44 1.08
CA ARG A 124 -11.29 2.06 1.29
C ARG A 124 -10.02 1.69 0.53
N ARG A 125 -9.35 2.69 -0.01
CA ARG A 125 -8.10 2.49 -0.74
C ARG A 125 -6.92 2.15 0.18
N VAL A 126 -5.75 1.99 -0.44
CA VAL A 126 -4.54 1.59 0.27
C VAL A 126 -3.34 2.44 -0.17
N GLU A 127 -2.36 2.62 0.71
CA GLU A 127 -1.15 3.37 0.40
C GLU A 127 0.09 2.61 0.82
N ILE A 128 1.13 2.70 0.00
CA ILE A 128 2.38 2.04 0.30
C ILE A 128 3.35 3.05 0.89
N VAL A 129 3.73 2.83 2.12
CA VAL A 129 4.65 3.73 2.79
C VAL A 129 5.98 3.05 3.00
N VAL A 130 7.05 3.80 2.85
CA VAL A 130 8.38 3.25 3.04
C VAL A 130 8.90 3.63 4.42
N ASN A 131 9.48 2.68 5.10
CA ASN A 131 10.03 2.91 6.43
C ASN A 131 11.44 3.47 6.34
N GLY A 1 18.60 14.10 -11.33
CA GLY A 1 17.42 14.27 -10.46
C GLY A 1 16.39 13.19 -10.71
N GLN A 2 15.95 12.53 -9.65
CA GLN A 2 14.95 11.47 -9.78
C GLN A 2 13.66 11.86 -9.07
N ALA A 3 13.51 13.18 -8.87
CA ALA A 3 12.35 13.76 -8.18
C ALA A 3 12.38 13.44 -6.68
N PRO A 4 13.12 14.25 -5.91
CA PRO A 4 13.24 14.09 -4.47
C PRO A 4 12.08 14.74 -3.72
N PRO A 5 11.66 14.15 -2.60
CA PRO A 5 10.60 14.70 -1.78
C PRO A 5 11.12 15.79 -0.85
N GLY A 6 10.22 16.40 -0.11
CA GLY A 6 10.63 17.44 0.83
C GLY A 6 10.95 16.85 2.19
N PRO A 7 9.91 16.38 2.92
CA PRO A 7 10.10 15.76 4.23
C PRO A 7 10.78 14.38 4.11
N PRO A 8 11.21 13.80 5.24
CA PRO A 8 11.85 12.48 5.24
C PRO A 8 10.87 11.40 4.78
N ALA A 9 11.06 10.92 3.58
CA ALA A 9 10.20 9.90 3.01
C ALA A 9 10.91 8.56 2.98
N SER A 10 12.18 8.57 3.35
CA SER A 10 12.97 7.38 3.38
C SER A 10 14.09 7.52 4.42
N GLY A 11 14.53 6.40 4.96
CA GLY A 11 15.57 6.42 5.96
C GLY A 11 16.90 5.97 5.43
N PRO A 12 17.35 4.75 5.78
CA PRO A 12 18.64 4.20 5.34
C PRO A 12 18.58 3.61 3.92
N CYS A 13 17.77 4.21 3.09
CA CYS A 13 17.57 3.74 1.75
C CYS A 13 17.18 4.90 0.84
N ALA A 14 17.26 4.68 -0.47
CA ALA A 14 16.87 5.69 -1.46
C ALA A 14 15.43 6.13 -1.25
N ASP A 15 15.04 7.20 -1.92
CA ASP A 15 13.70 7.75 -1.77
C ASP A 15 12.71 6.91 -2.54
N LEU A 16 12.45 5.73 -2.03
CA LEU A 16 11.56 4.81 -2.68
C LEU A 16 10.13 5.31 -2.61
N GLN A 17 9.81 6.02 -1.53
CA GLN A 17 8.46 6.54 -1.35
C GLN A 17 8.14 7.55 -2.42
N SER A 18 9.09 8.42 -2.73
CA SER A 18 8.89 9.41 -3.77
C SER A 18 8.90 8.72 -5.13
N ALA A 19 9.75 7.71 -5.25
CA ALA A 19 9.89 6.96 -6.49
C ALA A 19 8.60 6.21 -6.81
N ILE A 20 8.08 5.47 -5.85
CA ILE A 20 6.85 4.72 -6.05
C ILE A 20 5.67 5.66 -6.24
N ASN A 21 5.65 6.76 -5.47
CA ASN A 21 4.60 7.77 -5.57
C ASN A 21 4.53 8.32 -6.98
N ALA A 22 5.69 8.46 -7.60
CA ALA A 22 5.79 8.98 -8.96
C ALA A 22 5.11 8.04 -9.95
N VAL A 23 5.02 6.76 -9.62
CA VAL A 23 4.37 5.81 -10.50
C VAL A 23 2.90 5.68 -10.15
N THR A 24 2.63 5.51 -8.86
CA THR A 24 1.27 5.32 -8.39
C THR A 24 0.44 6.56 -8.65
N GLY A 25 1.05 7.71 -8.44
CA GLY A 25 0.35 8.97 -8.59
C GLY A 25 -0.49 9.27 -7.38
N GLY A 26 -0.23 8.55 -6.30
CA GLY A 26 -0.97 8.71 -5.09
C GLY A 26 -1.21 7.38 -4.42
N PRO A 27 -2.42 7.16 -3.87
CA PRO A 27 -2.76 5.91 -3.22
C PRO A 27 -3.22 4.84 -4.21
N ILE A 28 -3.28 3.61 -3.73
CA ILE A 28 -3.71 2.49 -4.55
C ILE A 28 -5.23 2.44 -4.61
N ALA A 29 -5.76 2.74 -5.77
CA ALA A 29 -7.20 2.68 -5.99
C ALA A 29 -7.56 1.40 -6.70
N PHE A 30 -8.45 0.64 -6.10
CA PHE A 30 -8.88 -0.63 -6.66
C PHE A 30 -10.14 -0.43 -7.49
N GLY A 31 -10.58 -1.49 -8.15
CA GLY A 31 -11.78 -1.43 -8.95
C GLY A 31 -13.01 -1.18 -8.10
N ASN A 32 -14.12 -0.85 -8.75
CA ASN A 32 -15.37 -0.55 -8.05
C ASN A 32 -15.87 -1.75 -7.25
N ASP A 33 -15.56 -2.94 -7.72
CA ASP A 33 -15.96 -4.16 -7.06
C ASP A 33 -14.83 -5.15 -7.14
N GLY A 34 -14.62 -5.90 -6.08
CA GLY A 34 -13.52 -6.86 -6.06
C GLY A 34 -13.87 -8.16 -6.75
N ALA A 35 -14.56 -8.05 -7.88
CA ALA A 35 -14.97 -9.21 -8.68
C ALA A 35 -13.77 -10.08 -9.02
N SER A 36 -12.77 -9.49 -9.67
CA SER A 36 -11.57 -10.21 -10.05
C SER A 36 -10.43 -9.26 -10.38
N LEU A 37 -9.40 -9.28 -9.55
CA LEU A 37 -8.23 -8.43 -9.77
C LEU A 37 -7.17 -9.24 -10.52
N ILE A 38 -7.63 -10.31 -11.15
CA ILE A 38 -6.79 -11.20 -11.94
C ILE A 38 -6.14 -10.48 -13.15
N PRO A 39 -6.94 -9.71 -13.97
CA PRO A 39 -6.40 -8.97 -15.12
C PRO A 39 -5.15 -8.17 -14.77
N ALA A 40 -4.09 -8.37 -15.54
CA ALA A 40 -2.83 -7.71 -15.28
C ALA A 40 -2.84 -6.28 -15.82
N ASP A 41 -3.30 -5.37 -15.00
CA ASP A 41 -3.34 -3.96 -15.37
C ASP A 41 -2.55 -3.12 -14.39
N TYR A 42 -2.43 -3.60 -13.15
CA TYR A 42 -1.71 -2.89 -12.11
C TYR A 42 -0.20 -3.03 -12.26
N GLU A 43 0.29 -2.62 -13.42
CA GLU A 43 1.70 -2.66 -13.74
C GLU A 43 2.48 -1.72 -12.82
N ILE A 44 1.76 -0.78 -12.22
CA ILE A 44 2.36 0.17 -11.32
C ILE A 44 3.02 -0.55 -10.16
N LEU A 45 2.37 -1.62 -9.69
CA LEU A 45 2.90 -2.40 -8.59
C LEU A 45 4.16 -3.13 -9.01
N ASN A 46 4.26 -3.44 -10.30
CA ASN A 46 5.45 -4.08 -10.83
C ASN A 46 6.57 -3.04 -10.95
N ARG A 47 6.17 -1.83 -11.31
CA ARG A 47 7.09 -0.72 -11.39
C ARG A 47 7.61 -0.40 -10.01
N VAL A 48 6.69 -0.41 -9.04
CA VAL A 48 7.01 -0.17 -7.64
C VAL A 48 7.97 -1.24 -7.11
N ALA A 49 7.65 -2.49 -7.42
CA ALA A 49 8.44 -3.63 -6.97
C ALA A 49 9.90 -3.50 -7.41
N ASP A 50 10.09 -2.97 -8.60
CA ASP A 50 11.43 -2.76 -9.16
C ASP A 50 12.36 -2.04 -8.20
N LYS A 51 11.91 -0.92 -7.64
CA LYS A 51 12.74 -0.15 -6.76
C LYS A 51 12.74 -0.68 -5.34
N LEU A 52 11.79 -1.54 -5.04
CA LEU A 52 11.74 -2.11 -3.71
C LEU A 52 12.73 -3.26 -3.64
N LYS A 53 12.95 -3.90 -4.78
CA LYS A 53 13.92 -4.99 -4.87
C LYS A 53 15.32 -4.43 -5.04
N ALA A 54 15.40 -3.20 -5.53
CA ALA A 54 16.67 -2.53 -5.74
C ALA A 54 17.28 -2.16 -4.40
N CYS A 55 16.43 -1.87 -3.45
CA CYS A 55 16.85 -1.54 -2.11
C CYS A 55 16.00 -2.34 -1.11
N PRO A 56 16.23 -3.67 -1.04
CA PRO A 56 15.46 -4.57 -0.17
C PRO A 56 15.82 -4.44 1.31
N ASP A 57 16.72 -3.52 1.62
CA ASP A 57 17.14 -3.28 2.99
C ASP A 57 16.04 -2.51 3.73
N ALA A 58 15.26 -1.80 2.94
CA ALA A 58 14.16 -1.00 3.46
C ALA A 58 12.94 -1.86 3.79
N ARG A 59 11.98 -1.25 4.46
CA ARG A 59 10.74 -1.90 4.81
C ARG A 59 9.61 -1.12 4.23
N VAL A 60 8.60 -1.79 3.81
CA VAL A 60 7.44 -1.09 3.35
C VAL A 60 6.24 -1.41 4.18
N THR A 61 5.63 -0.38 4.68
CA THR A 61 4.46 -0.50 5.50
C THR A 61 3.24 -0.14 4.66
N ILE A 62 2.46 -1.13 4.33
CA ILE A 62 1.31 -0.94 3.51
C ILE A 62 0.08 -0.78 4.38
N ASN A 63 -0.42 0.42 4.42
CA ASN A 63 -1.56 0.75 5.23
C ASN A 63 -2.83 0.76 4.41
N GLY A 64 -3.82 0.05 4.88
CA GLY A 64 -5.09 0.02 4.19
C GLY A 64 -6.14 0.81 4.94
N TYR A 65 -7.05 1.39 4.20
CA TYR A 65 -8.12 2.17 4.80
C TYR A 65 -9.48 1.64 4.35
N THR A 66 -10.50 2.02 5.08
CA THR A 66 -11.87 1.69 4.74
C THR A 66 -12.77 2.85 5.13
N ASP A 67 -14.02 2.78 4.75
CA ASP A 67 -14.99 3.74 5.20
C ASP A 67 -15.52 3.31 6.55
N ASN A 68 -16.28 4.16 7.20
CA ASN A 68 -16.76 3.86 8.54
C ASN A 68 -18.15 3.22 8.54
N THR A 69 -18.59 2.70 7.41
CA THR A 69 -19.89 2.02 7.37
C THR A 69 -19.88 0.76 8.24
N GLY A 70 -18.70 0.18 8.39
CA GLY A 70 -18.54 -1.01 9.18
C GLY A 70 -17.57 -0.80 10.32
N SER A 71 -18.00 -0.07 11.32
CA SER A 71 -17.16 0.23 12.48
C SER A 71 -17.27 -0.88 13.54
N GLU A 72 -17.64 -2.09 13.11
CA GLU A 72 -17.78 -3.19 14.04
C GLU A 72 -16.52 -4.04 14.10
N GLY A 73 -15.49 -3.62 13.40
CA GLY A 73 -14.24 -4.34 13.47
C GLY A 73 -13.73 -4.83 12.17
N ILE A 74 -14.63 -5.31 11.31
CA ILE A 74 -14.27 -5.92 10.03
C ILE A 74 -13.43 -4.99 9.16
N ASN A 75 -13.56 -3.70 9.40
CA ASN A 75 -12.79 -2.72 8.64
C ASN A 75 -11.29 -2.98 8.78
N ILE A 76 -10.88 -3.36 9.98
CA ILE A 76 -9.49 -3.68 10.26
C ILE A 76 -8.98 -4.85 9.38
N PRO A 77 -9.53 -6.09 9.51
CA PRO A 77 -9.13 -7.22 8.69
C PRO A 77 -9.36 -6.95 7.19
N LEU A 78 -10.33 -6.10 6.89
CA LEU A 78 -10.61 -5.74 5.50
C LEU A 78 -9.47 -4.93 4.90
N SER A 79 -9.12 -3.83 5.56
CA SER A 79 -8.04 -2.99 5.09
C SER A 79 -6.72 -3.74 5.11
N ALA A 80 -6.59 -4.66 6.06
CA ALA A 80 -5.40 -5.50 6.13
C ALA A 80 -5.35 -6.45 4.96
N GLN A 81 -6.53 -6.82 4.46
CA GLN A 81 -6.63 -7.70 3.31
C GLN A 81 -6.17 -6.96 2.08
N ARG A 82 -6.68 -5.75 1.91
CA ARG A 82 -6.33 -4.92 0.77
C ARG A 82 -4.84 -4.61 0.76
N ALA A 83 -4.25 -4.34 1.93
CA ALA A 83 -2.83 -4.13 2.03
C ALA A 83 -2.08 -5.40 1.64
N LYS A 84 -2.62 -6.53 2.05
CA LYS A 84 -2.07 -7.84 1.72
C LYS A 84 -2.06 -8.07 0.22
N ILE A 85 -3.09 -7.56 -0.46
CA ILE A 85 -3.18 -7.69 -1.91
C ILE A 85 -1.95 -7.08 -2.57
N VAL A 86 -1.56 -5.90 -2.11
CA VAL A 86 -0.39 -5.24 -2.65
C VAL A 86 0.86 -6.03 -2.30
N ALA A 87 0.96 -6.41 -1.03
CA ALA A 87 2.10 -7.20 -0.55
C ALA A 87 2.28 -8.45 -1.39
N ASP A 88 1.18 -9.14 -1.66
CA ASP A 88 1.21 -10.37 -2.45
C ASP A 88 1.74 -10.09 -3.84
N TYR A 89 1.36 -8.95 -4.40
CA TYR A 89 1.81 -8.53 -5.72
C TYR A 89 3.29 -8.25 -5.70
N LEU A 90 3.73 -7.57 -4.66
CA LEU A 90 5.11 -7.20 -4.50
C LEU A 90 5.96 -8.45 -4.33
N VAL A 91 5.55 -9.31 -3.39
CA VAL A 91 6.25 -10.56 -3.15
C VAL A 91 6.26 -11.43 -4.41
N ALA A 92 5.13 -11.41 -5.13
CA ALA A 92 5.02 -12.16 -6.38
C ALA A 92 6.02 -11.63 -7.39
N ARG A 93 6.31 -10.34 -7.30
CA ARG A 93 7.25 -9.70 -8.20
C ARG A 93 8.69 -9.86 -7.71
N GLY A 94 8.87 -10.62 -6.65
CA GLY A 94 10.20 -10.86 -6.15
C GLY A 94 10.60 -9.95 -5.02
N VAL A 95 9.67 -9.24 -4.43
CA VAL A 95 9.98 -8.39 -3.29
C VAL A 95 9.95 -9.23 -2.02
N ALA A 96 10.89 -8.97 -1.13
CA ALA A 96 10.99 -9.73 0.10
C ALA A 96 9.81 -9.46 1.02
N GLY A 97 8.95 -10.46 1.14
CA GLY A 97 7.78 -10.36 2.00
C GLY A 97 8.16 -10.10 3.44
N ASP A 98 9.32 -10.60 3.82
CA ASP A 98 9.85 -10.41 5.18
C ASP A 98 10.07 -8.93 5.50
N HIS A 99 10.20 -8.11 4.46
CA HIS A 99 10.42 -6.69 4.64
C HIS A 99 9.18 -5.89 4.30
N ILE A 100 8.10 -6.59 4.03
CA ILE A 100 6.84 -5.95 3.74
C ILE A 100 5.89 -6.11 4.92
N ALA A 101 5.33 -5.02 5.37
CA ALA A 101 4.40 -5.03 6.48
C ALA A 101 3.04 -4.52 6.03
N THR A 102 2.01 -5.29 6.30
CA THR A 102 0.66 -4.90 5.91
C THR A 102 -0.19 -4.60 7.14
N VAL A 103 -0.77 -3.41 7.17
CA VAL A 103 -1.54 -2.99 8.33
C VAL A 103 -2.91 -2.46 7.92
N GLY A 104 -3.94 -3.08 8.46
CA GLY A 104 -5.27 -2.60 8.22
C GLY A 104 -5.68 -1.62 9.29
N LEU A 105 -5.83 -0.37 8.91
CA LEU A 105 -6.18 0.65 9.85
C LEU A 105 -7.69 0.83 9.99
N GLY A 106 -8.41 0.60 8.91
CA GLY A 106 -9.83 0.79 8.94
C GLY A 106 -10.16 2.21 8.57
N SER A 107 -11.11 2.78 9.25
CA SER A 107 -11.47 4.16 9.01
C SER A 107 -10.61 5.04 9.92
N VAL A 108 -9.75 5.83 9.32
CA VAL A 108 -8.86 6.69 10.08
C VAL A 108 -8.66 8.04 9.41
N ASN A 109 -8.11 8.04 8.20
CA ASN A 109 -7.90 9.26 7.47
C ASN A 109 -8.75 9.26 6.21
N PRO A 110 -9.96 9.81 6.29
CA PRO A 110 -10.89 9.86 5.18
C PRO A 110 -10.43 10.79 4.06
N ILE A 111 -10.40 10.26 2.87
CA ILE A 111 -9.99 11.02 1.69
C ILE A 111 -11.17 11.79 1.11
N ALA A 112 -12.30 11.12 1.02
CA ALA A 112 -13.50 11.73 0.48
C ALA A 112 -14.66 11.55 1.44
N SER A 113 -15.73 12.28 1.20
CA SER A 113 -16.92 12.22 2.05
C SER A 113 -17.55 10.83 2.02
N ASN A 114 -17.87 10.31 3.19
CA ASN A 114 -18.49 8.99 3.29
C ASN A 114 -19.99 9.09 3.03
N ALA A 115 -20.48 10.32 2.92
CA ALA A 115 -21.88 10.57 2.65
C ALA A 115 -22.27 10.01 1.28
N THR A 116 -21.28 9.87 0.41
CA THR A 116 -21.49 9.32 -0.91
C THR A 116 -20.72 8.04 -1.07
N PRO A 117 -21.34 7.07 -1.76
CA PRO A 117 -20.73 5.78 -2.02
C PRO A 117 -19.40 5.94 -2.74
N GLU A 118 -19.33 6.93 -3.62
CA GLU A 118 -18.12 7.26 -4.36
C GLU A 118 -16.98 7.55 -3.42
N GLY A 119 -17.25 8.37 -2.43
CA GLY A 119 -16.25 8.72 -1.45
C GLY A 119 -15.79 7.52 -0.66
N ARG A 120 -16.72 6.64 -0.33
CA ARG A 120 -16.40 5.41 0.40
C ARG A 120 -15.43 4.56 -0.42
N ALA A 121 -15.62 4.57 -1.74
CA ALA A 121 -14.77 3.81 -2.65
C ALA A 121 -13.35 4.36 -2.63
N LYS A 122 -13.22 5.66 -2.39
CA LYS A 122 -11.92 6.28 -2.31
C LYS A 122 -11.27 5.94 -0.98
N ASN A 123 -12.07 5.99 0.09
CA ASN A 123 -11.59 5.70 1.44
C ASN A 123 -11.06 4.30 1.61
N ARG A 124 -11.57 3.36 0.84
CA ARG A 124 -11.15 1.97 0.98
C ARG A 124 -9.80 1.69 0.26
N ARG A 125 -9.16 2.76 -0.20
CA ARG A 125 -7.83 2.70 -0.82
C ARG A 125 -6.75 2.08 0.10
N VAL A 126 -5.54 1.97 -0.45
CA VAL A 126 -4.38 1.47 0.26
C VAL A 126 -3.17 2.37 -0.05
N GLU A 127 -2.29 2.56 0.93
CA GLU A 127 -1.12 3.41 0.76
C GLU A 127 0.16 2.67 1.16
N ILE A 128 1.22 2.89 0.41
CA ILE A 128 2.49 2.23 0.69
C ILE A 128 3.46 3.23 1.33
N VAL A 129 3.85 2.95 2.55
CA VAL A 129 4.79 3.81 3.25
C VAL A 129 6.15 3.14 3.33
N VAL A 130 7.19 3.88 3.02
CA VAL A 130 8.53 3.35 3.04
C VAL A 130 9.19 3.56 4.39
N ASN A 131 9.75 2.51 4.91
CA ASN A 131 10.43 2.52 6.18
C ASN A 131 11.93 2.37 5.99
N GLY A 1 19.22 -11.82 -3.25
CA GLY A 1 20.54 -12.32 -3.70
C GLY A 1 20.74 -13.77 -3.33
N GLN A 2 21.96 -14.25 -3.47
CA GLN A 2 22.28 -15.65 -3.17
C GLN A 2 22.75 -15.80 -1.73
N ALA A 3 23.04 -14.68 -1.10
CA ALA A 3 23.53 -14.68 0.27
C ALA A 3 22.45 -15.11 1.25
N PRO A 4 22.82 -15.97 2.24
CA PRO A 4 21.90 -16.41 3.29
C PRO A 4 21.25 -15.21 4.00
N PRO A 5 19.93 -15.24 4.17
CA PRO A 5 19.20 -14.15 4.77
C PRO A 5 19.42 -14.05 6.28
N GLY A 6 20.24 -13.11 6.69
CA GLY A 6 20.50 -12.92 8.09
C GLY A 6 20.15 -11.52 8.55
N PRO A 7 21.13 -10.79 9.11
CA PRO A 7 20.91 -9.44 9.61
C PRO A 7 20.67 -8.44 8.47
N PRO A 8 19.94 -7.35 8.76
CA PRO A 8 19.67 -6.31 7.76
C PRO A 8 20.94 -5.64 7.28
N ALA A 9 21.01 -5.38 6.00
CA ALA A 9 22.17 -4.74 5.40
C ALA A 9 22.20 -3.28 5.79
N SER A 10 21.01 -2.67 5.88
CA SER A 10 20.85 -1.28 6.25
C SER A 10 21.68 -0.35 5.33
N GLY A 11 22.05 0.81 5.86
CA GLY A 11 22.80 1.77 5.11
C GLY A 11 21.92 2.83 4.51
N PRO A 12 22.48 3.75 3.72
CA PRO A 12 21.70 4.79 3.07
C PRO A 12 20.80 4.22 1.98
N CYS A 13 19.51 4.23 2.22
CA CYS A 13 18.58 3.69 1.27
C CYS A 13 17.87 4.83 0.55
N ALA A 14 17.65 4.64 -0.74
CA ALA A 14 17.00 5.65 -1.57
C ALA A 14 15.57 5.92 -1.10
N ASP A 15 15.02 7.05 -1.54
CA ASP A 15 13.66 7.42 -1.18
C ASP A 15 12.70 6.59 -1.97
N LEU A 16 12.39 5.43 -1.45
CA LEU A 16 11.49 4.54 -2.13
C LEU A 16 10.07 5.01 -1.99
N GLN A 17 9.76 5.61 -0.83
CA GLN A 17 8.40 6.09 -0.57
C GLN A 17 8.04 7.17 -1.56
N SER A 18 8.96 8.09 -1.78
CA SER A 18 8.76 9.18 -2.72
C SER A 18 8.65 8.63 -4.13
N ALA A 19 9.51 7.69 -4.47
CA ALA A 19 9.56 7.09 -5.78
C ALA A 19 8.29 6.32 -6.10
N ILE A 20 7.85 5.50 -5.17
CA ILE A 20 6.65 4.69 -5.40
C ILE A 20 5.42 5.57 -5.42
N ASN A 21 5.40 6.58 -4.56
CA ASN A 21 4.30 7.55 -4.53
C ASN A 21 4.17 8.25 -5.87
N ALA A 22 5.31 8.54 -6.47
CA ALA A 22 5.36 9.17 -7.78
C ALA A 22 4.82 8.25 -8.86
N VAL A 23 4.93 6.95 -8.63
CA VAL A 23 4.43 5.97 -9.58
C VAL A 23 2.95 5.74 -9.37
N THR A 24 2.57 5.55 -8.12
CA THR A 24 1.19 5.30 -7.79
C THR A 24 0.34 6.51 -8.08
N GLY A 25 0.91 7.67 -7.85
CA GLY A 25 0.17 8.89 -8.03
C GLY A 25 -0.73 9.11 -6.85
N GLY A 26 -0.30 8.58 -5.72
CA GLY A 26 -1.05 8.67 -4.50
C GLY A 26 -1.37 7.31 -3.96
N PRO A 27 -2.61 7.06 -3.57
CA PRO A 27 -3.03 5.79 -3.01
C PRO A 27 -3.49 4.79 -4.07
N ILE A 28 -3.67 3.57 -3.65
CA ILE A 28 -4.16 2.51 -4.49
C ILE A 28 -5.68 2.53 -4.49
N ALA A 29 -6.26 3.01 -5.56
CA ALA A 29 -7.71 3.09 -5.66
C ALA A 29 -8.29 1.83 -6.29
N PHE A 30 -9.36 1.33 -5.70
CA PHE A 30 -10.04 0.15 -6.19
C PHE A 30 -11.36 0.54 -6.87
N GLY A 31 -11.99 -0.41 -7.54
CA GLY A 31 -13.24 -0.13 -8.20
C GLY A 31 -14.40 -0.82 -7.53
N ASN A 32 -15.48 -0.08 -7.31
CA ASN A 32 -16.66 -0.65 -6.64
C ASN A 32 -17.67 -1.13 -7.66
N ASP A 33 -17.39 -0.87 -8.95
CA ASP A 33 -18.27 -1.28 -10.04
C ASP A 33 -18.54 -2.78 -9.99
N GLY A 34 -17.50 -3.56 -10.14
CA GLY A 34 -17.64 -4.99 -10.07
C GLY A 34 -16.89 -5.56 -8.89
N ALA A 35 -16.38 -4.66 -8.04
CA ALA A 35 -15.61 -5.00 -6.84
C ALA A 35 -14.27 -5.66 -7.20
N SER A 36 -13.42 -5.86 -6.20
CA SER A 36 -12.11 -6.46 -6.37
C SER A 36 -11.28 -5.64 -7.38
N LEU A 37 -10.31 -6.28 -8.02
CA LEU A 37 -9.49 -5.62 -9.01
C LEU A 37 -10.09 -5.82 -10.39
N ILE A 38 -10.61 -4.74 -10.97
CA ILE A 38 -11.23 -4.80 -12.29
C ILE A 38 -10.22 -5.20 -13.39
N PRO A 39 -9.08 -4.45 -13.55
CA PRO A 39 -8.06 -4.82 -14.52
C PRO A 39 -7.40 -6.15 -14.17
N ALA A 40 -6.79 -6.80 -15.15
CA ALA A 40 -6.16 -8.09 -14.93
C ALA A 40 -4.89 -7.95 -14.09
N ASP A 41 -4.24 -6.80 -14.21
CA ASP A 41 -3.03 -6.53 -13.46
C ASP A 41 -2.90 -5.03 -13.23
N TYR A 42 -1.86 -4.62 -12.51
CA TYR A 42 -1.66 -3.22 -12.20
C TYR A 42 -0.21 -2.83 -12.47
N GLU A 43 0.01 -2.10 -13.58
CA GLU A 43 1.36 -1.70 -14.02
C GLU A 43 2.14 -1.01 -12.92
N ILE A 44 1.45 -0.20 -12.15
CA ILE A 44 2.07 0.57 -11.11
C ILE A 44 2.69 -0.34 -10.07
N LEU A 45 2.03 -1.45 -9.78
CA LEU A 45 2.55 -2.40 -8.80
C LEU A 45 3.75 -3.14 -9.36
N ASN A 46 3.86 -3.18 -10.68
CA ASN A 46 5.02 -3.78 -11.33
C ASN A 46 6.17 -2.81 -11.21
N ARG A 47 5.85 -1.54 -11.43
CA ARG A 47 6.79 -0.45 -11.38
C ARG A 47 7.31 -0.23 -9.95
N VAL A 48 6.40 -0.30 -8.98
CA VAL A 48 6.73 -0.13 -7.56
C VAL A 48 7.77 -1.15 -7.10
N ALA A 49 7.62 -2.38 -7.56
CA ALA A 49 8.51 -3.47 -7.17
C ALA A 49 9.95 -3.16 -7.56
N ASP A 50 10.12 -2.53 -8.70
CA ASP A 50 11.43 -2.13 -9.23
C ASP A 50 12.29 -1.43 -8.19
N LYS A 51 11.75 -0.40 -7.58
CA LYS A 51 12.52 0.37 -6.62
C LYS A 51 12.57 -0.29 -5.27
N LEU A 52 11.68 -1.23 -5.04
CA LEU A 52 11.67 -1.92 -3.77
C LEU A 52 12.75 -2.98 -3.79
N LYS A 53 13.01 -3.52 -4.97
CA LYS A 53 14.04 -4.53 -5.14
C LYS A 53 15.42 -3.89 -5.28
N ALA A 54 15.44 -2.60 -5.62
CA ALA A 54 16.70 -1.86 -5.71
C ALA A 54 17.34 -1.72 -4.33
N CYS A 55 16.49 -1.51 -3.34
CA CYS A 55 16.91 -1.44 -1.96
C CYS A 55 16.02 -2.39 -1.15
N PRO A 56 16.19 -3.71 -1.36
CA PRO A 56 15.33 -4.75 -0.77
C PRO A 56 15.53 -4.97 0.73
N ASP A 57 16.44 -4.24 1.33
CA ASP A 57 16.67 -4.40 2.76
C ASP A 57 15.68 -3.55 3.52
N ALA A 58 15.19 -2.53 2.85
CA ALA A 58 14.22 -1.63 3.43
C ALA A 58 12.91 -2.35 3.69
N ARG A 59 12.29 -2.04 4.80
CA ARG A 59 11.02 -2.62 5.15
C ARG A 59 9.91 -1.71 4.72
N VAL A 60 8.90 -2.27 4.14
CA VAL A 60 7.79 -1.48 3.69
C VAL A 60 6.53 -1.78 4.48
N THR A 61 5.83 -0.74 4.83
CA THR A 61 4.61 -0.87 5.56
C THR A 61 3.45 -0.43 4.70
N ILE A 62 2.65 -1.37 4.29
CA ILE A 62 1.53 -1.08 3.46
C ILE A 62 0.33 -0.84 4.33
N ASN A 63 -0.14 0.38 4.34
CA ASN A 63 -1.24 0.76 5.19
C ASN A 63 -2.54 0.79 4.42
N GLY A 64 -3.54 0.16 4.98
CA GLY A 64 -4.83 0.14 4.35
C GLY A 64 -5.80 1.01 5.10
N TYR A 65 -6.69 1.64 4.37
CA TYR A 65 -7.70 2.50 4.96
C TYR A 65 -9.09 2.03 4.56
N THR A 66 -10.12 2.61 5.16
CA THR A 66 -11.50 2.31 4.81
C THR A 66 -12.46 3.22 5.57
N ASP A 67 -13.74 3.13 5.26
CA ASP A 67 -14.76 3.96 5.88
C ASP A 67 -15.26 3.33 7.18
N ASN A 68 -15.98 4.13 7.94
CA ASN A 68 -16.50 3.71 9.24
C ASN A 68 -18.02 3.68 9.26
N THR A 69 -18.62 3.90 8.10
CA THR A 69 -20.08 3.97 8.01
C THR A 69 -20.79 2.64 8.21
N GLY A 70 -20.04 1.55 8.22
CA GLY A 70 -20.67 0.26 8.35
C GLY A 70 -19.96 -0.69 9.28
N SER A 71 -18.85 -1.23 8.81
CA SER A 71 -18.13 -2.24 9.57
C SER A 71 -17.22 -1.66 10.66
N GLU A 72 -17.72 -1.70 11.88
CA GLU A 72 -16.93 -1.29 13.03
C GLU A 72 -16.06 -2.46 13.44
N GLY A 73 -14.82 -2.19 13.79
CA GLY A 73 -13.91 -3.25 14.18
C GLY A 73 -13.34 -3.96 12.98
N ILE A 74 -14.22 -4.50 12.14
CA ILE A 74 -13.85 -5.27 10.97
C ILE A 74 -13.13 -4.41 9.94
N ASN A 75 -13.31 -3.10 10.04
CA ASN A 75 -12.64 -2.18 9.13
C ASN A 75 -11.12 -2.34 9.22
N ILE A 76 -10.64 -2.71 10.40
CA ILE A 76 -9.22 -2.97 10.61
C ILE A 76 -8.73 -4.15 9.74
N PRO A 77 -9.22 -5.41 9.99
CA PRO A 77 -8.81 -6.56 9.18
C PRO A 77 -9.12 -6.35 7.70
N LEU A 78 -10.18 -5.59 7.41
CA LEU A 78 -10.55 -5.27 6.03
C LEU A 78 -9.44 -4.50 5.33
N SER A 79 -9.07 -3.37 5.91
CA SER A 79 -8.05 -2.53 5.34
C SER A 79 -6.70 -3.27 5.30
N ALA A 80 -6.52 -4.21 6.22
CA ALA A 80 -5.30 -5.00 6.26
C ALA A 80 -5.29 -6.02 5.14
N GLN A 81 -6.48 -6.46 4.75
CA GLN A 81 -6.63 -7.44 3.69
C GLN A 81 -6.19 -6.82 2.38
N ARG A 82 -6.71 -5.64 2.11
CA ARG A 82 -6.40 -4.92 0.90
C ARG A 82 -4.90 -4.63 0.80
N ALA A 83 -4.27 -4.33 1.94
CA ALA A 83 -2.85 -4.10 1.96
C ALA A 83 -2.08 -5.36 1.60
N LYS A 84 -2.61 -6.51 2.01
CA LYS A 84 -2.00 -7.80 1.73
C LYS A 84 -2.05 -8.11 0.23
N ILE A 85 -3.09 -7.60 -0.43
CA ILE A 85 -3.24 -7.77 -1.86
C ILE A 85 -2.06 -7.14 -2.59
N VAL A 86 -1.70 -5.93 -2.17
CA VAL A 86 -0.57 -5.23 -2.77
C VAL A 86 0.72 -5.98 -2.45
N ALA A 87 0.87 -6.40 -1.19
CA ALA A 87 2.04 -7.16 -0.76
C ALA A 87 2.25 -8.37 -1.65
N ASP A 88 1.16 -9.07 -1.93
CA ASP A 88 1.19 -10.28 -2.74
C ASP A 88 1.78 -9.96 -4.13
N TYR A 89 1.34 -8.85 -4.68
CA TYR A 89 1.79 -8.41 -6.01
C TYR A 89 3.27 -8.06 -5.98
N LEU A 90 3.68 -7.40 -4.92
CA LEU A 90 5.06 -6.98 -4.78
C LEU A 90 5.95 -8.21 -4.62
N VAL A 91 5.54 -9.12 -3.73
CA VAL A 91 6.28 -10.35 -3.50
C VAL A 91 6.34 -11.17 -4.78
N ALA A 92 5.23 -11.22 -5.51
CA ALA A 92 5.17 -11.92 -6.78
C ALA A 92 6.11 -11.29 -7.80
N ARG A 93 6.36 -10.02 -7.62
CA ARG A 93 7.25 -9.25 -8.49
C ARG A 93 8.72 -9.35 -8.04
N GLY A 94 8.98 -10.15 -7.03
CA GLY A 94 10.35 -10.34 -6.60
C GLY A 94 10.74 -9.54 -5.36
N VAL A 95 9.77 -8.91 -4.73
CA VAL A 95 10.06 -8.16 -3.52
C VAL A 95 10.03 -9.10 -2.31
N ALA A 96 10.90 -8.86 -1.36
CA ALA A 96 11.00 -9.71 -0.19
C ALA A 96 9.79 -9.53 0.71
N GLY A 97 8.93 -10.54 0.71
CA GLY A 97 7.72 -10.50 1.51
C GLY A 97 8.01 -10.41 2.98
N ASP A 98 9.13 -10.99 3.38
CA ASP A 98 9.57 -10.97 4.78
C ASP A 98 9.91 -9.55 5.21
N HIS A 99 10.11 -8.66 4.24
CA HIS A 99 10.43 -7.27 4.52
C HIS A 99 9.22 -6.39 4.26
N ILE A 100 8.10 -7.00 3.91
CA ILE A 100 6.87 -6.29 3.66
C ILE A 100 5.91 -6.49 4.83
N ALA A 101 5.36 -5.41 5.32
CA ALA A 101 4.41 -5.47 6.42
C ALA A 101 3.08 -4.85 6.00
N THR A 102 2.00 -5.56 6.22
CA THR A 102 0.68 -5.08 5.86
C THR A 102 -0.11 -4.72 7.12
N VAL A 103 -0.66 -3.52 7.14
CA VAL A 103 -1.38 -3.04 8.31
C VAL A 103 -2.69 -2.37 7.91
N GLY A 104 -3.77 -2.74 8.58
CA GLY A 104 -5.04 -2.11 8.32
C GLY A 104 -5.35 -1.10 9.39
N LEU A 105 -5.47 0.15 8.99
CA LEU A 105 -5.72 1.22 9.93
C LEU A 105 -7.21 1.48 10.09
N GLY A 106 -8.02 0.83 9.27
CA GLY A 106 -9.44 1.03 9.33
C GLY A 106 -9.80 2.41 8.85
N SER A 107 -10.71 3.04 9.55
CA SER A 107 -11.13 4.38 9.21
C SER A 107 -10.05 5.39 9.59
N VAL A 108 -9.26 5.77 8.60
CA VAL A 108 -8.15 6.67 8.78
C VAL A 108 -7.87 7.41 7.49
N ASN A 109 -7.75 8.72 7.59
CA ASN A 109 -7.34 9.56 6.49
C ASN A 109 -8.18 9.33 5.23
N PRO A 110 -9.41 9.88 5.20
CA PRO A 110 -10.32 9.72 4.08
C PRO A 110 -9.90 10.55 2.88
N ILE A 111 -10.57 10.33 1.78
CA ILE A 111 -10.30 11.04 0.55
C ILE A 111 -11.59 11.65 -0.02
N ALA A 112 -12.57 10.81 -0.23
CA ALA A 112 -13.85 11.26 -0.75
C ALA A 112 -14.91 11.15 0.33
N SER A 113 -16.08 11.68 0.06
CA SER A 113 -17.19 11.66 1.00
C SER A 113 -17.62 10.23 1.33
N ASN A 114 -17.83 9.95 2.60
CA ASN A 114 -18.23 8.61 3.04
C ASN A 114 -19.74 8.41 2.87
N ALA A 115 -20.44 9.47 2.53
CA ALA A 115 -21.90 9.40 2.32
C ALA A 115 -22.23 8.78 0.96
N THR A 116 -21.22 8.61 0.13
CA THR A 116 -21.40 8.04 -1.19
C THR A 116 -20.61 6.74 -1.31
N PRO A 117 -21.17 5.74 -2.03
CA PRO A 117 -20.51 4.44 -2.19
C PRO A 117 -19.22 4.57 -2.96
N GLU A 118 -19.18 5.53 -3.86
CA GLU A 118 -18.01 5.78 -4.67
C GLU A 118 -16.91 6.37 -3.80
N GLY A 119 -17.31 7.19 -2.85
CA GLY A 119 -16.36 7.81 -1.96
C GLY A 119 -15.79 6.83 -0.98
N ARG A 120 -16.64 5.95 -0.46
CA ARG A 120 -16.18 4.91 0.45
C ARG A 120 -15.24 3.97 -0.28
N ALA A 121 -15.49 3.80 -1.57
CA ALA A 121 -14.64 2.98 -2.42
C ALA A 121 -13.24 3.59 -2.50
N LYS A 122 -13.16 4.90 -2.32
CA LYS A 122 -11.90 5.59 -2.31
C LYS A 122 -11.29 5.58 -0.93
N ASN A 123 -12.12 5.71 0.12
CA ASN A 123 -11.61 5.70 1.50
C ASN A 123 -10.95 4.39 1.86
N ARG A 124 -11.34 3.32 1.17
CA ARG A 124 -10.80 1.99 1.45
C ARG A 124 -9.53 1.73 0.65
N ARG A 125 -8.95 2.80 0.14
CA ARG A 125 -7.67 2.78 -0.56
C ARG A 125 -6.56 2.19 0.30
N VAL A 126 -5.43 1.96 -0.34
CA VAL A 126 -4.24 1.44 0.32
C VAL A 126 -3.03 2.27 -0.10
N GLU A 127 -2.07 2.44 0.80
CA GLU A 127 -0.87 3.20 0.48
C GLU A 127 0.36 2.44 0.92
N ILE A 128 1.36 2.45 0.06
CA ILE A 128 2.60 1.77 0.34
C ILE A 128 3.58 2.73 0.99
N VAL A 129 3.97 2.45 2.20
CA VAL A 129 4.89 3.30 2.93
C VAL A 129 6.20 2.58 3.16
N VAL A 130 7.29 3.29 3.09
CA VAL A 130 8.59 2.69 3.29
C VAL A 130 9.13 3.08 4.66
N ASN A 131 9.76 2.14 5.33
CA ASN A 131 10.31 2.40 6.65
C ASN A 131 11.70 3.03 6.53
N GLY A 1 14.62 5.05 14.07
CA GLY A 1 15.23 6.06 14.96
C GLY A 1 14.18 6.92 15.61
N GLN A 2 14.49 8.20 15.79
CA GLN A 2 13.54 9.13 16.39
C GLN A 2 12.42 9.45 15.42
N ALA A 3 11.20 9.61 15.95
CA ALA A 3 10.00 9.92 15.16
C ALA A 3 9.56 8.73 14.30
N PRO A 4 8.28 8.35 14.38
CA PRO A 4 7.73 7.22 13.59
C PRO A 4 7.79 7.50 12.09
N PRO A 5 7.87 6.44 11.26
CA PRO A 5 7.94 6.56 9.80
C PRO A 5 6.74 7.30 9.21
N GLY A 6 7.00 8.44 8.60
CA GLY A 6 5.95 9.21 7.96
C GLY A 6 6.43 9.88 6.69
N PRO A 7 7.20 10.97 6.82
CA PRO A 7 7.77 11.68 5.66
C PRO A 7 9.04 10.99 5.15
N PRO A 8 9.57 11.40 3.97
CA PRO A 8 10.81 10.85 3.42
C PRO A 8 11.96 10.97 4.43
N ALA A 9 12.79 9.95 4.51
CA ALA A 9 13.86 9.94 5.48
C ALA A 9 15.15 10.48 4.90
N SER A 10 15.51 9.99 3.71
CA SER A 10 16.70 10.39 3.02
C SER A 10 17.95 10.13 3.86
N GLY A 11 18.51 8.94 3.72
CA GLY A 11 19.68 8.58 4.49
C GLY A 11 20.13 7.15 4.26
N PRO A 12 19.58 6.19 5.03
CA PRO A 12 19.93 4.76 4.92
C PRO A 12 19.89 4.22 3.49
N CYS A 13 18.83 4.57 2.78
CA CYS A 13 18.66 4.16 1.41
C CYS A 13 17.79 5.17 0.68
N ALA A 14 17.50 4.90 -0.58
CA ALA A 14 16.71 5.79 -1.41
C ALA A 14 15.28 5.85 -0.87
N ASP A 15 14.66 7.03 -0.97
CA ASP A 15 13.29 7.19 -0.52
C ASP A 15 12.34 6.56 -1.48
N LEU A 16 12.22 5.25 -1.39
CA LEU A 16 11.32 4.50 -2.24
C LEU A 16 9.89 4.99 -2.08
N GLN A 17 9.59 5.64 -0.96
CA GLN A 17 8.26 6.16 -0.70
C GLN A 17 7.90 7.21 -1.73
N SER A 18 8.84 8.10 -2.00
CA SER A 18 8.64 9.15 -2.98
C SER A 18 8.72 8.53 -4.37
N ALA A 19 9.59 7.55 -4.49
CA ALA A 19 9.79 6.85 -5.75
C ALA A 19 8.52 6.13 -6.21
N ILE A 20 7.91 5.39 -5.29
CA ILE A 20 6.68 4.68 -5.61
C ILE A 20 5.51 5.65 -5.75
N ASN A 21 5.45 6.66 -4.88
CA ASN A 21 4.36 7.64 -4.90
C ASN A 21 4.34 8.39 -6.23
N ALA A 22 5.51 8.51 -6.84
CA ALA A 22 5.65 9.16 -8.13
C ALA A 22 4.94 8.34 -9.22
N VAL A 23 4.86 7.03 -9.03
CA VAL A 23 4.23 6.17 -10.01
C VAL A 23 2.77 5.96 -9.66
N THR A 24 2.51 5.76 -8.37
CA THR A 24 1.16 5.54 -7.90
C THR A 24 0.31 6.77 -8.12
N GLY A 25 0.94 7.92 -7.95
CA GLY A 25 0.24 9.18 -8.12
C GLY A 25 -0.56 9.50 -6.88
N GLY A 26 -0.16 8.91 -5.79
CA GLY A 26 -0.85 9.07 -4.54
C GLY A 26 -1.11 7.74 -3.90
N PRO A 27 -2.37 7.43 -3.58
CA PRO A 27 -2.72 6.17 -2.99
C PRO A 27 -3.04 5.11 -4.04
N ILE A 28 -3.03 3.87 -3.62
CA ILE A 28 -3.34 2.76 -4.50
C ILE A 28 -4.83 2.70 -4.78
N ALA A 29 -5.20 2.99 -6.01
CA ALA A 29 -6.58 2.89 -6.43
C ALA A 29 -6.91 1.46 -6.81
N PHE A 30 -8.13 1.06 -6.57
CA PHE A 30 -8.57 -0.29 -6.86
C PHE A 30 -9.70 -0.27 -7.87
N GLY A 31 -9.77 -1.30 -8.69
CA GLY A 31 -10.85 -1.42 -9.65
C GLY A 31 -12.07 -2.00 -8.99
N ASN A 32 -12.69 -1.20 -8.12
CA ASN A 32 -13.80 -1.66 -7.30
C ASN A 32 -15.11 -1.70 -8.07
N ASP A 33 -15.13 -1.16 -9.29
CA ASP A 33 -16.35 -1.17 -10.11
C ASP A 33 -16.86 -2.59 -10.29
N GLY A 34 -15.94 -3.51 -10.56
CA GLY A 34 -16.30 -4.91 -10.69
C GLY A 34 -16.03 -5.67 -9.41
N ALA A 35 -15.59 -4.92 -8.39
CA ALA A 35 -15.27 -5.43 -7.05
C ALA A 35 -14.01 -6.30 -7.03
N SER A 36 -14.00 -7.33 -7.85
CA SER A 36 -12.87 -8.28 -7.90
C SER A 36 -11.73 -7.75 -8.77
N LEU A 37 -11.49 -6.44 -8.72
CA LEU A 37 -10.41 -5.79 -9.47
C LEU A 37 -10.57 -5.91 -10.98
N ILE A 38 -10.97 -4.83 -11.60
CA ILE A 38 -11.09 -4.80 -13.05
C ILE A 38 -9.94 -4.00 -13.64
N PRO A 39 -9.61 -4.22 -14.93
CA PRO A 39 -8.53 -3.51 -15.60
C PRO A 39 -8.69 -1.99 -15.48
N ALA A 40 -7.63 -1.35 -15.02
CA ALA A 40 -7.60 0.09 -14.84
C ALA A 40 -6.16 0.56 -14.98
N ASP A 41 -5.36 0.26 -13.98
CA ASP A 41 -3.95 0.59 -13.98
C ASP A 41 -3.12 -0.70 -13.92
N TYR A 42 -3.04 -1.32 -12.74
CA TYR A 42 -2.35 -2.61 -12.53
C TYR A 42 -0.83 -2.48 -12.63
N GLU A 43 -0.35 -1.88 -13.71
CA GLU A 43 1.09 -1.73 -13.97
C GLU A 43 1.81 -0.98 -12.86
N ILE A 44 1.06 -0.22 -12.06
CA ILE A 44 1.67 0.53 -10.98
C ILE A 44 2.25 -0.42 -9.95
N LEU A 45 1.57 -1.54 -9.73
CA LEU A 45 2.04 -2.55 -8.79
C LEU A 45 3.34 -3.17 -9.27
N ASN A 46 3.47 -3.32 -10.59
CA ASN A 46 4.67 -3.86 -11.20
C ASN A 46 5.78 -2.83 -11.09
N ARG A 47 5.40 -1.58 -11.29
CA ARG A 47 6.29 -0.46 -11.25
C ARG A 47 6.85 -0.28 -9.83
N VAL A 48 5.97 -0.29 -8.85
CA VAL A 48 6.33 -0.15 -7.44
C VAL A 48 7.36 -1.21 -7.03
N ALA A 49 7.15 -2.43 -7.49
CA ALA A 49 8.02 -3.53 -7.15
C ALA A 49 9.45 -3.31 -7.67
N ASP A 50 9.57 -2.73 -8.85
CA ASP A 50 10.87 -2.44 -9.47
C ASP A 50 11.81 -1.67 -8.57
N LYS A 51 11.33 -0.58 -7.97
CA LYS A 51 12.19 0.20 -7.10
C LYS A 51 12.41 -0.51 -5.78
N LEU A 52 11.44 -1.31 -5.35
CA LEU A 52 11.60 -2.09 -4.12
C LEU A 52 12.62 -3.19 -4.37
N LYS A 53 12.71 -3.60 -5.63
CA LYS A 53 13.66 -4.59 -6.06
C LYS A 53 15.08 -4.02 -5.98
N ALA A 54 15.18 -2.71 -6.23
CA ALA A 54 16.45 -2.00 -6.22
C ALA A 54 17.01 -1.88 -4.82
N CYS A 55 16.15 -1.54 -3.88
CA CYS A 55 16.55 -1.43 -2.48
C CYS A 55 15.63 -2.29 -1.62
N PRO A 56 15.77 -3.61 -1.70
CA PRO A 56 14.93 -4.56 -0.96
C PRO A 56 15.23 -4.60 0.54
N ASP A 57 16.20 -3.81 0.96
CA ASP A 57 16.58 -3.72 2.37
C ASP A 57 15.54 -2.91 3.11
N ALA A 58 14.95 -1.98 2.39
CA ALA A 58 13.93 -1.11 2.93
C ALA A 58 12.65 -1.88 3.23
N ARG A 59 12.06 -1.62 4.38
CA ARG A 59 10.84 -2.28 4.75
C ARG A 59 9.70 -1.43 4.30
N VAL A 60 8.66 -2.04 3.90
CA VAL A 60 7.52 -1.28 3.51
C VAL A 60 6.32 -1.61 4.34
N THR A 61 5.75 -0.59 4.91
CA THR A 61 4.59 -0.71 5.71
C THR A 61 3.39 -0.28 4.88
N ILE A 62 2.57 -1.23 4.52
CA ILE A 62 1.44 -0.96 3.70
C ILE A 62 0.22 -0.74 4.55
N ASN A 63 -0.27 0.46 4.55
CA ASN A 63 -1.41 0.84 5.35
C ASN A 63 -2.63 0.95 4.48
N GLY A 64 -3.66 0.23 4.84
CA GLY A 64 -4.88 0.26 4.08
C GLY A 64 -5.94 1.08 4.78
N TYR A 65 -6.96 1.47 4.07
CA TYR A 65 -8.04 2.24 4.66
C TYR A 65 -9.39 1.72 4.19
N THR A 66 -10.39 2.03 4.96
CA THR A 66 -11.77 1.70 4.65
C THR A 66 -12.66 2.87 5.05
N ASP A 67 -13.89 2.90 4.58
CA ASP A 67 -14.81 3.97 4.94
C ASP A 67 -15.40 3.73 6.33
N ASN A 68 -15.84 4.79 6.96
CA ASN A 68 -16.35 4.71 8.32
C ASN A 68 -17.85 4.44 8.37
N THR A 69 -18.46 4.27 7.19
CA THR A 69 -19.89 3.97 7.10
C THR A 69 -20.23 2.65 7.79
N GLY A 70 -19.21 1.84 8.01
CA GLY A 70 -19.38 0.56 8.65
C GLY A 70 -18.21 0.28 9.55
N SER A 71 -17.83 1.27 10.34
CA SER A 71 -16.68 1.14 11.21
C SER A 71 -17.09 0.49 12.52
N GLU A 72 -16.44 -0.62 12.83
CA GLU A 72 -16.77 -1.36 14.02
C GLU A 72 -15.64 -2.30 14.41
N GLY A 73 -15.10 -3.02 13.44
CA GLY A 73 -14.02 -3.94 13.74
C GLY A 73 -13.59 -4.74 12.54
N ILE A 74 -14.51 -4.94 11.63
CA ILE A 74 -14.24 -5.74 10.45
C ILE A 74 -13.33 -4.97 9.50
N ASN A 75 -13.33 -3.67 9.69
CA ASN A 75 -12.54 -2.76 8.87
C ASN A 75 -11.06 -3.04 9.02
N ILE A 76 -10.66 -3.40 10.23
CA ILE A 76 -9.27 -3.71 10.53
C ILE A 76 -8.74 -4.84 9.63
N PRO A 77 -9.27 -6.09 9.73
CA PRO A 77 -8.83 -7.21 8.90
C PRO A 77 -9.11 -6.96 7.41
N LEU A 78 -10.11 -6.13 7.12
CA LEU A 78 -10.42 -5.79 5.74
C LEU A 78 -9.33 -4.92 5.15
N SER A 79 -9.01 -3.87 5.85
CA SER A 79 -7.96 -2.97 5.47
C SER A 79 -6.64 -3.73 5.34
N ALA A 80 -6.43 -4.66 6.27
CA ALA A 80 -5.23 -5.47 6.25
C ALA A 80 -5.19 -6.38 5.03
N GLN A 81 -6.37 -6.83 4.62
CA GLN A 81 -6.48 -7.71 3.46
C GLN A 81 -6.12 -6.94 2.21
N ARG A 82 -6.69 -5.76 2.11
CA ARG A 82 -6.45 -4.87 0.99
C ARG A 82 -4.96 -4.51 0.87
N ALA A 83 -4.34 -4.18 2.01
CA ALA A 83 -2.91 -3.91 2.04
C ALA A 83 -2.13 -5.16 1.64
N LYS A 84 -2.62 -6.31 2.07
CA LYS A 84 -2.02 -7.59 1.77
C LYS A 84 -2.05 -7.86 0.26
N ILE A 85 -3.08 -7.34 -0.42
CA ILE A 85 -3.18 -7.49 -1.86
C ILE A 85 -1.94 -6.94 -2.54
N VAL A 86 -1.48 -5.80 -2.05
CA VAL A 86 -0.29 -5.17 -2.60
C VAL A 86 0.94 -6.00 -2.24
N ALA A 87 1.06 -6.39 -0.97
CA ALA A 87 2.18 -7.19 -0.50
C ALA A 87 2.30 -8.48 -1.31
N ASP A 88 1.16 -9.11 -1.54
CA ASP A 88 1.09 -10.36 -2.29
C ASP A 88 1.66 -10.16 -3.70
N TYR A 89 1.36 -9.00 -4.28
CA TYR A 89 1.84 -8.66 -5.60
C TYR A 89 3.32 -8.33 -5.59
N LEU A 90 3.74 -7.63 -4.55
CA LEU A 90 5.13 -7.23 -4.42
C LEU A 90 5.99 -8.49 -4.25
N VAL A 91 5.56 -9.37 -3.36
CA VAL A 91 6.25 -10.63 -3.14
C VAL A 91 6.26 -11.45 -4.43
N ALA A 92 5.14 -11.42 -5.15
CA ALA A 92 5.03 -12.14 -6.43
C ALA A 92 5.98 -11.54 -7.46
N ARG A 93 6.34 -10.28 -7.27
CA ARG A 93 7.27 -9.59 -8.15
C ARG A 93 8.71 -9.80 -7.70
N GLY A 94 8.90 -10.58 -6.66
CA GLY A 94 10.23 -10.86 -6.18
C GLY A 94 10.66 -10.00 -5.02
N VAL A 95 9.74 -9.31 -4.40
CA VAL A 95 10.08 -8.50 -3.24
C VAL A 95 9.98 -9.36 -1.98
N ALA A 96 10.92 -9.16 -1.07
CA ALA A 96 10.99 -9.94 0.15
C ALA A 96 9.80 -9.70 1.05
N GLY A 97 8.98 -10.75 1.22
CA GLY A 97 7.80 -10.66 2.06
C GLY A 97 8.13 -10.48 3.53
N ASP A 98 9.40 -10.65 3.88
CA ASP A 98 9.84 -10.49 5.26
C ASP A 98 10.14 -9.03 5.55
N HIS A 99 10.18 -8.24 4.49
CA HIS A 99 10.41 -6.80 4.63
C HIS A 99 9.17 -6.02 4.29
N ILE A 100 8.09 -6.73 3.98
CA ILE A 100 6.83 -6.09 3.69
C ILE A 100 5.87 -6.30 4.84
N ALA A 101 5.38 -5.21 5.38
CA ALA A 101 4.44 -5.26 6.49
C ALA A 101 3.08 -4.73 6.09
N THR A 102 2.04 -5.48 6.32
CA THR A 102 0.70 -5.07 5.98
C THR A 102 -0.07 -4.66 7.23
N VAL A 103 -0.61 -3.46 7.22
CA VAL A 103 -1.30 -2.94 8.38
C VAL A 103 -2.70 -2.46 8.05
N GLY A 104 -3.68 -3.15 8.57
CA GLY A 104 -5.05 -2.74 8.42
C GLY A 104 -5.47 -1.80 9.52
N LEU A 105 -5.58 -0.53 9.18
CA LEU A 105 -5.95 0.48 10.17
C LEU A 105 -7.44 0.73 10.14
N GLY A 106 -8.14 0.00 9.30
CA GLY A 106 -9.54 0.23 9.13
C GLY A 106 -9.82 1.61 8.60
N SER A 107 -10.69 2.32 9.27
CA SER A 107 -11.02 3.66 8.91
C SER A 107 -10.22 4.62 9.78
N VAL A 108 -9.46 5.51 9.15
CA VAL A 108 -8.66 6.45 9.89
C VAL A 108 -8.45 7.76 9.13
N ASN A 109 -7.84 7.69 7.96
CA ASN A 109 -7.58 8.88 7.18
C ASN A 109 -8.43 8.85 5.91
N PRO A 110 -9.60 9.46 5.95
CA PRO A 110 -10.51 9.50 4.83
C PRO A 110 -10.02 10.37 3.67
N ILE A 111 -10.75 10.31 2.58
CA ILE A 111 -10.43 11.06 1.37
C ILE A 111 -11.68 11.74 0.80
N ALA A 112 -12.75 10.97 0.67
CA ALA A 112 -13.98 11.50 0.15
C ALA A 112 -15.13 11.21 1.11
N SER A 113 -16.27 11.80 0.83
CA SER A 113 -17.45 11.62 1.66
C SER A 113 -17.94 10.17 1.62
N ASN A 114 -18.05 9.57 2.79
CA ASN A 114 -18.49 8.18 2.89
C ASN A 114 -20.00 8.07 2.77
N ALA A 115 -20.67 9.21 2.78
CA ALA A 115 -22.13 9.27 2.61
C ALA A 115 -22.52 8.71 1.25
N THR A 116 -21.59 8.74 0.32
CA THR A 116 -21.81 8.22 -1.00
C THR A 116 -20.87 7.09 -1.29
N PRO A 117 -21.39 6.06 -1.97
CA PRO A 117 -20.61 4.90 -2.36
C PRO A 117 -19.33 5.28 -3.10
N GLU A 118 -19.44 6.31 -3.94
CA GLU A 118 -18.30 6.85 -4.68
C GLU A 118 -17.15 7.19 -3.73
N GLY A 119 -17.46 7.96 -2.70
CA GLY A 119 -16.46 8.32 -1.73
C GLY A 119 -15.97 7.13 -0.96
N ARG A 120 -16.87 6.21 -0.65
CA ARG A 120 -16.52 4.98 0.04
C ARG A 120 -15.52 4.18 -0.78
N ALA A 121 -15.69 4.21 -2.09
CA ALA A 121 -14.82 3.51 -3.02
C ALA A 121 -13.42 4.10 -2.96
N LYS A 122 -13.34 5.38 -2.67
CA LYS A 122 -12.07 6.06 -2.57
C LYS A 122 -11.41 5.81 -1.22
N ASN A 123 -12.19 5.90 -0.15
CA ASN A 123 -11.69 5.70 1.22
C ASN A 123 -11.05 4.34 1.44
N ARG A 124 -11.46 3.36 0.67
CA ARG A 124 -10.94 2.00 0.85
C ARG A 124 -9.59 1.80 0.14
N ARG A 125 -8.99 2.88 -0.32
CA ARG A 125 -7.65 2.87 -0.92
C ARG A 125 -6.57 2.32 0.06
N VAL A 126 -5.34 2.26 -0.44
CA VAL A 126 -4.19 1.76 0.33
C VAL A 126 -2.94 2.61 0.06
N GLU A 127 -2.05 2.74 1.04
CA GLU A 127 -0.83 3.53 0.89
C GLU A 127 0.39 2.75 1.36
N ILE A 128 1.52 2.99 0.72
CA ILE A 128 2.75 2.29 1.06
C ILE A 128 3.75 3.24 1.74
N VAL A 129 4.12 2.91 2.96
CA VAL A 129 5.09 3.70 3.72
C VAL A 129 6.42 2.95 3.80
N VAL A 130 7.51 3.65 3.56
CA VAL A 130 8.83 3.02 3.57
C VAL A 130 9.52 3.15 4.92
N ASN A 131 10.09 2.04 5.36
CA ASN A 131 10.83 1.95 6.61
C ASN A 131 12.28 1.51 6.35
N GLY A 1 7.81 -6.71 19.65
CA GLY A 1 9.22 -6.33 19.89
C GLY A 1 9.46 -4.86 19.65
N GLN A 2 10.61 -4.38 20.07
CA GLN A 2 10.96 -2.99 19.90
C GLN A 2 11.44 -2.72 18.49
N ALA A 3 10.62 -2.09 17.70
CA ALA A 3 10.95 -1.78 16.33
C ALA A 3 11.17 -0.28 16.16
N PRO A 4 12.26 0.11 15.47
CA PRO A 4 12.58 1.52 15.23
C PRO A 4 11.48 2.23 14.42
N PRO A 5 10.77 3.19 15.04
CA PRO A 5 9.70 3.92 14.39
C PRO A 5 10.22 5.08 13.55
N GLY A 6 11.33 4.86 12.86
CA GLY A 6 11.91 5.90 12.06
C GLY A 6 13.36 5.60 11.73
N PRO A 7 13.77 5.80 10.47
CA PRO A 7 15.14 5.56 10.06
C PRO A 7 16.06 6.70 10.50
N PRO A 8 17.36 6.41 10.71
CA PRO A 8 18.34 7.43 11.11
C PRO A 8 18.39 8.58 10.10
N ALA A 9 18.69 9.78 10.59
CA ALA A 9 18.73 10.99 9.77
C ALA A 9 19.96 11.04 8.86
N SER A 10 20.46 9.88 8.53
CA SER A 10 21.62 9.75 7.69
C SER A 10 21.21 9.38 6.26
N GLY A 11 19.91 9.15 6.08
CA GLY A 11 19.39 8.76 4.78
C GLY A 11 19.87 7.38 4.38
N PRO A 12 19.37 6.32 5.05
CA PRO A 12 19.80 4.95 4.78
C PRO A 12 19.21 4.37 3.49
N CYS A 13 18.07 4.90 3.07
CA CYS A 13 17.41 4.41 1.88
C CYS A 13 16.78 5.55 1.11
N ALA A 14 16.60 5.36 -0.18
CA ALA A 14 15.96 6.35 -1.03
C ALA A 14 14.50 6.54 -0.67
N ASP A 15 13.88 7.56 -1.23
CA ASP A 15 12.49 7.86 -0.95
C ASP A 15 11.61 7.01 -1.84
N LEU A 16 11.47 5.75 -1.46
CA LEU A 16 10.72 4.81 -2.25
C LEU A 16 9.25 5.17 -2.25
N GLN A 17 8.77 5.79 -1.16
CA GLN A 17 7.37 6.18 -1.07
C GLN A 17 7.02 7.18 -2.15
N SER A 18 7.89 8.17 -2.35
CA SER A 18 7.68 9.17 -3.33
C SER A 18 7.80 8.56 -4.73
N ALA A 19 8.73 7.62 -4.85
CA ALA A 19 8.97 6.92 -6.11
C ALA A 19 7.76 6.10 -6.52
N ILE A 20 7.26 5.27 -5.61
CA ILE A 20 6.10 4.44 -5.89
C ILE A 20 4.84 5.27 -6.04
N ASN A 21 4.70 6.30 -5.19
CA ASN A 21 3.53 7.20 -5.24
C ASN A 21 3.43 7.86 -6.62
N ALA A 22 4.59 8.09 -7.23
CA ALA A 22 4.64 8.69 -8.56
C ALA A 22 4.07 7.74 -9.61
N VAL A 23 4.24 6.44 -9.41
CA VAL A 23 3.74 5.45 -10.35
C VAL A 23 2.30 5.11 -10.06
N THR A 24 2.00 4.84 -8.79
CA THR A 24 0.67 4.49 -8.38
C THR A 24 -0.28 5.64 -8.65
N GLY A 25 0.25 6.84 -8.53
CA GLY A 25 -0.52 8.02 -8.75
C GLY A 25 -1.24 8.43 -7.49
N GLY A 26 -0.69 7.96 -6.38
CA GLY A 26 -1.27 8.22 -5.10
C GLY A 26 -1.54 6.94 -4.38
N PRO A 27 -2.77 6.72 -3.91
CA PRO A 27 -3.14 5.49 -3.25
C PRO A 27 -3.53 4.41 -4.24
N ILE A 28 -3.58 3.19 -3.76
CA ILE A 28 -3.99 2.08 -4.60
C ILE A 28 -5.48 2.14 -4.87
N ALA A 29 -5.81 2.67 -6.03
CA ALA A 29 -7.19 2.75 -6.45
C ALA A 29 -7.67 1.41 -6.97
N PHE A 30 -8.91 1.11 -6.71
CA PHE A 30 -9.51 -0.12 -7.15
C PHE A 30 -10.56 0.14 -8.22
N GLY A 31 -10.61 -0.76 -9.19
CA GLY A 31 -11.60 -0.66 -10.25
C GLY A 31 -12.73 -1.61 -9.98
N ASN A 32 -12.53 -2.40 -8.94
CA ASN A 32 -13.45 -3.40 -8.47
C ASN A 32 -13.04 -3.79 -7.08
N ASP A 33 -13.94 -4.37 -6.32
CA ASP A 33 -13.62 -4.72 -4.94
C ASP A 33 -13.47 -6.21 -4.76
N GLY A 34 -12.23 -6.67 -4.82
CA GLY A 34 -11.93 -8.06 -4.59
C GLY A 34 -12.28 -8.95 -5.76
N ALA A 35 -12.30 -8.38 -6.96
CA ALA A 35 -12.60 -9.14 -8.15
C ALA A 35 -11.39 -9.13 -9.09
N SER A 36 -11.61 -9.50 -10.34
CA SER A 36 -10.54 -9.53 -11.32
C SER A 36 -10.16 -8.12 -11.75
N LEU A 37 -8.88 -7.79 -11.63
CA LEU A 37 -8.41 -6.47 -12.02
C LEU A 37 -8.28 -6.37 -13.53
N ILE A 38 -9.27 -5.74 -14.14
CA ILE A 38 -9.29 -5.53 -15.58
C ILE A 38 -8.32 -4.41 -16.01
N PRO A 39 -8.33 -3.22 -15.31
CA PRO A 39 -7.42 -2.11 -15.63
C PRO A 39 -5.96 -2.55 -15.69
N ALA A 40 -5.24 -2.03 -16.67
CA ALA A 40 -3.82 -2.35 -16.86
C ALA A 40 -2.95 -1.78 -15.74
N ASP A 41 -3.59 -1.14 -14.77
CA ASP A 41 -2.91 -0.55 -13.63
C ASP A 41 -2.25 -1.60 -12.76
N TYR A 42 -2.54 -2.88 -13.04
CA TYR A 42 -1.93 -3.97 -12.30
C TYR A 42 -0.43 -4.00 -12.54
N GLU A 43 0.01 -3.42 -13.66
CA GLU A 43 1.43 -3.36 -14.00
C GLU A 43 2.18 -2.45 -13.04
N ILE A 44 1.44 -1.58 -12.34
CA ILE A 44 2.05 -0.67 -11.40
C ILE A 44 2.70 -1.46 -10.27
N LEU A 45 2.13 -2.62 -9.94
CA LEU A 45 2.70 -3.49 -8.93
C LEU A 45 4.09 -3.96 -9.36
N ASN A 46 4.27 -4.12 -10.65
CA ASN A 46 5.56 -4.54 -11.21
C ASN A 46 6.51 -3.36 -11.27
N ARG A 47 5.95 -2.20 -11.58
CA ARG A 47 6.70 -0.97 -11.65
C ARG A 47 7.19 -0.55 -10.25
N VAL A 48 6.33 -0.73 -9.27
CA VAL A 48 6.64 -0.46 -7.86
C VAL A 48 7.79 -1.33 -7.40
N ALA A 49 7.82 -2.58 -7.88
CA ALA A 49 8.86 -3.52 -7.51
C ALA A 49 10.24 -2.99 -7.87
N ASP A 50 10.32 -2.31 -9.01
CA ASP A 50 11.55 -1.68 -9.50
C ASP A 50 12.28 -0.89 -8.42
N LYS A 51 11.56 -0.04 -7.72
CA LYS A 51 12.18 0.80 -6.71
C LYS A 51 12.33 0.08 -5.40
N LEU A 52 11.59 -1.00 -5.21
CA LEU A 52 11.69 -1.75 -3.98
C LEU A 52 12.85 -2.72 -4.11
N LYS A 53 13.14 -3.06 -5.36
CA LYS A 53 14.24 -3.94 -5.71
C LYS A 53 15.56 -3.19 -5.56
N ALA A 54 15.50 -1.88 -5.75
CA ALA A 54 16.68 -1.02 -5.67
C ALA A 54 17.17 -0.91 -4.24
N CYS A 55 16.24 -0.78 -3.32
CA CYS A 55 16.57 -0.67 -1.92
C CYS A 55 15.68 -1.61 -1.10
N PRO A 56 15.91 -2.93 -1.21
CA PRO A 56 15.09 -3.94 -0.52
C PRO A 56 15.40 -4.04 0.96
N ASP A 57 16.30 -3.19 1.43
CA ASP A 57 16.67 -3.15 2.84
C ASP A 57 15.57 -2.44 3.62
N ALA A 58 14.95 -1.50 2.94
CA ALA A 58 13.89 -0.69 3.52
C ALA A 58 12.68 -1.52 3.86
N ARG A 59 12.01 -1.15 4.93
CA ARG A 59 10.80 -1.82 5.33
C ARG A 59 9.61 -1.03 4.89
N VAL A 60 8.68 -1.68 4.29
CA VAL A 60 7.51 -1.01 3.81
C VAL A 60 6.27 -1.46 4.54
N THR A 61 5.50 -0.51 4.99
CA THR A 61 4.30 -0.78 5.71
C THR A 61 3.10 -0.47 4.83
N ILE A 62 2.38 -1.49 4.45
CA ILE A 62 1.23 -1.32 3.61
C ILE A 62 0.01 -1.19 4.48
N ASN A 63 -0.61 -0.04 4.42
CA ASN A 63 -1.74 0.27 5.25
C ASN A 63 -3.01 0.27 4.46
N GLY A 64 -3.99 -0.47 4.92
CA GLY A 64 -5.27 -0.48 4.26
C GLY A 64 -6.24 0.42 4.96
N TYR A 65 -7.16 0.99 4.22
CA TYR A 65 -8.15 1.86 4.83
C TYR A 65 -9.53 1.48 4.35
N THR A 66 -10.53 1.94 5.05
CA THR A 66 -11.91 1.70 4.71
C THR A 66 -12.78 2.74 5.37
N ASP A 67 -13.92 3.02 4.75
CA ASP A 67 -14.83 4.03 5.27
C ASP A 67 -15.36 3.64 6.65
N ASN A 68 -15.75 4.64 7.41
CA ASN A 68 -16.18 4.46 8.79
C ASN A 68 -17.67 4.21 8.87
N THR A 69 -18.31 4.08 7.70
CA THR A 69 -19.74 3.79 7.65
C THR A 69 -20.01 2.36 8.11
N GLY A 70 -18.95 1.55 8.19
CA GLY A 70 -19.10 0.18 8.63
C GLY A 70 -19.33 0.13 10.12
N SER A 71 -19.66 -1.05 10.63
CA SER A 71 -19.91 -1.20 12.05
C SER A 71 -18.61 -1.04 12.84
N GLU A 72 -17.84 -2.13 12.94
CA GLU A 72 -16.56 -2.13 13.65
C GLU A 72 -15.99 -3.55 13.67
N GLY A 73 -14.72 -3.65 14.06
CA GLY A 73 -14.10 -4.95 14.21
C GLY A 73 -13.66 -5.58 12.91
N ILE A 74 -14.55 -5.61 11.94
CA ILE A 74 -14.30 -6.29 10.67
C ILE A 74 -13.38 -5.45 9.80
N ASN A 75 -13.36 -4.18 10.08
CA ASN A 75 -12.54 -3.23 9.34
C ASN A 75 -11.06 -3.52 9.53
N ILE A 76 -10.69 -4.01 10.70
CA ILE A 76 -9.31 -4.35 11.00
C ILE A 76 -8.78 -5.47 10.06
N PRO A 77 -9.35 -6.71 10.12
CA PRO A 77 -8.92 -7.81 9.25
C PRO A 77 -9.11 -7.48 7.78
N LEU A 78 -10.13 -6.67 7.48
CA LEU A 78 -10.38 -6.26 6.11
C LEU A 78 -9.25 -5.39 5.60
N SER A 79 -8.93 -4.38 6.37
CA SER A 79 -7.87 -3.46 6.05
C SER A 79 -6.55 -4.23 5.85
N ALA A 80 -6.35 -5.24 6.70
CA ALA A 80 -5.15 -6.06 6.64
C ALA A 80 -5.16 -6.96 5.41
N GLN A 81 -6.35 -7.31 4.96
CA GLN A 81 -6.50 -8.19 3.82
C GLN A 81 -6.17 -7.44 2.55
N ARG A 82 -6.69 -6.23 2.45
CA ARG A 82 -6.47 -5.39 1.29
C ARG A 82 -4.99 -5.05 1.11
N ALA A 83 -4.31 -4.78 2.23
CA ALA A 83 -2.88 -4.52 2.20
C ALA A 83 -2.10 -5.77 1.76
N LYS A 84 -2.58 -6.94 2.18
CA LYS A 84 -1.96 -8.22 1.83
C LYS A 84 -1.93 -8.41 0.32
N ILE A 85 -2.99 -7.93 -0.35
CA ILE A 85 -3.10 -8.04 -1.81
C ILE A 85 -1.88 -7.44 -2.49
N VAL A 86 -1.48 -6.26 -2.04
CA VAL A 86 -0.34 -5.58 -2.63
C VAL A 86 0.95 -6.32 -2.32
N ALA A 87 1.12 -6.71 -1.05
CA ALA A 87 2.32 -7.42 -0.62
C ALA A 87 2.54 -8.66 -1.45
N ASP A 88 1.47 -9.40 -1.68
CA ASP A 88 1.53 -10.64 -2.45
C ASP A 88 2.04 -10.37 -3.87
N TYR A 89 1.65 -9.24 -4.41
CA TYR A 89 2.08 -8.83 -5.74
C TYR A 89 3.52 -8.38 -5.73
N LEU A 90 3.90 -7.65 -4.68
CA LEU A 90 5.25 -7.15 -4.55
C LEU A 90 6.21 -8.32 -4.40
N VAL A 91 5.89 -9.21 -3.48
CA VAL A 91 6.70 -10.41 -3.25
C VAL A 91 6.78 -11.24 -4.53
N ALA A 92 5.67 -11.31 -5.25
CA ALA A 92 5.61 -12.03 -6.52
C ALA A 92 6.58 -11.42 -7.52
N ARG A 93 6.80 -10.13 -7.39
CA ARG A 93 7.68 -9.40 -8.28
C ARG A 93 9.14 -9.44 -7.80
N GLY A 94 9.38 -10.24 -6.78
CA GLY A 94 10.72 -10.40 -6.30
C GLY A 94 11.06 -9.53 -5.11
N VAL A 95 10.08 -8.88 -4.52
CA VAL A 95 10.34 -8.05 -3.35
C VAL A 95 10.33 -8.92 -2.10
N ALA A 96 11.25 -8.65 -1.20
CA ALA A 96 11.41 -9.43 0.02
C ALA A 96 10.18 -9.31 0.93
N GLY A 97 9.46 -10.42 1.06
CA GLY A 97 8.27 -10.46 1.88
C GLY A 97 8.54 -10.10 3.32
N ASP A 98 9.70 -10.50 3.83
CA ASP A 98 10.08 -10.22 5.22
C ASP A 98 10.38 -8.74 5.44
N HIS A 99 10.50 -7.98 4.35
CA HIS A 99 10.75 -6.54 4.46
C HIS A 99 9.46 -5.78 4.22
N ILE A 100 8.39 -6.52 3.92
CA ILE A 100 7.10 -5.92 3.68
C ILE A 100 6.17 -6.22 4.86
N ALA A 101 5.55 -5.19 5.37
CA ALA A 101 4.62 -5.34 6.48
C ALA A 101 3.22 -4.93 6.07
N THR A 102 2.28 -5.82 6.26
CA THR A 102 0.90 -5.56 5.93
C THR A 102 0.06 -5.43 7.17
N VAL A 103 -0.53 -4.29 7.36
CA VAL A 103 -1.30 -4.04 8.53
C VAL A 103 -2.71 -3.68 8.18
N GLY A 104 -3.58 -3.77 9.16
CA GLY A 104 -4.95 -3.42 8.97
C GLY A 104 -5.37 -2.48 10.06
N LEU A 105 -5.48 -1.22 9.72
CA LEU A 105 -5.79 -0.21 10.69
C LEU A 105 -7.28 -0.01 10.86
N GLY A 106 -8.02 -0.23 9.79
CA GLY A 106 -9.44 -0.03 9.84
C GLY A 106 -9.84 1.21 9.10
N SER A 107 -10.48 2.10 9.80
CA SER A 107 -10.89 3.35 9.21
C SER A 107 -9.98 4.46 9.70
N VAL A 108 -9.31 5.12 8.77
CA VAL A 108 -8.38 6.17 9.08
C VAL A 108 -7.80 6.68 7.78
N ASN A 109 -7.40 7.94 7.79
CA ASN A 109 -6.69 8.54 6.67
C ASN A 109 -7.59 8.64 5.43
N PRO A 110 -8.46 9.65 5.42
CA PRO A 110 -9.41 9.84 4.34
C PRO A 110 -8.79 10.45 3.09
N ILE A 111 -9.34 10.10 1.95
CA ILE A 111 -8.91 10.61 0.68
C ILE A 111 -9.96 11.58 0.12
N ALA A 112 -11.23 11.24 0.30
CA ALA A 112 -12.29 12.06 -0.23
C ALA A 112 -13.43 12.17 0.76
N SER A 113 -14.40 13.00 0.41
CA SER A 113 -15.55 13.23 1.23
C SER A 113 -16.51 12.06 1.18
N ASN A 114 -16.91 11.58 2.36
CA ASN A 114 -17.83 10.48 2.47
C ASN A 114 -19.26 10.94 2.27
N ALA A 115 -19.42 12.27 2.19
CA ALA A 115 -20.71 12.88 1.91
C ALA A 115 -21.28 12.36 0.59
N THR A 116 -20.40 11.81 -0.22
CA THR A 116 -20.77 11.22 -1.47
C THR A 116 -20.19 9.80 -1.53
N PRO A 117 -20.94 8.85 -2.09
CA PRO A 117 -20.53 7.44 -2.20
C PRO A 117 -19.18 7.29 -2.92
N GLU A 118 -18.84 8.30 -3.71
CA GLU A 118 -17.56 8.33 -4.43
C GLU A 118 -16.41 8.28 -3.46
N GLY A 119 -16.49 9.09 -2.41
CA GLY A 119 -15.44 9.16 -1.44
C GLY A 119 -15.29 7.87 -0.66
N ARG A 120 -16.42 7.26 -0.34
CA ARG A 120 -16.44 5.99 0.36
C ARG A 120 -15.73 4.92 -0.48
N ALA A 121 -15.92 5.01 -1.80
CA ALA A 121 -15.32 4.07 -2.73
C ALA A 121 -13.81 4.27 -2.81
N LYS A 122 -13.36 5.50 -2.57
CA LYS A 122 -11.94 5.80 -2.62
C LYS A 122 -11.27 5.55 -1.27
N ASN A 123 -12.00 5.82 -0.19
CA ASN A 123 -11.48 5.68 1.16
C ASN A 123 -11.17 4.23 1.53
N ARG A 124 -11.68 3.31 0.76
CA ARG A 124 -11.42 1.88 1.00
C ARG A 124 -10.14 1.43 0.27
N ARG A 125 -9.35 2.41 -0.14
CA ARG A 125 -8.06 2.21 -0.80
C ARG A 125 -7.03 1.50 0.11
N VAL A 126 -5.81 1.44 -0.41
CA VAL A 126 -4.66 0.88 0.27
C VAL A 126 -3.45 1.75 -0.08
N GLU A 127 -2.53 1.93 0.86
CA GLU A 127 -1.36 2.75 0.59
C GLU A 127 -0.09 2.10 1.09
N ILE A 128 0.98 2.32 0.36
CA ILE A 128 2.26 1.76 0.71
C ILE A 128 3.13 2.82 1.36
N VAL A 129 3.45 2.60 2.61
CA VAL A 129 4.27 3.53 3.35
C VAL A 129 5.66 2.96 3.51
N VAL A 130 6.65 3.78 3.31
CA VAL A 130 8.01 3.34 3.44
C VAL A 130 8.57 3.80 4.77
N ASN A 131 9.27 2.91 5.43
CA ASN A 131 9.88 3.22 6.71
C ASN A 131 11.19 3.96 6.49
N GLY A 1 31.82 13.08 4.89
CA GLY A 1 30.54 12.51 5.32
C GLY A 1 29.59 13.57 5.81
N GLN A 2 28.64 13.19 6.65
CA GLN A 2 27.66 14.11 7.18
C GLN A 2 27.75 14.19 8.69
N ALA A 3 28.86 13.67 9.23
CA ALA A 3 29.07 13.59 10.68
C ALA A 3 27.99 12.74 11.33
N PRO A 4 28.26 11.43 11.48
CA PRO A 4 27.29 10.48 12.05
C PRO A 4 26.76 10.92 13.40
N PRO A 5 25.45 11.17 13.51
CA PRO A 5 24.83 11.59 14.76
C PRO A 5 24.66 10.40 15.70
N GLY A 6 25.71 10.10 16.44
CA GLY A 6 25.71 8.97 17.31
C GLY A 6 26.09 7.72 16.56
N PRO A 7 25.41 6.59 16.80
CA PRO A 7 25.66 5.36 16.08
C PRO A 7 25.09 5.42 14.66
N PRO A 8 25.94 5.31 13.63
CA PRO A 8 25.51 5.39 12.23
C PRO A 8 24.64 4.19 11.84
N ALA A 9 23.69 4.42 10.93
CA ALA A 9 22.78 3.39 10.46
C ALA A 9 23.49 2.44 9.49
N SER A 10 24.73 2.78 9.15
CA SER A 10 25.59 1.97 8.27
C SER A 10 25.14 2.07 6.81
N GLY A 11 23.87 1.75 6.55
CA GLY A 11 23.36 1.79 5.21
C GLY A 11 21.92 2.22 5.15
N PRO A 12 21.65 3.53 5.02
CA PRO A 12 20.29 4.05 4.88
C PRO A 12 19.70 3.69 3.52
N CYS A 13 18.40 3.76 3.40
CA CYS A 13 17.74 3.42 2.14
C CYS A 13 17.18 4.67 1.46
N ALA A 14 17.02 4.57 0.14
CA ALA A 14 16.47 5.67 -0.66
C ALA A 14 14.99 5.88 -0.34
N ASP A 15 14.47 7.05 -0.74
CA ASP A 15 13.06 7.35 -0.52
C ASP A 15 12.21 6.65 -1.52
N LEU A 16 11.94 5.40 -1.26
CA LEU A 16 11.18 4.60 -2.16
C LEU A 16 9.74 5.06 -2.22
N GLN A 17 9.26 5.70 -1.16
CA GLN A 17 7.89 6.17 -1.12
C GLN A 17 7.69 7.31 -2.10
N SER A 18 8.70 8.17 -2.21
CA SER A 18 8.61 9.29 -3.12
C SER A 18 8.86 8.77 -4.54
N ALA A 19 9.69 7.74 -4.62
CA ALA A 19 10.00 7.10 -5.88
C ALA A 19 8.78 6.38 -6.45
N ILE A 20 8.11 5.57 -5.62
CA ILE A 20 6.93 4.84 -6.06
C ILE A 20 5.75 5.79 -6.29
N ASN A 21 5.70 6.86 -5.49
CA ASN A 21 4.66 7.89 -5.63
C ASN A 21 4.64 8.44 -7.06
N ALA A 22 5.81 8.52 -7.66
CA ALA A 22 5.95 9.00 -9.01
C ALA A 22 5.20 8.11 -10.00
N VAL A 23 5.12 6.83 -9.69
CA VAL A 23 4.47 5.88 -10.57
C VAL A 23 3.01 5.73 -10.21
N THR A 24 2.74 5.52 -8.92
CA THR A 24 1.38 5.33 -8.45
C THR A 24 0.55 6.55 -8.70
N GLY A 25 1.13 7.70 -8.42
CA GLY A 25 0.42 8.94 -8.56
C GLY A 25 -0.47 9.20 -7.37
N GLY A 26 -0.17 8.53 -6.27
CA GLY A 26 -0.95 8.67 -5.08
C GLY A 26 -1.27 7.33 -4.46
N PRO A 27 -2.52 7.14 -3.99
CA PRO A 27 -2.93 5.90 -3.37
C PRO A 27 -3.31 4.83 -4.38
N ILE A 28 -3.35 3.59 -3.93
CA ILE A 28 -3.72 2.47 -4.76
C ILE A 28 -5.23 2.40 -4.93
N ALA A 29 -5.70 2.81 -6.09
CA ALA A 29 -7.11 2.76 -6.41
C ALA A 29 -7.44 1.50 -7.19
N PHE A 30 -8.36 0.72 -6.68
CA PHE A 30 -8.77 -0.52 -7.32
C PHE A 30 -9.90 -0.26 -8.31
N GLY A 31 -10.21 -1.26 -9.14
CA GLY A 31 -11.30 -1.13 -10.09
C GLY A 31 -12.63 -0.90 -9.40
N ASN A 32 -13.09 -1.90 -8.69
CA ASN A 32 -14.32 -1.77 -7.91
C ASN A 32 -13.96 -1.75 -6.43
N ASP A 33 -13.69 -2.94 -5.89
CA ASP A 33 -13.29 -3.07 -4.48
C ASP A 33 -13.02 -4.53 -4.13
N GLY A 34 -11.77 -4.82 -3.81
CA GLY A 34 -11.39 -6.17 -3.41
C GLY A 34 -11.54 -7.19 -4.52
N ALA A 35 -11.68 -6.73 -5.75
CA ALA A 35 -11.85 -7.63 -6.88
C ALA A 35 -10.54 -7.76 -7.63
N SER A 36 -10.48 -8.72 -8.52
CA SER A 36 -9.30 -8.97 -9.32
C SER A 36 -8.92 -7.73 -10.12
N LEU A 37 -7.63 -7.52 -10.29
CA LEU A 37 -7.14 -6.38 -11.03
C LEU A 37 -7.16 -6.67 -12.52
N ILE A 38 -8.32 -6.46 -13.12
CA ILE A 38 -8.50 -6.65 -14.54
C ILE A 38 -7.82 -5.52 -15.33
N PRO A 39 -8.05 -4.22 -14.96
CA PRO A 39 -7.41 -3.08 -15.64
C PRO A 39 -5.89 -3.22 -15.66
N ALA A 40 -5.27 -2.78 -16.74
CA ALA A 40 -3.82 -2.87 -16.90
C ALA A 40 -3.07 -1.87 -16.01
N ASP A 41 -3.73 -1.37 -15.00
CA ASP A 41 -3.13 -0.41 -14.09
C ASP A 41 -2.21 -1.10 -13.09
N TYR A 42 -2.38 -2.42 -12.96
CA TYR A 42 -1.60 -3.22 -12.02
C TYR A 42 -0.10 -3.18 -12.34
N GLU A 43 0.25 -2.69 -13.54
CA GLU A 43 1.65 -2.59 -13.93
C GLU A 43 2.39 -1.61 -13.03
N ILE A 44 1.63 -0.71 -12.40
CA ILE A 44 2.20 0.24 -11.47
C ILE A 44 2.83 -0.51 -10.30
N LEU A 45 2.16 -1.58 -9.88
CA LEU A 45 2.65 -2.40 -8.79
C LEU A 45 3.95 -3.10 -9.18
N ASN A 46 4.09 -3.41 -10.47
CA ASN A 46 5.31 -4.02 -10.97
C ASN A 46 6.42 -2.98 -10.98
N ARG A 47 6.06 -1.76 -11.34
CA ARG A 47 6.98 -0.67 -11.37
C ARG A 47 7.44 -0.34 -9.95
N VAL A 48 6.46 -0.25 -9.05
CA VAL A 48 6.71 0.00 -7.63
C VAL A 48 7.62 -1.07 -7.02
N ALA A 49 7.32 -2.30 -7.34
CA ALA A 49 8.06 -3.45 -6.81
C ALA A 49 9.52 -3.40 -7.23
N ASP A 50 9.78 -2.92 -8.44
CA ASP A 50 11.14 -2.83 -8.97
C ASP A 50 12.08 -2.07 -8.06
N LYS A 51 11.66 -0.90 -7.59
CA LYS A 51 12.52 -0.12 -6.74
C LYS A 51 12.58 -0.70 -5.34
N LEU A 52 11.51 -1.35 -4.90
CA LEU A 52 11.51 -1.98 -3.60
C LEU A 52 12.51 -3.12 -3.58
N LYS A 53 12.63 -3.78 -4.72
CA LYS A 53 13.56 -4.87 -4.91
C LYS A 53 15.00 -4.35 -4.99
N ALA A 54 15.17 -3.09 -5.39
CA ALA A 54 16.49 -2.47 -5.48
C ALA A 54 17.06 -2.20 -4.10
N CYS A 55 16.20 -1.80 -3.18
CA CYS A 55 16.60 -1.54 -1.82
C CYS A 55 15.72 -2.37 -0.86
N PRO A 56 15.87 -3.71 -0.88
CA PRO A 56 15.06 -4.62 -0.07
C PRO A 56 15.43 -4.63 1.41
N ASP A 57 16.37 -3.77 1.78
CA ASP A 57 16.78 -3.66 3.18
C ASP A 57 15.71 -2.91 3.94
N ALA A 58 15.08 -2.00 3.23
CA ALA A 58 14.01 -1.18 3.78
C ALA A 58 12.73 -1.96 3.95
N ARG A 59 11.97 -1.59 4.96
CA ARG A 59 10.68 -2.19 5.19
C ARG A 59 9.61 -1.27 4.69
N VAL A 60 8.62 -1.82 4.08
CA VAL A 60 7.52 -1.04 3.60
C VAL A 60 6.26 -1.39 4.32
N THR A 61 5.59 -0.38 4.80
CA THR A 61 4.37 -0.55 5.53
C THR A 61 3.21 -0.15 4.65
N ILE A 62 2.44 -1.14 4.26
CA ILE A 62 1.32 -0.90 3.42
C ILE A 62 0.10 -0.70 4.28
N ASN A 63 -0.39 0.50 4.29
CA ASN A 63 -1.52 0.86 5.11
C ASN A 63 -2.77 0.87 4.30
N GLY A 64 -3.76 0.14 4.74
CA GLY A 64 -5.01 0.09 4.04
C GLY A 64 -6.06 0.90 4.74
N TYR A 65 -7.07 1.28 4.02
CA TYR A 65 -8.17 2.03 4.60
C TYR A 65 -9.51 1.45 4.19
N THR A 66 -10.55 1.86 4.89
CA THR A 66 -11.90 1.44 4.59
C THR A 66 -12.86 2.58 4.86
N ASP A 67 -14.10 2.40 4.43
CA ASP A 67 -15.14 3.38 4.69
C ASP A 67 -15.72 3.11 6.07
N ASN A 68 -16.35 4.11 6.68
CA ASN A 68 -16.93 3.96 8.02
C ASN A 68 -18.23 3.17 8.01
N THR A 69 -18.53 2.51 6.89
CA THR A 69 -19.71 1.65 6.78
C THR A 69 -19.78 0.62 7.92
N GLY A 70 -18.63 0.34 8.51
CA GLY A 70 -18.57 -0.57 9.63
C GLY A 70 -17.75 0.02 10.75
N SER A 71 -18.18 -0.22 11.98
CA SER A 71 -17.44 0.24 13.16
C SER A 71 -16.01 -0.35 13.15
N GLU A 72 -15.08 0.35 13.80
CA GLU A 72 -13.70 -0.12 13.86
C GLU A 72 -13.63 -1.50 14.50
N GLY A 73 -12.57 -2.22 14.21
CA GLY A 73 -12.44 -3.56 14.71
C GLY A 73 -12.56 -4.55 13.60
N ILE A 74 -13.62 -4.45 12.82
CA ILE A 74 -13.83 -5.33 11.70
C ILE A 74 -13.09 -4.80 10.50
N ASN A 75 -13.03 -3.49 10.44
CA ASN A 75 -12.32 -2.78 9.38
C ASN A 75 -10.85 -3.11 9.42
N ILE A 76 -10.34 -3.44 10.60
CA ILE A 76 -8.94 -3.76 10.79
C ILE A 76 -8.52 -4.95 9.88
N PRO A 77 -9.07 -6.18 10.10
CA PRO A 77 -8.75 -7.33 9.26
C PRO A 77 -9.08 -7.08 7.79
N LEU A 78 -10.17 -6.35 7.54
CA LEU A 78 -10.57 -6.02 6.17
C LEU A 78 -9.51 -5.18 5.48
N SER A 79 -9.14 -4.10 6.10
CA SER A 79 -8.10 -3.22 5.59
C SER A 79 -6.79 -3.99 5.40
N ALA A 80 -6.53 -4.94 6.29
CA ALA A 80 -5.32 -5.74 6.23
C ALA A 80 -5.35 -6.66 5.02
N GLN A 81 -6.54 -6.94 4.53
CA GLN A 81 -6.72 -7.78 3.36
C GLN A 81 -6.24 -7.01 2.12
N ARG A 82 -6.78 -5.82 1.96
CA ARG A 82 -6.44 -4.96 0.83
C ARG A 82 -4.94 -4.68 0.77
N ALA A 83 -4.33 -4.38 1.92
CA ALA A 83 -2.90 -4.15 1.97
C ALA A 83 -2.14 -5.42 1.58
N LYS A 84 -2.68 -6.57 1.95
CA LYS A 84 -2.06 -7.84 1.63
C LYS A 84 -2.10 -8.11 0.14
N ILE A 85 -3.14 -7.60 -0.51
CA ILE A 85 -3.28 -7.76 -1.96
C ILE A 85 -2.09 -7.13 -2.67
N VAL A 86 -1.72 -5.93 -2.23
CA VAL A 86 -0.58 -5.24 -2.79
C VAL A 86 0.70 -5.99 -2.49
N ALA A 87 0.87 -6.38 -1.22
CA ALA A 87 2.07 -7.12 -0.80
C ALA A 87 2.22 -8.40 -1.60
N ASP A 88 1.11 -9.06 -1.84
CA ASP A 88 1.08 -10.31 -2.58
C ASP A 88 1.64 -10.08 -3.98
N TYR A 89 1.24 -8.98 -4.58
CA TYR A 89 1.69 -8.59 -5.91
C TYR A 89 3.16 -8.24 -5.90
N LEU A 90 3.57 -7.49 -4.88
CA LEU A 90 4.96 -7.06 -4.77
C LEU A 90 5.87 -8.26 -4.61
N VAL A 91 5.48 -9.17 -3.73
CA VAL A 91 6.23 -10.39 -3.50
C VAL A 91 6.30 -11.22 -4.78
N ALA A 92 5.18 -11.26 -5.51
CA ALA A 92 5.12 -12.00 -6.76
C ALA A 92 6.07 -11.38 -7.79
N ARG A 93 6.26 -10.08 -7.68
CA ARG A 93 7.14 -9.37 -8.59
C ARG A 93 8.61 -9.50 -8.18
N GLY A 94 8.85 -10.29 -7.15
CA GLY A 94 10.23 -10.51 -6.73
C GLY A 94 10.62 -9.74 -5.49
N VAL A 95 9.70 -9.01 -4.89
CA VAL A 95 10.04 -8.25 -3.69
C VAL A 95 10.01 -9.15 -2.46
N ALA A 96 10.89 -8.88 -1.50
CA ALA A 96 10.98 -9.65 -0.28
C ALA A 96 9.77 -9.43 0.62
N GLY A 97 8.93 -10.44 0.70
CA GLY A 97 7.73 -10.40 1.51
C GLY A 97 8.02 -10.17 2.98
N ASP A 98 9.14 -10.72 3.43
CA ASP A 98 9.55 -10.59 4.83
C ASP A 98 9.84 -9.13 5.20
N HIS A 99 10.07 -8.29 4.21
CA HIS A 99 10.35 -6.88 4.44
C HIS A 99 9.13 -6.01 4.13
N ILE A 100 8.04 -6.66 3.76
CA ILE A 100 6.79 -5.96 3.48
C ILE A 100 5.83 -6.16 4.65
N ALA A 101 5.26 -5.07 5.12
CA ALA A 101 4.33 -5.13 6.22
C ALA A 101 2.96 -4.63 5.79
N THR A 102 1.95 -5.42 6.03
CA THR A 102 0.60 -5.06 5.68
C THR A 102 -0.19 -4.69 6.94
N VAL A 103 -0.67 -3.47 7.01
CA VAL A 103 -1.34 -3.00 8.19
C VAL A 103 -2.74 -2.49 7.89
N GLY A 104 -3.72 -3.18 8.42
CA GLY A 104 -5.08 -2.77 8.28
C GLY A 104 -5.49 -1.80 9.37
N LEU A 105 -5.65 -0.54 9.01
CA LEU A 105 -6.04 0.50 9.96
C LEU A 105 -7.54 0.70 9.92
N GLY A 106 -8.19 0.01 9.01
CA GLY A 106 -9.60 0.21 8.83
C GLY A 106 -9.91 1.60 8.37
N SER A 107 -10.88 2.20 8.99
CA SER A 107 -11.25 3.55 8.69
C SER A 107 -10.63 4.47 9.72
N VAL A 108 -9.84 5.42 9.26
CA VAL A 108 -9.16 6.33 10.16
C VAL A 108 -8.96 7.70 9.54
N ASN A 109 -8.30 7.74 8.40
CA ASN A 109 -8.05 8.99 7.72
C ASN A 109 -8.82 9.02 6.41
N PRO A 110 -10.02 9.60 6.45
CA PRO A 110 -10.88 9.69 5.28
C PRO A 110 -10.28 10.56 4.17
N ILE A 111 -10.82 10.39 2.97
CA ILE A 111 -10.34 11.09 1.78
C ILE A 111 -11.47 11.87 1.11
N ALA A 112 -12.56 11.18 0.81
CA ALA A 112 -13.70 11.81 0.18
C ALA A 112 -14.92 11.67 1.06
N SER A 113 -16.00 12.35 0.69
CA SER A 113 -17.23 12.31 1.45
C SER A 113 -17.79 10.89 1.50
N ASN A 114 -18.07 10.44 2.70
CA ASN A 114 -18.58 9.09 2.93
C ASN A 114 -20.07 9.03 2.64
N ALA A 115 -20.68 10.17 2.42
CA ALA A 115 -22.10 10.24 2.12
C ALA A 115 -22.38 9.70 0.72
N THR A 116 -21.34 9.60 -0.09
CA THR A 116 -21.45 9.08 -1.43
C THR A 116 -20.65 7.81 -1.59
N PRO A 117 -21.21 6.79 -2.28
CA PRO A 117 -20.53 5.52 -2.51
C PRO A 117 -19.20 5.71 -3.23
N GLU A 118 -19.15 6.70 -4.11
CA GLU A 118 -17.94 7.06 -4.84
C GLU A 118 -16.84 7.43 -3.88
N GLY A 119 -17.18 8.25 -2.91
CA GLY A 119 -16.22 8.64 -1.91
C GLY A 119 -15.85 7.49 -1.02
N ARG A 120 -16.83 6.66 -0.69
CA ARG A 120 -16.60 5.45 0.11
C ARG A 120 -15.59 4.55 -0.60
N ALA A 121 -15.71 4.50 -1.93
CA ALA A 121 -14.82 3.71 -2.76
C ALA A 121 -13.39 4.25 -2.69
N LYS A 122 -13.27 5.53 -2.43
CA LYS A 122 -11.97 6.16 -2.30
C LYS A 122 -11.39 5.91 -0.92
N ASN A 123 -12.23 6.02 0.10
CA ASN A 123 -11.80 5.84 1.49
C ASN A 123 -11.21 4.47 1.77
N ARG A 124 -11.56 3.49 0.96
CA ARG A 124 -11.09 2.14 1.16
C ARG A 124 -9.80 1.83 0.38
N ARG A 125 -9.09 2.86 -0.08
CA ARG A 125 -7.86 2.68 -0.82
C ARG A 125 -6.74 2.08 0.06
N VAL A 126 -5.59 1.87 -0.56
CA VAL A 126 -4.41 1.38 0.12
C VAL A 126 -3.21 2.28 -0.22
N GLU A 127 -2.33 2.50 0.75
CA GLU A 127 -1.17 3.36 0.55
C GLU A 127 0.12 2.70 1.04
N ILE A 128 1.19 2.87 0.30
CA ILE A 128 2.46 2.26 0.63
C ILE A 128 3.40 3.26 1.30
N VAL A 129 3.81 2.95 2.51
CA VAL A 129 4.73 3.80 3.25
C VAL A 129 6.07 3.10 3.44
N VAL A 130 7.15 3.83 3.35
CA VAL A 130 8.47 3.26 3.54
C VAL A 130 8.95 3.53 4.95
N ASN A 131 9.51 2.52 5.58
CA ASN A 131 10.00 2.64 6.94
C ASN A 131 11.46 3.05 6.95
N GLY A 1 22.72 16.06 -21.11
CA GLY A 1 22.25 14.84 -21.76
C GLY A 1 20.92 14.38 -21.18
N GLN A 2 20.73 13.07 -21.13
CA GLN A 2 19.51 12.50 -20.61
C GLN A 2 19.40 12.72 -19.09
N ALA A 3 20.55 12.63 -18.42
CA ALA A 3 20.66 12.81 -16.97
C ALA A 3 19.89 11.72 -16.21
N PRO A 4 20.62 10.70 -15.72
CA PRO A 4 20.03 9.60 -14.95
C PRO A 4 19.40 10.09 -13.64
N PRO A 5 18.19 9.59 -13.28
CA PRO A 5 17.50 9.99 -12.06
C PRO A 5 18.08 9.32 -10.82
N GLY A 6 19.35 9.62 -10.54
CA GLY A 6 19.99 9.06 -9.36
C GLY A 6 19.47 9.70 -8.09
N PRO A 7 19.64 9.02 -6.93
CA PRO A 7 19.17 9.52 -5.64
C PRO A 7 19.61 10.96 -5.38
N PRO A 8 18.64 11.89 -5.20
CA PRO A 8 18.90 13.31 -4.98
C PRO A 8 19.74 13.55 -3.73
N ALA A 9 19.31 12.98 -2.62
CA ALA A 9 20.04 13.13 -1.37
C ALA A 9 21.18 12.12 -1.32
N SER A 10 20.86 10.90 -1.72
CA SER A 10 21.81 9.81 -1.80
C SER A 10 22.29 9.40 -0.42
N GLY A 11 21.55 8.51 0.21
CA GLY A 11 21.92 7.99 1.50
C GLY A 11 21.94 6.49 1.49
N PRO A 12 21.88 5.85 2.68
CA PRO A 12 21.85 4.38 2.79
C PRO A 12 20.79 3.76 1.89
N CYS A 13 19.63 4.39 1.83
CA CYS A 13 18.56 3.91 0.99
C CYS A 13 17.90 5.09 0.28
N ALA A 14 17.57 4.90 -0.99
CA ALA A 14 16.92 5.93 -1.80
C ALA A 14 15.52 6.27 -1.29
N ASP A 15 14.88 7.24 -1.93
CA ASP A 15 13.51 7.62 -1.57
C ASP A 15 12.53 6.77 -2.33
N LEU A 16 12.26 5.58 -1.81
CA LEU A 16 11.37 4.65 -2.45
C LEU A 16 9.94 5.13 -2.41
N GLN A 17 9.54 5.69 -1.28
CA GLN A 17 8.15 6.13 -1.09
C GLN A 17 7.81 7.25 -2.05
N SER A 18 8.74 8.16 -2.25
CA SER A 18 8.53 9.27 -3.15
C SER A 18 8.48 8.77 -4.59
N ALA A 19 9.39 7.88 -4.93
CA ALA A 19 9.50 7.33 -6.27
C ALA A 19 8.30 6.50 -6.64
N ILE A 20 7.85 5.65 -5.73
CA ILE A 20 6.70 4.81 -6.00
C ILE A 20 5.44 5.65 -6.08
N ASN A 21 5.36 6.67 -5.22
CA ASN A 21 4.22 7.58 -5.20
C ASN A 21 4.11 8.31 -6.55
N ALA A 22 5.26 8.55 -7.17
CA ALA A 22 5.31 9.20 -8.48
C ALA A 22 4.73 8.29 -9.56
N VAL A 23 4.76 6.98 -9.32
CA VAL A 23 4.21 6.03 -10.29
C VAL A 23 2.75 5.78 -9.99
N THR A 24 2.44 5.60 -8.72
CA THR A 24 1.08 5.34 -8.30
C THR A 24 0.20 6.56 -8.53
N GLY A 25 0.78 7.72 -8.31
CA GLY A 25 0.06 8.95 -8.47
C GLY A 25 -0.73 9.25 -7.23
N GLY A 26 -0.28 8.70 -6.12
CA GLY A 26 -0.96 8.87 -4.87
C GLY A 26 -1.23 7.53 -4.22
N PRO A 27 -2.43 7.32 -3.68
CA PRO A 27 -2.80 6.06 -3.06
C PRO A 27 -3.23 5.02 -4.09
N ILE A 28 -3.29 3.78 -3.66
CA ILE A 28 -3.68 2.67 -4.52
C ILE A 28 -5.19 2.65 -4.68
N ALA A 29 -5.66 3.10 -5.83
CA ALA A 29 -7.07 3.08 -6.14
C ALA A 29 -7.43 1.80 -6.88
N PHE A 30 -8.31 1.03 -6.30
CA PHE A 30 -8.72 -0.25 -6.85
C PHE A 30 -10.22 -0.46 -6.69
N GLY A 31 -10.69 -1.66 -6.99
CA GLY A 31 -12.11 -1.91 -7.05
C GLY A 31 -12.42 -3.38 -7.03
N ASN A 32 -11.60 -4.15 -7.73
CA ASN A 32 -11.74 -5.59 -7.76
C ASN A 32 -11.09 -6.21 -6.55
N ASP A 33 -11.79 -6.18 -5.43
CA ASP A 33 -11.24 -6.73 -4.18
C ASP A 33 -12.14 -7.81 -3.61
N GLY A 34 -13.20 -8.14 -4.32
CA GLY A 34 -14.11 -9.17 -3.87
C GLY A 34 -13.75 -10.53 -4.41
N ALA A 35 -13.01 -10.54 -5.51
CA ALA A 35 -12.58 -11.79 -6.13
C ALA A 35 -11.13 -11.70 -6.60
N SER A 36 -10.93 -11.27 -7.83
CA SER A 36 -9.59 -11.12 -8.37
C SER A 36 -9.35 -9.67 -8.77
N LEU A 37 -8.17 -9.17 -8.45
CA LEU A 37 -7.82 -7.77 -8.73
C LEU A 37 -7.82 -7.48 -10.23
N ILE A 38 -7.42 -8.48 -11.02
CA ILE A 38 -7.34 -8.36 -12.48
C ILE A 38 -6.24 -7.37 -12.89
N PRO A 39 -5.03 -7.88 -13.18
CA PRO A 39 -3.91 -7.03 -13.57
C PRO A 39 -4.11 -6.42 -14.96
N ALA A 40 -3.99 -5.10 -15.03
CA ALA A 40 -4.13 -4.34 -16.25
C ALA A 40 -3.56 -2.94 -16.06
N ASP A 41 -4.23 -2.18 -15.21
CA ASP A 41 -3.77 -0.83 -14.86
C ASP A 41 -2.83 -0.93 -13.67
N TYR A 42 -2.82 -2.10 -13.06
CA TYR A 42 -2.05 -2.34 -11.86
C TYR A 42 -0.60 -2.69 -12.16
N GLU A 43 -0.14 -2.35 -13.37
CA GLU A 43 1.26 -2.55 -13.74
C GLU A 43 2.14 -1.66 -12.90
N ILE A 44 1.52 -0.65 -12.31
CA ILE A 44 2.20 0.27 -11.42
C ILE A 44 2.79 -0.51 -10.27
N LEU A 45 2.11 -1.58 -9.85
CA LEU A 45 2.60 -2.42 -8.77
C LEU A 45 3.88 -3.12 -9.19
N ASN A 46 3.96 -3.43 -10.48
CA ASN A 46 5.15 -4.08 -11.03
C ASN A 46 6.29 -3.08 -11.07
N ARG A 47 5.94 -1.84 -11.38
CA ARG A 47 6.87 -0.75 -11.44
C ARG A 47 7.37 -0.42 -10.03
N VAL A 48 6.43 -0.27 -9.12
CA VAL A 48 6.71 0.02 -7.71
C VAL A 48 7.59 -1.05 -7.08
N ALA A 49 7.24 -2.29 -7.30
CA ALA A 49 7.95 -3.41 -6.72
C ALA A 49 9.36 -3.53 -7.26
N ASP A 50 9.57 -3.08 -8.50
CA ASP A 50 10.86 -3.19 -9.14
C ASP A 50 11.89 -2.31 -8.47
N LYS A 51 11.48 -1.10 -8.10
CA LYS A 51 12.39 -0.19 -7.44
C LYS A 51 12.57 -0.55 -5.99
N LEU A 52 11.58 -1.20 -5.41
CA LEU A 52 11.68 -1.64 -4.02
C LEU A 52 12.75 -2.72 -3.89
N LYS A 53 12.96 -3.45 -4.97
CA LYS A 53 13.97 -4.50 -5.01
C LYS A 53 15.37 -3.92 -5.14
N ALA A 54 15.45 -2.67 -5.55
CA ALA A 54 16.72 -1.97 -5.68
C ALA A 54 17.28 -1.64 -4.29
N CYS A 55 16.39 -1.42 -3.34
CA CYS A 55 16.77 -1.18 -1.97
C CYS A 55 15.85 -1.97 -1.05
N PRO A 56 15.96 -3.32 -1.08
CA PRO A 56 15.06 -4.23 -0.34
C PRO A 56 15.34 -4.31 1.16
N ASP A 57 16.27 -3.51 1.65
CA ASP A 57 16.56 -3.50 3.08
C ASP A 57 15.50 -2.72 3.82
N ALA A 58 14.95 -1.76 3.13
CA ALA A 58 13.91 -0.90 3.65
C ALA A 58 12.61 -1.69 3.86
N ARG A 59 11.97 -1.46 4.98
CA ARG A 59 10.70 -2.11 5.27
C ARG A 59 9.61 -1.30 4.68
N VAL A 60 8.67 -1.94 4.09
CA VAL A 60 7.55 -1.21 3.57
C VAL A 60 6.31 -1.52 4.35
N THR A 61 5.68 -0.48 4.82
CA THR A 61 4.49 -0.61 5.59
C THR A 61 3.29 -0.23 4.74
N ILE A 62 2.55 -1.23 4.35
CA ILE A 62 1.40 -1.02 3.52
C ILE A 62 0.18 -0.84 4.38
N ASN A 63 -0.36 0.33 4.36
CA ASN A 63 -1.50 0.67 5.18
C ASN A 63 -2.78 0.62 4.39
N GLY A 64 -3.74 -0.08 4.91
CA GLY A 64 -5.01 -0.18 4.25
C GLY A 64 -6.07 0.60 4.97
N TYR A 65 -6.98 1.20 4.22
CA TYR A 65 -8.04 1.98 4.82
C TYR A 65 -9.40 1.48 4.36
N THR A 66 -10.42 1.84 5.11
CA THR A 66 -11.79 1.53 4.81
C THR A 66 -12.67 2.68 5.28
N ASP A 67 -13.90 2.74 4.84
CA ASP A 67 -14.82 3.76 5.31
C ASP A 67 -15.39 3.35 6.67
N ASN A 68 -15.97 4.30 7.37
CA ASN A 68 -16.48 4.07 8.70
C ASN A 68 -17.98 3.74 8.64
N THR A 69 -18.53 3.75 7.45
CA THR A 69 -19.95 3.51 7.27
C THR A 69 -20.28 2.01 7.07
N GLY A 70 -19.31 1.26 6.54
CA GLY A 70 -19.52 -0.16 6.30
C GLY A 70 -19.72 -0.98 7.55
N SER A 71 -18.67 -1.13 8.34
CA SER A 71 -18.74 -1.91 9.56
C SER A 71 -17.92 -1.25 10.67
N GLU A 72 -17.81 -1.92 11.79
CA GLU A 72 -17.01 -1.43 12.91
C GLU A 72 -16.20 -2.58 13.49
N GLY A 73 -14.90 -2.40 13.59
CA GLY A 73 -14.03 -3.45 14.10
C GLY A 73 -13.49 -4.30 13.00
N ILE A 74 -14.38 -4.69 12.09
CA ILE A 74 -14.05 -5.52 10.95
C ILE A 74 -13.19 -4.75 9.96
N ASN A 75 -13.24 -3.44 10.07
CA ASN A 75 -12.48 -2.57 9.19
C ASN A 75 -11.00 -2.86 9.30
N ILE A 76 -10.57 -3.18 10.51
CA ILE A 76 -9.18 -3.49 10.78
C ILE A 76 -8.71 -4.72 9.98
N PRO A 77 -9.28 -5.93 10.22
CA PRO A 77 -8.92 -7.12 9.46
C PRO A 77 -9.18 -6.94 7.97
N LEU A 78 -10.19 -6.15 7.63
CA LEU A 78 -10.51 -5.91 6.23
C LEU A 78 -9.43 -5.10 5.54
N SER A 79 -9.08 -3.96 6.12
CA SER A 79 -8.06 -3.10 5.54
C SER A 79 -6.71 -3.81 5.51
N ALA A 80 -6.49 -4.71 6.46
CA ALA A 80 -5.27 -5.49 6.52
C ALA A 80 -5.24 -6.47 5.37
N GLN A 81 -6.41 -6.92 4.98
CA GLN A 81 -6.54 -7.87 3.89
C GLN A 81 -6.28 -7.14 2.58
N ARG A 82 -6.81 -5.92 2.50
CA ARG A 82 -6.64 -5.07 1.33
C ARG A 82 -5.16 -4.73 1.12
N ALA A 83 -4.46 -4.37 2.20
CA ALA A 83 -3.03 -4.10 2.13
C ALA A 83 -2.26 -5.34 1.68
N LYS A 84 -2.74 -6.51 2.10
CA LYS A 84 -2.10 -7.78 1.74
C LYS A 84 -2.22 -8.03 0.24
N ILE A 85 -3.29 -7.52 -0.36
CA ILE A 85 -3.50 -7.65 -1.80
C ILE A 85 -2.31 -7.07 -2.56
N VAL A 86 -1.86 -5.90 -2.11
CA VAL A 86 -0.71 -5.25 -2.72
C VAL A 86 0.56 -6.01 -2.39
N ALA A 87 0.74 -6.37 -1.11
CA ALA A 87 1.93 -7.10 -0.67
C ALA A 87 2.13 -8.36 -1.49
N ASP A 88 1.04 -9.07 -1.73
CA ASP A 88 1.07 -10.31 -2.50
C ASP A 88 1.65 -10.06 -3.89
N TYR A 89 1.23 -8.97 -4.49
CA TYR A 89 1.68 -8.59 -5.83
C TYR A 89 3.13 -8.16 -5.82
N LEU A 90 3.53 -7.45 -4.78
CA LEU A 90 4.89 -7.00 -4.65
C LEU A 90 5.82 -8.19 -4.48
N VAL A 91 5.43 -9.11 -3.61
CA VAL A 91 6.19 -10.33 -3.39
C VAL A 91 6.26 -11.15 -4.68
N ALA A 92 5.15 -11.18 -5.41
CA ALA A 92 5.10 -11.88 -6.69
C ALA A 92 6.06 -11.24 -7.69
N ARG A 93 6.32 -9.97 -7.50
CA ARG A 93 7.22 -9.22 -8.35
C ARG A 93 8.68 -9.36 -7.89
N GLY A 94 8.90 -10.19 -6.88
CA GLY A 94 10.24 -10.43 -6.42
C GLY A 94 10.64 -9.63 -5.20
N VAL A 95 9.68 -9.03 -4.53
CA VAL A 95 9.99 -8.29 -3.31
C VAL A 95 9.95 -9.23 -2.11
N ALA A 96 10.85 -9.03 -1.17
CA ALA A 96 10.95 -9.88 0.01
C ALA A 96 9.72 -9.71 0.91
N GLY A 97 8.94 -10.78 1.00
CA GLY A 97 7.72 -10.75 1.79
C GLY A 97 7.96 -10.45 3.25
N ASP A 98 9.06 -10.95 3.80
CA ASP A 98 9.39 -10.74 5.21
C ASP A 98 9.78 -9.30 5.48
N HIS A 99 10.00 -8.53 4.42
CA HIS A 99 10.38 -7.14 4.55
C HIS A 99 9.18 -6.23 4.28
N ILE A 100 8.06 -6.85 3.96
CA ILE A 100 6.83 -6.12 3.70
C ILE A 100 5.88 -6.30 4.87
N ALA A 101 5.34 -5.19 5.35
CA ALA A 101 4.41 -5.23 6.46
C ALA A 101 3.06 -4.68 6.05
N THR A 102 2.03 -5.47 6.25
CA THR A 102 0.68 -5.06 5.91
C THR A 102 -0.10 -4.68 7.17
N VAL A 103 -0.60 -3.46 7.20
CA VAL A 103 -1.28 -2.95 8.37
C VAL A 103 -2.66 -2.40 8.04
N GLY A 104 -3.67 -3.05 8.56
CA GLY A 104 -5.02 -2.57 8.41
C GLY A 104 -5.37 -1.56 9.46
N LEU A 105 -5.57 -0.33 9.06
CA LEU A 105 -5.91 0.74 9.96
C LEU A 105 -7.40 0.98 10.01
N GLY A 106 -8.14 0.33 9.13
CA GLY A 106 -9.55 0.59 9.02
C GLY A 106 -9.82 2.02 8.62
N SER A 107 -10.67 2.67 9.34
CA SER A 107 -10.96 4.05 9.10
C SER A 107 -10.06 4.93 9.97
N VAL A 108 -9.15 5.64 9.33
CA VAL A 108 -8.20 6.49 10.04
C VAL A 108 -8.05 7.81 9.33
N ASN A 109 -7.42 7.80 8.16
CA ASN A 109 -7.26 9.00 7.38
C ASN A 109 -8.12 8.93 6.15
N PRO A 110 -9.32 9.49 6.22
CA PRO A 110 -10.24 9.50 5.10
C PRO A 110 -9.72 10.33 3.94
N ILE A 111 -10.30 10.12 2.78
CA ILE A 111 -9.90 10.84 1.58
C ILE A 111 -11.05 11.67 1.05
N ALA A 112 -12.22 11.05 0.94
CA ALA A 112 -13.40 11.74 0.49
C ALA A 112 -14.53 11.48 1.46
N SER A 113 -15.64 12.15 1.25
CA SER A 113 -16.80 11.99 2.11
C SER A 113 -17.34 10.56 2.03
N ASN A 114 -17.65 9.99 3.19
CA ASN A 114 -18.17 8.64 3.26
C ASN A 114 -19.67 8.63 2.97
N ALA A 115 -20.25 9.82 2.87
CA ALA A 115 -21.68 9.96 2.60
C ALA A 115 -22.01 9.50 1.18
N THR A 116 -21.00 9.48 0.33
CA THR A 116 -21.15 9.07 -1.04
C THR A 116 -20.39 7.76 -1.28
N PRO A 117 -20.92 6.88 -2.15
CA PRO A 117 -20.28 5.61 -2.43
C PRO A 117 -18.97 5.81 -3.16
N GLU A 118 -18.91 6.86 -3.97
CA GLU A 118 -17.69 7.22 -4.69
C GLU A 118 -16.57 7.48 -3.72
N GLY A 119 -16.87 8.22 -2.67
CA GLY A 119 -15.89 8.54 -1.67
C GLY A 119 -15.48 7.32 -0.89
N ARG A 120 -16.44 6.47 -0.59
CA ARG A 120 -16.16 5.22 0.11
C ARG A 120 -15.25 4.33 -0.72
N ALA A 121 -15.47 4.36 -2.04
CA ALA A 121 -14.66 3.59 -2.97
C ALA A 121 -13.22 4.08 -2.93
N LYS A 122 -13.05 5.35 -2.58
CA LYS A 122 -11.73 5.93 -2.46
C LYS A 122 -11.14 5.65 -1.08
N ASN A 123 -11.95 5.75 -0.04
CA ASN A 123 -11.48 5.52 1.34
C ASN A 123 -10.97 4.10 1.56
N ARG A 124 -11.47 3.16 0.79
CA ARG A 124 -11.06 1.76 0.92
C ARG A 124 -9.69 1.51 0.26
N ARG A 125 -9.06 2.59 -0.18
CA ARG A 125 -7.73 2.55 -0.79
C ARG A 125 -6.66 1.94 0.14
N VAL A 126 -5.46 1.85 -0.41
CA VAL A 126 -4.30 1.36 0.29
C VAL A 126 -3.11 2.27 0.00
N GLU A 127 -2.25 2.50 0.98
CA GLU A 127 -1.10 3.38 0.81
C GLU A 127 0.18 2.70 1.26
N ILE A 128 1.24 2.87 0.48
CA ILE A 128 2.51 2.22 0.77
C ILE A 128 3.47 3.21 1.44
N VAL A 129 3.89 2.89 2.63
CA VAL A 129 4.84 3.72 3.36
C VAL A 129 6.17 3.00 3.47
N VAL A 130 7.26 3.70 3.27
CA VAL A 130 8.57 3.10 3.32
C VAL A 130 9.25 3.39 4.66
N ASN A 131 9.85 2.38 5.22
CA ASN A 131 10.58 2.48 6.48
C ASN A 131 12.08 2.34 6.21
N GLY A 1 10.57 10.97 15.26
CA GLY A 1 11.18 12.30 15.16
C GLY A 1 10.23 13.31 14.56
N GLN A 2 10.77 14.22 13.76
CA GLN A 2 9.96 15.23 13.11
C GLN A 2 9.55 14.79 11.73
N ALA A 3 10.48 14.10 11.04
CA ALA A 3 10.28 13.61 9.68
C ALA A 3 9.82 14.72 8.73
N PRO A 4 10.75 15.58 8.29
CA PRO A 4 10.44 16.67 7.37
C PRO A 4 10.07 16.15 5.97
N PRO A 5 8.82 16.37 5.55
CA PRO A 5 8.33 15.91 4.25
C PRO A 5 8.73 16.85 3.12
N GLY A 6 9.25 18.02 3.48
CA GLY A 6 9.68 18.98 2.49
C GLY A 6 11.00 18.60 1.87
N PRO A 7 12.11 18.70 2.61
CA PRO A 7 13.43 18.33 2.14
C PRO A 7 13.76 16.87 2.45
N PRO A 8 13.82 16.00 1.43
CA PRO A 8 14.17 14.59 1.60
C PRO A 8 15.62 14.43 2.06
N ALA A 9 15.81 13.75 3.16
CA ALA A 9 17.13 13.59 3.74
C ALA A 9 17.83 12.31 3.27
N SER A 10 17.06 11.46 2.59
CA SER A 10 17.56 10.17 2.09
C SER A 10 18.18 9.34 3.24
N GLY A 11 19.09 8.44 2.91
CA GLY A 11 19.75 7.63 3.93
C GLY A 11 20.53 6.47 3.34
N PRO A 12 20.66 5.35 4.08
CA PRO A 12 21.39 4.15 3.62
C PRO A 12 20.59 3.35 2.61
N CYS A 13 19.55 3.97 2.10
CA CYS A 13 18.69 3.38 1.12
C CYS A 13 18.05 4.51 0.33
N ALA A 14 17.80 4.27 -0.95
CA ALA A 14 17.18 5.27 -1.81
C ALA A 14 15.86 5.77 -1.26
N ASP A 15 15.42 6.93 -1.75
CA ASP A 15 14.17 7.53 -1.32
C ASP A 15 13.01 6.83 -1.99
N LEU A 16 12.86 5.55 -1.68
CA LEU A 16 11.84 4.72 -2.26
C LEU A 16 10.44 5.31 -2.10
N GLN A 17 10.23 6.06 -1.04
CA GLN A 17 8.92 6.67 -0.80
C GLN A 17 8.62 7.68 -1.88
N SER A 18 9.61 8.49 -2.22
CA SER A 18 9.47 9.49 -3.26
C SER A 18 9.48 8.82 -4.63
N ALA A 19 10.11 7.66 -4.68
CA ALA A 19 10.20 6.90 -5.91
C ALA A 19 8.87 6.23 -6.24
N ILE A 20 8.29 5.54 -5.25
CA ILE A 20 7.04 4.85 -5.45
C ILE A 20 5.87 5.81 -5.58
N ASN A 21 5.89 6.90 -4.79
CA ASN A 21 4.83 7.91 -4.85
C ASN A 21 4.73 8.50 -6.25
N ALA A 22 5.88 8.69 -6.88
CA ALA A 22 5.93 9.21 -8.24
C ALA A 22 5.28 8.25 -9.23
N VAL A 23 5.30 6.97 -8.92
CA VAL A 23 4.70 5.97 -9.78
C VAL A 23 3.23 5.85 -9.53
N THR A 24 2.86 5.69 -8.27
CA THR A 24 1.48 5.50 -7.92
C THR A 24 0.69 6.77 -8.15
N GLY A 25 1.34 7.89 -7.93
CA GLY A 25 0.69 9.17 -8.06
C GLY A 25 -0.20 9.43 -6.88
N GLY A 26 0.00 8.65 -5.85
CA GLY A 26 -0.80 8.76 -4.66
C GLY A 26 -1.14 7.40 -4.10
N PRO A 27 -2.41 7.17 -3.71
CA PRO A 27 -2.84 5.91 -3.15
C PRO A 27 -3.30 4.91 -4.21
N ILE A 28 -3.44 3.67 -3.79
CA ILE A 28 -3.92 2.59 -4.64
C ILE A 28 -5.45 2.61 -4.71
N ALA A 29 -5.99 3.05 -5.84
CA ALA A 29 -7.44 3.12 -6.01
C ALA A 29 -7.98 1.88 -6.71
N PHE A 30 -9.03 1.33 -6.14
CA PHE A 30 -9.68 0.15 -6.69
C PHE A 30 -10.93 0.53 -7.48
N GLY A 31 -11.54 -0.44 -8.13
CA GLY A 31 -12.76 -0.20 -8.86
C GLY A 31 -13.97 -0.75 -8.13
N ASN A 32 -14.06 -2.08 -8.06
CA ASN A 32 -15.18 -2.71 -7.36
C ASN A 32 -14.79 -3.06 -5.91
N ASP A 33 -14.45 -4.34 -5.64
CA ASP A 33 -14.10 -4.79 -4.30
C ASP A 33 -14.01 -6.31 -4.29
N GLY A 34 -15.12 -6.93 -4.65
CA GLY A 34 -15.23 -8.37 -4.63
C GLY A 34 -14.56 -9.05 -5.80
N ALA A 35 -13.24 -9.18 -5.72
CA ALA A 35 -12.42 -9.91 -6.70
C ALA A 35 -12.18 -9.10 -7.96
N SER A 36 -13.24 -8.66 -8.60
CA SER A 36 -13.13 -7.86 -9.79
C SER A 36 -12.83 -6.41 -9.41
N LEU A 37 -11.61 -6.16 -8.95
CA LEU A 37 -11.20 -4.83 -8.50
C LEU A 37 -10.99 -3.88 -9.67
N ILE A 38 -11.19 -4.37 -10.89
CA ILE A 38 -10.98 -3.59 -12.10
C ILE A 38 -9.54 -3.08 -12.16
N PRO A 39 -8.58 -3.98 -12.45
CA PRO A 39 -7.18 -3.62 -12.52
C PRO A 39 -6.87 -2.89 -13.82
N ALA A 40 -6.29 -1.72 -13.68
CA ALA A 40 -5.88 -0.93 -14.83
C ALA A 40 -4.60 -0.17 -14.51
N ASP A 41 -4.20 -0.23 -13.26
CA ASP A 41 -2.99 0.45 -12.80
C ASP A 41 -2.06 -0.56 -12.17
N TYR A 42 -2.23 -1.82 -12.54
CA TYR A 42 -1.45 -2.91 -11.97
C TYR A 42 0.03 -2.81 -12.31
N GLU A 43 0.35 -2.18 -13.45
CA GLU A 43 1.74 -2.02 -13.86
C GLU A 43 2.49 -1.09 -12.92
N ILE A 44 1.74 -0.26 -12.21
CA ILE A 44 2.33 0.65 -11.25
C ILE A 44 2.97 -0.15 -10.13
N LEU A 45 2.31 -1.23 -9.73
CA LEU A 45 2.82 -2.10 -8.69
C LEU A 45 4.10 -2.78 -9.15
N ASN A 46 4.20 -3.03 -10.45
CA ASN A 46 5.40 -3.62 -11.03
C ASN A 46 6.48 -2.57 -11.11
N ARG A 47 6.07 -1.35 -11.44
CA ARG A 47 6.93 -0.22 -11.54
C ARG A 47 7.45 0.18 -10.15
N VAL A 48 6.67 -0.20 -9.13
CA VAL A 48 7.04 0.03 -7.74
C VAL A 48 8.05 -1.01 -7.27
N ALA A 49 7.82 -2.27 -7.65
CA ALA A 49 8.70 -3.37 -7.27
C ALA A 49 10.13 -3.10 -7.69
N ASP A 50 10.29 -2.48 -8.85
CA ASP A 50 11.59 -2.08 -9.39
C ASP A 50 12.49 -1.42 -8.35
N LYS A 51 11.95 -0.42 -7.67
CA LYS A 51 12.73 0.31 -6.69
C LYS A 51 12.73 -0.37 -5.34
N LEU A 52 11.83 -1.32 -5.13
CA LEU A 52 11.77 -2.01 -3.87
C LEU A 52 12.79 -3.14 -3.88
N LYS A 53 13.03 -3.68 -5.07
CA LYS A 53 14.01 -4.72 -5.24
C LYS A 53 15.40 -4.13 -5.38
N ALA A 54 15.46 -2.84 -5.72
CA ALA A 54 16.73 -2.12 -5.81
C ALA A 54 17.35 -1.98 -4.42
N CYS A 55 16.49 -1.83 -3.44
CA CYS A 55 16.89 -1.75 -2.06
C CYS A 55 16.02 -2.71 -1.24
N PRO A 56 16.21 -4.04 -1.44
CA PRO A 56 15.37 -5.06 -0.82
C PRO A 56 15.56 -5.19 0.69
N ASP A 57 16.46 -4.42 1.24
CA ASP A 57 16.71 -4.47 2.67
C ASP A 57 15.73 -3.58 3.38
N ALA A 58 15.22 -2.62 2.64
CA ALA A 58 14.27 -1.68 3.17
C ALA A 58 12.95 -2.37 3.48
N ARG A 59 12.26 -1.84 4.47
CA ARG A 59 10.96 -2.35 4.85
C ARG A 59 9.90 -1.43 4.33
N VAL A 60 8.84 -1.99 3.87
CA VAL A 60 7.71 -1.20 3.42
C VAL A 60 6.50 -1.45 4.27
N THR A 61 5.88 -0.39 4.70
CA THR A 61 4.71 -0.45 5.53
C THR A 61 3.50 -0.07 4.71
N ILE A 62 2.69 -1.03 4.41
CA ILE A 62 1.52 -0.80 3.62
C ILE A 62 0.33 -0.59 4.50
N ASN A 63 -0.22 0.59 4.45
CA ASN A 63 -1.35 0.92 5.27
C ASN A 63 -2.61 0.83 4.47
N GLY A 64 -3.55 0.05 4.98
CA GLY A 64 -4.81 -0.10 4.31
C GLY A 64 -5.90 0.64 5.02
N TYR A 65 -6.78 1.25 4.26
CA TYR A 65 -7.84 2.03 4.85
C TYR A 65 -9.19 1.51 4.38
N THR A 66 -10.21 1.86 5.09
CA THR A 66 -11.56 1.51 4.73
C THR A 66 -12.50 2.60 5.19
N ASP A 67 -13.72 2.56 4.70
CA ASP A 67 -14.69 3.55 5.03
C ASP A 67 -15.28 3.28 6.41
N ASN A 68 -15.81 4.32 7.05
CA ASN A 68 -16.37 4.19 8.39
C ASN A 68 -17.81 3.68 8.34
N THR A 69 -18.25 3.30 7.15
CA THR A 69 -19.56 2.70 6.99
C THR A 69 -19.59 1.33 7.70
N GLY A 70 -18.42 0.69 7.80
CA GLY A 70 -18.32 -0.58 8.47
C GLY A 70 -18.36 -0.42 9.98
N SER A 71 -18.58 -1.50 10.68
CA SER A 71 -18.70 -1.42 12.11
C SER A 71 -18.25 -2.73 12.78
N GLU A 72 -18.31 -2.74 14.12
CA GLU A 72 -17.99 -3.90 14.95
C GLU A 72 -16.48 -4.21 14.97
N GLY A 73 -15.67 -3.34 14.36
CA GLY A 73 -14.24 -3.54 14.41
C GLY A 73 -13.67 -4.23 13.21
N ILE A 74 -14.54 -4.81 12.41
CA ILE A 74 -14.15 -5.57 11.24
C ILE A 74 -13.41 -4.69 10.24
N ASN A 75 -13.62 -3.41 10.36
CA ASN A 75 -12.96 -2.41 9.53
C ASN A 75 -11.44 -2.56 9.62
N ILE A 76 -10.95 -2.85 10.81
CA ILE A 76 -9.52 -3.07 11.04
C ILE A 76 -8.98 -4.24 10.17
N PRO A 77 -9.44 -5.51 10.38
CA PRO A 77 -8.98 -6.65 9.58
C PRO A 77 -9.31 -6.48 8.09
N LEU A 78 -10.38 -5.75 7.79
CA LEU A 78 -10.76 -5.49 6.40
C LEU A 78 -9.70 -4.66 5.69
N SER A 79 -9.36 -3.53 6.29
CA SER A 79 -8.35 -2.66 5.73
C SER A 79 -7.00 -3.36 5.67
N ALA A 80 -6.79 -4.30 6.59
CA ALA A 80 -5.58 -5.10 6.63
C ALA A 80 -5.51 -6.00 5.41
N GLN A 81 -6.67 -6.48 4.96
CA GLN A 81 -6.75 -7.34 3.80
C GLN A 81 -6.39 -6.54 2.55
N ARG A 82 -6.86 -5.29 2.52
CA ARG A 82 -6.58 -4.37 1.42
C ARG A 82 -5.07 -4.21 1.22
N ALA A 83 -4.37 -3.89 2.30
CA ALA A 83 -2.93 -3.71 2.25
C ALA A 83 -2.22 -4.98 1.81
N LYS A 84 -2.76 -6.13 2.21
CA LYS A 84 -2.19 -7.41 1.85
C LYS A 84 -2.21 -7.63 0.33
N ILE A 85 -3.23 -7.08 -0.33
CA ILE A 85 -3.36 -7.19 -1.78
C ILE A 85 -2.11 -6.68 -2.47
N VAL A 86 -1.64 -5.52 -2.01
CA VAL A 86 -0.44 -4.93 -2.58
C VAL A 86 0.76 -5.79 -2.25
N ALA A 87 0.86 -6.20 -0.98
CA ALA A 87 1.97 -7.04 -0.53
C ALA A 87 2.09 -8.29 -1.40
N ASP A 88 0.95 -8.93 -1.66
CA ASP A 88 0.91 -10.14 -2.47
C ASP A 88 1.47 -9.88 -3.87
N TYR A 89 1.11 -8.72 -4.41
CA TYR A 89 1.56 -8.33 -5.73
C TYR A 89 3.04 -8.02 -5.73
N LEU A 90 3.49 -7.34 -4.71
CA LEU A 90 4.89 -6.97 -4.60
C LEU A 90 5.74 -8.23 -4.48
N VAL A 91 5.31 -9.14 -3.62
CA VAL A 91 6.00 -10.41 -3.45
C VAL A 91 6.01 -11.19 -4.77
N ALA A 92 4.90 -11.13 -5.49
CA ALA A 92 4.78 -11.78 -6.78
C ALA A 92 5.74 -11.14 -7.78
N ARG A 93 6.00 -9.86 -7.60
CA ARG A 93 6.90 -9.11 -8.45
C ARG A 93 8.37 -9.33 -8.04
N GLY A 94 8.59 -10.17 -7.05
CA GLY A 94 9.94 -10.46 -6.63
C GLY A 94 10.39 -9.67 -5.42
N VAL A 95 9.47 -9.07 -4.71
CA VAL A 95 9.82 -8.33 -3.49
C VAL A 95 9.75 -9.27 -2.29
N ALA A 96 10.67 -9.10 -1.35
CA ALA A 96 10.76 -9.93 -0.17
C ALA A 96 9.56 -9.71 0.76
N GLY A 97 8.70 -10.72 0.85
CA GLY A 97 7.51 -10.65 1.69
C GLY A 97 7.81 -10.39 3.15
N ASP A 98 8.93 -10.93 3.62
CA ASP A 98 9.36 -10.75 5.01
C ASP A 98 9.68 -9.29 5.32
N HIS A 99 9.95 -8.51 4.29
CA HIS A 99 10.31 -7.12 4.47
C HIS A 99 9.13 -6.21 4.17
N ILE A 100 7.99 -6.81 3.89
CA ILE A 100 6.79 -6.07 3.64
C ILE A 100 5.86 -6.18 4.84
N ALA A 101 5.33 -5.06 5.30
CA ALA A 101 4.44 -5.05 6.44
C ALA A 101 3.09 -4.49 6.04
N THR A 102 2.03 -5.20 6.37
CA THR A 102 0.69 -4.77 6.04
C THR A 102 -0.12 -4.48 7.29
N VAL A 103 -0.68 -3.28 7.37
CA VAL A 103 -1.43 -2.88 8.55
C VAL A 103 -2.80 -2.30 8.18
N GLY A 104 -3.84 -2.83 8.78
CA GLY A 104 -5.17 -2.31 8.56
C GLY A 104 -5.55 -1.33 9.64
N LEU A 105 -5.71 -0.08 9.26
CA LEU A 105 -6.00 0.99 10.21
C LEU A 105 -7.49 1.27 10.32
N GLY A 106 -8.29 0.58 9.54
CA GLY A 106 -9.70 0.84 9.55
C GLY A 106 -10.04 2.15 8.88
N SER A 107 -10.81 2.95 9.55
CA SER A 107 -11.20 4.23 9.02
C SER A 107 -10.20 5.29 9.44
N VAL A 108 -9.51 5.85 8.47
CA VAL A 108 -8.54 6.87 8.68
C VAL A 108 -7.97 7.27 7.34
N ASN A 109 -7.63 8.53 7.20
CA ASN A 109 -7.00 9.03 6.00
C ASN A 109 -7.96 8.95 4.81
N PRO A 110 -9.03 9.76 4.83
CA PRO A 110 -10.05 9.72 3.83
C PRO A 110 -9.71 10.51 2.58
N ILE A 111 -10.49 10.30 1.56
CA ILE A 111 -10.36 10.99 0.31
C ILE A 111 -11.69 11.62 -0.10
N ALA A 112 -12.75 10.82 -0.07
CA ALA A 112 -14.05 11.35 -0.45
C ALA A 112 -15.04 11.23 0.68
N SER A 113 -16.21 11.83 0.49
CA SER A 113 -17.25 11.79 1.47
C SER A 113 -17.75 10.35 1.67
N ASN A 114 -17.91 9.97 2.92
CA ASN A 114 -18.35 8.61 3.25
C ASN A 114 -19.85 8.46 3.05
N ALA A 115 -20.50 9.58 2.78
CA ALA A 115 -21.93 9.60 2.55
C ALA A 115 -22.27 9.03 1.18
N THR A 116 -21.28 8.94 0.31
CA THR A 116 -21.49 8.41 -1.03
C THR A 116 -20.75 7.10 -1.22
N PRO A 117 -21.34 6.18 -1.99
CA PRO A 117 -20.75 4.89 -2.24
C PRO A 117 -19.47 5.01 -3.05
N GLU A 118 -19.44 5.97 -3.95
CA GLU A 118 -18.26 6.24 -4.77
C GLU A 118 -17.10 6.61 -3.87
N GLY A 119 -17.41 7.41 -2.87
CA GLY A 119 -16.40 7.85 -1.93
C GLY A 119 -15.92 6.73 -1.05
N ARG A 120 -16.86 5.89 -0.63
CA ARG A 120 -16.54 4.72 0.19
C ARG A 120 -15.60 3.79 -0.56
N ALA A 121 -15.78 3.75 -1.87
CA ALA A 121 -14.94 2.93 -2.74
C ALA A 121 -13.54 3.49 -2.83
N LYS A 122 -13.40 4.79 -2.67
CA LYS A 122 -12.11 5.44 -2.73
C LYS A 122 -11.40 5.34 -1.38
N ASN A 123 -12.15 5.54 -0.31
CA ASN A 123 -11.63 5.52 1.06
C ASN A 123 -11.08 4.16 1.47
N ARG A 124 -11.46 3.11 0.75
CA ARG A 124 -10.96 1.78 1.06
C ARG A 124 -9.63 1.52 0.35
N ARG A 125 -9.04 2.59 -0.16
CA ARG A 125 -7.73 2.58 -0.80
C ARG A 125 -6.62 2.05 0.11
N VAL A 126 -5.44 1.94 -0.47
CA VAL A 126 -4.26 1.47 0.22
C VAL A 126 -3.07 2.37 -0.13
N GLU A 127 -2.15 2.54 0.82
CA GLU A 127 -0.98 3.36 0.57
C GLU A 127 0.29 2.63 0.99
N ILE A 128 1.29 2.72 0.15
CA ILE A 128 2.56 2.07 0.41
C ILE A 128 3.54 3.06 0.99
N VAL A 129 3.96 2.82 2.21
CA VAL A 129 4.91 3.68 2.87
C VAL A 129 6.22 2.97 3.06
N VAL A 130 7.31 3.66 2.90
CA VAL A 130 8.61 3.06 3.09
C VAL A 130 9.03 3.19 4.55
N ASN A 131 9.22 2.03 5.17
CA ASN A 131 9.55 1.89 6.59
C ASN A 131 8.81 2.89 7.47
N GLY A 1 46.45 12.98 16.25
CA GLY A 1 45.37 12.73 15.29
C GLY A 1 44.05 13.28 15.77
N GLN A 2 43.80 14.54 15.45
CA GLN A 2 42.59 15.21 15.90
C GLN A 2 41.41 14.78 15.04
N ALA A 3 41.58 14.85 13.73
CA ALA A 3 40.52 14.51 12.81
C ALA A 3 40.99 13.48 11.78
N PRO A 4 40.78 12.18 12.07
CA PRO A 4 41.14 11.12 11.14
C PRO A 4 40.05 10.94 10.08
N PRO A 5 40.44 10.66 8.82
CA PRO A 5 39.49 10.46 7.72
C PRO A 5 38.61 9.24 7.97
N GLY A 6 37.34 9.50 8.26
CA GLY A 6 36.41 8.42 8.51
C GLY A 6 34.97 8.85 8.36
N PRO A 7 34.47 8.96 7.13
CA PRO A 7 33.10 9.36 6.86
C PRO A 7 32.15 8.17 7.03
N PRO A 8 30.87 8.44 7.34
CA PRO A 8 29.87 7.38 7.48
C PRO A 8 29.73 6.57 6.20
N ALA A 9 30.16 5.33 6.24
CA ALA A 9 30.13 4.45 5.08
C ALA A 9 28.70 4.06 4.73
N SER A 10 27.80 4.13 5.71
CA SER A 10 26.43 3.79 5.49
C SER A 10 25.59 5.06 5.51
N GLY A 11 25.01 5.40 4.38
CA GLY A 11 24.21 6.61 4.30
C GLY A 11 22.76 6.31 4.02
N PRO A 12 21.95 7.33 3.73
CA PRO A 12 20.54 7.17 3.42
C PRO A 12 20.34 6.48 2.06
N CYS A 13 19.18 5.90 1.86
CA CYS A 13 18.90 5.21 0.62
C CYS A 13 17.96 6.06 -0.24
N ALA A 14 17.69 5.60 -1.46
CA ALA A 14 16.80 6.28 -2.40
C ALA A 14 15.45 6.65 -1.79
N ASP A 15 14.72 7.52 -2.48
CA ASP A 15 13.40 7.94 -2.02
C ASP A 15 12.37 6.92 -2.46
N LEU A 16 12.27 5.83 -1.71
CA LEU A 16 11.35 4.73 -2.07
C LEU A 16 9.91 5.20 -2.19
N GLN A 17 9.41 5.86 -1.15
CA GLN A 17 8.02 6.32 -1.13
C GLN A 17 7.77 7.33 -2.25
N SER A 18 8.70 8.24 -2.43
CA SER A 18 8.55 9.29 -3.42
C SER A 18 8.68 8.70 -4.83
N ALA A 19 9.31 7.54 -4.92
CA ALA A 19 9.52 6.89 -6.19
C ALA A 19 8.29 6.07 -6.56
N ILE A 20 7.75 5.31 -5.60
CA ILE A 20 6.57 4.49 -5.83
C ILE A 20 5.33 5.38 -6.03
N ASN A 21 5.21 6.42 -5.21
CA ASN A 21 4.10 7.37 -5.30
C ASN A 21 4.03 7.99 -6.70
N ALA A 22 5.21 8.15 -7.31
CA ALA A 22 5.30 8.71 -8.65
C ALA A 22 4.69 7.77 -9.69
N VAL A 23 4.70 6.48 -9.40
CA VAL A 23 4.15 5.49 -10.30
C VAL A 23 2.68 5.31 -10.04
N THR A 24 2.34 5.14 -8.77
CA THR A 24 0.99 4.91 -8.37
C THR A 24 0.12 6.13 -8.64
N GLY A 25 0.73 7.28 -8.44
CA GLY A 25 0.02 8.53 -8.64
C GLY A 25 -0.75 8.89 -7.39
N GLY A 26 -0.26 8.37 -6.27
CA GLY A 26 -0.90 8.60 -5.00
C GLY A 26 -1.24 7.29 -4.35
N PRO A 27 -2.45 7.18 -3.78
CA PRO A 27 -2.90 5.95 -3.16
C PRO A 27 -3.38 4.92 -4.19
N ILE A 28 -3.41 3.66 -3.80
CA ILE A 28 -3.79 2.58 -4.68
C ILE A 28 -5.29 2.55 -4.94
N ALA A 29 -5.68 2.95 -6.11
CA ALA A 29 -7.06 2.86 -6.52
C ALA A 29 -7.35 1.46 -7.04
N PHE A 30 -8.57 1.00 -6.87
CA PHE A 30 -8.92 -0.33 -7.29
C PHE A 30 -9.87 -0.30 -8.47
N GLY A 31 -9.67 -1.22 -9.40
CA GLY A 31 -10.55 -1.33 -10.54
C GLY A 31 -11.66 -2.30 -10.26
N ASN A 32 -11.30 -3.42 -9.63
CA ASN A 32 -12.27 -4.41 -9.24
C ASN A 32 -12.60 -4.24 -7.78
N ASP A 33 -13.72 -4.80 -7.36
CA ASP A 33 -14.14 -4.74 -5.95
C ASP A 33 -13.10 -5.41 -5.05
N GLY A 34 -12.42 -6.40 -5.60
CA GLY A 34 -11.43 -7.12 -4.85
C GLY A 34 -11.07 -8.44 -5.49
N ALA A 35 -11.81 -8.81 -6.51
CA ALA A 35 -11.57 -10.06 -7.22
C ALA A 35 -10.50 -9.88 -8.28
N SER A 36 -9.24 -10.13 -7.88
CA SER A 36 -8.06 -10.03 -8.77
C SER A 36 -7.94 -8.64 -9.44
N LEU A 37 -6.97 -8.52 -10.34
CA LEU A 37 -6.75 -7.27 -11.06
C LEU A 37 -6.87 -7.51 -12.56
N ILE A 38 -8.04 -7.24 -13.09
CA ILE A 38 -8.30 -7.42 -14.52
C ILE A 38 -7.72 -6.25 -15.34
N PRO A 39 -8.06 -4.97 -14.99
CA PRO A 39 -7.50 -3.80 -15.69
C PRO A 39 -5.98 -3.77 -15.63
N ALA A 40 -5.38 -3.17 -16.65
CA ALA A 40 -3.93 -3.10 -16.75
C ALA A 40 -3.37 -2.01 -15.85
N ASP A 41 -3.40 -2.26 -14.55
CA ASP A 41 -2.85 -1.34 -13.57
C ASP A 41 -1.92 -2.08 -12.63
N TYR A 42 -1.75 -3.36 -12.90
CA TYR A 42 -0.91 -4.22 -12.07
C TYR A 42 0.56 -3.91 -12.29
N GLU A 43 0.87 -3.31 -13.44
CA GLU A 43 2.23 -2.93 -13.76
C GLU A 43 2.75 -1.87 -12.81
N ILE A 44 1.84 -1.17 -12.15
CA ILE A 44 2.23 -0.18 -11.17
C ILE A 44 2.82 -0.88 -9.96
N LEU A 45 2.18 -1.97 -9.56
CA LEU A 45 2.64 -2.77 -8.44
C LEU A 45 3.96 -3.43 -8.80
N ASN A 46 4.10 -3.79 -10.08
CA ASN A 46 5.33 -4.38 -10.59
C ASN A 46 6.43 -3.33 -10.56
N ARG A 47 6.05 -2.10 -10.86
CA ARG A 47 6.95 -0.98 -10.86
C ARG A 47 7.36 -0.61 -9.44
N VAL A 48 6.39 -0.64 -8.53
CA VAL A 48 6.66 -0.36 -7.11
C VAL A 48 7.72 -1.30 -6.59
N ALA A 49 7.63 -2.55 -7.01
CA ALA A 49 8.57 -3.58 -6.58
C ALA A 49 9.97 -3.29 -7.08
N ASP A 50 10.06 -2.73 -8.29
CA ASP A 50 11.34 -2.35 -8.92
C ASP A 50 12.24 -1.55 -8.00
N LYS A 51 11.72 -0.47 -7.44
CA LYS A 51 12.52 0.36 -6.57
C LYS A 51 12.75 -0.30 -5.24
N LEU A 52 11.79 -1.09 -4.80
CA LEU A 52 11.95 -1.81 -3.54
C LEU A 52 13.01 -2.88 -3.72
N LYS A 53 13.12 -3.37 -4.94
CA LYS A 53 14.11 -4.35 -5.34
C LYS A 53 15.52 -3.75 -5.22
N ALA A 54 15.60 -2.45 -5.46
CA ALA A 54 16.87 -1.73 -5.42
C ALA A 54 17.31 -1.46 -3.99
N CYS A 55 16.36 -1.32 -3.10
CA CYS A 55 16.67 -1.06 -1.70
C CYS A 55 15.74 -1.92 -0.81
N PRO A 56 15.89 -3.27 -0.87
CA PRO A 56 15.01 -4.21 -0.15
C PRO A 56 15.28 -4.32 1.35
N ASP A 57 16.18 -3.51 1.85
CA ASP A 57 16.49 -3.53 3.27
C ASP A 57 15.45 -2.72 4.02
N ALA A 58 14.91 -1.76 3.32
CA ALA A 58 13.88 -0.89 3.85
C ALA A 58 12.58 -1.65 4.07
N ARG A 59 11.90 -1.35 5.16
CA ARG A 59 10.64 -1.98 5.46
C ARG A 59 9.50 -1.14 4.94
N VAL A 60 8.54 -1.79 4.35
CA VAL A 60 7.40 -1.10 3.84
C VAL A 60 6.14 -1.53 4.55
N THR A 61 5.36 -0.57 4.93
CA THR A 61 4.14 -0.83 5.62
C THR A 61 2.96 -0.45 4.74
N ILE A 62 2.22 -1.45 4.32
CA ILE A 62 1.09 -1.23 3.45
C ILE A 62 -0.16 -1.08 4.30
N ASN A 63 -0.73 0.09 4.28
CA ASN A 63 -1.89 0.41 5.09
C ASN A 63 -3.14 0.43 4.24
N GLY A 64 -4.14 -0.31 4.66
CA GLY A 64 -5.38 -0.35 3.94
C GLY A 64 -6.48 0.35 4.68
N TYR A 65 -7.37 1.00 3.93
CA TYR A 65 -8.49 1.71 4.52
C TYR A 65 -9.77 1.22 3.88
N THR A 66 -10.87 1.41 4.57
CA THR A 66 -12.18 1.11 4.04
C THR A 66 -13.28 1.56 4.99
N ASP A 67 -14.02 2.52 4.53
CA ASP A 67 -15.08 3.11 5.30
C ASP A 67 -16.29 2.21 5.39
N ASN A 68 -16.50 1.66 6.58
CA ASN A 68 -17.59 0.77 6.84
C ASN A 68 -18.35 1.21 8.07
N THR A 69 -17.62 1.32 9.15
CA THR A 69 -18.18 1.68 10.42
C THR A 69 -17.64 3.02 10.91
N GLY A 70 -16.35 3.08 11.10
CA GLY A 70 -15.72 4.31 11.54
C GLY A 70 -14.26 4.11 11.84
N SER A 71 -13.95 3.01 12.50
CA SER A 71 -12.58 2.65 12.77
C SER A 71 -12.40 1.14 12.84
N GLU A 72 -13.03 0.52 13.82
CA GLU A 72 -12.88 -0.92 14.04
C GLU A 72 -14.04 -1.70 13.47
N GLY A 73 -13.87 -3.02 13.36
CA GLY A 73 -14.91 -3.87 12.84
C GLY A 73 -14.44 -4.69 11.67
N ILE A 74 -15.37 -5.02 10.76
CA ILE A 74 -15.09 -5.85 9.60
C ILE A 74 -14.09 -5.16 8.68
N ASN A 75 -14.11 -3.83 8.68
CA ASN A 75 -13.19 -3.07 7.86
C ASN A 75 -11.74 -3.34 8.23
N ILE A 76 -11.50 -3.77 9.46
CA ILE A 76 -10.16 -4.08 9.93
C ILE A 76 -9.57 -5.28 9.15
N PRO A 77 -10.16 -6.51 9.28
CA PRO A 77 -9.68 -7.68 8.53
C PRO A 77 -9.78 -7.45 7.02
N LEU A 78 -10.75 -6.65 6.60
CA LEU A 78 -10.96 -6.36 5.18
C LEU A 78 -9.83 -5.52 4.59
N SER A 79 -9.51 -4.41 5.23
CA SER A 79 -8.46 -3.53 4.72
C SER A 79 -7.11 -4.23 4.75
N ALA A 80 -6.96 -5.18 5.66
CA ALA A 80 -5.73 -5.95 5.76
C ALA A 80 -5.59 -6.84 4.54
N GLN A 81 -6.71 -7.31 4.03
CA GLN A 81 -6.73 -8.15 2.85
C GLN A 81 -6.22 -7.36 1.65
N ARG A 82 -6.78 -6.17 1.47
CA ARG A 82 -6.42 -5.31 0.36
C ARG A 82 -4.96 -4.90 0.42
N ALA A 83 -4.45 -4.64 1.62
CA ALA A 83 -3.04 -4.33 1.78
C ALA A 83 -2.18 -5.53 1.40
N LYS A 84 -2.67 -6.73 1.77
CA LYS A 84 -1.96 -7.97 1.46
C LYS A 84 -1.92 -8.23 -0.03
N ILE A 85 -2.98 -7.81 -0.74
CA ILE A 85 -3.04 -7.98 -2.20
C ILE A 85 -1.81 -7.36 -2.85
N VAL A 86 -1.41 -6.19 -2.37
CA VAL A 86 -0.24 -5.52 -2.89
C VAL A 86 1.01 -6.28 -2.47
N ALA A 87 1.05 -6.71 -1.21
CA ALA A 87 2.19 -7.46 -0.69
C ALA A 87 2.43 -8.71 -1.52
N ASP A 88 1.34 -9.45 -1.81
CA ASP A 88 1.45 -10.68 -2.60
C ASP A 88 2.09 -10.39 -3.95
N TYR A 89 1.77 -9.25 -4.51
CA TYR A 89 2.33 -8.83 -5.78
C TYR A 89 3.80 -8.48 -5.63
N LEU A 90 4.09 -7.62 -4.67
CA LEU A 90 5.46 -7.19 -4.40
C LEU A 90 6.36 -8.40 -4.16
N VAL A 91 5.92 -9.28 -3.27
CA VAL A 91 6.66 -10.49 -2.97
C VAL A 91 6.81 -11.35 -4.22
N ALA A 92 5.74 -11.43 -5.01
CA ALA A 92 5.76 -12.17 -6.26
C ALA A 92 6.75 -11.57 -7.25
N ARG A 93 7.06 -10.30 -7.04
CA ARG A 93 8.02 -9.58 -7.87
C ARG A 93 9.44 -9.74 -7.36
N GLY A 94 9.61 -10.58 -6.36
CA GLY A 94 10.93 -10.81 -5.82
C GLY A 94 11.27 -9.92 -4.65
N VAL A 95 10.27 -9.28 -4.07
CA VAL A 95 10.50 -8.43 -2.90
C VAL A 95 10.39 -9.28 -1.64
N ALA A 96 11.20 -8.98 -0.65
CA ALA A 96 11.24 -9.75 0.58
C ALA A 96 9.97 -9.58 1.39
N GLY A 97 9.19 -10.65 1.48
CA GLY A 97 7.96 -10.64 2.24
C GLY A 97 8.18 -10.28 3.69
N ASP A 98 9.33 -10.67 4.23
CA ASP A 98 9.67 -10.37 5.63
C ASP A 98 9.92 -8.89 5.86
N HIS A 99 10.12 -8.14 4.78
CA HIS A 99 10.39 -6.71 4.88
C HIS A 99 9.13 -5.92 4.56
N ILE A 100 8.07 -6.63 4.20
CA ILE A 100 6.82 -6.01 3.89
C ILE A 100 5.82 -6.25 5.02
N ALA A 101 5.19 -5.19 5.48
CA ALA A 101 4.21 -5.29 6.55
C ALA A 101 2.85 -4.82 6.06
N THR A 102 1.86 -5.67 6.19
CA THR A 102 0.51 -5.35 5.76
C THR A 102 -0.40 -5.10 6.95
N VAL A 103 -1.04 -3.94 6.98
CA VAL A 103 -1.87 -3.57 8.11
C VAL A 103 -3.21 -3.00 7.65
N GLY A 104 -4.28 -3.60 8.12
CA GLY A 104 -5.59 -3.08 7.82
C GLY A 104 -6.08 -2.19 8.94
N LEU A 105 -6.22 -0.92 8.64
CA LEU A 105 -6.62 0.05 9.64
C LEU A 105 -8.12 0.25 9.65
N GLY A 106 -8.81 -0.48 8.81
CA GLY A 106 -10.23 -0.32 8.69
C GLY A 106 -10.59 1.02 8.14
N SER A 107 -11.51 1.68 8.79
CA SER A 107 -11.92 2.98 8.38
C SER A 107 -11.06 4.02 9.10
N VAL A 108 -10.30 4.78 8.33
CA VAL A 108 -9.43 5.80 8.87
C VAL A 108 -8.73 6.52 7.72
N ASN A 109 -8.39 7.77 7.97
CA ASN A 109 -7.71 8.62 7.00
C ASN A 109 -8.50 8.72 5.73
N PRO A 110 -9.65 9.41 5.79
CA PRO A 110 -10.55 9.52 4.67
C PRO A 110 -10.11 10.53 3.64
N ILE A 111 -10.24 10.16 2.39
CA ILE A 111 -9.94 11.03 1.29
C ILE A 111 -11.15 11.91 1.00
N ALA A 112 -12.34 11.34 1.11
CA ALA A 112 -13.55 12.10 0.92
C ALA A 112 -14.52 11.85 2.06
N SER A 113 -15.58 12.63 2.13
CA SER A 113 -16.56 12.49 3.18
C SER A 113 -17.48 11.29 2.88
N ASN A 114 -17.91 10.61 3.94
CA ASN A 114 -18.80 9.44 3.79
C ASN A 114 -20.21 9.87 3.41
N ALA A 115 -20.45 11.17 3.42
CA ALA A 115 -21.74 11.73 3.04
C ALA A 115 -22.08 11.35 1.59
N THR A 116 -21.06 11.08 0.81
CA THR A 116 -21.22 10.64 -0.55
C THR A 116 -20.68 9.22 -0.70
N PRO A 117 -21.40 8.36 -1.43
CA PRO A 117 -21.00 6.97 -1.63
C PRO A 117 -19.71 6.88 -2.44
N GLU A 118 -19.54 7.83 -3.34
CA GLU A 118 -18.36 7.93 -4.18
C GLU A 118 -17.13 8.10 -3.31
N GLY A 119 -17.28 8.92 -2.29
CA GLY A 119 -16.19 9.16 -1.36
C GLY A 119 -15.82 7.92 -0.60
N ARG A 120 -16.81 7.12 -0.25
CA ARG A 120 -16.58 5.89 0.48
C ARG A 120 -15.89 4.87 -0.42
N ALA A 121 -16.09 5.02 -1.73
CA ALA A 121 -15.45 4.16 -2.71
C ALA A 121 -13.98 4.52 -2.85
N LYS A 122 -13.65 5.77 -2.56
CA LYS A 122 -12.27 6.20 -2.56
C LYS A 122 -11.61 5.80 -1.26
N ASN A 123 -12.38 5.88 -0.17
CA ASN A 123 -11.89 5.58 1.18
C ASN A 123 -11.60 4.12 1.41
N ARG A 124 -11.87 3.29 0.43
CA ARG A 124 -11.61 1.86 0.55
C ARG A 124 -10.29 1.49 -0.12
N ARG A 125 -9.54 2.50 -0.52
CA ARG A 125 -8.25 2.29 -1.16
C ARG A 125 -7.14 1.88 -0.16
N VAL A 126 -5.93 1.76 -0.70
CA VAL A 126 -4.76 1.32 0.07
C VAL A 126 -3.53 2.20 -0.23
N GLU A 127 -2.62 2.31 0.71
CA GLU A 127 -1.40 3.09 0.53
C GLU A 127 -0.17 2.32 0.97
N ILE A 128 0.89 2.44 0.18
CA ILE A 128 2.14 1.81 0.53
C ILE A 128 3.02 2.82 1.23
N VAL A 129 3.31 2.57 2.47
CA VAL A 129 4.12 3.47 3.25
C VAL A 129 5.49 2.88 3.45
N VAL A 130 6.50 3.67 3.31
CA VAL A 130 7.83 3.20 3.47
C VAL A 130 8.38 3.67 4.81
N ASN A 131 9.14 2.82 5.46
CA ASN A 131 9.77 3.16 6.74
C ASN A 131 10.62 4.43 6.59
N GLY A 1 37.54 2.74 -4.71
CA GLY A 1 37.73 2.22 -6.06
C GLY A 1 36.43 1.77 -6.68
N GLN A 2 36.52 0.96 -7.72
CA GLN A 2 35.35 0.45 -8.40
C GLN A 2 34.70 -0.64 -7.57
N ALA A 3 33.44 -0.42 -7.19
CA ALA A 3 32.67 -1.34 -6.36
C ALA A 3 33.25 -1.42 -4.94
N PRO A 4 32.59 -0.75 -3.98
CA PRO A 4 33.04 -0.74 -2.59
C PRO A 4 33.09 -2.15 -1.99
N PRO A 5 34.12 -2.43 -1.16
CA PRO A 5 34.29 -3.73 -0.50
C PRO A 5 32.98 -4.33 0.02
N GLY A 6 32.24 -3.56 0.80
CA GLY A 6 30.97 -4.01 1.30
C GLY A 6 29.81 -3.41 0.54
N PRO A 7 28.96 -4.25 -0.09
CA PRO A 7 27.80 -3.79 -0.86
C PRO A 7 26.78 -2.92 -0.06
N PRO A 8 26.38 -3.33 1.20
CA PRO A 8 25.41 -2.55 2.01
C PRO A 8 25.81 -1.08 2.14
N ALA A 9 24.82 -0.19 2.05
CA ALA A 9 25.05 1.23 2.13
C ALA A 9 25.38 1.64 3.55
N SER A 10 24.96 0.82 4.52
CA SER A 10 25.20 1.04 5.96
C SER A 10 24.35 2.19 6.51
N GLY A 11 24.27 3.28 5.77
CA GLY A 11 23.47 4.40 6.19
C GLY A 11 22.09 4.39 5.58
N PRO A 12 21.53 5.57 5.26
CA PRO A 12 20.20 5.68 4.66
C PRO A 12 20.21 5.22 3.19
N CYS A 13 19.05 4.84 2.70
CA CYS A 13 18.92 4.38 1.34
C CYS A 13 18.08 5.37 0.52
N ALA A 14 17.86 5.05 -0.74
CA ALA A 14 17.10 5.91 -1.65
C ALA A 14 15.66 6.08 -1.17
N ASP A 15 15.06 7.22 -1.51
CA ASP A 15 13.68 7.50 -1.13
C ASP A 15 12.74 6.70 -1.99
N LEU A 16 12.41 5.52 -1.55
CA LEU A 16 11.55 4.65 -2.30
C LEU A 16 10.11 5.10 -2.22
N GLN A 17 9.75 5.76 -1.12
CA GLN A 17 8.38 6.24 -0.93
C GLN A 17 8.03 7.25 -1.99
N SER A 18 8.95 8.15 -2.27
CA SER A 18 8.75 9.15 -3.29
C SER A 18 8.79 8.49 -4.67
N ALA A 19 9.74 7.58 -4.82
CA ALA A 19 9.93 6.86 -6.07
C ALA A 19 8.67 6.10 -6.49
N ILE A 20 8.08 5.38 -5.55
CA ILE A 20 6.86 4.64 -5.82
C ILE A 20 5.67 5.60 -5.96
N ASN A 21 5.66 6.65 -5.12
CA ASN A 21 4.59 7.66 -5.16
C ASN A 21 4.51 8.30 -6.53
N ALA A 22 5.67 8.49 -7.15
CA ALA A 22 5.75 9.07 -8.47
C ALA A 22 5.06 8.19 -9.51
N VAL A 23 4.98 6.89 -9.24
CA VAL A 23 4.35 5.98 -10.18
C VAL A 23 2.88 5.79 -9.83
N THR A 24 2.60 5.62 -8.54
CA THR A 24 1.25 5.40 -8.09
C THR A 24 0.41 6.65 -8.30
N GLY A 25 1.00 7.80 -8.03
CA GLY A 25 0.28 9.04 -8.14
C GLY A 25 -0.59 9.27 -6.93
N GLY A 26 -0.20 8.65 -5.83
CA GLY A 26 -0.95 8.74 -4.61
C GLY A 26 -1.25 7.37 -4.05
N PRO A 27 -2.49 7.14 -3.62
CA PRO A 27 -2.90 5.87 -3.06
C PRO A 27 -3.33 4.86 -4.13
N ILE A 28 -3.44 3.62 -3.71
CA ILE A 28 -3.83 2.53 -4.59
C ILE A 28 -5.36 2.44 -4.67
N ALA A 29 -5.90 2.77 -5.82
CA ALA A 29 -7.34 2.71 -6.03
C ALA A 29 -7.72 1.46 -6.80
N PHE A 30 -8.63 0.66 -6.24
CA PHE A 30 -9.05 -0.58 -6.86
C PHE A 30 -10.30 -1.13 -6.19
N GLY A 31 -11.21 -1.66 -7.00
CA GLY A 31 -12.42 -2.24 -6.46
C GLY A 31 -12.27 -3.71 -6.11
N ASN A 32 -11.64 -3.98 -4.97
CA ASN A 32 -11.51 -5.34 -4.47
C ASN A 32 -12.82 -5.78 -3.82
N ASP A 33 -13.69 -6.32 -4.65
CA ASP A 33 -14.99 -6.80 -4.21
C ASP A 33 -15.72 -7.41 -5.39
N GLY A 34 -15.51 -8.69 -5.60
CA GLY A 34 -16.15 -9.38 -6.72
C GLY A 34 -15.51 -9.06 -8.05
N ALA A 35 -14.34 -8.43 -8.02
CA ALA A 35 -13.61 -8.07 -9.22
C ALA A 35 -12.11 -8.07 -8.97
N SER A 36 -11.63 -7.05 -8.24
CA SER A 36 -10.21 -6.92 -7.90
C SER A 36 -9.35 -6.61 -9.14
N LEU A 37 -8.05 -6.86 -9.04
CA LEU A 37 -7.13 -6.54 -10.13
C LEU A 37 -7.18 -7.58 -11.24
N ILE A 38 -8.18 -7.44 -12.10
CA ILE A 38 -8.32 -8.29 -13.27
C ILE A 38 -7.60 -7.68 -14.50
N PRO A 39 -7.83 -6.36 -14.81
CA PRO A 39 -7.15 -5.69 -15.92
C PRO A 39 -5.63 -5.60 -15.69
N ALA A 40 -4.89 -5.51 -16.76
CA ALA A 40 -3.43 -5.49 -16.68
C ALA A 40 -2.88 -4.07 -16.58
N ASP A 41 -3.75 -3.09 -16.39
CA ASP A 41 -3.30 -1.69 -16.29
C ASP A 41 -2.69 -1.40 -14.93
N TYR A 42 -2.79 -2.36 -14.01
CA TYR A 42 -2.24 -2.20 -12.66
C TYR A 42 -0.74 -2.47 -12.64
N GLU A 43 -0.07 -2.08 -13.71
CA GLU A 43 1.37 -2.21 -13.87
C GLU A 43 2.12 -1.43 -12.81
N ILE A 44 1.42 -0.50 -12.17
CA ILE A 44 2.02 0.37 -11.18
C ILE A 44 2.62 -0.45 -10.04
N LEU A 45 1.93 -1.51 -9.65
CA LEU A 45 2.42 -2.38 -8.58
C LEU A 45 3.68 -3.09 -9.01
N ASN A 46 3.78 -3.39 -10.29
CA ASN A 46 4.96 -4.03 -10.84
C ASN A 46 6.10 -3.04 -10.85
N ARG A 47 5.76 -1.79 -11.14
CA ARG A 47 6.70 -0.71 -11.16
C ARG A 47 7.19 -0.37 -9.75
N VAL A 48 6.26 -0.34 -8.81
CA VAL A 48 6.57 -0.10 -7.40
C VAL A 48 7.57 -1.12 -6.88
N ALA A 49 7.37 -2.37 -7.27
CA ALA A 49 8.22 -3.46 -6.84
C ALA A 49 9.64 -3.27 -7.33
N ASP A 50 9.78 -2.72 -8.53
CA ASP A 50 11.09 -2.47 -9.17
C ASP A 50 12.05 -1.74 -8.25
N LYS A 51 11.61 -0.62 -7.70
CA LYS A 51 12.49 0.16 -6.84
C LYS A 51 12.66 -0.49 -5.50
N LEU A 52 11.64 -1.19 -5.04
CA LEU A 52 11.73 -1.89 -3.76
C LEU A 52 12.79 -2.97 -3.82
N LYS A 53 12.89 -3.63 -4.97
CA LYS A 53 13.88 -4.67 -5.18
C LYS A 53 15.29 -4.10 -5.33
N ALA A 54 15.38 -2.85 -5.72
CA ALA A 54 16.68 -2.18 -5.85
C ALA A 54 17.31 -1.98 -4.48
N CYS A 55 16.48 -1.61 -3.52
CA CYS A 55 16.90 -1.45 -2.14
C CYS A 55 15.99 -2.29 -1.24
N PRO A 56 16.11 -3.62 -1.31
CA PRO A 56 15.24 -4.56 -0.59
C PRO A 56 15.47 -4.59 0.91
N ASP A 57 16.43 -3.82 1.39
CA ASP A 57 16.72 -3.81 2.83
C ASP A 57 15.70 -2.95 3.53
N ALA A 58 15.14 -2.02 2.78
CA ALA A 58 14.13 -1.12 3.30
C ALA A 58 12.83 -1.86 3.55
N ARG A 59 12.23 -1.60 4.69
CA ARG A 59 10.97 -2.21 5.04
C ARG A 59 9.85 -1.35 4.57
N VAL A 60 8.82 -1.95 4.07
CA VAL A 60 7.69 -1.21 3.62
C VAL A 60 6.46 -1.53 4.42
N THR A 61 5.78 -0.50 4.84
CA THR A 61 4.59 -0.64 5.62
C THR A 61 3.39 -0.24 4.77
N ILE A 62 2.61 -1.22 4.39
CA ILE A 62 1.47 -0.99 3.56
C ILE A 62 0.25 -0.77 4.42
N ASN A 63 -0.27 0.42 4.35
CA ASN A 63 -1.40 0.80 5.16
C ASN A 63 -2.66 0.78 4.35
N GLY A 64 -3.66 0.08 4.85
CA GLY A 64 -4.91 0.00 4.16
C GLY A 64 -5.97 0.81 4.86
N TYR A 65 -6.89 1.36 4.09
CA TYR A 65 -7.97 2.15 4.66
C TYR A 65 -9.31 1.59 4.23
N THR A 66 -10.33 1.99 4.97
CA THR A 66 -11.71 1.64 4.70
C THR A 66 -12.59 2.79 5.15
N ASP A 67 -13.87 2.75 4.80
CA ASP A 67 -14.79 3.78 5.22
C ASP A 67 -15.27 3.52 6.65
N ASN A 68 -15.64 4.58 7.34
CA ASN A 68 -16.10 4.48 8.73
C ASN A 68 -17.61 4.36 8.81
N THR A 69 -18.25 4.39 7.66
CA THR A 69 -19.69 4.30 7.58
C THR A 69 -20.16 2.85 7.72
N GLY A 70 -19.23 1.92 7.60
CA GLY A 70 -19.57 0.52 7.74
C GLY A 70 -19.55 0.08 9.18
N SER A 71 -19.68 -1.20 9.41
CA SER A 71 -19.66 -1.74 10.75
C SER A 71 -18.22 -1.86 11.26
N GLU A 72 -17.94 -1.25 12.41
CA GLU A 72 -16.60 -1.26 12.99
C GLU A 72 -16.15 -2.69 13.29
N GLY A 73 -14.85 -2.89 13.28
CA GLY A 73 -14.32 -4.19 13.55
C GLY A 73 -13.87 -4.88 12.30
N ILE A 74 -14.70 -4.82 11.29
CA ILE A 74 -14.44 -5.47 10.02
C ILE A 74 -13.47 -4.64 9.21
N ASN A 75 -13.46 -3.35 9.48
CA ASN A 75 -12.61 -2.40 8.76
C ASN A 75 -11.15 -2.79 8.88
N ILE A 76 -10.75 -3.17 10.08
CA ILE A 76 -9.38 -3.58 10.35
C ILE A 76 -8.94 -4.76 9.45
N PRO A 77 -9.57 -5.96 9.59
CA PRO A 77 -9.24 -7.12 8.76
C PRO A 77 -9.44 -6.83 7.28
N LEU A 78 -10.37 -5.94 6.95
CA LEU A 78 -10.61 -5.59 5.57
C LEU A 78 -9.47 -4.79 4.98
N SER A 79 -9.10 -3.71 5.65
CA SER A 79 -8.01 -2.87 5.20
C SER A 79 -6.70 -3.65 5.21
N ALA A 80 -6.59 -4.61 6.14
CA ALA A 80 -5.42 -5.46 6.21
C ALA A 80 -5.39 -6.38 5.00
N GLN A 81 -6.57 -6.79 4.54
CA GLN A 81 -6.69 -7.63 3.37
C GLN A 81 -6.23 -6.86 2.16
N ARG A 82 -6.75 -5.65 2.05
CA ARG A 82 -6.42 -4.74 0.97
C ARG A 82 -4.90 -4.52 0.86
N ALA A 83 -4.27 -4.23 1.99
CA ALA A 83 -2.84 -4.03 2.02
C ALA A 83 -2.08 -5.32 1.64
N LYS A 84 -2.60 -6.46 2.10
CA LYS A 84 -1.98 -7.74 1.82
C LYS A 84 -2.00 -8.06 0.33
N ILE A 85 -3.00 -7.57 -0.36
CA ILE A 85 -3.11 -7.75 -1.80
C ILE A 85 -1.89 -7.15 -2.51
N VAL A 86 -1.50 -5.97 -2.06
CA VAL A 86 -0.36 -5.29 -2.64
C VAL A 86 0.91 -6.05 -2.30
N ALA A 87 1.04 -6.44 -1.03
CA ALA A 87 2.21 -7.19 -0.57
C ALA A 87 2.40 -8.44 -1.39
N ASP A 88 1.30 -9.14 -1.65
CA ASP A 88 1.33 -10.36 -2.44
C ASP A 88 1.86 -10.09 -3.85
N TYR A 89 1.48 -8.94 -4.40
CA TYR A 89 1.92 -8.53 -5.72
C TYR A 89 3.39 -8.20 -5.71
N LEU A 90 3.81 -7.50 -4.68
CA LEU A 90 5.20 -7.11 -4.54
C LEU A 90 6.08 -8.35 -4.42
N VAL A 91 5.68 -9.25 -3.53
CA VAL A 91 6.40 -10.51 -3.34
C VAL A 91 6.42 -11.31 -4.64
N ALA A 92 5.30 -11.32 -5.35
CA ALA A 92 5.20 -12.02 -6.63
C ALA A 92 6.13 -11.40 -7.66
N ARG A 93 6.39 -10.11 -7.50
CA ARG A 93 7.27 -9.37 -8.39
C ARG A 93 8.73 -9.50 -7.98
N GLY A 94 9.00 -10.23 -6.92
CA GLY A 94 10.37 -10.43 -6.49
C GLY A 94 10.76 -9.65 -5.26
N VAL A 95 9.81 -8.99 -4.61
CA VAL A 95 10.13 -8.26 -3.40
C VAL A 95 10.12 -9.20 -2.19
N ALA A 96 11.01 -8.94 -1.26
CA ALA A 96 11.13 -9.77 -0.06
C ALA A 96 9.94 -9.54 0.88
N GLY A 97 9.08 -10.56 0.98
CA GLY A 97 7.91 -10.48 1.84
C GLY A 97 8.27 -10.31 3.30
N ASP A 98 9.42 -10.85 3.67
CA ASP A 98 9.93 -10.74 5.04
C ASP A 98 10.17 -9.27 5.41
N HIS A 99 10.29 -8.42 4.40
CA HIS A 99 10.53 -7.00 4.60
C HIS A 99 9.30 -6.17 4.29
N ILE A 100 8.19 -6.83 3.99
CA ILE A 100 6.94 -6.14 3.72
C ILE A 100 5.98 -6.29 4.89
N ALA A 101 5.45 -5.19 5.36
CA ALA A 101 4.51 -5.19 6.48
C ALA A 101 3.15 -4.67 6.05
N THR A 102 2.13 -5.44 6.26
CA THR A 102 0.78 -5.07 5.88
C THR A 102 -0.07 -4.76 7.11
N VAL A 103 -0.60 -3.55 7.17
CA VAL A 103 -1.37 -3.12 8.32
C VAL A 103 -2.70 -2.52 7.92
N GLY A 104 -3.77 -3.13 8.42
CA GLY A 104 -5.08 -2.59 8.20
C GLY A 104 -5.45 -1.64 9.30
N LEU A 105 -5.54 -0.37 8.97
CA LEU A 105 -5.84 0.66 9.96
C LEU A 105 -7.33 0.90 10.08
N GLY A 106 -8.11 0.19 9.30
CA GLY A 106 -9.52 0.43 9.30
C GLY A 106 -9.82 1.77 8.68
N SER A 107 -10.53 2.58 9.39
CA SER A 107 -10.82 3.90 8.91
C SER A 107 -9.96 4.91 9.67
N VAL A 108 -9.17 5.67 8.96
CA VAL A 108 -8.27 6.62 9.56
C VAL A 108 -8.29 7.94 8.81
N ASN A 109 -7.74 7.93 7.60
CA ASN A 109 -7.71 9.12 6.79
C ASN A 109 -8.60 8.98 5.57
N PRO A 110 -9.86 9.39 5.68
CA PRO A 110 -10.81 9.35 4.57
C PRO A 110 -10.38 10.30 3.45
N ILE A 111 -10.46 9.83 2.23
CA ILE A 111 -10.10 10.63 1.08
C ILE A 111 -11.28 11.50 0.63
N ALA A 112 -12.44 10.89 0.55
CA ALA A 112 -13.64 11.59 0.14
C ALA A 112 -14.73 11.46 1.20
N SER A 113 -15.82 12.17 1.01
CA SER A 113 -16.93 12.17 1.94
C SER A 113 -17.54 10.77 2.07
N ASN A 114 -17.82 10.37 3.30
CA ASN A 114 -18.42 9.07 3.56
C ASN A 114 -19.92 9.09 3.32
N ALA A 115 -20.47 10.29 3.16
CA ALA A 115 -21.90 10.46 2.89
C ALA A 115 -22.26 9.92 1.52
N THR A 116 -21.27 9.79 0.66
CA THR A 116 -21.48 9.29 -0.68
C THR A 116 -20.82 7.92 -0.86
N PRO A 117 -21.50 7.00 -1.56
CA PRO A 117 -20.97 5.65 -1.79
C PRO A 117 -19.66 5.69 -2.58
N GLU A 118 -19.57 6.65 -3.50
CA GLU A 118 -18.37 6.84 -4.30
C GLU A 118 -17.19 7.15 -3.42
N GLY A 119 -17.40 8.05 -2.49
CA GLY A 119 -16.35 8.42 -1.58
C GLY A 119 -15.91 7.28 -0.72
N ARG A 120 -16.87 6.46 -0.31
CA ARG A 120 -16.59 5.27 0.50
C ARG A 120 -15.70 4.31 -0.28
N ALA A 121 -16.01 4.19 -1.58
CA ALA A 121 -15.24 3.33 -2.46
C ALA A 121 -13.80 3.82 -2.59
N LYS A 122 -13.62 5.12 -2.43
CA LYS A 122 -12.29 5.70 -2.47
C LYS A 122 -11.58 5.49 -1.14
N ASN A 123 -12.33 5.61 -0.04
CA ASN A 123 -11.81 5.44 1.32
C ASN A 123 -11.13 4.10 1.52
N ARG A 124 -11.56 3.10 0.78
CA ARG A 124 -11.02 1.74 0.97
C ARG A 124 -9.71 1.51 0.22
N ARG A 125 -9.11 2.60 -0.27
CA ARG A 125 -7.79 2.61 -0.90
C ARG A 125 -6.68 2.05 0.02
N VAL A 126 -5.49 1.91 -0.55
CA VAL A 126 -4.31 1.43 0.17
C VAL A 126 -3.10 2.32 -0.14
N GLU A 127 -2.20 2.48 0.82
CA GLU A 127 -1.00 3.29 0.61
C GLU A 127 0.25 2.53 1.04
N ILE A 128 1.30 2.65 0.25
CA ILE A 128 2.55 1.98 0.55
C ILE A 128 3.53 2.98 1.16
N VAL A 129 3.91 2.74 2.39
CA VAL A 129 4.85 3.60 3.08
C VAL A 129 6.17 2.89 3.24
N VAL A 130 7.24 3.59 3.03
CA VAL A 130 8.56 3.01 3.15
C VAL A 130 9.17 3.41 4.48
N ASN A 131 9.81 2.47 5.13
CA ASN A 131 10.46 2.73 6.41
C ASN A 131 11.88 3.22 6.20
N GLY A 1 25.84 6.08 12.83
CA GLY A 1 26.68 5.65 11.70
C GLY A 1 28.03 6.30 11.74
N GLN A 2 29.00 5.68 11.09
CA GLN A 2 30.36 6.21 11.04
C GLN A 2 30.72 6.62 9.62
N ALA A 3 29.73 6.53 8.73
CA ALA A 3 29.92 6.82 7.29
C ALA A 3 30.80 5.76 6.65
N PRO A 4 30.19 4.68 6.14
CA PRO A 4 30.92 3.59 5.50
C PRO A 4 31.68 4.06 4.27
N PRO A 5 32.90 3.52 4.05
CA PRO A 5 33.73 3.88 2.88
C PRO A 5 33.05 3.52 1.56
N GLY A 6 32.08 2.62 1.62
CA GLY A 6 31.39 2.21 0.44
C GLY A 6 30.03 2.86 0.32
N PRO A 7 29.00 2.09 -0.05
CA PRO A 7 27.64 2.62 -0.20
C PRO A 7 26.96 2.82 1.17
N PRO A 8 26.01 3.77 1.24
CA PRO A 8 25.28 4.05 2.47
C PRO A 8 24.29 2.92 2.80
N ALA A 9 24.79 1.87 3.43
CA ALA A 9 23.97 0.73 3.81
C ALA A 9 23.89 0.60 5.32
N SER A 10 24.48 1.56 6.01
CA SER A 10 24.49 1.57 7.46
C SER A 10 23.46 2.56 7.99
N GLY A 11 22.68 3.14 7.10
CA GLY A 11 21.69 4.11 7.50
C GLY A 11 20.44 4.04 6.65
N PRO A 12 19.76 5.19 6.45
CA PRO A 12 18.54 5.26 5.66
C PRO A 12 18.81 5.08 4.16
N CYS A 13 17.79 4.64 3.45
CA CYS A 13 17.89 4.41 2.02
C CYS A 13 17.19 5.52 1.24
N ALA A 14 17.14 5.35 -0.08
CA ALA A 14 16.52 6.31 -0.98
C ALA A 14 15.04 6.53 -0.66
N ASP A 15 14.41 7.42 -1.41
CA ASP A 15 13.01 7.74 -1.18
C ASP A 15 12.13 6.83 -2.01
N LEU A 16 11.97 5.61 -1.54
CA LEU A 16 11.17 4.64 -2.24
C LEU A 16 9.70 5.02 -2.20
N GLN A 17 9.29 5.71 -1.14
CA GLN A 17 7.90 6.12 -0.97
C GLN A 17 7.49 7.08 -2.07
N SER A 18 8.34 8.06 -2.33
CA SER A 18 8.05 9.04 -3.36
C SER A 18 8.21 8.39 -4.73
N ALA A 19 9.12 7.43 -4.80
CA ALA A 19 9.42 6.71 -6.02
C ALA A 19 8.21 5.86 -6.46
N ILE A 20 7.64 5.13 -5.51
CA ILE A 20 6.48 4.30 -5.79
C ILE A 20 5.20 5.14 -5.93
N ASN A 21 5.06 6.15 -5.08
CA ASN A 21 3.88 7.03 -5.10
C ASN A 21 3.76 7.73 -6.45
N ALA A 22 4.90 8.04 -7.05
CA ALA A 22 4.94 8.68 -8.35
C ALA A 22 4.32 7.78 -9.43
N VAL A 23 4.37 6.47 -9.21
CA VAL A 23 3.82 5.51 -10.15
C VAL A 23 2.37 5.21 -9.82
N THR A 24 2.11 5.00 -8.52
CA THR A 24 0.78 4.70 -8.07
C THR A 24 -0.13 5.88 -8.35
N GLY A 25 0.43 7.06 -8.20
CA GLY A 25 -0.32 8.26 -8.42
C GLY A 25 -1.07 8.65 -7.19
N GLY A 26 -0.55 8.20 -6.06
CA GLY A 26 -1.19 8.44 -4.81
C GLY A 26 -1.44 7.15 -4.08
N PRO A 27 -2.65 6.96 -3.56
CA PRO A 27 -3.00 5.74 -2.86
C PRO A 27 -3.48 4.65 -3.82
N ILE A 28 -3.57 3.44 -3.32
CA ILE A 28 -4.04 2.32 -4.11
C ILE A 28 -5.55 2.34 -4.15
N ALA A 29 -6.10 2.80 -5.25
CA ALA A 29 -7.53 2.87 -5.40
C ALA A 29 -8.10 1.57 -5.94
N PHE A 30 -9.16 1.11 -5.31
CA PHE A 30 -9.84 -0.10 -5.73
C PHE A 30 -11.13 0.26 -6.41
N GLY A 31 -11.76 -0.72 -7.04
CA GLY A 31 -13.01 -0.47 -7.72
C GLY A 31 -14.20 -0.78 -6.84
N ASN A 32 -14.91 -1.85 -7.17
CA ASN A 32 -16.07 -2.26 -6.39
C ASN A 32 -15.63 -2.90 -5.09
N ASP A 33 -14.46 -3.57 -5.13
CA ASP A 33 -13.84 -4.20 -3.96
C ASP A 33 -14.60 -5.45 -3.55
N GLY A 34 -13.86 -6.52 -3.34
CA GLY A 34 -14.47 -7.76 -2.98
C GLY A 34 -13.87 -8.90 -3.73
N ALA A 35 -13.20 -8.59 -4.82
CA ALA A 35 -12.57 -9.62 -5.62
C ALA A 35 -11.05 -9.48 -5.62
N SER A 36 -10.53 -8.74 -6.60
CA SER A 36 -9.12 -8.53 -6.76
C SER A 36 -8.88 -7.44 -7.80
N LEU A 37 -7.72 -7.45 -8.44
CA LEU A 37 -7.42 -6.49 -9.48
C LEU A 37 -8.05 -6.92 -10.80
N ILE A 38 -9.35 -6.74 -10.89
CA ILE A 38 -10.10 -7.08 -12.08
C ILE A 38 -9.71 -6.21 -13.30
N PRO A 39 -9.50 -4.86 -13.13
CA PRO A 39 -9.06 -3.98 -14.23
C PRO A 39 -7.84 -4.54 -14.99
N ALA A 40 -7.65 -4.06 -16.21
CA ALA A 40 -6.58 -4.54 -17.05
C ALA A 40 -5.21 -4.06 -16.58
N ASP A 41 -5.15 -2.83 -16.10
CA ASP A 41 -3.88 -2.25 -15.67
C ASP A 41 -3.54 -2.64 -14.23
N TYR A 42 -2.49 -3.41 -14.09
CA TYR A 42 -1.99 -3.84 -12.80
C TYR A 42 -0.47 -3.66 -12.77
N GLU A 43 0.04 -3.03 -13.82
CA GLU A 43 1.48 -2.89 -14.02
C GLU A 43 2.14 -2.02 -12.97
N ILE A 44 1.37 -1.21 -12.27
CA ILE A 44 1.93 -0.34 -11.25
C ILE A 44 2.58 -1.17 -10.16
N LEU A 45 1.96 -2.29 -9.83
CA LEU A 45 2.49 -3.20 -8.82
C LEU A 45 3.86 -3.72 -9.21
N ASN A 46 4.04 -3.97 -10.49
CA ASN A 46 5.31 -4.49 -11.00
C ASN A 46 6.32 -3.35 -11.11
N ARG A 47 5.83 -2.18 -11.45
CA ARG A 47 6.65 -1.00 -11.55
C ARG A 47 7.16 -0.61 -10.15
N VAL A 48 6.26 -0.66 -9.18
CA VAL A 48 6.57 -0.37 -7.78
C VAL A 48 7.67 -1.30 -7.27
N ALA A 49 7.57 -2.56 -7.63
CA ALA A 49 8.51 -3.56 -7.19
C ALA A 49 9.91 -3.27 -7.72
N ASP A 50 9.99 -2.76 -8.94
CA ASP A 50 11.27 -2.42 -9.57
C ASP A 50 12.16 -1.52 -8.72
N LYS A 51 11.59 -0.42 -8.22
CA LYS A 51 12.40 0.49 -7.43
C LYS A 51 12.67 -0.10 -6.06
N LEU A 52 11.77 -0.93 -5.56
CA LEU A 52 11.98 -1.59 -4.29
C LEU A 52 13.04 -2.67 -4.44
N LYS A 53 13.13 -3.21 -5.64
CA LYS A 53 14.11 -4.22 -6.00
C LYS A 53 15.52 -3.64 -5.91
N ALA A 54 15.61 -2.34 -6.19
CA ALA A 54 16.87 -1.62 -6.18
C ALA A 54 17.39 -1.44 -4.76
N CYS A 55 16.48 -1.20 -3.83
CA CYS A 55 16.84 -1.08 -2.44
C CYS A 55 15.99 -2.04 -1.62
N PRO A 56 16.28 -3.34 -1.72
CA PRO A 56 15.52 -4.38 -1.01
C PRO A 56 15.79 -4.40 0.50
N ASP A 57 16.64 -3.49 0.95
CA ASP A 57 16.96 -3.37 2.36
C ASP A 57 15.82 -2.66 3.06
N ALA A 58 15.18 -1.78 2.31
CA ALA A 58 14.08 -0.97 2.82
C ALA A 58 12.88 -1.82 3.17
N ARG A 59 12.17 -1.41 4.21
CA ARG A 59 10.97 -2.08 4.62
C ARG A 59 9.80 -1.31 4.14
N VAL A 60 8.76 -1.96 3.80
CA VAL A 60 7.58 -1.25 3.41
C VAL A 60 6.42 -1.57 4.30
N THR A 61 5.82 -0.53 4.80
CA THR A 61 4.70 -0.65 5.66
C THR A 61 3.45 -0.27 4.87
N ILE A 62 2.64 -1.25 4.58
CA ILE A 62 1.46 -1.04 3.80
C ILE A 62 0.27 -0.85 4.70
N ASN A 63 -0.29 0.33 4.67
CA ASN A 63 -1.42 0.68 5.52
C ASN A 63 -2.70 0.65 4.73
N GLY A 64 -3.66 -0.10 5.20
CA GLY A 64 -4.93 -0.18 4.52
C GLY A 64 -5.99 0.61 5.24
N TYR A 65 -6.88 1.21 4.48
CA TYR A 65 -7.96 2.00 5.06
C TYR A 65 -9.30 1.54 4.52
N THR A 66 -10.35 1.91 5.21
CA THR A 66 -11.69 1.58 4.82
C THR A 66 -12.62 2.74 5.10
N ASP A 67 -13.83 2.66 4.63
CA ASP A 67 -14.81 3.69 4.88
C ASP A 67 -15.30 3.60 6.32
N ASN A 68 -15.78 4.72 6.84
CA ASN A 68 -16.27 4.74 8.21
C ASN A 68 -17.74 4.38 8.26
N THR A 69 -18.33 4.16 7.08
CA THR A 69 -19.70 3.77 6.95
C THR A 69 -19.92 2.37 7.54
N GLY A 70 -18.84 1.62 7.66
CA GLY A 70 -18.90 0.29 8.20
C GLY A 70 -18.07 0.18 9.45
N SER A 71 -18.64 0.60 10.57
CA SER A 71 -17.94 0.61 11.86
C SER A 71 -18.20 -0.69 12.63
N GLU A 72 -18.31 -1.79 11.91
CA GLU A 72 -18.59 -3.08 12.53
C GLU A 72 -17.31 -3.69 13.10
N GLY A 73 -16.17 -3.28 12.58
CA GLY A 73 -14.90 -3.81 13.06
C GLY A 73 -14.19 -4.60 12.00
N ILE A 74 -14.99 -5.12 11.09
CA ILE A 74 -14.50 -5.91 9.98
C ILE A 74 -13.57 -5.07 9.11
N ASN A 75 -13.74 -3.77 9.22
CA ASN A 75 -12.92 -2.82 8.52
C ASN A 75 -11.42 -3.03 8.82
N ILE A 76 -11.12 -3.47 10.03
CA ILE A 76 -9.75 -3.77 10.44
C ILE A 76 -9.16 -4.93 9.60
N PRO A 77 -9.72 -6.18 9.71
CA PRO A 77 -9.23 -7.30 8.91
C PRO A 77 -9.36 -7.05 7.40
N LEU A 78 -10.33 -6.21 7.03
CA LEU A 78 -10.53 -5.87 5.62
C LEU A 78 -9.37 -5.05 5.07
N SER A 79 -9.05 -3.96 5.74
CA SER A 79 -7.98 -3.09 5.31
C SER A 79 -6.64 -3.83 5.33
N ALA A 80 -6.52 -4.79 6.24
CA ALA A 80 -5.32 -5.59 6.35
C ALA A 80 -5.23 -6.56 5.17
N GLN A 81 -6.39 -6.98 4.69
CA GLN A 81 -6.46 -7.91 3.58
C GLN A 81 -6.00 -7.22 2.31
N ARG A 82 -6.58 -6.07 2.05
CA ARG A 82 -6.23 -5.27 0.90
C ARG A 82 -4.75 -4.89 0.90
N ALA A 83 -4.20 -4.56 2.07
CA ALA A 83 -2.79 -4.25 2.17
C ALA A 83 -1.95 -5.48 1.82
N LYS A 84 -2.44 -6.63 2.26
CA LYS A 84 -1.78 -7.91 1.99
C LYS A 84 -1.74 -8.20 0.50
N ILE A 85 -2.79 -7.80 -0.21
CA ILE A 85 -2.87 -7.99 -1.66
C ILE A 85 -1.66 -7.35 -2.35
N VAL A 86 -1.32 -6.14 -1.93
CA VAL A 86 -0.19 -5.44 -2.51
C VAL A 86 1.09 -6.17 -2.16
N ALA A 87 1.22 -6.54 -0.88
CA ALA A 87 2.39 -7.26 -0.41
C ALA A 87 2.63 -8.51 -1.24
N ASP A 88 1.56 -9.26 -1.48
CA ASP A 88 1.66 -10.50 -2.25
C ASP A 88 2.12 -10.22 -3.67
N TYR A 89 1.68 -9.10 -4.22
CA TYR A 89 2.08 -8.70 -5.57
C TYR A 89 3.54 -8.32 -5.58
N LEU A 90 3.96 -7.61 -4.57
CA LEU A 90 5.33 -7.17 -4.47
C LEU A 90 6.25 -8.38 -4.29
N VAL A 91 5.88 -9.26 -3.37
CA VAL A 91 6.66 -10.48 -3.12
C VAL A 91 6.74 -11.33 -4.38
N ALA A 92 5.62 -11.44 -5.07
CA ALA A 92 5.57 -12.21 -6.31
C ALA A 92 6.43 -11.55 -7.38
N ARG A 93 6.55 -10.24 -7.27
CA ARG A 93 7.33 -9.46 -8.22
C ARG A 93 8.81 -9.40 -7.82
N GLY A 94 9.17 -10.11 -6.76
CA GLY A 94 10.57 -10.17 -6.40
C GLY A 94 10.93 -9.40 -5.14
N VAL A 95 9.95 -8.84 -4.47
CA VAL A 95 10.24 -8.09 -3.25
C VAL A 95 10.24 -9.03 -2.04
N ALA A 96 11.16 -8.81 -1.12
CA ALA A 96 11.31 -9.65 0.06
C ALA A 96 10.11 -9.53 0.98
N GLY A 97 9.41 -10.63 1.17
CA GLY A 97 8.22 -10.66 2.01
C GLY A 97 8.50 -10.28 3.44
N ASP A 98 9.67 -10.63 3.94
CA ASP A 98 10.05 -10.31 5.31
C ASP A 98 10.29 -8.81 5.48
N HIS A 99 10.44 -8.10 4.36
CA HIS A 99 10.67 -6.66 4.41
C HIS A 99 9.38 -5.91 4.17
N ILE A 100 8.31 -6.64 3.99
CA ILE A 100 7.02 -6.04 3.78
C ILE A 100 6.12 -6.25 4.99
N ALA A 101 5.54 -5.17 5.46
CA ALA A 101 4.63 -5.22 6.59
C ALA A 101 3.25 -4.72 6.16
N THR A 102 2.22 -5.48 6.47
CA THR A 102 0.86 -5.11 6.09
C THR A 102 0.00 -4.85 7.32
N VAL A 103 -0.67 -3.70 7.35
CA VAL A 103 -1.45 -3.32 8.50
C VAL A 103 -2.84 -2.79 8.11
N GLY A 104 -3.87 -3.35 8.71
CA GLY A 104 -5.21 -2.86 8.49
C GLY A 104 -5.64 -1.96 9.62
N LEU A 105 -5.74 -0.68 9.35
CA LEU A 105 -6.08 0.29 10.37
C LEU A 105 -7.56 0.55 10.43
N GLY A 106 -8.32 -0.16 9.62
CA GLY A 106 -9.74 0.06 9.59
C GLY A 106 -10.08 1.39 9.00
N SER A 107 -10.87 2.15 9.70
CA SER A 107 -11.26 3.46 9.25
C SER A 107 -10.33 4.52 9.80
N VAL A 108 -9.61 5.18 8.92
CA VAL A 108 -8.69 6.22 9.26
C VAL A 108 -8.12 6.80 7.99
N ASN A 109 -7.78 8.07 8.04
CA ASN A 109 -7.12 8.74 6.92
C ASN A 109 -8.09 8.93 5.75
N PRO A 110 -9.01 9.88 5.87
CA PRO A 110 -10.03 10.13 4.86
C PRO A 110 -9.47 10.86 3.65
N ILE A 111 -10.14 10.67 2.52
CA ILE A 111 -9.76 11.33 1.29
C ILE A 111 -10.93 12.12 0.72
N ALA A 112 -12.11 11.51 0.72
CA ALA A 112 -13.32 12.17 0.28
C ALA A 112 -14.46 11.82 1.22
N SER A 113 -15.62 12.43 1.01
CA SER A 113 -16.77 12.18 1.85
C SER A 113 -17.36 10.79 1.62
N ASN A 114 -17.58 10.07 2.71
CA ASN A 114 -18.13 8.73 2.66
C ASN A 114 -19.64 8.74 2.48
N ALA A 115 -20.22 9.93 2.56
CA ALA A 115 -21.66 10.11 2.37
C ALA A 115 -22.06 9.76 0.94
N THR A 116 -21.09 9.70 0.07
CA THR A 116 -21.31 9.33 -1.32
C THR A 116 -20.42 8.14 -1.67
N PRO A 117 -20.93 7.23 -2.51
CA PRO A 117 -20.20 6.01 -2.90
C PRO A 117 -18.82 6.33 -3.48
N GLU A 118 -18.74 7.43 -4.20
CA GLU A 118 -17.48 7.89 -4.79
C GLU A 118 -16.42 8.05 -3.73
N GLY A 119 -16.75 8.77 -2.68
CA GLY A 119 -15.81 9.00 -1.61
C GLY A 119 -15.52 7.74 -0.84
N ARG A 120 -16.57 6.96 -0.58
CA ARG A 120 -16.43 5.68 0.10
C ARG A 120 -15.43 4.78 -0.64
N ALA A 121 -15.54 4.80 -1.97
CA ALA A 121 -14.68 4.02 -2.83
C ALA A 121 -13.23 4.46 -2.71
N LYS A 122 -13.04 5.74 -2.41
CA LYS A 122 -11.72 6.30 -2.27
C LYS A 122 -11.12 5.99 -0.90
N ASN A 123 -11.92 6.13 0.15
CA ASN A 123 -11.45 5.95 1.53
C ASN A 123 -10.97 4.53 1.81
N ARG A 124 -11.46 3.57 1.05
CA ARG A 124 -11.08 2.19 1.30
C ARG A 124 -9.77 1.82 0.60
N ARG A 125 -9.07 2.85 0.14
CA ARG A 125 -7.75 2.72 -0.46
C ARG A 125 -6.70 2.09 0.48
N VAL A 126 -5.51 1.93 -0.07
CA VAL A 126 -4.35 1.42 0.65
C VAL A 126 -3.14 2.28 0.29
N GLU A 127 -2.24 2.49 1.24
CA GLU A 127 -1.06 3.33 0.99
C GLU A 127 0.21 2.63 1.46
N ILE A 128 1.24 2.72 0.63
CA ILE A 128 2.50 2.09 0.93
C ILE A 128 3.48 3.10 1.52
N VAL A 129 3.94 2.82 2.72
CA VAL A 129 4.90 3.68 3.40
C VAL A 129 6.23 2.96 3.48
N VAL A 130 7.29 3.65 3.19
CA VAL A 130 8.60 3.02 3.22
C VAL A 130 9.31 3.25 4.55
N ASN A 131 10.00 2.23 4.99
CA ASN A 131 10.78 2.26 6.22
C ASN A 131 12.24 1.91 5.92
N GLY A 1 12.30 -19.27 -10.18
CA GLY A 1 13.44 -18.81 -9.35
C GLY A 1 13.23 -19.12 -7.88
N GLN A 2 14.11 -18.60 -7.05
CA GLN A 2 14.03 -18.83 -5.61
C GLN A 2 13.80 -17.52 -4.87
N ALA A 3 14.26 -16.42 -5.47
CA ALA A 3 14.19 -15.09 -4.86
C ALA A 3 15.00 -15.05 -3.57
N PRO A 4 16.34 -14.98 -3.69
CA PRO A 4 17.25 -14.97 -2.55
C PRO A 4 17.33 -13.59 -1.92
N PRO A 5 17.37 -13.53 -0.58
CA PRO A 5 17.47 -12.27 0.15
C PRO A 5 18.80 -11.56 -0.13
N GLY A 6 18.71 -10.28 -0.48
CA GLY A 6 19.91 -9.50 -0.71
C GLY A 6 20.72 -9.31 0.56
N PRO A 7 22.02 -9.00 0.43
CA PRO A 7 22.91 -8.80 1.60
C PRO A 7 22.41 -7.67 2.52
N PRO A 8 22.50 -7.88 3.85
CA PRO A 8 22.10 -6.86 4.84
C PRO A 8 23.11 -5.72 4.93
N ALA A 9 23.31 -5.03 3.82
CA ALA A 9 24.25 -3.94 3.75
C ALA A 9 23.64 -2.66 4.31
N SER A 10 22.36 -2.45 4.01
CA SER A 10 21.64 -1.29 4.45
C SER A 10 22.38 0.00 4.03
N GLY A 11 22.33 1.02 4.87
CA GLY A 11 23.01 2.26 4.56
C GLY A 11 22.09 3.25 3.88
N PRO A 12 22.66 4.26 3.20
CA PRO A 12 21.87 5.27 2.48
C PRO A 12 20.99 4.64 1.41
N CYS A 13 19.70 4.59 1.67
CA CYS A 13 18.75 4.01 0.75
C CYS A 13 17.97 5.09 0.02
N ALA A 14 17.63 4.83 -1.23
CA ALA A 14 16.86 5.77 -2.04
C ALA A 14 15.52 6.07 -1.39
N ASP A 15 14.96 7.24 -1.69
CA ASP A 15 13.68 7.65 -1.15
C ASP A 15 12.57 6.94 -1.88
N LEU A 16 12.48 5.64 -1.65
CA LEU A 16 11.48 4.81 -2.28
C LEU A 16 10.09 5.33 -2.01
N GLN A 17 9.92 6.02 -0.89
CA GLN A 17 8.63 6.63 -0.54
C GLN A 17 8.17 7.55 -1.66
N SER A 18 8.98 8.56 -1.95
CA SER A 18 8.66 9.53 -2.98
C SER A 18 8.76 8.88 -4.35
N ALA A 19 9.58 7.85 -4.44
CA ALA A 19 9.81 7.15 -5.67
C ALA A 19 8.57 6.35 -6.08
N ILE A 20 8.02 5.57 -5.15
CA ILE A 20 6.84 4.79 -5.44
C ILE A 20 5.59 5.66 -5.52
N ASN A 21 5.48 6.64 -4.61
CA ASN A 21 4.34 7.54 -4.59
C ASN A 21 4.24 8.32 -5.90
N ALA A 22 5.40 8.56 -6.52
CA ALA A 22 5.47 9.24 -7.80
C ALA A 22 4.81 8.43 -8.91
N VAL A 23 4.81 7.11 -8.74
CA VAL A 23 4.23 6.22 -9.74
C VAL A 23 2.77 6.00 -9.44
N THR A 24 2.46 5.73 -8.19
CA THR A 24 1.10 5.49 -7.78
C THR A 24 0.27 6.75 -7.95
N GLY A 25 0.88 7.86 -7.64
CA GLY A 25 0.20 9.13 -7.71
C GLY A 25 -0.62 9.34 -6.47
N GLY A 26 -0.24 8.65 -5.42
CA GLY A 26 -0.96 8.72 -4.20
C GLY A 26 -1.33 7.35 -3.70
N PRO A 27 -2.62 7.08 -3.50
CA PRO A 27 -3.10 5.80 -3.02
C PRO A 27 -3.39 4.80 -4.11
N ILE A 28 -3.42 3.55 -3.73
CA ILE A 28 -3.75 2.46 -4.62
C ILE A 28 -5.26 2.37 -4.82
N ALA A 29 -5.71 2.74 -6.00
CA ALA A 29 -7.12 2.66 -6.32
C ALA A 29 -7.43 1.30 -6.92
N PHE A 30 -8.29 0.57 -6.25
CA PHE A 30 -8.66 -0.76 -6.68
C PHE A 30 -9.81 -0.71 -7.68
N GLY A 31 -9.87 -1.71 -8.53
CA GLY A 31 -10.95 -1.82 -9.49
C GLY A 31 -11.86 -2.97 -9.10
N ASN A 32 -12.47 -2.82 -7.95
CA ASN A 32 -13.29 -3.87 -7.38
C ASN A 32 -14.78 -3.69 -7.67
N ASP A 33 -15.41 -4.76 -8.11
CA ASP A 33 -16.86 -4.75 -8.36
C ASP A 33 -17.49 -6.05 -7.88
N GLY A 34 -16.71 -6.87 -7.20
CA GLY A 34 -17.19 -8.13 -6.70
C GLY A 34 -16.08 -9.00 -6.19
N ALA A 35 -15.34 -9.59 -7.12
CA ALA A 35 -14.20 -10.43 -6.79
C ALA A 35 -13.22 -10.38 -7.95
N SER A 36 -13.37 -9.33 -8.74
CA SER A 36 -12.58 -9.15 -9.94
C SER A 36 -11.22 -8.51 -9.64
N LEU A 37 -11.26 -7.33 -9.05
CA LEU A 37 -10.06 -6.55 -8.77
C LEU A 37 -9.29 -6.27 -10.06
N ILE A 38 -9.84 -5.38 -10.85
CA ILE A 38 -9.23 -5.00 -12.10
C ILE A 38 -8.98 -3.49 -12.14
N PRO A 39 -7.81 -3.05 -11.66
CA PRO A 39 -7.45 -1.63 -11.63
C PRO A 39 -7.21 -1.08 -13.03
N ALA A 40 -7.13 0.23 -13.14
CA ALA A 40 -6.87 0.87 -14.42
C ALA A 40 -5.50 0.47 -14.93
N ASP A 41 -4.55 0.39 -14.02
CA ASP A 41 -3.20 -0.01 -14.34
C ASP A 41 -2.60 -0.77 -13.18
N TYR A 42 -2.33 -2.05 -13.39
CA TYR A 42 -1.74 -2.88 -12.34
C TYR A 42 -0.21 -2.88 -12.45
N GLU A 43 0.28 -2.19 -13.47
CA GLU A 43 1.69 -2.11 -13.75
C GLU A 43 2.39 -1.21 -12.75
N ILE A 44 1.61 -0.36 -12.08
CA ILE A 44 2.17 0.54 -11.08
C ILE A 44 2.78 -0.28 -9.97
N LEU A 45 2.13 -1.40 -9.64
CA LEU A 45 2.62 -2.30 -8.61
C LEU A 45 3.93 -2.94 -9.05
N ASN A 46 4.04 -3.21 -10.34
CA ASN A 46 5.26 -3.78 -10.90
C ASN A 46 6.36 -2.74 -10.87
N ARG A 47 5.97 -1.50 -11.12
CA ARG A 47 6.88 -0.38 -11.11
C ARG A 47 7.37 -0.13 -9.68
N VAL A 48 6.43 -0.12 -8.74
CA VAL A 48 6.72 0.07 -7.33
C VAL A 48 7.61 -1.04 -6.80
N ALA A 49 7.27 -2.27 -7.15
CA ALA A 49 8.00 -3.42 -6.69
C ALA A 49 9.41 -3.44 -7.25
N ASP A 50 9.59 -2.90 -8.45
CA ASP A 50 10.88 -2.89 -9.11
C ASP A 50 11.91 -2.10 -8.31
N LYS A 51 11.50 -0.95 -7.81
CA LYS A 51 12.40 -0.11 -7.04
C LYS A 51 12.61 -0.65 -5.65
N LEU A 52 11.62 -1.39 -5.14
CA LEU A 52 11.76 -2.00 -3.83
C LEU A 52 12.85 -3.06 -3.87
N LYS A 53 13.05 -3.63 -5.05
CA LYS A 53 14.10 -4.61 -5.26
C LYS A 53 15.47 -3.93 -5.42
N ALA A 54 15.46 -2.66 -5.81
CA ALA A 54 16.69 -1.90 -5.96
C ALA A 54 17.29 -1.61 -4.59
N CYS A 55 16.43 -1.49 -3.61
CA CYS A 55 16.84 -1.32 -2.22
C CYS A 55 16.03 -2.28 -1.37
N PRO A 56 16.31 -3.60 -1.51
CA PRO A 56 15.53 -4.67 -0.86
C PRO A 56 15.67 -4.71 0.65
N ASP A 57 16.48 -3.84 1.20
CA ASP A 57 16.66 -3.80 2.65
C ASP A 57 15.63 -2.89 3.26
N ALA A 58 15.05 -2.06 2.45
CA ALA A 58 14.04 -1.14 2.91
C ALA A 58 12.76 -1.90 3.21
N ARG A 59 12.19 -1.65 4.36
CA ARG A 59 10.96 -2.29 4.75
C ARG A 59 9.80 -1.44 4.34
N VAL A 60 8.78 -2.04 3.83
CA VAL A 60 7.62 -1.31 3.42
C VAL A 60 6.42 -1.66 4.26
N THR A 61 5.77 -0.65 4.75
CA THR A 61 4.61 -0.82 5.56
C THR A 61 3.38 -0.40 4.78
N ILE A 62 2.61 -1.37 4.38
CA ILE A 62 1.44 -1.12 3.58
C ILE A 62 0.25 -0.88 4.47
N ASN A 63 -0.31 0.30 4.40
CA ASN A 63 -1.43 0.68 5.24
C ASN A 63 -2.71 0.70 4.44
N GLY A 64 -3.71 0.00 4.94
CA GLY A 64 -5.00 -0.05 4.28
C GLY A 64 -6.03 0.75 5.02
N TYR A 65 -6.94 1.37 4.29
CA TYR A 65 -7.98 2.18 4.90
C TYR A 65 -9.35 1.69 4.46
N THR A 66 -10.35 2.02 5.23
CA THR A 66 -11.73 1.69 4.95
C THR A 66 -12.63 2.81 5.41
N ASP A 67 -13.89 2.74 5.04
CA ASP A 67 -14.86 3.71 5.49
C ASP A 67 -15.60 3.17 6.72
N ASN A 68 -16.31 4.03 7.41
CA ASN A 68 -17.03 3.65 8.61
C ASN A 68 -18.41 3.09 8.28
N THR A 69 -18.65 2.85 6.99
CA THR A 69 -19.91 2.27 6.53
C THR A 69 -20.07 0.84 7.07
N GLY A 70 -18.96 0.14 7.22
CA GLY A 70 -19.00 -1.21 7.75
C GLY A 70 -18.98 -1.23 9.27
N SER A 71 -19.11 -2.40 9.83
CA SER A 71 -19.11 -2.56 11.27
C SER A 71 -17.75 -2.19 11.86
N GLU A 72 -17.76 -1.51 13.00
CA GLU A 72 -16.53 -1.12 13.66
C GLU A 72 -15.78 -2.35 14.12
N GLY A 73 -14.48 -2.33 13.98
CA GLY A 73 -13.70 -3.47 14.35
C GLY A 73 -13.39 -4.36 13.20
N ILE A 74 -14.37 -4.56 12.35
CA ILE A 74 -14.24 -5.42 11.19
C ILE A 74 -13.42 -4.71 10.12
N ASN A 75 -13.46 -3.40 10.14
CA ASN A 75 -12.72 -2.61 9.16
C ASN A 75 -11.21 -2.79 9.32
N ILE A 76 -10.77 -3.09 10.54
CA ILE A 76 -9.35 -3.33 10.80
C ILE A 76 -8.84 -4.55 9.99
N PRO A 77 -9.36 -5.80 10.27
CA PRO A 77 -8.99 -7.00 9.52
C PRO A 77 -9.19 -6.80 8.03
N LEU A 78 -10.25 -6.09 7.69
CA LEU A 78 -10.56 -5.80 6.30
C LEU A 78 -9.45 -4.98 5.64
N SER A 79 -9.09 -3.87 6.26
CA SER A 79 -8.06 -3.00 5.73
C SER A 79 -6.73 -3.75 5.64
N ALA A 80 -6.53 -4.69 6.56
CA ALA A 80 -5.32 -5.50 6.58
C ALA A 80 -5.32 -6.46 5.41
N GLN A 81 -6.52 -6.84 4.98
CA GLN A 81 -6.69 -7.73 3.85
C GLN A 81 -6.34 -6.98 2.59
N ARG A 82 -6.86 -5.75 2.49
CA ARG A 82 -6.62 -4.88 1.36
C ARG A 82 -5.12 -4.65 1.17
N ALA A 83 -4.42 -4.37 2.26
CA ALA A 83 -2.99 -4.14 2.23
C ALA A 83 -2.23 -5.39 1.81
N LYS A 84 -2.71 -6.55 2.26
CA LYS A 84 -2.07 -7.82 1.93
C LYS A 84 -2.12 -8.08 0.42
N ILE A 85 -3.18 -7.60 -0.22
CA ILE A 85 -3.34 -7.76 -1.67
C ILE A 85 -2.13 -7.18 -2.39
N VAL A 86 -1.71 -6.00 -1.95
CA VAL A 86 -0.56 -5.33 -2.54
C VAL A 86 0.71 -6.10 -2.21
N ALA A 87 0.84 -6.52 -0.94
CA ALA A 87 2.01 -7.27 -0.51
C ALA A 87 2.21 -8.50 -1.38
N ASP A 88 1.11 -9.21 -1.63
CA ASP A 88 1.14 -10.41 -2.45
C ASP A 88 1.68 -10.10 -3.86
N TYR A 89 1.26 -8.96 -4.38
CA TYR A 89 1.68 -8.53 -5.70
C TYR A 89 3.13 -8.13 -5.71
N LEU A 90 3.56 -7.46 -4.67
CA LEU A 90 4.94 -7.03 -4.55
C LEU A 90 5.84 -8.25 -4.44
N VAL A 91 5.47 -9.18 -3.59
CA VAL A 91 6.21 -10.44 -3.43
C VAL A 91 6.23 -11.21 -4.75
N ALA A 92 5.10 -11.19 -5.45
CA ALA A 92 4.99 -11.85 -6.74
C ALA A 92 5.90 -11.20 -7.77
N ARG A 93 6.16 -9.92 -7.57
CA ARG A 93 7.02 -9.17 -8.47
C ARG A 93 8.50 -9.28 -8.08
N GLY A 94 8.79 -10.09 -7.07
CA GLY A 94 10.17 -10.30 -6.69
C GLY A 94 10.59 -9.58 -5.44
N VAL A 95 9.67 -8.92 -4.76
CA VAL A 95 10.00 -8.23 -3.53
C VAL A 95 9.99 -9.19 -2.36
N ALA A 96 10.89 -8.97 -1.40
CA ALA A 96 10.99 -9.82 -0.24
C ALA A 96 9.80 -9.66 0.68
N GLY A 97 9.01 -10.73 0.78
CA GLY A 97 7.81 -10.71 1.61
C GLY A 97 8.10 -10.49 3.08
N ASP A 98 9.23 -11.02 3.53
CA ASP A 98 9.63 -10.87 4.93
C ASP A 98 10.01 -9.43 5.25
N HIS A 99 10.19 -8.61 4.22
CA HIS A 99 10.52 -7.20 4.41
C HIS A 99 9.31 -6.32 4.15
N ILE A 100 8.19 -6.94 3.85
CA ILE A 100 6.95 -6.22 3.61
C ILE A 100 6.02 -6.38 4.82
N ALA A 101 5.49 -5.28 5.30
CA ALA A 101 4.58 -5.31 6.43
C ALA A 101 3.22 -4.76 6.06
N THR A 102 2.19 -5.53 6.32
CA THR A 102 0.84 -5.13 6.01
C THR A 102 0.06 -4.79 7.27
N VAL A 103 -0.58 -3.63 7.27
CA VAL A 103 -1.33 -3.15 8.42
C VAL A 103 -2.69 -2.59 7.97
N GLY A 104 -3.74 -2.93 8.71
CA GLY A 104 -5.04 -2.41 8.42
C GLY A 104 -5.45 -1.41 9.45
N LEU A 105 -5.59 -0.17 9.06
CA LEU A 105 -5.88 0.90 10.00
C LEU A 105 -7.36 1.13 10.15
N GLY A 106 -8.16 0.44 9.38
CA GLY A 106 -9.57 0.64 9.43
C GLY A 106 -9.96 1.96 8.84
N SER A 107 -10.83 2.66 9.51
CA SER A 107 -11.30 3.93 9.04
C SER A 107 -10.38 5.04 9.53
N VAL A 108 -9.71 5.68 8.58
CA VAL A 108 -8.79 6.75 8.87
C VAL A 108 -8.27 7.30 7.57
N ASN A 109 -7.94 8.58 7.58
CA ASN A 109 -7.33 9.23 6.44
C ASN A 109 -8.29 9.30 5.27
N PRO A 110 -9.24 10.25 5.30
CA PRO A 110 -10.25 10.40 4.27
C PRO A 110 -9.70 10.89 2.94
N ILE A 111 -10.18 10.29 1.87
CA ILE A 111 -9.76 10.67 0.52
C ILE A 111 -10.91 11.36 -0.23
N ALA A 112 -12.13 11.07 0.17
CA ALA A 112 -13.30 11.64 -0.45
C ALA A 112 -14.43 11.69 0.55
N SER A 113 -15.45 12.48 0.26
CA SER A 113 -16.59 12.63 1.16
C SER A 113 -17.31 11.30 1.34
N ASN A 114 -17.63 10.98 2.59
CA ASN A 114 -18.34 9.74 2.91
C ASN A 114 -19.83 9.90 2.65
N ALA A 115 -20.27 11.14 2.44
CA ALA A 115 -21.67 11.43 2.13
C ALA A 115 -22.09 10.79 0.82
N THR A 116 -21.12 10.33 0.05
CA THR A 116 -21.38 9.66 -1.21
C THR A 116 -20.71 8.29 -1.21
N PRO A 117 -21.41 7.26 -1.72
CA PRO A 117 -20.88 5.88 -1.77
C PRO A 117 -19.60 5.80 -2.59
N GLU A 118 -19.46 6.72 -3.53
CA GLU A 118 -18.29 6.80 -4.38
C GLU A 118 -17.07 7.13 -3.58
N GLY A 119 -17.25 8.05 -2.66
CA GLY A 119 -16.16 8.46 -1.79
C GLY A 119 -15.73 7.34 -0.88
N ARG A 120 -16.70 6.58 -0.39
CA ARG A 120 -16.43 5.44 0.47
C ARG A 120 -15.63 4.40 -0.30
N ALA A 121 -15.96 4.25 -1.59
CA ALA A 121 -15.28 3.33 -2.48
C ALA A 121 -13.82 3.72 -2.63
N LYS A 122 -13.54 5.00 -2.48
CA LYS A 122 -12.18 5.49 -2.57
C LYS A 122 -11.46 5.34 -1.23
N ASN A 123 -12.18 5.57 -0.13
CA ASN A 123 -11.59 5.49 1.22
C ASN A 123 -11.13 4.09 1.57
N ARG A 124 -11.66 3.08 0.89
CA ARG A 124 -11.26 1.68 1.14
C ARG A 124 -9.96 1.33 0.40
N ARG A 125 -9.26 2.36 -0.06
CA ARG A 125 -7.96 2.24 -0.74
C ARG A 125 -6.85 1.71 0.18
N VAL A 126 -5.64 1.70 -0.36
CA VAL A 126 -4.43 1.27 0.34
C VAL A 126 -3.25 2.17 -0.05
N GLU A 127 -2.32 2.38 0.87
CA GLU A 127 -1.15 3.20 0.61
C GLU A 127 0.12 2.51 1.11
N ILE A 128 1.15 2.54 0.29
CA ILE A 128 2.41 1.90 0.62
C ILE A 128 3.35 2.89 1.27
N VAL A 129 3.75 2.61 2.49
CA VAL A 129 4.66 3.47 3.21
C VAL A 129 6.02 2.81 3.28
N VAL A 130 7.06 3.56 3.05
CA VAL A 130 8.39 3.02 3.09
C VAL A 130 9.07 3.38 4.40
N ASN A 131 9.79 2.43 4.95
CA ASN A 131 10.56 2.64 6.19
C ASN A 131 11.65 3.68 5.98
N GLY A 1 13.83 -16.73 2.05
CA GLY A 1 14.56 -15.44 2.15
C GLY A 1 13.87 -14.47 3.08
N GLN A 2 13.98 -14.72 4.37
CA GLN A 2 13.37 -13.87 5.37
C GLN A 2 14.34 -13.64 6.51
N ALA A 3 14.21 -12.50 7.16
CA ALA A 3 15.07 -12.18 8.27
C ALA A 3 14.43 -11.14 9.19
N PRO A 4 13.37 -11.53 9.94
CA PRO A 4 12.73 -10.64 10.92
C PRO A 4 13.76 -10.04 11.93
N PRO A 5 14.66 -10.86 12.54
CA PRO A 5 15.72 -10.35 13.41
C PRO A 5 16.93 -9.89 12.60
N GLY A 6 16.64 -9.13 11.55
CA GLY A 6 17.69 -8.65 10.68
C GLY A 6 17.61 -7.16 10.48
N PRO A 7 18.34 -6.37 11.27
CA PRO A 7 18.31 -4.91 11.19
C PRO A 7 18.81 -4.39 9.84
N PRO A 8 18.14 -3.35 9.31
CA PRO A 8 18.57 -2.70 8.06
C PRO A 8 20.04 -2.30 8.11
N ALA A 9 20.81 -2.82 7.18
CA ALA A 9 22.23 -2.56 7.12
C ALA A 9 22.51 -1.23 6.43
N SER A 10 21.57 -0.79 5.62
CA SER A 10 21.70 0.46 4.92
C SER A 10 20.93 1.55 5.64
N GLY A 11 21.60 2.67 5.88
CA GLY A 11 20.95 3.79 6.52
C GLY A 11 20.16 4.60 5.52
N PRO A 12 20.78 5.64 4.93
CA PRO A 12 20.13 6.46 3.92
C PRO A 12 20.12 5.76 2.57
N CYS A 13 19.01 5.13 2.24
CA CYS A 13 18.88 4.45 0.98
C CYS A 13 18.01 5.28 0.05
N ALA A 14 17.85 4.85 -1.18
CA ALA A 14 17.04 5.56 -2.17
C ALA A 14 15.66 5.88 -1.62
N ASP A 15 15.13 7.04 -2.01
CA ASP A 15 13.81 7.48 -1.57
C ASP A 15 12.76 6.66 -2.25
N LEU A 16 12.43 5.51 -1.68
CA LEU A 16 11.47 4.62 -2.29
C LEU A 16 10.09 5.19 -2.22
N GLN A 17 9.80 5.91 -1.15
CA GLN A 17 8.48 6.50 -0.97
C GLN A 17 8.20 7.52 -2.07
N SER A 18 9.17 8.37 -2.35
CA SER A 18 9.01 9.38 -3.39
C SER A 18 9.15 8.72 -4.77
N ALA A 19 9.82 7.58 -4.80
CA ALA A 19 10.00 6.84 -6.03
C ALA A 19 8.69 6.18 -6.45
N ILE A 20 8.06 5.48 -5.51
CA ILE A 20 6.79 4.82 -5.78
C ILE A 20 5.66 5.84 -5.93
N ASN A 21 5.71 6.91 -5.11
CA ASN A 21 4.72 7.98 -5.17
C ASN A 21 4.64 8.59 -6.57
N ALA A 22 5.79 8.69 -7.21
CA ALA A 22 5.88 9.23 -8.55
C ALA A 22 5.16 8.34 -9.56
N VAL A 23 5.06 7.05 -9.27
CA VAL A 23 4.39 6.13 -10.17
C VAL A 23 2.93 5.99 -9.81
N THR A 24 2.67 5.78 -8.53
CA THR A 24 1.32 5.59 -8.04
C THR A 24 0.49 6.85 -8.25
N GLY A 25 1.12 7.98 -8.04
CA GLY A 25 0.45 9.24 -8.17
C GLY A 25 -0.34 9.56 -6.94
N GLY A 26 0.05 8.95 -5.84
CA GLY A 26 -0.64 9.13 -4.59
C GLY A 26 -1.00 7.79 -3.98
N PRO A 27 -2.27 7.62 -3.57
CA PRO A 27 -2.73 6.37 -2.99
C PRO A 27 -3.02 5.31 -4.05
N ILE A 28 -2.97 4.05 -3.65
CA ILE A 28 -3.24 2.95 -4.55
C ILE A 28 -4.72 2.84 -4.85
N ALA A 29 -5.08 3.17 -6.07
CA ALA A 29 -6.44 3.03 -6.52
C ALA A 29 -6.50 1.82 -7.42
N PHE A 30 -7.30 0.86 -7.05
CA PHE A 30 -7.42 -0.36 -7.81
C PHE A 30 -8.85 -0.64 -8.22
N GLY A 31 -9.07 -1.80 -8.83
CA GLY A 31 -10.34 -2.10 -9.47
C GLY A 31 -11.52 -2.19 -8.53
N ASN A 32 -12.29 -1.11 -8.43
CA ASN A 32 -13.53 -1.11 -7.66
C ASN A 32 -14.64 -1.63 -8.56
N ASP A 33 -14.35 -1.70 -9.85
CA ASP A 33 -15.29 -2.17 -10.86
C ASP A 33 -15.63 -3.63 -10.63
N GLY A 34 -14.73 -4.35 -9.97
CA GLY A 34 -14.98 -5.74 -9.65
C GLY A 34 -15.85 -5.90 -8.41
N ALA A 35 -16.31 -4.75 -7.88
CA ALA A 35 -17.20 -4.68 -6.70
C ALA A 35 -16.46 -5.02 -5.41
N SER A 36 -15.89 -6.21 -5.35
CA SER A 36 -15.18 -6.68 -4.18
C SER A 36 -13.80 -6.03 -4.07
N LEU A 37 -13.52 -5.11 -4.99
CA LEU A 37 -12.24 -4.39 -5.04
C LEU A 37 -11.08 -5.34 -5.26
N ILE A 38 -10.79 -5.61 -6.52
CA ILE A 38 -9.72 -6.51 -6.89
C ILE A 38 -8.96 -5.93 -8.08
N PRO A 39 -7.62 -5.97 -8.03
CA PRO A 39 -6.81 -5.50 -9.12
C PRO A 39 -6.58 -6.60 -10.16
N ALA A 40 -6.89 -6.30 -11.41
CA ALA A 40 -6.72 -7.26 -12.47
C ALA A 40 -5.32 -7.18 -13.05
N ASP A 41 -4.92 -5.99 -13.44
CA ASP A 41 -3.60 -5.78 -14.01
C ASP A 41 -3.16 -4.33 -13.83
N TYR A 42 -2.29 -4.10 -12.86
CA TYR A 42 -1.78 -2.78 -12.60
C TYR A 42 -0.28 -2.73 -12.72
N GLU A 43 0.19 -2.04 -13.74
CA GLU A 43 1.60 -1.90 -14.02
C GLU A 43 2.29 -1.08 -12.95
N ILE A 44 1.52 -0.28 -12.23
CA ILE A 44 2.07 0.57 -11.19
C ILE A 44 2.68 -0.29 -10.09
N LEU A 45 1.99 -1.37 -9.76
CA LEU A 45 2.48 -2.27 -8.72
C LEU A 45 3.75 -2.97 -9.16
N ASN A 46 3.86 -3.25 -10.46
CA ASN A 46 5.05 -3.87 -11.01
C ASN A 46 6.19 -2.85 -10.99
N ARG A 47 5.82 -1.61 -11.25
CA ARG A 47 6.75 -0.51 -11.25
C ARG A 47 7.23 -0.25 -9.83
N VAL A 48 6.30 -0.29 -8.89
CA VAL A 48 6.60 -0.13 -7.47
C VAL A 48 7.52 -1.23 -6.98
N ALA A 49 7.22 -2.45 -7.40
CA ALA A 49 8.01 -3.62 -7.02
C ALA A 49 9.47 -3.43 -7.41
N ASP A 50 9.68 -2.79 -8.56
CA ASP A 50 11.00 -2.50 -9.08
C ASP A 50 11.92 -1.85 -8.04
N LYS A 51 11.45 -0.77 -7.43
CA LYS A 51 12.27 -0.05 -6.48
C LYS A 51 12.23 -0.68 -5.11
N LEU A 52 11.28 -1.57 -4.89
CA LEU A 52 11.20 -2.24 -3.62
C LEU A 52 12.21 -3.37 -3.58
N LYS A 53 12.54 -3.88 -4.76
CA LYS A 53 13.54 -4.93 -4.90
C LYS A 53 14.94 -4.32 -4.93
N ALA A 54 15.01 -3.05 -5.31
CA ALA A 54 16.28 -2.35 -5.42
C ALA A 54 16.90 -2.11 -4.05
N CYS A 55 16.05 -1.81 -3.09
CA CYS A 55 16.49 -1.60 -1.73
C CYS A 55 15.63 -2.45 -0.78
N PRO A 56 15.83 -3.78 -0.80
CA PRO A 56 15.05 -4.73 0.02
C PRO A 56 15.46 -4.72 1.49
N ASP A 57 16.45 -3.91 1.81
CA ASP A 57 16.92 -3.79 3.19
C ASP A 57 15.96 -2.88 3.95
N ALA A 58 15.37 -1.97 3.21
CA ALA A 58 14.40 -1.04 3.76
C ALA A 58 13.04 -1.71 3.85
N ARG A 59 12.36 -1.53 4.96
CA ARG A 59 11.06 -2.15 5.15
C ARG A 59 9.97 -1.20 4.69
N VAL A 60 8.91 -1.77 4.18
CA VAL A 60 7.78 -0.99 3.75
C VAL A 60 6.55 -1.39 4.52
N THR A 61 5.78 -0.41 4.90
CA THR A 61 4.58 -0.64 5.64
C THR A 61 3.40 -0.20 4.79
N ILE A 62 2.59 -1.15 4.39
CA ILE A 62 1.46 -0.88 3.57
C ILE A 62 0.23 -0.69 4.43
N ASN A 63 -0.29 0.49 4.42
CA ASN A 63 -1.44 0.83 5.23
C ASN A 63 -2.69 0.77 4.41
N GLY A 64 -3.66 0.02 4.88
CA GLY A 64 -4.91 -0.10 4.17
C GLY A 64 -6.01 0.64 4.89
N TYR A 65 -6.94 1.19 4.14
CA TYR A 65 -8.04 1.95 4.71
C TYR A 65 -9.37 1.43 4.21
N THR A 66 -10.42 1.77 4.93
CA THR A 66 -11.78 1.46 4.56
C THR A 66 -12.68 2.63 4.88
N ASP A 67 -13.94 2.56 4.49
CA ASP A 67 -14.90 3.59 4.82
C ASP A 67 -15.46 3.32 6.21
N ASN A 68 -15.89 4.37 6.87
CA ASN A 68 -16.36 4.26 8.24
C ASN A 68 -17.88 4.10 8.32
N THR A 69 -18.53 3.81 7.19
CA THR A 69 -19.98 3.59 7.20
C THR A 69 -20.38 2.37 8.04
N GLY A 70 -19.38 1.62 8.50
CA GLY A 70 -19.63 0.45 9.30
C GLY A 70 -18.77 0.46 10.54
N SER A 71 -19.39 0.21 11.70
CA SER A 71 -18.69 0.18 12.99
C SER A 71 -17.36 -0.58 12.91
N GLU A 72 -16.33 0.01 13.51
CA GLU A 72 -14.98 -0.53 13.48
C GLU A 72 -14.92 -1.95 14.05
N GLY A 73 -13.98 -2.73 13.56
CA GLY A 73 -13.83 -4.09 13.98
C GLY A 73 -13.49 -4.98 12.82
N ILE A 74 -14.39 -5.02 11.85
CA ILE A 74 -14.21 -5.80 10.64
C ILE A 74 -13.37 -5.01 9.64
N ASN A 75 -13.45 -3.69 9.75
CA ASN A 75 -12.74 -2.79 8.85
C ASN A 75 -11.23 -2.99 8.99
N ILE A 76 -10.79 -3.24 10.23
CA ILE A 76 -9.37 -3.48 10.50
C ILE A 76 -8.84 -4.67 9.65
N PRO A 77 -9.36 -5.92 9.87
CA PRO A 77 -8.95 -7.06 9.07
C PRO A 77 -9.18 -6.83 7.58
N LEU A 78 -10.25 -6.12 7.25
CA LEU A 78 -10.56 -5.84 5.86
C LEU A 78 -9.49 -4.99 5.20
N SER A 79 -9.16 -3.87 5.82
CA SER A 79 -8.14 -2.99 5.31
C SER A 79 -6.78 -3.70 5.27
N ALA A 80 -6.59 -4.61 6.23
CA ALA A 80 -5.38 -5.39 6.29
C ALA A 80 -5.31 -6.31 5.09
N GLN A 81 -6.49 -6.80 4.65
CA GLN A 81 -6.58 -7.64 3.50
C GLN A 81 -6.20 -6.84 2.26
N ARG A 82 -6.73 -5.63 2.17
CA ARG A 82 -6.44 -4.73 1.06
C ARG A 82 -4.95 -4.49 0.93
N ALA A 83 -4.30 -4.18 2.05
CA ALA A 83 -2.87 -3.99 2.07
C ALA A 83 -2.15 -5.27 1.64
N LYS A 84 -2.68 -6.40 2.08
CA LYS A 84 -2.12 -7.70 1.74
C LYS A 84 -2.25 -7.97 0.25
N ILE A 85 -3.33 -7.47 -0.37
CA ILE A 85 -3.54 -7.64 -1.80
C ILE A 85 -2.37 -7.03 -2.57
N VAL A 86 -1.97 -5.84 -2.15
CA VAL A 86 -0.83 -5.17 -2.76
C VAL A 86 0.44 -5.95 -2.47
N ALA A 87 0.63 -6.32 -1.19
CA ALA A 87 1.80 -7.09 -0.78
C ALA A 87 1.92 -8.37 -1.60
N ASP A 88 0.80 -9.03 -1.83
CA ASP A 88 0.75 -10.25 -2.62
C ASP A 88 1.29 -10.01 -4.02
N TYR A 89 0.89 -8.88 -4.59
CA TYR A 89 1.33 -8.50 -5.92
C TYR A 89 2.81 -8.19 -5.93
N LEU A 90 3.25 -7.49 -4.91
CA LEU A 90 4.64 -7.12 -4.78
C LEU A 90 5.49 -8.36 -4.62
N VAL A 91 5.11 -9.23 -3.68
CA VAL A 91 5.83 -10.46 -3.44
C VAL A 91 5.84 -11.33 -4.70
N ALA A 92 4.71 -11.35 -5.40
CA ALA A 92 4.60 -12.11 -6.64
C ALA A 92 5.54 -11.54 -7.70
N ARG A 93 5.80 -10.24 -7.61
CA ARG A 93 6.69 -9.54 -8.53
C ARG A 93 8.15 -9.68 -8.12
N GLY A 94 8.42 -10.47 -7.10
CA GLY A 94 9.79 -10.71 -6.70
C GLY A 94 10.21 -9.88 -5.51
N VAL A 95 9.27 -9.21 -4.88
CA VAL A 95 9.58 -8.41 -3.71
C VAL A 95 9.57 -9.29 -2.46
N ALA A 96 10.50 -9.03 -1.56
CA ALA A 96 10.64 -9.83 -0.36
C ALA A 96 9.46 -9.61 0.59
N GLY A 97 8.68 -10.64 0.79
CA GLY A 97 7.52 -10.57 1.66
C GLY A 97 7.88 -10.21 3.08
N ASP A 98 9.05 -10.65 3.51
CA ASP A 98 9.52 -10.37 4.86
C ASP A 98 9.90 -8.90 5.04
N HIS A 99 10.13 -8.20 3.93
CA HIS A 99 10.50 -6.80 4.02
C HIS A 99 9.28 -5.92 3.83
N ILE A 100 8.14 -6.56 3.64
CA ILE A 100 6.88 -5.86 3.49
C ILE A 100 5.99 -6.11 4.72
N ALA A 101 5.41 -5.05 5.25
CA ALA A 101 4.48 -5.17 6.37
C ALA A 101 3.12 -4.60 5.99
N THR A 102 2.07 -5.36 6.23
CA THR A 102 0.72 -4.92 5.87
C THR A 102 -0.10 -4.59 7.12
N VAL A 103 -0.66 -3.38 7.15
CA VAL A 103 -1.39 -2.92 8.31
C VAL A 103 -2.77 -2.40 7.94
N GLY A 104 -3.79 -3.05 8.46
CA GLY A 104 -5.14 -2.58 8.28
C GLY A 104 -5.54 -1.62 9.36
N LEU A 105 -5.73 -0.37 8.99
CA LEU A 105 -6.09 0.66 9.94
C LEU A 105 -7.60 0.90 9.95
N GLY A 106 -8.32 0.14 9.14
CA GLY A 106 -9.74 0.35 9.02
C GLY A 106 -10.01 1.75 8.55
N SER A 107 -10.84 2.43 9.26
CA SER A 107 -11.11 3.80 8.95
C SER A 107 -10.36 4.68 9.93
N VAL A 108 -9.52 5.55 9.41
CA VAL A 108 -8.74 6.43 10.24
C VAL A 108 -8.51 7.76 9.55
N ASN A 109 -7.89 7.75 8.38
CA ASN A 109 -7.68 8.95 7.62
C ASN A 109 -8.41 8.86 6.30
N PRO A 110 -9.65 9.36 6.27
CA PRO A 110 -10.49 9.30 5.08
C PRO A 110 -9.95 10.14 3.91
N ILE A 111 -10.61 10.03 2.78
CA ILE A 111 -10.25 10.77 1.58
C ILE A 111 -11.48 11.44 0.97
N ALA A 112 -12.56 10.69 0.83
CA ALA A 112 -13.80 11.22 0.29
C ALA A 112 -14.92 11.06 1.30
N SER A 113 -16.06 11.64 0.99
CA SER A 113 -17.22 11.59 1.88
C SER A 113 -17.76 10.16 1.98
N ASN A 114 -18.15 9.79 3.19
CA ASN A 114 -18.68 8.45 3.45
C ASN A 114 -20.15 8.35 3.07
N ALA A 115 -20.76 9.49 2.77
CA ALA A 115 -22.16 9.52 2.43
C ALA A 115 -22.40 8.99 1.02
N THR A 116 -21.35 8.90 0.23
CA THR A 116 -21.46 8.42 -1.12
C THR A 116 -20.67 7.12 -1.29
N PRO A 117 -21.17 6.18 -2.11
CA PRO A 117 -20.52 4.90 -2.35
C PRO A 117 -19.22 5.09 -3.12
N GLU A 118 -19.20 6.10 -3.98
CA GLU A 118 -18.03 6.44 -4.75
C GLU A 118 -16.91 6.90 -3.81
N GLY A 119 -17.31 7.59 -2.75
CA GLY A 119 -16.36 8.01 -1.75
C GLY A 119 -15.87 6.83 -0.96
N ARG A 120 -16.77 5.89 -0.69
CA ARG A 120 -16.43 4.64 -0.04
C ARG A 120 -15.35 3.91 -0.83
N ALA A 121 -15.49 3.97 -2.16
CA ALA A 121 -14.55 3.35 -3.07
C ALA A 121 -13.17 3.98 -2.93
N LYS A 122 -13.14 5.27 -2.60
CA LYS A 122 -11.90 5.98 -2.43
C LYS A 122 -11.27 5.65 -1.08
N ASN A 123 -12.08 5.68 -0.03
CA ASN A 123 -11.61 5.42 1.33
C ASN A 123 -11.02 4.04 1.53
N ARG A 124 -11.46 3.09 0.72
CA ARG A 124 -10.97 1.71 0.87
C ARG A 124 -9.64 1.49 0.15
N ARG A 125 -9.04 2.59 -0.28
CA ARG A 125 -7.70 2.60 -0.89
C ARG A 125 -6.62 2.01 0.04
N VAL A 126 -5.41 1.96 -0.50
CA VAL A 126 -4.26 1.46 0.22
C VAL A 126 -3.05 2.39 -0.05
N GLU A 127 -2.21 2.60 0.93
CA GLU A 127 -1.04 3.47 0.77
C GLU A 127 0.23 2.80 1.28
N ILE A 128 1.31 2.95 0.54
CA ILE A 128 2.57 2.33 0.90
C ILE A 128 3.50 3.32 1.58
N VAL A 129 3.89 3.01 2.79
CA VAL A 129 4.80 3.85 3.54
C VAL A 129 6.15 3.14 3.63
N VAL A 130 7.21 3.87 3.38
CA VAL A 130 8.53 3.29 3.45
C VAL A 130 9.16 3.61 4.79
N ASN A 131 9.75 2.60 5.42
CA ASN A 131 10.37 2.76 6.72
C ASN A 131 11.78 3.31 6.58
N GLY A 1 20.88 -9.67 26.30
CA GLY A 1 20.77 -10.00 24.88
C GLY A 1 21.36 -8.92 24.01
N GLN A 2 21.20 -9.06 22.70
CA GLN A 2 21.70 -8.09 21.76
C GLN A 2 20.64 -7.03 21.48
N ALA A 3 21.04 -5.90 20.94
CA ALA A 3 20.12 -4.84 20.62
C ALA A 3 20.08 -4.58 19.12
N PRO A 4 19.17 -5.24 18.40
CA PRO A 4 19.04 -5.10 16.96
C PRO A 4 18.07 -3.97 16.59
N PRO A 5 18.57 -2.92 15.90
CA PRO A 5 17.74 -1.80 15.46
C PRO A 5 16.66 -2.24 14.47
N GLY A 6 16.92 -3.35 13.79
CA GLY A 6 15.98 -3.86 12.83
C GLY A 6 16.11 -3.17 11.49
N PRO A 7 15.03 -2.60 10.97
CA PRO A 7 15.06 -1.87 9.70
C PRO A 7 15.82 -0.55 9.85
N PRO A 8 16.46 -0.08 8.77
CA PRO A 8 17.22 1.17 8.79
C PRO A 8 16.36 2.36 9.23
N ALA A 9 16.61 2.84 10.45
CA ALA A 9 15.85 3.93 11.01
C ALA A 9 16.09 5.23 10.26
N SER A 10 17.32 5.44 9.84
CA SER A 10 17.67 6.65 9.11
C SER A 10 17.51 6.43 7.61
N GLY A 11 17.80 5.22 7.16
CA GLY A 11 17.67 4.90 5.75
C GLY A 11 18.87 5.34 4.94
N PRO A 12 19.90 4.50 4.82
CA PRO A 12 21.10 4.81 4.05
C PRO A 12 20.97 4.38 2.60
N CYS A 13 19.76 4.54 2.06
CA CYS A 13 19.46 4.13 0.71
C CYS A 13 18.62 5.19 0.02
N ALA A 14 18.25 4.94 -1.23
CA ALA A 14 17.45 5.87 -2.03
C ALA A 14 16.08 6.14 -1.41
N ASP A 15 15.39 7.13 -1.95
CA ASP A 15 14.06 7.49 -1.48
C ASP A 15 13.01 6.61 -2.11
N LEU A 16 12.73 5.47 -1.49
CA LEU A 16 11.75 4.55 -2.03
C LEU A 16 10.36 5.14 -1.98
N GLN A 17 10.06 5.84 -0.90
CA GLN A 17 8.74 6.44 -0.69
C GLN A 17 8.38 7.38 -1.83
N SER A 18 9.23 8.36 -2.07
CA SER A 18 8.98 9.33 -3.11
C SER A 18 9.03 8.68 -4.49
N ALA A 19 9.92 7.70 -4.64
CA ALA A 19 10.09 6.99 -5.90
C ALA A 19 8.84 6.21 -6.28
N ILE A 20 8.29 5.47 -5.33
CA ILE A 20 7.06 4.72 -5.59
C ILE A 20 5.87 5.67 -5.71
N ASN A 21 5.86 6.71 -4.87
CA ASN A 21 4.81 7.73 -4.91
C ASN A 21 4.74 8.38 -6.28
N ALA A 22 5.90 8.50 -6.92
CA ALA A 22 6.00 9.08 -8.25
C ALA A 22 5.25 8.23 -9.27
N VAL A 23 5.11 6.94 -8.99
CA VAL A 23 4.43 6.04 -9.91
C VAL A 23 2.97 5.94 -9.54
N THR A 24 2.70 5.76 -8.26
CA THR A 24 1.35 5.63 -7.79
C THR A 24 0.57 6.90 -8.05
N GLY A 25 1.21 8.02 -7.77
CA GLY A 25 0.57 9.31 -7.90
C GLY A 25 -0.33 9.57 -6.72
N GLY A 26 -0.14 8.76 -5.70
CA GLY A 26 -0.94 8.86 -4.51
C GLY A 26 -1.23 7.48 -3.94
N PRO A 27 -2.50 7.20 -3.61
CA PRO A 27 -2.90 5.93 -3.04
C PRO A 27 -3.28 4.88 -4.09
N ILE A 28 -3.35 3.64 -3.66
CA ILE A 28 -3.74 2.52 -4.50
C ILE A 28 -5.25 2.44 -4.61
N ALA A 29 -5.77 2.75 -5.79
CA ALA A 29 -7.20 2.70 -6.04
C ALA A 29 -7.60 1.33 -6.57
N PHE A 30 -8.50 0.67 -5.87
CA PHE A 30 -8.96 -0.65 -6.26
C PHE A 30 -10.18 -0.56 -7.16
N GLY A 31 -10.41 -1.61 -7.93
CA GLY A 31 -11.55 -1.68 -8.80
C GLY A 31 -12.11 -3.07 -8.82
N ASN A 32 -13.18 -3.28 -8.08
CA ASN A 32 -13.78 -4.59 -7.97
C ASN A 32 -14.75 -4.85 -9.11
N ASP A 33 -14.63 -6.03 -9.70
CA ASP A 33 -15.50 -6.43 -10.77
C ASP A 33 -16.11 -7.76 -10.39
N GLY A 34 -17.20 -8.13 -11.03
CA GLY A 34 -17.83 -9.40 -10.75
C GLY A 34 -16.97 -10.57 -11.18
N ALA A 35 -15.89 -10.30 -11.89
CA ALA A 35 -14.99 -11.33 -12.35
C ALA A 35 -13.88 -11.55 -11.33
N SER A 36 -13.17 -10.48 -10.99
CA SER A 36 -12.06 -10.52 -10.06
C SER A 36 -11.54 -9.10 -9.88
N LEU A 37 -10.48 -8.95 -9.08
CA LEU A 37 -9.87 -7.64 -8.90
C LEU A 37 -9.00 -7.33 -10.10
N ILE A 38 -9.50 -6.49 -10.98
CA ILE A 38 -8.77 -6.11 -12.16
C ILE A 38 -8.23 -4.69 -12.01
N PRO A 39 -6.91 -4.55 -11.88
CA PRO A 39 -6.28 -3.25 -11.73
C PRO A 39 -6.32 -2.46 -13.03
N ALA A 40 -6.82 -1.23 -12.95
CA ALA A 40 -6.91 -0.37 -14.12
C ALA A 40 -5.52 0.04 -14.57
N ASP A 41 -4.59 0.03 -13.63
CA ASP A 41 -3.21 0.33 -13.93
C ASP A 41 -2.33 -0.71 -13.26
N TYR A 42 -2.03 -1.76 -13.99
CA TYR A 42 -1.23 -2.86 -13.46
C TYR A 42 0.27 -2.56 -13.53
N GLU A 43 0.60 -1.39 -14.03
CA GLU A 43 1.99 -1.00 -14.15
C GLU A 43 2.52 -0.44 -12.86
N ILE A 44 1.65 0.16 -12.04
CA ILE A 44 2.10 0.81 -10.83
C ILE A 44 2.63 -0.20 -9.84
N LEU A 45 1.87 -1.25 -9.60
CA LEU A 45 2.28 -2.29 -8.66
C LEU A 45 3.61 -2.92 -9.07
N ASN A 46 3.76 -3.15 -10.37
CA ASN A 46 5.00 -3.73 -10.90
C ASN A 46 6.14 -2.73 -10.79
N ARG A 47 5.82 -1.46 -11.00
CA ARG A 47 6.76 -0.38 -10.91
C ARG A 47 7.28 -0.26 -9.48
N VAL A 48 6.34 -0.12 -8.56
CA VAL A 48 6.64 -0.03 -7.14
C VAL A 48 7.50 -1.19 -6.69
N ALA A 49 7.10 -2.39 -7.10
CA ALA A 49 7.79 -3.59 -6.73
C ALA A 49 9.21 -3.62 -7.28
N ASP A 50 9.41 -3.10 -8.48
CA ASP A 50 10.71 -3.11 -9.12
C ASP A 50 11.75 -2.38 -8.31
N LYS A 51 11.39 -1.20 -7.82
CA LYS A 51 12.33 -0.41 -7.04
C LYS A 51 12.50 -0.97 -5.64
N LEU A 52 11.50 -1.68 -5.14
CA LEU A 52 11.61 -2.31 -3.83
C LEU A 52 12.61 -3.45 -3.88
N LYS A 53 12.74 -4.06 -5.04
CA LYS A 53 13.72 -5.12 -5.26
C LYS A 53 15.11 -4.54 -5.44
N ALA A 54 15.17 -3.28 -5.87
CA ALA A 54 16.44 -2.59 -6.06
C ALA A 54 17.05 -2.20 -4.71
N CYS A 55 16.20 -1.77 -3.80
CA CYS A 55 16.63 -1.44 -2.46
C CYS A 55 15.80 -2.23 -1.44
N PRO A 56 16.07 -3.54 -1.33
CA PRO A 56 15.33 -4.45 -0.44
C PRO A 56 15.67 -4.26 1.04
N ASP A 57 16.57 -3.33 1.33
CA ASP A 57 16.96 -3.06 2.71
C ASP A 57 15.86 -2.26 3.40
N ALA A 58 15.13 -1.53 2.59
CA ALA A 58 14.03 -0.71 3.07
C ALA A 58 12.80 -1.56 3.35
N ARG A 59 12.23 -1.39 4.52
CA ARG A 59 11.01 -2.08 4.90
C ARG A 59 9.83 -1.19 4.60
N VAL A 60 8.77 -1.78 4.14
CA VAL A 60 7.60 -1.02 3.81
C VAL A 60 6.41 -1.40 4.65
N THR A 61 5.71 -0.39 5.12
CA THR A 61 4.53 -0.57 5.89
C THR A 61 3.33 -0.19 5.04
N ILE A 62 2.57 -1.16 4.62
CA ILE A 62 1.45 -0.91 3.78
C ILE A 62 0.22 -0.71 4.63
N ASN A 63 -0.30 0.50 4.58
CA ASN A 63 -1.46 0.87 5.38
C ASN A 63 -2.70 0.88 4.52
N GLY A 64 -3.72 0.22 4.99
CA GLY A 64 -4.97 0.22 4.27
C GLY A 64 -5.97 1.09 4.97
N TYR A 65 -6.94 1.57 4.25
CA TYR A 65 -7.97 2.40 4.84
C TYR A 65 -9.34 1.91 4.40
N THR A 66 -10.33 2.28 5.16
CA THR A 66 -11.71 1.96 4.85
C THR A 66 -12.58 3.13 5.26
N ASP A 67 -13.81 3.15 4.81
CA ASP A 67 -14.73 4.21 5.20
C ASP A 67 -15.23 3.98 6.63
N ASN A 68 -15.55 5.05 7.32
CA ASN A 68 -15.98 4.97 8.69
C ASN A 68 -17.47 4.69 8.81
N THR A 69 -18.11 4.49 7.67
CA THR A 69 -19.52 4.17 7.65
C THR A 69 -19.75 2.66 7.80
N GLY A 70 -18.68 1.89 7.63
CA GLY A 70 -18.76 0.47 7.81
C GLY A 70 -18.76 0.08 9.27
N SER A 71 -18.96 -1.18 9.56
CA SER A 71 -18.98 -1.66 10.92
C SER A 71 -17.57 -1.75 11.48
N GLU A 72 -17.32 -1.07 12.60
CA GLU A 72 -16.02 -1.10 13.22
C GLU A 72 -15.69 -2.50 13.67
N GLY A 73 -14.50 -2.94 13.37
CA GLY A 73 -14.10 -4.28 13.70
C GLY A 73 -13.88 -5.09 12.48
N ILE A 74 -14.76 -4.91 11.51
CA ILE A 74 -14.66 -5.61 10.24
C ILE A 74 -13.71 -4.85 9.33
N ASN A 75 -13.67 -3.56 9.55
CA ASN A 75 -12.83 -2.67 8.76
C ASN A 75 -11.35 -2.93 9.03
N ILE A 76 -11.01 -3.32 10.25
CA ILE A 76 -9.63 -3.63 10.61
C ILE A 76 -9.03 -4.74 9.70
N PRO A 77 -9.59 -5.98 9.73
CA PRO A 77 -9.10 -7.07 8.88
C PRO A 77 -9.24 -6.76 7.40
N LEU A 78 -10.25 -5.97 7.06
CA LEU A 78 -10.46 -5.57 5.68
C LEU A 78 -9.32 -4.68 5.21
N SER A 79 -9.02 -3.68 5.99
CA SER A 79 -7.93 -2.77 5.72
C SER A 79 -6.62 -3.56 5.60
N ALA A 80 -6.46 -4.54 6.49
CA ALA A 80 -5.26 -5.37 6.48
C ALA A 80 -5.24 -6.29 5.26
N GLN A 81 -6.44 -6.67 4.80
CA GLN A 81 -6.57 -7.55 3.65
C GLN A 81 -6.15 -6.81 2.39
N ARG A 82 -6.63 -5.59 2.26
CA ARG A 82 -6.30 -4.76 1.11
C ARG A 82 -4.81 -4.46 1.06
N ALA A 83 -4.21 -4.18 2.21
CA ALA A 83 -2.78 -3.96 2.27
C ALA A 83 -2.04 -5.21 1.85
N LYS A 84 -2.58 -6.37 2.24
CA LYS A 84 -2.02 -7.67 1.88
C LYS A 84 -2.00 -7.85 0.38
N ILE A 85 -3.04 -7.35 -0.29
CA ILE A 85 -3.15 -7.46 -1.75
C ILE A 85 -1.92 -6.87 -2.42
N VAL A 86 -1.54 -5.67 -2.00
CA VAL A 86 -0.37 -5.00 -2.57
C VAL A 86 0.88 -5.83 -2.29
N ALA A 87 1.02 -6.26 -1.04
CA ALA A 87 2.17 -7.07 -0.65
C ALA A 87 2.23 -8.34 -1.47
N ASP A 88 1.08 -8.97 -1.66
CA ASP A 88 0.99 -10.22 -2.40
C ASP A 88 1.46 -10.01 -3.84
N TYR A 89 1.08 -8.88 -4.40
CA TYR A 89 1.49 -8.52 -5.75
C TYR A 89 2.96 -8.18 -5.79
N LEU A 90 3.44 -7.45 -4.81
CA LEU A 90 4.84 -7.07 -4.73
C LEU A 90 5.70 -8.32 -4.62
N VAL A 91 5.33 -9.21 -3.71
CA VAL A 91 6.05 -10.46 -3.50
C VAL A 91 6.03 -11.30 -4.77
N ALA A 92 4.89 -11.32 -5.44
CA ALA A 92 4.73 -12.05 -6.69
C ALA A 92 5.64 -11.47 -7.77
N ARG A 93 5.88 -10.16 -7.68
CA ARG A 93 6.73 -9.48 -8.64
C ARG A 93 8.21 -9.61 -8.28
N GLY A 94 8.50 -10.39 -7.25
CA GLY A 94 9.88 -10.61 -6.89
C GLY A 94 10.31 -9.87 -5.63
N VAL A 95 9.40 -9.16 -4.99
CA VAL A 95 9.77 -8.45 -3.75
C VAL A 95 9.74 -9.42 -2.57
N ALA A 96 10.64 -9.21 -1.62
CA ALA A 96 10.74 -10.09 -0.47
C ALA A 96 9.63 -9.79 0.53
N GLY A 97 8.82 -10.80 0.77
CA GLY A 97 7.71 -10.70 1.69
C GLY A 97 8.14 -10.31 3.09
N ASP A 98 9.34 -10.71 3.47
CA ASP A 98 9.88 -10.41 4.81
C ASP A 98 10.17 -8.92 4.96
N HIS A 99 10.26 -8.21 3.86
CA HIS A 99 10.55 -6.78 3.89
C HIS A 99 9.27 -5.96 3.85
N ILE A 100 8.16 -6.64 3.67
CA ILE A 100 6.89 -5.95 3.56
C ILE A 100 6.01 -6.22 4.78
N ALA A 101 5.47 -5.16 5.35
CA ALA A 101 4.56 -5.29 6.49
C ALA A 101 3.19 -4.74 6.12
N THR A 102 2.17 -5.54 6.30
CA THR A 102 0.82 -5.13 5.96
C THR A 102 -0.03 -4.97 7.20
N VAL A 103 -0.59 -3.79 7.36
CA VAL A 103 -1.39 -3.48 8.50
C VAL A 103 -2.80 -3.09 8.10
N GLY A 104 -3.70 -3.11 9.05
CA GLY A 104 -5.06 -2.73 8.80
C GLY A 104 -5.55 -1.81 9.89
N LEU A 105 -5.65 -0.54 9.57
CA LEU A 105 -6.02 0.47 10.56
C LEU A 105 -7.52 0.67 10.61
N GLY A 106 -8.24 -0.11 9.84
CA GLY A 106 -9.66 0.04 9.80
C GLY A 106 -10.06 1.32 9.10
N SER A 107 -10.85 2.11 9.76
CA SER A 107 -11.29 3.36 9.21
C SER A 107 -10.43 4.51 9.75
N VAL A 108 -9.80 5.21 8.83
CA VAL A 108 -8.94 6.32 9.16
C VAL A 108 -8.44 6.98 7.87
N ASN A 109 -8.19 8.27 7.93
CA ASN A 109 -7.67 9.04 6.82
C ASN A 109 -8.61 9.04 5.63
N PRO A 110 -9.63 9.90 5.66
CA PRO A 110 -10.62 9.96 4.62
C PRO A 110 -10.15 10.74 3.40
N ILE A 111 -10.75 10.43 2.27
CA ILE A 111 -10.43 11.09 1.02
C ILE A 111 -11.69 11.76 0.48
N ALA A 112 -12.75 10.99 0.35
CA ALA A 112 -14.02 11.51 -0.10
C ALA A 112 -15.06 11.29 0.99
N SER A 113 -16.19 11.95 0.86
CA SER A 113 -17.25 11.82 1.83
C SER A 113 -17.83 10.40 1.86
N ASN A 114 -18.19 9.96 3.05
CA ASN A 114 -18.74 8.62 3.25
C ASN A 114 -20.21 8.56 2.87
N ALA A 115 -20.79 9.72 2.60
CA ALA A 115 -22.19 9.82 2.21
C ALA A 115 -22.40 9.24 0.82
N THR A 116 -21.33 9.11 0.06
CA THR A 116 -21.40 8.56 -1.26
C THR A 116 -20.65 7.23 -1.33
N PRO A 117 -21.25 6.22 -1.98
CA PRO A 117 -20.64 4.90 -2.14
C PRO A 117 -19.34 5.00 -2.93
N GLU A 118 -19.30 5.93 -3.88
CA GLU A 118 -18.14 6.17 -4.71
C GLU A 118 -17.00 6.69 -3.86
N GLY A 119 -17.34 7.57 -2.94
CA GLY A 119 -16.35 8.11 -2.04
C GLY A 119 -15.86 7.05 -1.09
N ARG A 120 -16.76 6.18 -0.65
CA ARG A 120 -16.39 5.07 0.22
C ARG A 120 -15.41 4.16 -0.50
N ALA A 121 -15.65 3.99 -1.80
CA ALA A 121 -14.77 3.18 -2.65
C ALA A 121 -13.38 3.80 -2.73
N LYS A 122 -13.31 5.10 -2.54
CA LYS A 122 -12.04 5.80 -2.54
C LYS A 122 -11.35 5.65 -1.19
N ASN A 123 -12.14 5.73 -0.13
CA ASN A 123 -11.61 5.62 1.24
C ASN A 123 -11.04 4.25 1.54
N ARG A 124 -11.46 3.25 0.79
CA ARG A 124 -11.00 1.88 1.03
C ARG A 124 -9.66 1.62 0.33
N ARG A 125 -9.06 2.68 -0.16
CA ARG A 125 -7.74 2.64 -0.79
C ARG A 125 -6.66 2.09 0.16
N VAL A 126 -5.44 2.01 -0.38
CA VAL A 126 -4.28 1.55 0.36
C VAL A 126 -3.08 2.43 0.01
N GLU A 127 -2.21 2.66 0.99
CA GLU A 127 -1.04 3.50 0.77
C GLU A 127 0.21 2.80 1.27
N ILE A 128 1.26 2.88 0.49
CA ILE A 128 2.52 2.23 0.83
C ILE A 128 3.47 3.20 1.48
N VAL A 129 3.80 2.93 2.72
CA VAL A 129 4.72 3.78 3.46
C VAL A 129 6.05 3.06 3.60
N VAL A 130 7.12 3.77 3.41
CA VAL A 130 8.43 3.18 3.53
C VAL A 130 9.02 3.53 4.89
N ASN A 131 9.66 2.57 5.51
CA ASN A 131 10.28 2.79 6.80
C ASN A 131 11.58 3.56 6.64
N GLY A 1 34.52 24.05 8.59
CA GLY A 1 34.11 23.06 7.58
C GLY A 1 34.04 23.67 6.19
N GLN A 2 33.28 23.03 5.32
CA GLN A 2 33.12 23.52 3.95
C GLN A 2 31.70 23.25 3.48
N ALA A 3 31.28 22.02 3.66
CA ALA A 3 29.93 21.61 3.31
C ALA A 3 28.97 21.98 4.45
N PRO A 4 27.66 22.09 4.16
CA PRO A 4 26.66 22.40 5.19
C PRO A 4 26.65 21.34 6.29
N PRO A 5 26.70 21.77 7.57
CA PRO A 5 26.71 20.85 8.73
C PRO A 5 25.34 20.22 9.00
N GLY A 6 24.49 20.18 8.00
CA GLY A 6 23.19 19.59 8.14
C GLY A 6 23.19 18.12 7.81
N PRO A 7 22.44 17.69 6.78
CA PRO A 7 22.37 16.29 6.36
C PRO A 7 23.69 15.83 5.71
N PRO A 8 24.42 14.91 6.38
CA PRO A 8 25.66 14.37 5.83
C PRO A 8 25.38 13.28 4.83
N ALA A 9 24.92 12.14 5.33
CA ALA A 9 24.55 11.02 4.50
C ALA A 9 23.28 10.39 5.04
N SER A 10 22.47 11.22 5.69
CA SER A 10 21.22 10.78 6.29
C SER A 10 20.29 10.13 5.26
N GLY A 11 19.49 9.20 5.71
CA GLY A 11 18.62 8.48 4.83
C GLY A 11 19.12 7.07 4.62
N PRO A 12 18.48 6.08 5.24
CA PRO A 12 18.88 4.66 5.13
C PRO A 12 18.91 4.19 3.69
N CYS A 13 17.96 4.67 2.92
CA CYS A 13 17.84 4.34 1.53
C CYS A 13 17.14 5.43 0.76
N ALA A 14 16.94 5.19 -0.52
CA ALA A 14 16.23 6.08 -1.38
C ALA A 14 14.79 6.23 -0.90
N ASP A 15 14.19 7.39 -1.12
CA ASP A 15 12.80 7.60 -0.69
C ASP A 15 11.87 6.87 -1.62
N LEU A 16 11.83 5.56 -1.48
CA LEU A 16 11.02 4.71 -2.29
C LEU A 16 9.55 5.10 -2.22
N GLN A 17 9.12 5.69 -1.11
CA GLN A 17 7.73 6.09 -0.95
C GLN A 17 7.38 7.20 -1.93
N SER A 18 8.27 8.16 -2.08
CA SER A 18 8.04 9.25 -3.02
C SER A 18 8.22 8.72 -4.43
N ALA A 19 9.11 7.74 -4.56
CA ALA A 19 9.38 7.10 -5.82
C ALA A 19 8.15 6.34 -6.32
N ILE A 20 7.54 5.56 -5.44
CA ILE A 20 6.34 4.81 -5.80
C ILE A 20 5.13 5.74 -5.90
N ASN A 21 5.10 6.78 -5.06
CA ASN A 21 4.03 7.78 -5.09
C ASN A 21 3.92 8.40 -6.48
N ALA A 22 5.07 8.61 -7.11
CA ALA A 22 5.12 9.15 -8.47
C ALA A 22 4.50 8.17 -9.46
N VAL A 23 4.60 6.89 -9.16
CA VAL A 23 4.06 5.83 -10.00
C VAL A 23 2.58 5.64 -9.76
N THR A 24 2.23 5.46 -8.49
CA THR A 24 0.87 5.21 -8.09
C THR A 24 0.01 6.43 -8.38
N GLY A 25 0.60 7.59 -8.21
CA GLY A 25 -0.12 8.82 -8.42
C GLY A 25 -0.91 9.18 -7.19
N GLY A 26 -0.61 8.47 -6.12
CA GLY A 26 -1.32 8.65 -4.88
C GLY A 26 -1.52 7.32 -4.18
N PRO A 27 -2.75 6.98 -3.83
CA PRO A 27 -3.06 5.72 -3.19
C PRO A 27 -3.40 4.61 -4.17
N ILE A 28 -3.44 3.39 -3.69
CA ILE A 28 -3.82 2.24 -4.49
C ILE A 28 -5.34 2.10 -4.52
N ALA A 29 -5.94 2.37 -5.66
CA ALA A 29 -7.37 2.26 -5.83
C ALA A 29 -7.72 0.95 -6.51
N PHE A 30 -8.57 0.17 -5.86
CA PHE A 30 -8.95 -1.12 -6.38
C PHE A 30 -10.08 -1.72 -5.54
N GLY A 31 -11.01 -2.38 -6.21
CA GLY A 31 -12.11 -3.02 -5.51
C GLY A 31 -13.13 -2.05 -4.95
N ASN A 32 -14.16 -1.80 -5.72
CA ASN A 32 -15.23 -0.90 -5.29
C ASN A 32 -16.26 -1.68 -4.49
N ASP A 33 -17.22 -0.98 -3.91
CA ASP A 33 -18.24 -1.64 -3.11
C ASP A 33 -19.35 -2.13 -4.00
N GLY A 34 -19.73 -3.38 -3.83
CA GLY A 34 -20.74 -3.95 -4.68
C GLY A 34 -20.13 -4.45 -5.98
N ALA A 35 -18.83 -4.25 -6.12
CA ALA A 35 -18.11 -4.68 -7.30
C ALA A 35 -17.01 -5.66 -6.90
N SER A 36 -16.27 -6.15 -7.87
CA SER A 36 -15.20 -7.08 -7.61
C SER A 36 -13.88 -6.32 -7.38
N LEU A 37 -12.81 -7.05 -7.15
CA LEU A 37 -11.51 -6.45 -6.94
C LEU A 37 -10.90 -6.05 -8.27
N ILE A 38 -11.25 -4.87 -8.72
CA ILE A 38 -10.74 -4.34 -9.97
C ILE A 38 -9.67 -3.28 -9.71
N PRO A 39 -8.41 -3.58 -10.05
CA PRO A 39 -7.30 -2.66 -9.86
C PRO A 39 -7.17 -1.65 -10.98
N ALA A 40 -6.98 -0.40 -10.63
CA ALA A 40 -6.83 0.66 -11.61
C ALA A 40 -5.40 0.71 -12.14
N ASP A 41 -5.18 -0.01 -13.23
CA ASP A 41 -3.86 -0.10 -13.90
C ASP A 41 -2.84 -0.81 -13.00
N TYR A 42 -2.68 -2.11 -13.21
CA TYR A 42 -1.78 -2.91 -12.39
C TYR A 42 -0.32 -2.79 -12.84
N GLU A 43 -0.05 -1.91 -13.80
CA GLU A 43 1.31 -1.67 -14.25
C GLU A 43 2.10 -1.07 -13.11
N ILE A 44 1.39 -0.35 -12.26
CA ILE A 44 1.97 0.34 -11.13
C ILE A 44 2.56 -0.66 -10.16
N LEU A 45 1.82 -1.72 -9.89
CA LEU A 45 2.26 -2.76 -8.96
C LEU A 45 3.60 -3.35 -9.38
N ASN A 46 3.79 -3.47 -10.69
CA ASN A 46 5.05 -4.00 -11.21
C ASN A 46 6.10 -2.92 -11.23
N ARG A 47 5.69 -1.70 -11.55
CA ARG A 47 6.57 -0.56 -11.60
C ARG A 47 7.11 -0.24 -10.19
N VAL A 48 6.24 -0.36 -9.21
CA VAL A 48 6.56 -0.13 -7.80
C VAL A 48 7.67 -1.06 -7.34
N ALA A 49 7.57 -2.31 -7.77
CA ALA A 49 8.52 -3.34 -7.36
C ALA A 49 9.95 -2.98 -7.77
N ASP A 50 10.10 -2.37 -8.94
CA ASP A 50 11.41 -1.99 -9.46
C ASP A 50 12.20 -1.12 -8.48
N LYS A 51 11.54 -0.13 -7.88
CA LYS A 51 12.24 0.74 -6.95
C LYS A 51 12.33 0.12 -5.58
N LEU A 52 11.53 -0.89 -5.32
CA LEU A 52 11.61 -1.59 -4.05
C LEU A 52 12.76 -2.56 -4.12
N LYS A 53 13.10 -2.91 -5.34
CA LYS A 53 14.21 -3.79 -5.64
C LYS A 53 15.52 -3.04 -5.40
N ALA A 54 15.47 -1.71 -5.48
CA ALA A 54 16.63 -0.85 -5.28
C ALA A 54 17.11 -0.97 -3.85
N CYS A 55 16.18 -0.91 -2.92
CA CYS A 55 16.50 -1.07 -1.53
C CYS A 55 15.56 -2.12 -0.92
N PRO A 56 15.81 -3.39 -1.21
CA PRO A 56 14.98 -4.49 -0.72
C PRO A 56 15.13 -4.75 0.77
N ASP A 57 16.01 -4.00 1.42
CA ASP A 57 16.18 -4.13 2.86
C ASP A 57 15.23 -3.23 3.56
N ALA A 58 14.80 -2.21 2.85
CA ALA A 58 13.87 -1.25 3.39
C ALA A 58 12.57 -1.94 3.71
N ARG A 59 12.00 -1.59 4.84
CA ARG A 59 10.75 -2.19 5.23
C ARG A 59 9.63 -1.32 4.77
N VAL A 60 8.66 -1.93 4.18
CA VAL A 60 7.54 -1.19 3.70
C VAL A 60 6.31 -1.52 4.48
N THR A 61 5.65 -0.50 4.93
CA THR A 61 4.46 -0.66 5.70
C THR A 61 3.26 -0.34 4.83
N ILE A 62 2.52 -1.35 4.48
CA ILE A 62 1.39 -1.18 3.64
C ILE A 62 0.16 -1.02 4.50
N ASN A 63 -0.36 0.17 4.53
CA ASN A 63 -1.49 0.52 5.36
C ASN A 63 -2.77 0.48 4.57
N GLY A 64 -3.74 -0.24 5.08
CA GLY A 64 -5.02 -0.31 4.44
C GLY A 64 -6.03 0.52 5.17
N TYR A 65 -6.94 1.13 4.43
CA TYR A 65 -7.95 1.97 5.03
C TYR A 65 -9.34 1.52 4.59
N THR A 66 -10.35 1.97 5.31
CA THR A 66 -11.74 1.68 5.00
C THR A 66 -12.61 2.90 5.31
N ASP A 67 -13.81 2.93 4.76
CA ASP A 67 -14.73 4.03 4.99
C ASP A 67 -15.22 4.04 6.44
N ASN A 68 -15.55 5.22 6.93
CA ASN A 68 -15.99 5.38 8.32
C ASN A 68 -17.43 4.93 8.51
N THR A 69 -18.07 4.59 7.43
CA THR A 69 -19.44 4.13 7.47
C THR A 69 -19.48 2.64 7.80
N GLY A 70 -18.44 1.94 7.42
CA GLY A 70 -18.34 0.52 7.69
C GLY A 70 -17.36 0.23 8.81
N SER A 71 -17.34 1.09 9.81
CA SER A 71 -16.42 0.93 10.92
C SER A 71 -17.08 0.17 12.06
N GLU A 72 -17.21 -1.13 11.87
CA GLU A 72 -17.83 -1.98 12.86
C GLU A 72 -16.94 -3.17 13.20
N GLY A 73 -15.63 -3.00 13.00
CA GLY A 73 -14.69 -4.05 13.34
C GLY A 73 -14.06 -4.69 12.14
N ILE A 74 -14.89 -5.06 11.19
CA ILE A 74 -14.48 -5.77 9.98
C ILE A 74 -13.52 -4.93 9.16
N ASN A 75 -13.61 -3.64 9.36
CA ASN A 75 -12.74 -2.68 8.72
C ASN A 75 -11.27 -3.01 8.98
N ILE A 76 -10.97 -3.45 10.20
CA ILE A 76 -9.61 -3.82 10.57
C ILE A 76 -9.08 -4.98 9.68
N PRO A 77 -9.70 -6.19 9.76
CA PRO A 77 -9.28 -7.31 8.92
C PRO A 77 -9.42 -7.01 7.42
N LEU A 78 -10.40 -6.18 7.06
CA LEU A 78 -10.61 -5.81 5.66
C LEU A 78 -9.44 -5.03 5.11
N SER A 79 -9.08 -3.96 5.79
CA SER A 79 -7.97 -3.12 5.37
C SER A 79 -6.67 -3.92 5.35
N ALA A 80 -6.57 -4.90 6.25
CA ALA A 80 -5.41 -5.77 6.31
C ALA A 80 -5.39 -6.72 5.13
N GLN A 81 -6.57 -7.11 4.68
CA GLN A 81 -6.70 -8.02 3.56
C GLN A 81 -6.20 -7.35 2.30
N ARG A 82 -6.69 -6.14 2.07
CA ARG A 82 -6.31 -5.36 0.91
C ARG A 82 -4.82 -5.06 0.89
N ALA A 83 -4.25 -4.76 2.04
CA ALA A 83 -2.82 -4.51 2.15
C ALA A 83 -2.03 -5.76 1.75
N LYS A 84 -2.51 -6.92 2.19
CA LYS A 84 -1.89 -8.19 1.88
C LYS A 84 -1.88 -8.42 0.37
N ILE A 85 -2.97 -8.03 -0.29
CA ILE A 85 -3.10 -8.18 -1.73
C ILE A 85 -1.93 -7.49 -2.43
N VAL A 86 -1.63 -6.26 -2.03
CA VAL A 86 -0.53 -5.52 -2.62
C VAL A 86 0.78 -6.20 -2.31
N ALA A 87 0.99 -6.54 -1.04
CA ALA A 87 2.20 -7.21 -0.60
C ALA A 87 2.45 -8.46 -1.40
N ASP A 88 1.39 -9.25 -1.58
CA ASP A 88 1.48 -10.51 -2.32
C ASP A 88 1.97 -10.26 -3.75
N TYR A 89 1.46 -9.20 -4.35
CA TYR A 89 1.85 -8.83 -5.70
C TYR A 89 3.28 -8.36 -5.75
N LEU A 90 3.67 -7.59 -4.76
CA LEU A 90 5.02 -7.08 -4.67
C LEU A 90 6.00 -8.23 -4.51
N VAL A 91 5.68 -9.16 -3.61
CA VAL A 91 6.48 -10.35 -3.40
C VAL A 91 6.59 -11.15 -4.70
N ALA A 92 5.47 -11.24 -5.41
CA ALA A 92 5.44 -11.94 -6.68
C ALA A 92 6.29 -11.21 -7.72
N ARG A 93 6.39 -9.91 -7.55
CA ARG A 93 7.17 -9.06 -8.44
C ARG A 93 8.65 -9.06 -8.08
N GLY A 94 9.02 -9.77 -7.03
CA GLY A 94 10.42 -9.87 -6.67
C GLY A 94 10.79 -9.16 -5.38
N VAL A 95 9.83 -8.64 -4.67
CA VAL A 95 10.11 -7.95 -3.42
C VAL A 95 10.08 -8.93 -2.24
N ALA A 96 10.98 -8.75 -1.30
CA ALA A 96 11.08 -9.63 -0.13
C ALA A 96 9.86 -9.49 0.77
N GLY A 97 9.10 -10.56 0.89
CA GLY A 97 7.89 -10.56 1.68
C GLY A 97 8.15 -10.32 3.16
N ASP A 98 9.25 -10.85 3.65
CA ASP A 98 9.60 -10.71 5.07
C ASP A 98 9.96 -9.27 5.40
N HIS A 99 10.20 -8.46 4.38
CA HIS A 99 10.54 -7.06 4.58
C HIS A 99 9.34 -6.18 4.28
N ILE A 100 8.22 -6.82 3.96
CA ILE A 100 6.98 -6.12 3.71
C ILE A 100 6.05 -6.32 4.90
N ALA A 101 5.46 -5.24 5.37
CA ALA A 101 4.54 -5.31 6.49
C ALA A 101 3.17 -4.83 6.06
N THR A 102 2.17 -5.63 6.33
CA THR A 102 0.81 -5.29 5.97
C THR A 102 -0.01 -5.02 7.23
N VAL A 103 -0.66 -3.86 7.27
CA VAL A 103 -1.41 -3.47 8.43
C VAL A 103 -2.79 -2.92 8.09
N GLY A 104 -3.81 -3.54 8.66
CA GLY A 104 -5.14 -3.06 8.50
C GLY A 104 -5.51 -2.15 9.64
N LEU A 105 -5.52 -0.86 9.37
CA LEU A 105 -5.77 0.13 10.40
C LEU A 105 -7.25 0.41 10.56
N GLY A 106 -8.06 -0.22 9.74
CA GLY A 106 -9.47 0.04 9.80
C GLY A 106 -9.82 1.32 9.10
N SER A 107 -10.48 2.18 9.79
CA SER A 107 -10.86 3.45 9.23
C SER A 107 -9.92 4.54 9.75
N VAL A 108 -9.22 5.17 8.83
CA VAL A 108 -8.27 6.21 9.16
C VAL A 108 -7.70 6.79 7.87
N ASN A 109 -7.38 8.08 7.89
CA ASN A 109 -6.80 8.77 6.76
C ASN A 109 -7.75 8.77 5.57
N PRO A 110 -8.75 9.65 5.59
CA PRO A 110 -9.75 9.73 4.54
C PRO A 110 -9.20 10.35 3.25
N ILE A 111 -9.78 9.95 2.14
CA ILE A 111 -9.38 10.47 0.84
C ILE A 111 -10.50 11.33 0.26
N ALA A 112 -11.68 10.76 0.16
CA ALA A 112 -12.82 11.48 -0.37
C ALA A 112 -13.93 11.56 0.65
N SER A 113 -14.93 12.35 0.34
CA SER A 113 -16.06 12.56 1.21
C SER A 113 -16.84 11.26 1.46
N ASN A 114 -17.24 11.03 2.69
CA ASN A 114 -17.97 9.82 3.05
C ASN A 114 -19.45 9.96 2.70
N ALA A 115 -19.87 11.19 2.44
CA ALA A 115 -21.25 11.47 2.07
C ALA A 115 -21.60 10.85 0.73
N THR A 116 -20.59 10.51 -0.05
CA THR A 116 -20.81 9.90 -1.34
C THR A 116 -20.26 8.48 -1.35
N PRO A 117 -20.96 7.54 -2.03
CA PRO A 117 -20.55 6.14 -2.10
C PRO A 117 -19.26 5.99 -2.89
N GLU A 118 -19.04 6.91 -3.83
CA GLU A 118 -17.85 6.91 -4.65
C GLU A 118 -16.64 7.15 -3.78
N GLY A 119 -16.81 8.04 -2.82
CA GLY A 119 -15.75 8.39 -1.91
C GLY A 119 -15.45 7.25 -0.96
N ARG A 120 -16.48 6.57 -0.52
CA ARG A 120 -16.33 5.40 0.36
C ARG A 120 -15.51 4.32 -0.34
N ALA A 121 -15.78 4.17 -1.64
CA ALA A 121 -15.06 3.21 -2.46
C ALA A 121 -13.58 3.59 -2.55
N LYS A 122 -13.29 4.88 -2.40
CA LYS A 122 -11.92 5.36 -2.45
C LYS A 122 -11.26 5.25 -1.09
N ASN A 123 -12.02 5.50 -0.03
CA ASN A 123 -11.48 5.45 1.34
C ASN A 123 -11.01 4.06 1.74
N ARG A 124 -11.50 3.05 1.06
CA ARG A 124 -11.10 1.69 1.36
C ARG A 124 -9.85 1.29 0.58
N ARG A 125 -9.17 2.29 0.04
CA ARG A 125 -7.90 2.14 -0.64
C ARG A 125 -6.80 1.58 0.26
N VAL A 126 -5.61 1.50 -0.31
CA VAL A 126 -4.42 1.05 0.38
C VAL A 126 -3.24 1.96 -0.01
N GLU A 127 -2.34 2.20 0.93
CA GLU A 127 -1.19 3.05 0.67
C GLU A 127 0.09 2.39 1.14
N ILE A 128 1.14 2.54 0.36
CA ILE A 128 2.41 1.93 0.68
C ILE A 128 3.33 2.94 1.33
N VAL A 129 3.70 2.68 2.55
CA VAL A 129 4.59 3.57 3.27
C VAL A 129 5.95 2.91 3.40
N VAL A 130 7.00 3.65 3.15
CA VAL A 130 8.33 3.11 3.24
C VAL A 130 8.97 3.54 4.54
N ASN A 131 9.64 2.61 5.18
CA ASN A 131 10.31 2.88 6.44
C ASN A 131 11.78 3.22 6.18
N GLY A 1 31.71 8.48 -8.46
CA GLY A 1 30.74 8.77 -7.37
C GLY A 1 31.15 8.13 -6.07
N GLN A 2 32.01 8.81 -5.33
CA GLN A 2 32.47 8.31 -4.04
C GLN A 2 31.48 8.71 -2.93
N ALA A 3 31.89 8.50 -1.69
CA ALA A 3 31.07 8.88 -0.57
C ALA A 3 31.22 10.38 -0.29
N PRO A 4 30.11 11.13 -0.29
CA PRO A 4 30.14 12.57 -0.07
C PRO A 4 30.63 12.94 1.34
N PRO A 5 31.40 14.04 1.47
CA PRO A 5 31.91 14.51 2.76
C PRO A 5 30.80 14.62 3.80
N GLY A 6 30.94 13.89 4.89
CA GLY A 6 29.91 13.87 5.91
C GLY A 6 28.69 13.08 5.45
N PRO A 7 28.82 11.73 5.30
CA PRO A 7 27.73 10.88 4.83
C PRO A 7 26.60 10.78 5.85
N PRO A 8 25.37 11.18 5.46
CA PRO A 8 24.22 11.12 6.35
C PRO A 8 23.80 9.69 6.65
N ALA A 9 23.63 9.38 7.91
CA ALA A 9 23.23 8.05 8.32
C ALA A 9 21.71 7.92 8.31
N SER A 10 21.04 9.06 8.38
CA SER A 10 19.59 9.10 8.37
C SER A 10 19.05 8.68 7.01
N GLY A 11 18.42 7.53 6.97
CA GLY A 11 17.88 7.01 5.73
C GLY A 11 18.73 5.88 5.19
N PRO A 12 18.47 4.64 5.62
CA PRO A 12 19.23 3.47 5.18
C PRO A 12 18.93 3.10 3.72
N CYS A 13 17.90 3.70 3.17
CA CYS A 13 17.52 3.44 1.80
C CYS A 13 17.10 4.75 1.12
N ALA A 14 16.93 4.70 -0.20
CA ALA A 14 16.50 5.85 -0.97
C ALA A 14 15.05 6.21 -0.64
N ASP A 15 14.57 7.32 -1.19
CA ASP A 15 13.21 7.78 -0.93
C ASP A 15 12.22 7.01 -1.78
N LEU A 16 12.26 5.69 -1.65
CA LEU A 16 11.39 4.81 -2.41
C LEU A 16 9.92 5.18 -2.30
N GLN A 17 9.53 5.82 -1.20
CA GLN A 17 8.13 6.21 -1.04
C GLN A 17 7.75 7.25 -2.07
N SER A 18 8.67 8.15 -2.35
CA SER A 18 8.44 9.17 -3.36
C SER A 18 8.61 8.53 -4.75
N ALA A 19 9.48 7.54 -4.80
CA ALA A 19 9.76 6.80 -6.01
C ALA A 19 8.52 6.00 -6.46
N ILE A 20 7.88 5.31 -5.52
CA ILE A 20 6.67 4.56 -5.82
C ILE A 20 5.47 5.48 -6.03
N ASN A 21 5.41 6.55 -5.23
CA ASN A 21 4.31 7.52 -5.32
C ASN A 21 4.25 8.13 -6.72
N ALA A 22 5.41 8.26 -7.35
CA ALA A 22 5.50 8.83 -8.68
C ALA A 22 4.83 7.95 -9.73
N VAL A 23 4.76 6.66 -9.48
CA VAL A 23 4.15 5.74 -10.44
C VAL A 23 2.71 5.40 -10.06
N THR A 24 2.45 5.31 -8.76
CA THR A 24 1.11 5.05 -8.28
C THR A 24 0.23 6.25 -8.51
N GLY A 25 0.81 7.41 -8.35
CA GLY A 25 0.07 8.63 -8.53
C GLY A 25 -0.69 8.99 -7.29
N GLY A 26 -0.23 8.45 -6.17
CA GLY A 26 -0.88 8.67 -4.91
C GLY A 26 -1.20 7.35 -4.23
N PRO A 27 -2.43 7.17 -3.75
CA PRO A 27 -2.84 5.95 -3.09
C PRO A 27 -3.22 4.85 -4.07
N ILE A 28 -3.28 3.63 -3.59
CA ILE A 28 -3.69 2.50 -4.39
C ILE A 28 -5.20 2.43 -4.42
N ALA A 29 -5.78 2.88 -5.50
CA ALA A 29 -7.22 2.87 -5.66
C ALA A 29 -7.67 1.66 -6.45
N PHE A 30 -8.63 0.93 -5.91
CA PHE A 30 -9.15 -0.27 -6.56
C PHE A 30 -10.39 -0.76 -5.85
N GLY A 31 -11.36 -1.21 -6.62
CA GLY A 31 -12.59 -1.71 -6.06
C GLY A 31 -13.05 -2.95 -6.77
N ASN A 32 -12.15 -3.89 -6.95
CA ASN A 32 -12.48 -5.15 -7.60
C ASN A 32 -12.95 -6.14 -6.55
N ASP A 33 -14.25 -6.23 -6.40
CA ASP A 33 -14.85 -7.03 -5.35
C ASP A 33 -15.12 -8.42 -5.86
N GLY A 34 -14.81 -9.40 -5.05
CA GLY A 34 -15.02 -10.76 -5.44
C GLY A 34 -13.89 -11.29 -6.28
N ALA A 35 -13.66 -10.64 -7.42
CA ALA A 35 -12.62 -11.08 -8.34
C ALA A 35 -11.24 -10.70 -7.83
N SER A 36 -11.17 -9.60 -7.08
CA SER A 36 -9.91 -9.12 -6.51
C SER A 36 -8.90 -8.79 -7.62
N LEU A 37 -7.62 -8.72 -7.26
CA LEU A 37 -6.60 -8.40 -8.23
C LEU A 37 -5.95 -9.66 -8.78
N ILE A 38 -6.59 -10.26 -9.77
CA ILE A 38 -6.05 -11.45 -10.42
C ILE A 38 -5.31 -11.08 -11.73
N PRO A 39 -5.99 -10.40 -12.70
CA PRO A 39 -5.35 -10.00 -13.97
C PRO A 39 -4.30 -8.91 -13.75
N ALA A 40 -3.37 -8.79 -14.68
CA ALA A 40 -2.29 -7.82 -14.60
C ALA A 40 -2.77 -6.42 -15.01
N ASP A 41 -3.95 -6.06 -14.55
CA ASP A 41 -4.53 -4.76 -14.86
C ASP A 41 -3.79 -3.65 -14.14
N TYR A 42 -3.32 -3.95 -12.94
CA TYR A 42 -2.59 -2.98 -12.15
C TYR A 42 -1.08 -3.20 -12.26
N GLU A 43 -0.51 -2.77 -13.37
CA GLU A 43 0.92 -2.91 -13.65
C GLU A 43 1.74 -2.00 -12.76
N ILE A 44 1.09 -0.99 -12.17
CA ILE A 44 1.75 -0.04 -11.30
C ILE A 44 2.43 -0.78 -10.15
N LEU A 45 1.77 -1.82 -9.65
CA LEU A 45 2.34 -2.62 -8.57
C LEU A 45 3.61 -3.33 -9.01
N ASN A 46 3.65 -3.68 -10.29
CA ASN A 46 4.84 -4.31 -10.85
C ASN A 46 5.96 -3.29 -10.95
N ARG A 47 5.58 -2.07 -11.30
CA ARG A 47 6.51 -0.98 -11.40
C ARG A 47 7.03 -0.61 -10.00
N VAL A 48 6.14 -0.62 -9.03
CA VAL A 48 6.47 -0.34 -7.63
C VAL A 48 7.53 -1.30 -7.12
N ALA A 49 7.40 -2.56 -7.47
CA ALA A 49 8.32 -3.59 -7.03
C ALA A 49 9.71 -3.35 -7.59
N ASP A 50 9.78 -2.85 -8.81
CA ASP A 50 11.05 -2.56 -9.48
C ASP A 50 11.97 -1.69 -8.65
N LYS A 51 11.45 -0.58 -8.12
CA LYS A 51 12.30 0.29 -7.32
C LYS A 51 12.59 -0.30 -5.96
N LEU A 52 11.66 -1.10 -5.45
CA LEU A 52 11.89 -1.77 -4.18
C LEU A 52 12.96 -2.85 -4.36
N LYS A 53 12.98 -3.40 -5.55
CA LYS A 53 13.93 -4.41 -5.95
C LYS A 53 15.36 -3.86 -5.91
N ALA A 54 15.52 -2.59 -6.25
CA ALA A 54 16.82 -1.94 -6.31
C ALA A 54 17.39 -1.69 -4.93
N CYS A 55 16.52 -1.36 -4.00
CA CYS A 55 16.93 -1.13 -2.63
C CYS A 55 16.04 -1.98 -1.71
N PRO A 56 16.25 -3.31 -1.75
CA PRO A 56 15.40 -4.28 -1.03
C PRO A 56 15.58 -4.28 0.49
N ASP A 57 16.41 -3.39 1.00
CA ASP A 57 16.63 -3.32 2.44
C ASP A 57 15.52 -2.55 3.10
N ALA A 58 14.92 -1.68 2.32
CA ALA A 58 13.84 -0.85 2.80
C ALA A 58 12.65 -1.69 3.24
N ARG A 59 12.11 -1.37 4.39
CA ARG A 59 10.93 -2.04 4.87
C ARG A 59 9.75 -1.22 4.52
N VAL A 60 8.73 -1.83 4.03
CA VAL A 60 7.57 -1.11 3.64
C VAL A 60 6.39 -1.42 4.51
N THR A 61 5.73 -0.38 4.92
CA THR A 61 4.57 -0.49 5.74
C THR A 61 3.34 -0.12 4.92
N ILE A 62 2.56 -1.10 4.56
CA ILE A 62 1.40 -0.89 3.74
C ILE A 62 0.17 -0.72 4.61
N ASN A 63 -0.41 0.46 4.55
CA ASN A 63 -1.57 0.77 5.36
C ASN A 63 -2.84 0.69 4.56
N GLY A 64 -3.82 0.00 5.10
CA GLY A 64 -5.08 -0.11 4.44
C GLY A 64 -6.16 0.64 5.19
N TYR A 65 -7.06 1.27 4.46
CA TYR A 65 -8.14 2.03 5.08
C TYR A 65 -9.49 1.53 4.55
N THR A 66 -10.55 1.83 5.28
CA THR A 66 -11.89 1.50 4.86
C THR A 66 -12.80 2.70 5.12
N ASP A 67 -14.03 2.61 4.68
CA ASP A 67 -15.00 3.65 4.93
C ASP A 67 -15.62 3.46 6.31
N ASN A 68 -16.17 4.53 6.86
CA ASN A 68 -16.76 4.51 8.20
C ASN A 68 -18.10 3.79 8.22
N THR A 69 -18.59 3.44 7.05
CA THR A 69 -19.87 2.79 6.95
C THR A 69 -19.74 1.29 7.22
N GLY A 70 -18.56 0.74 6.94
CA GLY A 70 -18.30 -0.64 7.28
C GLY A 70 -18.30 -0.85 8.78
N SER A 71 -18.60 -2.06 9.21
CA SER A 71 -18.70 -2.33 10.63
C SER A 71 -17.33 -2.41 11.30
N GLU A 72 -17.24 -1.81 12.48
CA GLU A 72 -16.02 -1.82 13.25
C GLU A 72 -15.64 -3.24 13.62
N GLY A 73 -14.37 -3.54 13.55
CA GLY A 73 -13.93 -4.87 13.83
C GLY A 73 -13.69 -5.65 12.57
N ILE A 74 -14.58 -5.48 11.62
CA ILE A 74 -14.47 -6.16 10.34
C ILE A 74 -13.57 -5.35 9.44
N ASN A 75 -13.59 -4.06 9.64
CA ASN A 75 -12.81 -3.12 8.84
C ASN A 75 -11.31 -3.34 8.99
N ILE A 76 -10.88 -3.71 10.18
CA ILE A 76 -9.47 -3.97 10.47
C ILE A 76 -8.91 -5.08 9.56
N PRO A 77 -9.40 -6.35 9.67
CA PRO A 77 -8.91 -7.45 8.82
C PRO A 77 -9.18 -7.18 7.35
N LEU A 78 -10.22 -6.38 7.06
CA LEU A 78 -10.55 -6.04 5.70
C LEU A 78 -9.45 -5.19 5.07
N SER A 79 -9.12 -4.07 5.70
CA SER A 79 -8.09 -3.20 5.20
C SER A 79 -6.73 -3.89 5.26
N ALA A 80 -6.58 -4.82 6.19
CA ALA A 80 -5.36 -5.58 6.32
C ALA A 80 -5.24 -6.57 5.18
N GLN A 81 -6.39 -7.05 4.71
CA GLN A 81 -6.43 -7.97 3.60
C GLN A 81 -6.05 -7.20 2.34
N ARG A 82 -6.67 -6.04 2.17
CA ARG A 82 -6.39 -5.17 1.06
C ARG A 82 -4.88 -4.83 0.99
N ALA A 83 -4.28 -4.52 2.13
CA ALA A 83 -2.86 -4.25 2.20
C ALA A 83 -2.05 -5.50 1.83
N LYS A 84 -2.53 -6.65 2.29
CA LYS A 84 -1.87 -7.93 2.01
C LYS A 84 -1.89 -8.21 0.50
N ILE A 85 -2.96 -7.79 -0.18
CA ILE A 85 -3.07 -7.98 -1.62
C ILE A 85 -1.88 -7.32 -2.32
N VAL A 86 -1.53 -6.12 -1.88
CA VAL A 86 -0.41 -5.41 -2.45
C VAL A 86 0.89 -6.10 -2.08
N ALA A 87 0.99 -6.50 -0.80
CA ALA A 87 2.18 -7.20 -0.32
C ALA A 87 2.42 -8.46 -1.15
N ASP A 88 1.35 -9.21 -1.38
CA ASP A 88 1.42 -10.43 -2.17
C ASP A 88 1.93 -10.14 -3.56
N TYR A 89 1.46 -9.06 -4.13
CA TYR A 89 1.88 -8.64 -5.46
C TYR A 89 3.34 -8.27 -5.47
N LEU A 90 3.76 -7.52 -4.46
CA LEU A 90 5.14 -7.10 -4.35
C LEU A 90 6.04 -8.32 -4.19
N VAL A 91 5.66 -9.21 -3.28
CA VAL A 91 6.41 -10.43 -3.06
C VAL A 91 6.48 -11.27 -4.33
N ALA A 92 5.35 -11.35 -5.02
CA ALA A 92 5.27 -12.09 -6.27
C ALA A 92 6.13 -11.43 -7.34
N ARG A 93 6.32 -10.13 -7.20
CA ARG A 93 7.13 -9.36 -8.13
C ARG A 93 8.61 -9.38 -7.75
N GLY A 94 8.95 -10.16 -6.73
CA GLY A 94 10.35 -10.29 -6.36
C GLY A 94 10.73 -9.51 -5.12
N VAL A 95 9.76 -8.90 -4.45
CA VAL A 95 10.06 -8.15 -3.23
C VAL A 95 10.05 -9.09 -2.04
N ALA A 96 10.93 -8.84 -1.09
CA ALA A 96 11.05 -9.68 0.09
C ALA A 96 9.88 -9.47 1.03
N GLY A 97 9.05 -10.49 1.16
CA GLY A 97 7.89 -10.42 2.03
C GLY A 97 8.26 -10.15 3.47
N ASP A 98 9.42 -10.64 3.86
CA ASP A 98 9.94 -10.45 5.21
C ASP A 98 10.18 -8.97 5.50
N HIS A 99 10.30 -8.17 4.44
CA HIS A 99 10.55 -6.74 4.59
C HIS A 99 9.29 -5.94 4.34
N ILE A 100 8.18 -6.64 4.12
CA ILE A 100 6.90 -5.99 3.89
C ILE A 100 5.99 -6.16 5.11
N ALA A 101 5.43 -5.06 5.56
CA ALA A 101 4.51 -5.06 6.69
C ALA A 101 3.15 -4.53 6.26
N THR A 102 2.11 -5.29 6.51
CA THR A 102 0.76 -4.90 6.12
C THR A 102 -0.09 -4.59 7.36
N VAL A 103 -0.72 -3.42 7.35
CA VAL A 103 -1.50 -2.98 8.50
C VAL A 103 -2.88 -2.47 8.08
N GLY A 104 -3.90 -3.16 8.53
CA GLY A 104 -5.26 -2.71 8.28
C GLY A 104 -5.74 -1.84 9.40
N LEU A 105 -5.89 -0.56 9.12
CA LEU A 105 -6.29 0.40 10.13
C LEU A 105 -7.80 0.51 10.24
N GLY A 106 -8.49 0.32 9.14
CA GLY A 106 -9.91 0.44 9.14
C GLY A 106 -10.32 1.82 8.70
N SER A 107 -11.35 2.35 9.32
CA SER A 107 -11.82 3.67 8.98
C SER A 107 -10.91 4.73 9.61
N VAL A 108 -10.16 5.41 8.77
CA VAL A 108 -9.24 6.42 9.20
C VAL A 108 -8.65 7.08 7.98
N ASN A 109 -8.30 8.33 8.13
CA ASN A 109 -7.63 9.10 7.11
C ASN A 109 -8.52 9.31 5.89
N PRO A 110 -9.44 10.28 5.97
CA PRO A 110 -10.38 10.57 4.89
C PRO A 110 -9.71 11.17 3.67
N ILE A 111 -10.09 10.67 2.51
CA ILE A 111 -9.56 11.14 1.23
C ILE A 111 -10.65 11.85 0.42
N ALA A 112 -11.88 11.43 0.62
CA ALA A 112 -13.00 11.98 -0.12
C ALA A 112 -14.23 12.05 0.75
N SER A 113 -15.29 12.62 0.23
CA SER A 113 -16.54 12.76 0.97
C SER A 113 -17.14 11.40 1.31
N ASN A 114 -17.31 11.15 2.60
CA ASN A 114 -17.82 9.88 3.07
C ASN A 114 -19.34 9.80 2.94
N ALA A 115 -19.98 10.94 2.73
CA ALA A 115 -21.43 10.99 2.56
C ALA A 115 -21.85 10.39 1.22
N THR A 116 -20.90 10.23 0.33
CA THR A 116 -21.15 9.69 -0.97
C THR A 116 -20.38 8.38 -1.16
N PRO A 117 -20.97 7.40 -1.87
CA PRO A 117 -20.35 6.10 -2.07
C PRO A 117 -19.06 6.22 -2.87
N GLU A 118 -19.00 7.21 -3.74
CA GLU A 118 -17.84 7.50 -4.54
C GLU A 118 -16.64 7.79 -3.64
N GLY A 119 -16.88 8.59 -2.63
CA GLY A 119 -15.84 8.94 -1.69
C GLY A 119 -15.45 7.77 -0.82
N ARG A 120 -16.44 6.96 -0.43
CA ARG A 120 -16.18 5.76 0.35
C ARG A 120 -15.30 4.80 -0.42
N ALA A 121 -15.54 4.73 -1.73
CA ALA A 121 -14.76 3.89 -2.62
C ALA A 121 -13.31 4.33 -2.64
N LYS A 122 -13.09 5.60 -2.39
CA LYS A 122 -11.75 6.15 -2.35
C LYS A 122 -11.12 5.89 -1.00
N ASN A 123 -11.88 6.15 0.08
CA ASN A 123 -11.37 6.00 1.45
C ASN A 123 -10.86 4.60 1.75
N ARG A 124 -11.44 3.62 1.10
CA ARG A 124 -11.08 2.23 1.34
C ARG A 124 -9.79 1.82 0.60
N ARG A 125 -9.02 2.80 0.14
CA ARG A 125 -7.79 2.52 -0.57
C ARG A 125 -6.70 1.95 0.35
N VAL A 126 -5.54 1.74 -0.25
CA VAL A 126 -4.38 1.24 0.44
C VAL A 126 -3.18 2.13 0.07
N GLU A 127 -2.29 2.38 1.01
CA GLU A 127 -1.14 3.23 0.76
C GLU A 127 0.14 2.60 1.26
N ILE A 128 1.21 2.77 0.50
CA ILE A 128 2.48 2.17 0.84
C ILE A 128 3.41 3.21 1.47
N VAL A 129 3.83 2.94 2.68
CA VAL A 129 4.76 3.80 3.38
C VAL A 129 6.09 3.10 3.48
N VAL A 130 7.16 3.79 3.22
CA VAL A 130 8.47 3.17 3.25
C VAL A 130 9.20 3.54 4.54
N ASN A 131 9.89 2.57 5.10
CA ASN A 131 10.68 2.78 6.30
C ASN A 131 12.13 3.06 5.93
N GLY A 1 39.53 6.03 20.70
CA GLY A 1 38.27 6.67 21.09
C GLY A 1 38.39 8.18 21.16
N GLN A 2 37.32 8.85 21.59
CA GLN A 2 37.29 10.32 21.73
C GLN A 2 37.50 11.00 20.38
N ALA A 3 36.95 10.42 19.34
CA ALA A 3 37.08 10.98 18.01
C ALA A 3 35.86 11.84 17.70
N PRO A 4 36.03 12.87 16.86
CA PRO A 4 34.92 13.72 16.43
C PRO A 4 33.81 12.88 15.78
N PRO A 5 32.53 13.29 15.97
CA PRO A 5 31.36 12.57 15.43
C PRO A 5 31.58 12.06 14.00
N GLY A 6 32.08 12.92 13.14
CA GLY A 6 32.35 12.54 11.78
C GLY A 6 31.41 13.22 10.81
N PRO A 7 31.50 12.89 9.52
CA PRO A 7 30.65 13.48 8.48
C PRO A 7 29.21 13.00 8.59
N PRO A 8 28.24 13.92 8.43
CA PRO A 8 26.81 13.57 8.44
C PRO A 8 26.48 12.58 7.33
N ALA A 9 26.10 11.38 7.72
CA ALA A 9 25.77 10.32 6.76
C ALA A 9 24.39 9.76 7.05
N SER A 10 23.55 10.60 7.62
CA SER A 10 22.21 10.22 8.03
C SER A 10 21.36 9.81 6.82
N GLY A 11 20.66 8.70 6.95
CA GLY A 11 19.81 8.23 5.89
C GLY A 11 19.84 6.72 5.77
N PRO A 12 18.74 6.04 6.14
CA PRO A 12 18.65 4.57 6.08
C PRO A 12 18.89 4.04 4.66
N CYS A 13 18.01 4.39 3.75
CA CYS A 13 18.15 3.97 2.37
C CYS A 13 17.46 4.98 1.46
N ALA A 14 17.48 4.71 0.16
CA ALA A 14 16.86 5.59 -0.83
C ALA A 14 15.35 5.73 -0.54
N ASP A 15 14.79 6.88 -0.87
CA ASP A 15 13.39 7.11 -0.61
C ASP A 15 12.55 6.44 -1.66
N LEU A 16 12.26 5.18 -1.42
CA LEU A 16 11.50 4.40 -2.34
C LEU A 16 10.06 4.85 -2.34
N GLN A 17 9.64 5.49 -1.24
CA GLN A 17 8.27 5.97 -1.11
C GLN A 17 8.00 7.07 -2.10
N SER A 18 8.98 7.94 -2.31
CA SER A 18 8.84 9.00 -3.27
C SER A 18 8.93 8.40 -4.67
N ALA A 19 9.84 7.45 -4.81
CA ALA A 19 10.06 6.76 -6.08
C ALA A 19 8.80 6.05 -6.55
N ILE A 20 8.20 5.27 -5.67
CA ILE A 20 6.98 4.53 -6.00
C ILE A 20 5.79 5.48 -6.15
N ASN A 21 5.73 6.50 -5.30
CA ASN A 21 4.62 7.46 -5.34
C ASN A 21 4.61 8.22 -6.66
N ALA A 22 5.79 8.33 -7.26
CA ALA A 22 5.92 8.97 -8.57
C ALA A 22 5.27 8.13 -9.66
N VAL A 23 5.23 6.81 -9.45
CA VAL A 23 4.62 5.92 -10.43
C VAL A 23 3.14 5.73 -10.15
N THR A 24 2.81 5.53 -8.88
CA THR A 24 1.45 5.32 -8.48
C THR A 24 0.62 6.56 -8.67
N GLY A 25 1.24 7.70 -8.41
CA GLY A 25 0.55 8.95 -8.53
C GLY A 25 -0.26 9.24 -7.28
N GLY A 26 0.19 8.67 -6.18
CA GLY A 26 -0.49 8.84 -4.93
C GLY A 26 -0.85 7.50 -4.34
N PRO A 27 -2.02 7.40 -3.73
CA PRO A 27 -2.51 6.17 -3.14
C PRO A 27 -3.00 5.18 -4.21
N ILE A 28 -3.07 3.92 -3.85
CA ILE A 28 -3.49 2.88 -4.77
C ILE A 28 -4.98 2.95 -5.02
N ALA A 29 -5.35 3.41 -6.20
CA ALA A 29 -6.74 3.46 -6.59
C ALA A 29 -7.21 2.09 -7.06
N PHE A 30 -8.19 1.54 -6.37
CA PHE A 30 -8.74 0.24 -6.71
C PHE A 30 -9.87 0.36 -7.70
N GLY A 31 -10.05 -0.67 -8.49
CA GLY A 31 -11.15 -0.72 -9.42
C GLY A 31 -12.40 -1.18 -8.73
N ASN A 32 -13.02 -0.26 -8.01
CA ASN A 32 -14.22 -0.56 -7.22
C ASN A 32 -15.44 -0.79 -8.10
N ASP A 33 -15.42 -1.90 -8.81
CA ASP A 33 -16.52 -2.30 -9.67
C ASP A 33 -16.66 -3.82 -9.63
N GLY A 34 -15.54 -4.51 -9.49
CA GLY A 34 -15.56 -5.95 -9.41
C GLY A 34 -15.37 -6.45 -8.00
N ALA A 35 -15.69 -5.57 -7.03
CA ALA A 35 -15.57 -5.87 -5.58
C ALA A 35 -14.10 -5.94 -5.12
N SER A 36 -13.36 -6.86 -5.69
CA SER A 36 -11.98 -7.03 -5.33
C SER A 36 -11.07 -6.47 -6.44
N LEU A 37 -9.77 -6.61 -6.27
CA LEU A 37 -8.83 -6.08 -7.24
C LEU A 37 -8.62 -7.07 -8.39
N ILE A 38 -8.17 -6.55 -9.51
CA ILE A 38 -7.91 -7.36 -10.68
C ILE A 38 -6.43 -7.80 -10.72
N PRO A 39 -6.18 -9.12 -10.71
CA PRO A 39 -4.81 -9.68 -10.74
C PRO A 39 -4.16 -9.53 -12.11
N ALA A 40 -2.82 -9.49 -12.11
CA ALA A 40 -2.00 -9.40 -13.34
C ALA A 40 -2.40 -8.20 -14.21
N ASP A 41 -2.83 -7.12 -13.57
CA ASP A 41 -3.23 -5.93 -14.32
C ASP A 41 -2.49 -4.69 -13.90
N TYR A 42 -2.29 -4.54 -12.60
CA TYR A 42 -1.63 -3.35 -12.06
C TYR A 42 -0.13 -3.38 -12.30
N GLU A 43 0.28 -2.85 -13.44
CA GLU A 43 1.68 -2.79 -13.82
C GLU A 43 2.42 -1.76 -13.01
N ILE A 44 1.68 -0.81 -12.43
CA ILE A 44 2.29 0.20 -11.58
C ILE A 44 2.94 -0.47 -10.39
N LEU A 45 2.28 -1.50 -9.86
CA LEU A 45 2.81 -2.25 -8.73
C LEU A 45 4.05 -3.04 -9.15
N ASN A 46 4.13 -3.37 -10.43
CA ASN A 46 5.30 -4.05 -10.97
C ASN A 46 6.45 -3.06 -11.04
N ARG A 47 6.09 -1.83 -11.40
CA ARG A 47 7.03 -0.74 -11.48
C ARG A 47 7.50 -0.39 -10.06
N VAL A 48 6.57 -0.44 -9.12
CA VAL A 48 6.85 -0.21 -7.71
C VAL A 48 7.84 -1.24 -7.17
N ALA A 49 7.60 -2.49 -7.52
CA ALA A 49 8.44 -3.60 -7.06
C ALA A 49 9.88 -3.38 -7.49
N ASP A 50 10.06 -2.83 -8.68
CA ASP A 50 11.36 -2.52 -9.25
C ASP A 50 12.27 -1.80 -8.27
N LYS A 51 11.76 -0.74 -7.66
CA LYS A 51 12.58 0.03 -6.74
C LYS A 51 12.57 -0.56 -5.34
N LEU A 52 11.63 -1.43 -5.08
CA LEU A 52 11.56 -2.05 -3.77
C LEU A 52 12.60 -3.16 -3.70
N LYS A 53 12.89 -3.73 -4.85
CA LYS A 53 13.89 -4.78 -4.95
C LYS A 53 15.29 -4.18 -5.04
N ALA A 54 15.36 -2.89 -5.37
CA ALA A 54 16.62 -2.17 -5.43
C ALA A 54 17.21 -2.03 -4.02
N CYS A 55 16.34 -1.83 -3.05
CA CYS A 55 16.72 -1.76 -1.66
C CYS A 55 15.79 -2.65 -0.84
N PRO A 56 15.92 -3.99 -0.99
CA PRO A 56 15.05 -4.96 -0.32
C PRO A 56 15.34 -5.06 1.18
N ASP A 57 16.28 -4.28 1.64
CA ASP A 57 16.63 -4.25 3.05
C ASP A 57 15.62 -3.39 3.78
N ALA A 58 15.11 -2.42 3.05
CA ALA A 58 14.13 -1.50 3.58
C ALA A 58 12.78 -2.19 3.74
N ARG A 59 12.08 -1.87 4.81
CA ARG A 59 10.78 -2.43 5.03
C ARG A 59 9.72 -1.50 4.53
N VAL A 60 8.70 -2.04 3.96
CA VAL A 60 7.62 -1.23 3.48
C VAL A 60 6.38 -1.49 4.27
N THR A 61 5.76 -0.43 4.71
CA THR A 61 4.57 -0.52 5.47
C THR A 61 3.39 -0.09 4.61
N ILE A 62 2.59 -1.04 4.24
CA ILE A 62 1.46 -0.78 3.40
C ILE A 62 0.25 -0.54 4.27
N ASN A 63 -0.24 0.67 4.23
CA ASN A 63 -1.36 1.07 5.05
C ASN A 63 -2.63 1.02 4.25
N GLY A 64 -3.58 0.25 4.74
CA GLY A 64 -4.83 0.12 4.05
C GLY A 64 -5.92 0.88 4.74
N TYR A 65 -6.90 1.32 3.98
CA TYR A 65 -7.99 2.07 4.55
C TYR A 65 -9.33 1.43 4.21
N THR A 66 -10.35 1.89 4.88
CA THR A 66 -11.71 1.50 4.63
C THR A 66 -12.65 2.54 5.21
N ASP A 67 -13.86 2.62 4.70
CA ASP A 67 -14.80 3.61 5.15
C ASP A 67 -15.32 3.28 6.54
N ASN A 68 -15.76 4.29 7.26
CA ASN A 68 -16.20 4.14 8.64
C ASN A 68 -17.65 3.68 8.72
N THR A 69 -18.25 3.42 7.58
CA THR A 69 -19.62 2.95 7.55
C THR A 69 -19.68 1.47 7.93
N GLY A 70 -18.57 0.79 7.78
CA GLY A 70 -18.48 -0.59 8.19
C GLY A 70 -17.53 -0.75 9.35
N SER A 71 -17.71 0.08 10.36
CA SER A 71 -16.83 0.09 11.51
C SER A 71 -17.36 -0.86 12.58
N GLU A 72 -17.01 -2.14 12.45
CA GLU A 72 -17.42 -3.16 13.41
C GLU A 72 -16.21 -3.92 13.93
N GLY A 73 -15.04 -3.34 13.74
CA GLY A 73 -13.81 -4.00 14.16
C GLY A 73 -13.22 -4.79 13.03
N ILE A 74 -14.03 -5.02 12.05
CA ILE A 74 -13.67 -5.79 10.88
C ILE A 74 -12.93 -4.87 9.91
N ASN A 75 -13.16 -3.60 10.09
CA ASN A 75 -12.52 -2.56 9.29
C ASN A 75 -11.00 -2.67 9.34
N ILE A 76 -10.48 -2.92 10.54
CA ILE A 76 -9.05 -3.11 10.74
C ILE A 76 -8.48 -4.24 9.84
N PRO A 77 -8.91 -5.52 10.03
CA PRO A 77 -8.44 -6.63 9.20
C PRO A 77 -8.83 -6.46 7.71
N LEU A 78 -9.93 -5.75 7.46
CA LEU A 78 -10.35 -5.51 6.07
C LEU A 78 -9.36 -4.63 5.35
N SER A 79 -9.05 -3.48 5.94
CA SER A 79 -8.09 -2.58 5.36
C SER A 79 -6.73 -3.26 5.26
N ALA A 80 -6.46 -4.17 6.20
CA ALA A 80 -5.24 -4.95 6.19
C ALA A 80 -5.24 -5.88 4.99
N GLN A 81 -6.41 -6.49 4.72
CA GLN A 81 -6.57 -7.36 3.58
C GLN A 81 -6.30 -6.61 2.29
N ARG A 82 -6.83 -5.39 2.21
CA ARG A 82 -6.59 -4.53 1.06
C ARG A 82 -5.11 -4.26 0.86
N ALA A 83 -4.42 -3.92 1.94
CA ALA A 83 -2.99 -3.69 1.90
C ALA A 83 -2.24 -4.98 1.52
N LYS A 84 -2.80 -6.10 1.94
CA LYS A 84 -2.22 -7.40 1.65
C LYS A 84 -2.27 -7.72 0.17
N ILE A 85 -3.30 -7.22 -0.51
CA ILE A 85 -3.43 -7.41 -1.94
C ILE A 85 -2.22 -6.84 -2.67
N VAL A 86 -1.76 -5.68 -2.20
CA VAL A 86 -0.58 -5.05 -2.77
C VAL A 86 0.65 -5.87 -2.44
N ALA A 87 0.75 -6.31 -1.18
CA ALA A 87 1.89 -7.14 -0.75
C ALA A 87 2.01 -8.37 -1.63
N ASP A 88 0.88 -8.99 -1.94
CA ASP A 88 0.84 -10.17 -2.80
C ASP A 88 1.46 -9.86 -4.16
N TYR A 89 1.14 -8.69 -4.69
CA TYR A 89 1.68 -8.23 -5.97
C TYR A 89 3.17 -8.05 -5.88
N LEU A 90 3.59 -7.38 -4.83
CA LEU A 90 4.99 -7.06 -4.62
C LEU A 90 5.80 -8.33 -4.46
N VAL A 91 5.33 -9.21 -3.58
CA VAL A 91 5.99 -10.48 -3.37
C VAL A 91 6.01 -11.30 -4.66
N ALA A 92 4.92 -11.23 -5.41
CA ALA A 92 4.82 -11.93 -6.69
C ALA A 92 5.82 -11.35 -7.69
N ARG A 93 6.18 -10.08 -7.48
CA ARG A 93 7.14 -9.39 -8.34
C ARG A 93 8.58 -9.64 -7.88
N GLY A 94 8.75 -10.44 -6.87
CA GLY A 94 10.07 -10.74 -6.39
C GLY A 94 10.51 -9.90 -5.21
N VAL A 95 9.59 -9.19 -4.60
CA VAL A 95 9.91 -8.39 -3.42
C VAL A 95 9.84 -9.29 -2.19
N ALA A 96 10.77 -9.11 -1.28
CA ALA A 96 10.84 -9.93 -0.09
C ALA A 96 9.66 -9.67 0.83
N GLY A 97 8.77 -10.66 0.92
CA GLY A 97 7.58 -10.56 1.75
C GLY A 97 7.90 -10.28 3.19
N ASP A 98 9.03 -10.79 3.67
CA ASP A 98 9.45 -10.59 5.06
C ASP A 98 9.73 -9.12 5.34
N HIS A 99 9.96 -8.34 4.30
CA HIS A 99 10.27 -6.93 4.45
C HIS A 99 9.04 -6.09 4.15
N ILE A 100 7.95 -6.75 3.85
CA ILE A 100 6.70 -6.07 3.57
C ILE A 100 5.75 -6.21 4.74
N ALA A 101 5.25 -5.10 5.22
CA ALA A 101 4.33 -5.09 6.34
C ALA A 101 2.99 -4.51 5.91
N THR A 102 1.94 -5.25 6.13
CA THR A 102 0.60 -4.81 5.78
C THR A 102 -0.16 -4.41 7.03
N VAL A 103 -0.61 -3.17 7.06
CA VAL A 103 -1.28 -2.66 8.24
C VAL A 103 -2.65 -2.10 7.92
N GLY A 104 -3.66 -2.72 8.48
CA GLY A 104 -5.00 -2.24 8.31
C GLY A 104 -5.35 -1.24 9.39
N LEU A 105 -5.45 0.01 9.01
CA LEU A 105 -5.74 1.06 9.97
C LEU A 105 -7.23 1.31 10.07
N GLY A 106 -8.00 0.54 9.33
CA GLY A 106 -9.42 0.74 9.32
C GLY A 106 -9.77 2.08 8.73
N SER A 107 -10.52 2.83 9.45
CA SER A 107 -10.90 4.14 9.04
C SER A 107 -10.08 5.17 9.81
N VAL A 108 -9.27 5.93 9.09
CA VAL A 108 -8.41 6.92 9.72
C VAL A 108 -8.34 8.19 8.91
N ASN A 109 -7.80 8.11 7.70
CA ASN A 109 -7.70 9.26 6.84
C ASN A 109 -8.49 9.02 5.57
N PRO A 110 -9.77 9.40 5.58
CA PRO A 110 -10.64 9.26 4.42
C PRO A 110 -10.25 10.21 3.27
N ILE A 111 -10.95 10.08 2.18
CA ILE A 111 -10.72 10.89 1.00
C ILE A 111 -12.01 11.52 0.52
N ALA A 112 -13.06 10.72 0.38
CA ALA A 112 -14.30 11.24 -0.13
C ALA A 112 -15.37 11.29 0.93
N SER A 113 -16.52 11.80 0.57
CA SER A 113 -17.65 11.92 1.47
C SER A 113 -18.16 10.54 1.86
N ASN A 114 -18.34 10.34 3.15
CA ASN A 114 -18.78 9.06 3.68
C ASN A 114 -20.28 8.88 3.49
N ALA A 115 -20.94 9.94 3.06
CA ALA A 115 -22.37 9.93 2.83
C ALA A 115 -22.72 9.30 1.49
N THR A 116 -21.71 9.08 0.66
CA THR A 116 -21.92 8.49 -0.64
C THR A 116 -21.16 7.17 -0.77
N PRO A 117 -21.77 6.16 -1.37
CA PRO A 117 -21.16 4.83 -1.52
C PRO A 117 -19.90 4.89 -2.37
N GLU A 118 -19.91 5.79 -3.35
CA GLU A 118 -18.76 5.97 -4.22
C GLU A 118 -17.59 6.54 -3.42
N GLY A 119 -17.92 7.39 -2.47
CA GLY A 119 -16.90 7.97 -1.61
C GLY A 119 -16.31 6.90 -0.71
N ARG A 120 -17.17 6.02 -0.24
CA ARG A 120 -16.78 4.91 0.62
C ARG A 120 -15.88 3.95 -0.17
N ALA A 121 -16.01 4.01 -1.49
CA ALA A 121 -15.22 3.20 -2.38
C ALA A 121 -13.81 3.79 -2.53
N LYS A 122 -13.72 5.11 -2.39
CA LYS A 122 -12.44 5.79 -2.45
C LYS A 122 -11.70 5.60 -1.14
N ASN A 123 -12.44 5.74 -0.05
CA ASN A 123 -11.89 5.66 1.30
C ASN A 123 -11.32 4.28 1.66
N ARG A 124 -11.55 3.31 0.81
CA ARG A 124 -11.05 1.96 1.06
C ARG A 124 -9.76 1.67 0.28
N ARG A 125 -9.14 2.70 -0.29
CA ARG A 125 -7.87 2.55 -0.99
C ARG A 125 -6.70 2.23 -0.05
N VAL A 126 -5.49 2.20 -0.60
CA VAL A 126 -4.29 1.82 0.14
C VAL A 126 -3.10 2.75 -0.18
N GLU A 127 -2.18 2.91 0.78
CA GLU A 127 -0.97 3.73 0.60
C GLU A 127 0.27 2.97 1.04
N ILE A 128 1.35 3.08 0.26
CA ILE A 128 2.59 2.39 0.58
C ILE A 128 3.59 3.34 1.22
N VAL A 129 4.03 3.00 2.42
CA VAL A 129 5.01 3.78 3.14
C VAL A 129 6.30 3.00 3.27
N VAL A 130 7.42 3.65 3.06
CA VAL A 130 8.70 2.99 3.15
C VAL A 130 9.38 3.30 4.47
N ASN A 131 9.93 2.28 5.09
CA ASN A 131 10.60 2.41 6.37
C ASN A 131 12.10 2.50 6.18
N GLY A 1 17.75 -24.89 18.91
CA GLY A 1 18.68 -24.47 17.84
C GLY A 1 19.03 -23.01 17.94
N GLN A 2 19.72 -22.51 16.94
CA GLN A 2 20.13 -21.12 16.92
C GLN A 2 19.07 -20.26 16.27
N ALA A 3 18.69 -19.19 16.95
CA ALA A 3 17.68 -18.29 16.47
C ALA A 3 18.30 -17.09 15.77
N PRO A 4 18.16 -16.99 14.45
CA PRO A 4 18.65 -15.86 13.68
C PRO A 4 17.76 -14.64 13.86
N PRO A 5 18.32 -13.43 13.68
CA PRO A 5 17.56 -12.20 13.82
C PRO A 5 16.65 -11.93 12.63
N GLY A 6 16.70 -12.83 11.65
CA GLY A 6 15.91 -12.67 10.44
C GLY A 6 16.52 -11.63 9.54
N PRO A 7 15.87 -10.47 9.37
CA PRO A 7 16.41 -9.38 8.56
C PRO A 7 17.63 -8.76 9.21
N PRO A 8 18.51 -8.14 8.41
CA PRO A 8 19.73 -7.50 8.91
C PRO A 8 19.42 -6.27 9.79
N ALA A 9 20.46 -5.73 10.39
CA ALA A 9 20.33 -4.59 11.28
C ALA A 9 20.39 -3.25 10.54
N SER A 10 19.96 -3.25 9.29
CA SER A 10 20.01 -2.05 8.47
C SER A 10 18.91 -1.07 8.90
N GLY A 11 18.97 0.15 8.38
CA GLY A 11 18.01 1.16 8.75
C GLY A 11 17.48 1.96 7.56
N PRO A 12 17.94 3.21 7.40
CA PRO A 12 17.47 4.10 6.34
C PRO A 12 17.95 3.71 4.93
N CYS A 13 17.16 4.09 3.94
CA CYS A 13 17.45 3.82 2.55
C CYS A 13 16.93 4.97 1.68
N ALA A 14 17.04 4.82 0.36
CA ALA A 14 16.58 5.81 -0.61
C ALA A 14 15.10 6.18 -0.38
N ASP A 15 14.60 7.15 -1.13
CA ASP A 15 13.22 7.57 -0.98
C ASP A 15 12.31 6.65 -1.76
N LEU A 16 12.05 5.48 -1.22
CA LEU A 16 11.20 4.51 -1.88
C LEU A 16 9.77 4.99 -1.93
N GLN A 17 9.34 5.69 -0.89
CA GLN A 17 7.97 6.19 -0.82
C GLN A 17 7.72 7.19 -1.93
N SER A 18 8.68 8.07 -2.15
CA SER A 18 8.54 9.06 -3.20
C SER A 18 8.74 8.41 -4.57
N ALA A 19 9.53 7.34 -4.57
CA ALA A 19 9.81 6.61 -5.79
C ALA A 19 8.57 5.88 -6.28
N ILE A 20 7.89 5.19 -5.37
CA ILE A 20 6.68 4.46 -5.71
C ILE A 20 5.47 5.38 -5.87
N ASN A 21 5.33 6.37 -4.99
CA ASN A 21 4.19 7.29 -5.03
C ASN A 21 4.17 8.08 -6.34
N ALA A 22 5.34 8.30 -6.90
CA ALA A 22 5.48 8.98 -8.19
C ALA A 22 4.86 8.15 -9.31
N VAL A 23 4.78 6.84 -9.11
CA VAL A 23 4.21 5.95 -10.11
C VAL A 23 2.74 5.70 -9.83
N THR A 24 2.43 5.43 -8.56
CA THR A 24 1.08 5.15 -8.16
C THR A 24 0.22 6.38 -8.36
N GLY A 25 0.80 7.53 -8.08
CA GLY A 25 0.10 8.77 -8.23
C GLY A 25 -0.68 9.11 -6.99
N GLY A 26 -0.29 8.50 -5.89
CA GLY A 26 -0.96 8.70 -4.65
C GLY A 26 -1.34 7.38 -4.03
N PRO A 27 -2.58 7.25 -3.53
CA PRO A 27 -3.04 6.01 -2.94
C PRO A 27 -3.43 4.98 -3.98
N ILE A 28 -3.49 3.73 -3.57
CA ILE A 28 -3.83 2.64 -4.44
C ILE A 28 -5.34 2.57 -4.64
N ALA A 29 -5.78 2.93 -5.83
CA ALA A 29 -7.18 2.86 -6.16
C ALA A 29 -7.44 1.57 -6.92
N PHE A 30 -8.30 0.75 -6.37
CA PHE A 30 -8.59 -0.54 -6.92
C PHE A 30 -9.70 -0.46 -7.97
N GLY A 31 -9.72 -1.46 -8.84
CA GLY A 31 -10.73 -1.53 -9.86
C GLY A 31 -11.74 -2.60 -9.54
N ASN A 32 -12.86 -2.20 -8.96
CA ASN A 32 -13.88 -3.15 -8.56
C ASN A 32 -14.67 -3.64 -9.76
N ASP A 33 -14.54 -4.91 -10.05
CA ASP A 33 -15.28 -5.52 -11.14
C ASP A 33 -16.52 -6.19 -10.59
N GLY A 34 -16.42 -6.63 -9.35
CA GLY A 34 -17.49 -7.35 -8.72
C GLY A 34 -17.03 -8.72 -8.32
N ALA A 35 -16.31 -9.35 -9.23
CA ALA A 35 -15.77 -10.68 -8.99
C ALA A 35 -14.45 -10.58 -8.22
N SER A 36 -13.63 -9.64 -8.64
CA SER A 36 -12.35 -9.39 -8.01
C SER A 36 -11.93 -7.96 -8.32
N LEU A 37 -10.70 -7.62 -7.97
CA LEU A 37 -10.19 -6.30 -8.27
C LEU A 37 -9.29 -6.36 -9.49
N ILE A 38 -9.54 -5.49 -10.43
CA ILE A 38 -8.74 -5.43 -11.62
C ILE A 38 -8.57 -3.98 -12.09
N PRO A 39 -7.41 -3.39 -11.80
CA PRO A 39 -7.10 -2.03 -12.19
C PRO A 39 -6.59 -1.96 -13.62
N ALA A 40 -6.75 -0.81 -14.25
CA ALA A 40 -6.29 -0.62 -15.60
C ALA A 40 -4.78 -0.61 -15.66
N ASP A 41 -4.18 0.19 -14.80
CA ASP A 41 -2.73 0.27 -14.74
C ASP A 41 -2.18 -0.63 -13.65
N TYR A 42 -2.39 -1.93 -13.80
CA TYR A 42 -1.88 -2.91 -12.84
C TYR A 42 -0.36 -2.99 -12.94
N GLU A 43 0.18 -2.40 -14.00
CA GLU A 43 1.61 -2.38 -14.25
C GLU A 43 2.34 -1.57 -13.19
N ILE A 44 1.60 -0.69 -12.51
CA ILE A 44 2.19 0.15 -11.48
C ILE A 44 2.74 -0.70 -10.35
N LEU A 45 2.03 -1.77 -10.03
CA LEU A 45 2.48 -2.68 -8.98
C LEU A 45 3.80 -3.33 -9.36
N ASN A 46 3.98 -3.59 -10.64
CA ASN A 46 5.22 -4.16 -11.14
C ASN A 46 6.32 -3.09 -11.13
N ARG A 47 5.93 -1.88 -11.49
CA ARG A 47 6.83 -0.76 -11.52
C ARG A 47 7.31 -0.44 -10.11
N VAL A 48 6.36 -0.43 -9.18
CA VAL A 48 6.64 -0.20 -7.77
C VAL A 48 7.63 -1.23 -7.24
N ALA A 49 7.42 -2.48 -7.62
CA ALA A 49 8.25 -3.57 -7.17
C ALA A 49 9.69 -3.38 -7.62
N ASP A 50 9.87 -2.86 -8.83
CA ASP A 50 11.19 -2.60 -9.41
C ASP A 50 12.07 -1.79 -8.47
N LYS A 51 11.55 -0.67 -7.98
CA LYS A 51 12.36 0.18 -7.13
C LYS A 51 12.45 -0.37 -5.73
N LEU A 52 11.53 -1.24 -5.35
CA LEU A 52 11.58 -1.84 -4.03
C LEU A 52 12.62 -2.94 -4.02
N LYS A 53 12.78 -3.60 -5.15
CA LYS A 53 13.80 -4.63 -5.30
C LYS A 53 15.18 -4.01 -5.42
N ALA A 54 15.22 -2.73 -5.77
CA ALA A 54 16.46 -1.98 -5.83
C ALA A 54 17.02 -1.79 -4.41
N CYS A 55 16.11 -1.63 -3.47
CA CYS A 55 16.45 -1.55 -2.07
C CYS A 55 15.59 -2.54 -1.29
N PRO A 56 15.88 -3.85 -1.44
CA PRO A 56 15.09 -4.91 -0.81
C PRO A 56 15.28 -4.97 0.69
N ASP A 57 16.11 -4.09 1.22
CA ASP A 57 16.31 -4.01 2.65
C ASP A 57 15.29 -3.08 3.26
N ALA A 58 14.81 -2.17 2.44
CA ALA A 58 13.85 -1.17 2.88
C ALA A 58 12.61 -1.84 3.43
N ARG A 59 12.11 -1.32 4.52
CA ARG A 59 10.93 -1.85 5.14
C ARG A 59 9.75 -1.03 4.75
N VAL A 60 8.73 -1.67 4.31
CA VAL A 60 7.55 -0.97 3.89
C VAL A 60 6.34 -1.41 4.66
N THR A 61 5.58 -0.45 5.08
CA THR A 61 4.37 -0.69 5.79
C THR A 61 3.19 -0.32 4.91
N ILE A 62 2.43 -1.30 4.53
CA ILE A 62 1.30 -1.05 3.68
C ILE A 62 0.07 -0.85 4.53
N ASN A 63 -0.45 0.35 4.49
CA ASN A 63 -1.59 0.72 5.30
C ASN A 63 -2.84 0.72 4.47
N GLY A 64 -3.84 0.00 4.93
CA GLY A 64 -5.08 -0.07 4.22
C GLY A 64 -6.16 0.73 4.89
N TYR A 65 -7.09 1.23 4.10
CA TYR A 65 -8.18 2.02 4.63
C TYR A 65 -9.52 1.48 4.14
N THR A 66 -10.57 1.83 4.86
CA THR A 66 -11.92 1.46 4.52
C THR A 66 -12.85 2.62 4.80
N ASP A 67 -14.09 2.53 4.37
CA ASP A 67 -15.07 3.57 4.61
C ASP A 67 -15.52 3.56 6.08
N ASN A 68 -15.95 4.71 6.57
CA ASN A 68 -16.43 4.88 7.96
C ASN A 68 -17.66 4.00 8.30
N THR A 69 -18.10 3.20 7.33
CA THR A 69 -19.24 2.31 7.51
C THR A 69 -19.03 1.31 8.65
N GLY A 70 -17.77 1.09 9.01
CA GLY A 70 -17.47 0.17 10.07
C GLY A 70 -16.58 0.79 11.11
N SER A 71 -17.01 0.73 12.35
CA SER A 71 -16.22 1.24 13.45
C SER A 71 -15.53 0.08 14.15
N GLU A 72 -14.31 -0.23 13.68
CA GLU A 72 -13.52 -1.36 14.21
C GLU A 72 -14.20 -2.70 13.91
N GLY A 73 -13.50 -3.77 14.13
CA GLY A 73 -14.08 -5.07 13.90
C GLY A 73 -13.67 -5.69 12.57
N ILE A 74 -14.50 -5.50 11.56
CA ILE A 74 -14.30 -6.11 10.25
C ILE A 74 -13.38 -5.27 9.39
N ASN A 75 -13.58 -3.98 9.42
CA ASN A 75 -12.79 -3.04 8.63
C ASN A 75 -11.30 -3.20 8.89
N ILE A 76 -10.94 -3.50 10.13
CA ILE A 76 -9.55 -3.73 10.49
C ILE A 76 -8.92 -4.88 9.65
N PRO A 77 -9.36 -6.16 9.81
CA PRO A 77 -8.86 -7.27 9.00
C PRO A 77 -9.07 -7.02 7.51
N LEU A 78 -10.14 -6.29 7.17
CA LEU A 78 -10.43 -5.98 5.78
C LEU A 78 -9.35 -5.11 5.16
N SER A 79 -9.05 -3.98 5.80
CA SER A 79 -8.01 -3.10 5.30
C SER A 79 -6.67 -3.82 5.28
N ALA A 80 -6.48 -4.73 6.24
CA ALA A 80 -5.26 -5.52 6.30
C ALA A 80 -5.19 -6.49 5.13
N GLN A 81 -6.37 -6.93 4.67
CA GLN A 81 -6.48 -7.83 3.55
C GLN A 81 -6.08 -7.09 2.28
N ARG A 82 -6.67 -5.92 2.11
CA ARG A 82 -6.41 -5.07 0.96
C ARG A 82 -4.93 -4.68 0.88
N ALA A 83 -4.34 -4.34 2.03
CA ALA A 83 -2.92 -4.04 2.08
C ALA A 83 -2.10 -5.27 1.67
N LYS A 84 -2.55 -6.43 2.10
CA LYS A 84 -1.87 -7.68 1.79
C LYS A 84 -1.93 -7.99 0.29
N ILE A 85 -2.99 -7.54 -0.38
CA ILE A 85 -3.14 -7.74 -1.81
C ILE A 85 -1.95 -7.17 -2.55
N VAL A 86 -1.55 -5.96 -2.16
CA VAL A 86 -0.41 -5.32 -2.75
C VAL A 86 0.85 -6.11 -2.44
N ALA A 87 1.01 -6.49 -1.17
CA ALA A 87 2.16 -7.27 -0.73
C ALA A 87 2.31 -8.54 -1.54
N ASP A 88 1.19 -9.23 -1.77
CA ASP A 88 1.21 -10.48 -2.53
C ASP A 88 1.78 -10.25 -3.93
N TYR A 89 1.39 -9.14 -4.52
CA TYR A 89 1.85 -8.78 -5.86
C TYR A 89 3.31 -8.37 -5.84
N LEU A 90 3.69 -7.63 -4.84
CA LEU A 90 5.07 -7.17 -4.71
C LEU A 90 5.98 -8.37 -4.51
N VAL A 91 5.60 -9.23 -3.58
CA VAL A 91 6.37 -10.44 -3.31
C VAL A 91 6.42 -11.33 -4.55
N ALA A 92 5.31 -11.41 -5.27
CA ALA A 92 5.25 -12.18 -6.50
C ALA A 92 6.16 -11.57 -7.55
N ARG A 93 6.32 -10.25 -7.47
CA ARG A 93 7.16 -9.51 -8.40
C ARG A 93 8.63 -9.58 -7.98
N GLY A 94 8.93 -10.31 -6.91
CA GLY A 94 10.30 -10.47 -6.49
C GLY A 94 10.69 -9.64 -5.28
N VAL A 95 9.74 -8.92 -4.70
CA VAL A 95 10.06 -8.11 -3.52
C VAL A 95 10.10 -9.01 -2.29
N ALA A 96 11.02 -8.71 -1.39
CA ALA A 96 11.18 -9.48 -0.18
C ALA A 96 10.00 -9.30 0.76
N GLY A 97 9.21 -10.36 0.90
CA GLY A 97 8.04 -10.34 1.77
C GLY A 97 8.40 -10.17 3.22
N ASP A 98 9.66 -10.46 3.53
CA ASP A 98 10.15 -10.31 4.89
C ASP A 98 10.29 -8.84 5.25
N HIS A 99 10.41 -8.00 4.23
CA HIS A 99 10.61 -6.58 4.44
C HIS A 99 9.33 -5.80 4.16
N ILE A 100 8.25 -6.53 3.90
CA ILE A 100 6.96 -5.91 3.66
C ILE A 100 6.03 -6.17 4.84
N ALA A 101 5.43 -5.12 5.36
CA ALA A 101 4.49 -5.24 6.46
C ALA A 101 3.12 -4.77 6.03
N THR A 102 2.11 -5.59 6.26
CA THR A 102 0.75 -5.26 5.87
C THR A 102 -0.15 -5.10 7.08
N VAL A 103 -0.72 -3.92 7.23
CA VAL A 103 -1.56 -3.63 8.36
C VAL A 103 -2.94 -3.18 7.91
N GLY A 104 -3.86 -3.15 8.84
CA GLY A 104 -5.19 -2.72 8.56
C GLY A 104 -5.68 -1.77 9.62
N LEU A 105 -5.82 -0.52 9.26
CA LEU A 105 -6.23 0.50 10.21
C LEU A 105 -7.71 0.78 10.12
N GLY A 106 -8.39 0.09 9.20
CA GLY A 106 -9.79 0.35 8.99
C GLY A 106 -10.01 1.72 8.45
N SER A 107 -10.81 2.48 9.14
CA SER A 107 -11.08 3.83 8.73
C SER A 107 -10.36 4.79 9.67
N VAL A 108 -9.48 5.60 9.11
CA VAL A 108 -8.68 6.53 9.90
C VAL A 108 -8.50 7.85 9.19
N ASN A 109 -7.93 7.82 8.00
CA ASN A 109 -7.74 9.02 7.23
C ASN A 109 -8.52 8.95 5.93
N PRO A 110 -9.77 9.46 5.95
CA PRO A 110 -10.63 9.46 4.78
C PRO A 110 -10.04 10.28 3.61
N ILE A 111 -10.61 10.10 2.45
CA ILE A 111 -10.14 10.80 1.27
C ILE A 111 -11.27 11.63 0.66
N ALA A 112 -12.44 11.05 0.55
CA ALA A 112 -13.59 11.75 0.02
C ALA A 112 -14.76 11.64 0.96
N SER A 113 -15.79 12.43 0.70
CA SER A 113 -16.98 12.45 1.52
C SER A 113 -17.67 11.10 1.51
N ASN A 114 -18.09 10.65 2.68
CA ASN A 114 -18.76 9.38 2.82
C ASN A 114 -20.23 9.51 2.45
N ALA A 115 -20.67 10.75 2.27
CA ALA A 115 -22.05 11.04 1.89
C ALA A 115 -22.34 10.49 0.49
N THR A 116 -21.29 10.30 -0.28
CA THR A 116 -21.42 9.76 -1.60
C THR A 116 -20.75 8.39 -1.67
N PRO A 117 -21.38 7.43 -2.38
CA PRO A 117 -20.84 6.08 -2.49
C PRO A 117 -19.51 6.07 -3.24
N GLU A 118 -19.36 7.04 -4.12
CA GLU A 118 -18.14 7.22 -4.88
C GLU A 118 -16.98 7.50 -3.94
N GLY A 119 -17.24 8.32 -2.95
CA GLY A 119 -16.24 8.66 -1.97
C GLY A 119 -15.91 7.48 -1.10
N ARG A 120 -16.92 6.70 -0.75
CA ARG A 120 -16.73 5.49 0.05
C ARG A 120 -15.88 4.48 -0.72
N ALA A 121 -15.97 4.53 -2.04
CA ALA A 121 -15.18 3.68 -2.91
C ALA A 121 -13.72 4.13 -2.90
N LYS A 122 -13.51 5.41 -2.64
CA LYS A 122 -12.15 5.96 -2.56
C LYS A 122 -11.54 5.65 -1.20
N ASN A 123 -12.35 5.77 -0.15
CA ASN A 123 -11.90 5.55 1.23
C ASN A 123 -11.31 4.17 1.46
N ARG A 124 -11.70 3.21 0.65
CA ARG A 124 -11.21 1.84 0.80
C ARG A 124 -9.85 1.64 0.14
N ARG A 125 -9.23 2.73 -0.28
CA ARG A 125 -7.88 2.73 -0.84
C ARG A 125 -6.83 2.14 0.11
N VAL A 126 -5.60 2.06 -0.39
CA VAL A 126 -4.46 1.56 0.38
C VAL A 126 -3.24 2.43 0.04
N GLU A 127 -2.34 2.62 1.00
CA GLU A 127 -1.12 3.41 0.78
C GLU A 127 0.10 2.65 1.25
N ILE A 128 1.16 2.72 0.46
CA ILE A 128 2.39 2.07 0.80
C ILE A 128 3.32 3.08 1.46
N VAL A 129 3.64 2.84 2.71
CA VAL A 129 4.51 3.72 3.45
C VAL A 129 5.86 3.06 3.65
N VAL A 130 6.91 3.79 3.47
CA VAL A 130 8.23 3.25 3.63
C VAL A 130 8.78 3.68 4.98
N ASN A 131 9.46 2.76 5.64
CA ASN A 131 10.08 3.02 6.94
C ASN A 131 10.91 4.29 6.91
N GLY A 1 14.71 -9.73 8.11
CA GLY A 1 15.83 -9.87 7.16
C GLY A 1 15.76 -11.18 6.39
N GLN A 2 16.81 -12.00 6.52
CA GLN A 2 16.85 -13.30 5.87
C GLN A 2 15.77 -14.21 6.46
N ALA A 3 15.77 -14.30 7.78
CA ALA A 3 14.79 -15.07 8.51
C ALA A 3 14.36 -14.32 9.78
N PRO A 4 15.32 -13.92 10.68
CA PRO A 4 15.00 -13.12 11.86
C PRO A 4 14.85 -11.64 11.46
N PRO A 5 14.43 -10.76 12.42
CA PRO A 5 14.26 -9.33 12.13
C PRO A 5 15.56 -8.69 11.61
N GLY A 6 16.52 -8.47 12.50
CA GLY A 6 17.79 -7.89 12.09
C GLY A 6 17.68 -6.39 11.88
N PRO A 7 17.80 -5.59 12.96
CA PRO A 7 17.69 -4.14 12.88
C PRO A 7 18.76 -3.51 11.98
N PRO A 8 18.34 -2.69 11.01
CA PRO A 8 19.26 -2.02 10.08
C PRO A 8 20.30 -1.18 10.80
N ALA A 9 21.56 -1.50 10.57
CA ALA A 9 22.65 -0.77 11.18
C ALA A 9 23.48 -0.07 10.13
N SER A 10 23.77 -0.77 9.05
CA SER A 10 24.55 -0.22 7.97
C SER A 10 23.85 -0.47 6.63
N GLY A 11 23.64 0.59 5.87
CA GLY A 11 23.02 0.45 4.58
C GLY A 11 22.06 1.58 4.28
N PRO A 12 22.55 2.69 3.71
CA PRO A 12 21.70 3.82 3.33
C PRO A 12 20.78 3.44 2.18
N CYS A 13 19.49 3.56 2.39
CA CYS A 13 18.55 3.18 1.37
C CYS A 13 17.97 4.40 0.68
N ALA A 14 17.72 4.28 -0.61
CA ALA A 14 17.17 5.36 -1.42
C ALA A 14 15.76 5.74 -0.96
N ASP A 15 15.27 6.85 -1.49
CA ASP A 15 13.93 7.32 -1.15
C ASP A 15 12.92 6.54 -1.91
N LEU A 16 12.55 5.38 -1.41
CA LEU A 16 11.62 4.56 -2.10
C LEU A 16 10.21 5.04 -1.88
N GLN A 17 10.00 5.75 -0.77
CA GLN A 17 8.68 6.29 -0.45
C GLN A 17 8.25 7.26 -1.53
N SER A 18 9.12 8.20 -1.86
CA SER A 18 8.85 9.15 -2.90
C SER A 18 8.90 8.45 -4.26
N ALA A 19 9.81 7.50 -4.38
CA ALA A 19 9.99 6.75 -5.62
C ALA A 19 8.73 6.00 -6.02
N ILE A 20 8.10 5.36 -5.07
CA ILE A 20 6.85 4.66 -5.34
C ILE A 20 5.68 5.63 -5.48
N ASN A 21 5.67 6.67 -4.64
CA ASN A 21 4.60 7.67 -4.66
C ASN A 21 4.52 8.36 -6.01
N ALA A 22 5.69 8.54 -6.62
CA ALA A 22 5.79 9.17 -7.92
C ALA A 22 5.10 8.35 -9.01
N VAL A 23 4.97 7.05 -8.77
CA VAL A 23 4.34 6.17 -9.75
C VAL A 23 2.87 6.00 -9.41
N THR A 24 2.59 5.77 -8.14
CA THR A 24 1.24 5.55 -7.69
C THR A 24 0.41 6.81 -7.87
N GLY A 25 1.04 7.93 -7.57
CA GLY A 25 0.36 9.19 -7.66
C GLY A 25 -0.55 9.36 -6.47
N GLY A 26 -0.14 8.78 -5.36
CA GLY A 26 -0.91 8.85 -4.16
C GLY A 26 -1.33 7.48 -3.71
N PRO A 27 -2.60 7.29 -3.37
CA PRO A 27 -3.12 6.01 -2.92
C PRO A 27 -3.39 5.04 -4.05
N ILE A 28 -3.40 3.78 -3.71
CA ILE A 28 -3.66 2.72 -4.65
C ILE A 28 -5.13 2.66 -5.01
N ALA A 29 -5.44 3.07 -6.22
CA ALA A 29 -6.78 2.98 -6.73
C ALA A 29 -7.05 1.59 -7.23
N PHE A 30 -8.27 1.13 -7.06
CA PHE A 30 -8.63 -0.21 -7.46
C PHE A 30 -9.64 -0.19 -8.60
N GLY A 31 -9.49 -1.12 -9.52
CA GLY A 31 -10.41 -1.23 -10.62
C GLY A 31 -11.69 -1.87 -10.16
N ASN A 32 -11.57 -3.04 -9.58
CA ASN A 32 -12.69 -3.72 -8.96
C ASN A 32 -12.43 -3.78 -7.48
N ASP A 33 -13.45 -4.08 -6.71
CA ASP A 33 -13.32 -4.08 -5.28
C ASP A 33 -13.21 -5.49 -4.74
N GLY A 34 -12.14 -5.74 -4.01
CA GLY A 34 -11.94 -7.04 -3.41
C GLY A 34 -11.06 -7.93 -4.25
N ALA A 35 -11.42 -8.06 -5.52
CA ALA A 35 -10.67 -8.92 -6.42
C ALA A 35 -10.81 -8.44 -7.86
N SER A 36 -9.99 -9.03 -8.73
CA SER A 36 -10.00 -8.74 -10.16
C SER A 36 -9.51 -7.32 -10.46
N LEU A 37 -8.21 -7.17 -10.69
CA LEU A 37 -7.65 -5.88 -11.03
C LEU A 37 -7.67 -5.68 -12.54
N ILE A 38 -8.80 -6.03 -13.14
CA ILE A 38 -8.97 -5.92 -14.58
C ILE A 38 -9.10 -4.45 -15.03
N PRO A 39 -10.00 -3.64 -14.41
CA PRO A 39 -10.11 -2.21 -14.74
C PRO A 39 -8.90 -1.46 -14.19
N ALA A 40 -8.59 -0.32 -14.79
CA ALA A 40 -7.39 0.45 -14.42
C ALA A 40 -6.15 -0.40 -14.71
N ASP A 41 -5.06 -0.15 -14.02
CA ASP A 41 -3.86 -0.92 -14.25
C ASP A 41 -3.28 -1.43 -12.94
N TYR A 42 -2.56 -2.51 -13.04
CA TYR A 42 -1.87 -3.06 -11.88
C TYR A 42 -0.38 -3.00 -12.11
N GLU A 43 0.00 -2.25 -13.15
CA GLU A 43 1.39 -2.12 -13.52
C GLU A 43 2.10 -1.17 -12.59
N ILE A 44 1.35 -0.31 -11.91
CA ILE A 44 1.93 0.58 -10.93
C ILE A 44 2.52 -0.24 -9.80
N LEU A 45 1.83 -1.31 -9.45
CA LEU A 45 2.30 -2.22 -8.40
C LEU A 45 3.58 -2.89 -8.84
N ASN A 46 3.67 -3.19 -10.13
CA ASN A 46 4.86 -3.80 -10.72
C ASN A 46 5.99 -2.79 -10.73
N ARG A 47 5.65 -1.55 -11.02
CA ARG A 47 6.60 -0.47 -11.04
C ARG A 47 7.12 -0.20 -9.64
N VAL A 48 6.21 -0.24 -8.66
CA VAL A 48 6.54 -0.07 -7.25
C VAL A 48 7.56 -1.12 -6.82
N ALA A 49 7.34 -2.34 -7.26
CA ALA A 49 8.22 -3.44 -6.92
C ALA A 49 9.63 -3.20 -7.45
N ASP A 50 9.73 -2.62 -8.64
CA ASP A 50 11.02 -2.32 -9.29
C ASP A 50 11.95 -1.52 -8.39
N LYS A 51 11.47 -0.44 -7.79
CA LYS A 51 12.33 0.34 -6.93
C LYS A 51 12.60 -0.38 -5.63
N LEU A 52 11.65 -1.20 -5.19
CA LEU A 52 11.86 -1.99 -3.99
C LEU A 52 12.89 -3.08 -4.27
N LYS A 53 12.94 -3.48 -5.53
CA LYS A 53 13.88 -4.48 -6.00
C LYS A 53 15.32 -3.99 -5.84
N ALA A 54 15.52 -2.68 -6.02
CA ALA A 54 16.84 -2.07 -5.94
C ALA A 54 17.34 -2.06 -4.50
N CYS A 55 16.46 -1.79 -3.56
CA CYS A 55 16.80 -1.76 -2.15
C CYS A 55 15.83 -2.68 -1.39
N PRO A 56 15.93 -4.01 -1.62
CA PRO A 56 15.01 -5.01 -1.04
C PRO A 56 15.20 -5.24 0.45
N ASP A 57 16.13 -4.54 1.04
CA ASP A 57 16.38 -4.69 2.46
C ASP A 57 15.53 -3.69 3.23
N ALA A 58 15.08 -2.68 2.50
CA ALA A 58 14.22 -1.66 3.05
C ALA A 58 12.90 -2.27 3.49
N ARG A 59 12.29 -1.67 4.49
CA ARG A 59 11.02 -2.15 5.00
C ARG A 59 9.90 -1.27 4.52
N VAL A 60 8.86 -1.88 4.05
CA VAL A 60 7.71 -1.15 3.62
C VAL A 60 6.50 -1.49 4.45
N THR A 61 5.76 -0.48 4.80
CA THR A 61 4.57 -0.65 5.57
C THR A 61 3.37 -0.28 4.72
N ILE A 62 2.60 -1.26 4.36
CA ILE A 62 1.45 -1.04 3.53
C ILE A 62 0.24 -0.82 4.41
N ASN A 63 -0.30 0.37 4.34
CA ASN A 63 -1.42 0.75 5.17
C ASN A 63 -2.69 0.73 4.37
N GLY A 64 -3.69 0.07 4.91
CA GLY A 64 -4.97 0.00 4.24
C GLY A 64 -6.01 0.84 4.94
N TYR A 65 -6.97 1.32 4.19
CA TYR A 65 -8.03 2.14 4.75
C TYR A 65 -9.40 1.59 4.40
N THR A 66 -10.38 2.05 5.13
CA THR A 66 -11.78 1.70 4.91
C THR A 66 -12.64 2.93 5.18
N ASP A 67 -13.88 2.89 4.71
CA ASP A 67 -14.81 4.00 4.96
C ASP A 67 -15.27 3.96 6.39
N ASN A 68 -15.61 5.12 6.94
CA ASN A 68 -16.03 5.20 8.35
C ASN A 68 -17.47 4.72 8.55
N THR A 69 -18.12 4.32 7.47
CA THR A 69 -19.47 3.81 7.55
C THR A 69 -19.47 2.36 8.02
N GLY A 70 -18.62 1.56 7.39
CA GLY A 70 -18.47 0.16 7.78
C GLY A 70 -17.53 0.01 8.95
N SER A 71 -17.74 0.81 9.97
CA SER A 71 -16.90 0.81 11.14
C SER A 71 -17.52 -0.05 12.24
N GLU A 72 -16.86 -1.14 12.57
CA GLU A 72 -17.32 -2.04 13.61
C GLU A 72 -16.14 -2.85 14.17
N GLY A 73 -14.95 -2.55 13.69
CA GLY A 73 -13.77 -3.26 14.14
C GLY A 73 -13.19 -4.12 13.07
N ILE A 74 -14.06 -4.62 12.22
CA ILE A 74 -13.70 -5.52 11.14
C ILE A 74 -12.96 -4.74 10.06
N ASN A 75 -13.16 -3.45 10.07
CA ASN A 75 -12.50 -2.54 9.15
C ASN A 75 -10.98 -2.68 9.27
N ILE A 76 -10.51 -2.94 10.49
CA ILE A 76 -9.09 -3.17 10.73
C ILE A 76 -8.57 -4.39 9.94
N PRO A 77 -9.04 -5.63 10.24
CA PRO A 77 -8.64 -6.82 9.49
C PRO A 77 -8.95 -6.69 8.00
N LEU A 78 -10.01 -5.95 7.68
CA LEU A 78 -10.39 -5.74 6.29
C LEU A 78 -9.32 -4.96 5.53
N SER A 79 -8.95 -3.80 6.05
CA SER A 79 -7.93 -2.98 5.43
C SER A 79 -6.58 -3.71 5.42
N ALA A 80 -6.39 -4.60 6.39
CA ALA A 80 -5.18 -5.39 6.47
C ALA A 80 -5.16 -6.41 5.34
N GLN A 81 -6.34 -6.82 4.90
CA GLN A 81 -6.47 -7.76 3.80
C GLN A 81 -6.19 -7.02 2.50
N ARG A 82 -6.74 -5.82 2.39
CA ARG A 82 -6.53 -4.97 1.23
C ARG A 82 -5.05 -4.67 1.04
N ALA A 83 -4.35 -4.31 2.12
CA ALA A 83 -2.93 -4.05 2.07
C ALA A 83 -2.18 -5.31 1.64
N LYS A 84 -2.69 -6.46 2.06
CA LYS A 84 -2.10 -7.75 1.72
C LYS A 84 -2.14 -8.01 0.22
N ILE A 85 -3.17 -7.49 -0.44
CA ILE A 85 -3.33 -7.64 -1.88
C ILE A 85 -2.11 -7.03 -2.60
N VAL A 86 -1.68 -5.87 -2.14
CA VAL A 86 -0.53 -5.20 -2.71
C VAL A 86 0.73 -6.01 -2.42
N ALA A 87 0.88 -6.44 -1.15
CA ALA A 87 2.03 -7.24 -0.74
C ALA A 87 2.16 -8.48 -1.58
N ASP A 88 1.03 -9.11 -1.85
CA ASP A 88 0.97 -10.33 -2.66
C ASP A 88 1.61 -10.07 -4.02
N TYR A 89 1.28 -8.93 -4.60
CA TYR A 89 1.80 -8.54 -5.89
C TYR A 89 3.26 -8.20 -5.82
N LEU A 90 3.65 -7.49 -4.78
CA LEU A 90 5.03 -7.08 -4.60
C LEU A 90 5.90 -8.31 -4.43
N VAL A 91 5.49 -9.20 -3.55
CA VAL A 91 6.19 -10.45 -3.30
C VAL A 91 6.26 -11.28 -4.59
N ALA A 92 5.14 -11.30 -5.31
CA ALA A 92 5.08 -12.03 -6.56
C ALA A 92 5.99 -11.41 -7.61
N ARG A 93 6.21 -10.11 -7.49
CA ARG A 93 7.09 -9.39 -8.41
C ARG A 93 8.56 -9.50 -8.02
N GLY A 94 8.85 -10.27 -6.99
CA GLY A 94 10.22 -10.47 -6.60
C GLY A 94 10.64 -9.69 -5.37
N VAL A 95 9.70 -9.04 -4.70
CA VAL A 95 10.03 -8.32 -3.48
C VAL A 95 9.97 -9.27 -2.28
N ALA A 96 10.88 -9.06 -1.33
CA ALA A 96 10.96 -9.91 -0.16
C ALA A 96 9.79 -9.67 0.80
N GLY A 97 8.96 -10.69 0.95
CA GLY A 97 7.79 -10.60 1.82
C GLY A 97 8.15 -10.28 3.25
N ASP A 98 9.29 -10.77 3.69
CA ASP A 98 9.77 -10.52 5.06
C ASP A 98 10.02 -9.04 5.31
N HIS A 99 10.21 -8.28 4.25
CA HIS A 99 10.50 -6.86 4.37
C HIS A 99 9.26 -6.03 4.11
N ILE A 100 8.17 -6.72 3.85
CA ILE A 100 6.91 -6.06 3.61
C ILE A 100 5.98 -6.27 4.80
N ALA A 101 5.43 -5.19 5.29
CA ALA A 101 4.50 -5.27 6.41
C ALA A 101 3.14 -4.72 5.99
N THR A 102 2.10 -5.50 6.21
CA THR A 102 0.76 -5.11 5.83
C THR A 102 -0.09 -4.83 7.06
N VAL A 103 -0.60 -3.62 7.16
CA VAL A 103 -1.36 -3.19 8.32
C VAL A 103 -2.65 -2.50 7.91
N GLY A 104 -3.75 -2.91 8.51
CA GLY A 104 -5.00 -2.29 8.25
C GLY A 104 -5.34 -1.28 9.30
N LEU A 105 -5.44 -0.02 8.91
CA LEU A 105 -5.73 1.05 9.84
C LEU A 105 -7.23 1.29 9.95
N GLY A 106 -7.99 0.56 9.15
CA GLY A 106 -9.42 0.77 9.12
C GLY A 106 -9.75 2.17 8.69
N SER A 107 -10.71 2.75 9.34
CA SER A 107 -11.12 4.09 9.06
C SER A 107 -10.30 5.05 9.91
N VAL A 108 -9.49 5.88 9.27
CA VAL A 108 -8.67 6.83 9.98
C VAL A 108 -8.54 8.14 9.24
N ASN A 109 -7.99 8.11 8.04
CA ASN A 109 -7.85 9.29 7.23
C ASN A 109 -8.69 9.16 5.97
N PRO A 110 -9.92 9.67 6.02
CA PRO A 110 -10.84 9.60 4.89
C PRO A 110 -10.38 10.45 3.71
N ILE A 111 -11.02 10.22 2.58
CA ILE A 111 -10.71 10.96 1.36
C ILE A 111 -11.97 11.60 0.81
N ALA A 112 -13.02 10.82 0.68
CA ALA A 112 -14.28 11.31 0.18
C ALA A 112 -15.39 11.03 1.17
N SER A 113 -16.55 11.59 0.91
CA SER A 113 -17.69 11.45 1.80
C SER A 113 -18.28 10.04 1.76
N ASN A 114 -18.66 9.54 2.92
CA ASN A 114 -19.25 8.21 3.03
C ASN A 114 -20.72 8.27 2.68
N ALA A 115 -21.25 9.49 2.58
CA ALA A 115 -22.63 9.71 2.21
C ALA A 115 -22.90 9.15 0.82
N THR A 116 -21.85 9.10 0.01
CA THR A 116 -21.93 8.56 -1.32
C THR A 116 -21.11 7.28 -1.41
N PRO A 117 -21.64 6.26 -2.10
CA PRO A 117 -20.96 4.97 -2.26
C PRO A 117 -19.62 5.11 -2.97
N GLU A 118 -19.54 6.07 -3.87
CA GLU A 118 -18.33 6.34 -4.64
C GLU A 118 -17.23 6.78 -3.72
N GLY A 119 -17.59 7.61 -2.77
CA GLY A 119 -16.62 8.08 -1.81
C GLY A 119 -16.12 6.96 -0.93
N ARG A 120 -17.02 6.06 -0.57
CA ARG A 120 -16.65 4.88 0.20
C ARG A 120 -15.62 4.07 -0.56
N ALA A 121 -15.83 3.98 -1.89
CA ALA A 121 -14.93 3.26 -2.78
C ALA A 121 -13.52 3.86 -2.73
N LYS A 122 -13.46 5.15 -2.49
CA LYS A 122 -12.20 5.85 -2.39
C LYS A 122 -11.54 5.58 -1.04
N ASN A 123 -12.34 5.64 0.02
CA ASN A 123 -11.85 5.44 1.39
C ASN A 123 -11.25 4.05 1.62
N ARG A 124 -11.72 3.05 0.90
CA ARG A 124 -11.25 1.67 1.10
C ARG A 124 -9.95 1.38 0.33
N ARG A 125 -9.34 2.45 -0.19
CA ARG A 125 -8.03 2.42 -0.86
C ARG A 125 -6.90 1.84 0.05
N VAL A 126 -5.70 1.77 -0.52
CA VAL A 126 -4.52 1.29 0.19
C VAL A 126 -3.32 2.19 -0.15
N GLU A 127 -2.40 2.37 0.80
CA GLU A 127 -1.21 3.19 0.56
C GLU A 127 0.05 2.48 1.04
N ILE A 128 1.10 2.57 0.24
CA ILE A 128 2.36 1.94 0.58
C ILE A 128 3.31 2.98 1.18
N VAL A 129 3.74 2.73 2.39
CA VAL A 129 4.67 3.61 3.05
C VAL A 129 6.00 2.91 3.22
N VAL A 130 7.07 3.61 2.99
CA VAL A 130 8.38 3.04 3.13
C VAL A 130 9.00 3.51 4.42
N ASN A 131 9.74 2.63 5.07
CA ASN A 131 10.45 2.97 6.30
C ASN A 131 11.42 4.12 6.05
#